data_1QNK
#
_entry.id   1QNK
#
_cell.length_a   1.000
_cell.length_b   1.000
_cell.length_c   1.000
_cell.angle_alpha   90.00
_cell.angle_beta   90.00
_cell.angle_gamma   90.00
#
_symmetry.space_group_name_H-M   'P 1'
#
_entity_poly.entity_id   1
_entity_poly.type   'polypeptide(L)'
_entity_poly.pdbx_seq_one_letter_code
;TELRCQCLQTLQGIHLKNIQSVKVKSPGPHCAQTEVIATLKNGQKACLNPASPMVKKIIEKMLKNGKSN
;
_entity_poly.pdbx_strand_id   A,B
#
# COMPACT_ATOMS: atom_id res chain seq x y z
N THR A 1 4.78 23.83 -1.81
CA THR A 1 4.85 24.64 -0.61
C THR A 1 3.63 24.38 0.28
N GLU A 2 2.45 24.49 -0.33
CA GLU A 2 1.22 24.28 0.39
C GLU A 2 0.49 23.04 -0.17
N LEU A 3 0.89 21.89 0.35
CA LEU A 3 0.28 20.64 -0.07
C LEU A 3 -0.68 20.14 1.01
N ARG A 4 -1.48 19.15 0.64
CA ARG A 4 -2.44 18.57 1.57
C ARG A 4 -2.43 17.05 1.47
N CYS A 5 -3.62 16.47 1.62
CA CYS A 5 -3.75 15.02 1.56
C CYS A 5 -4.10 14.64 0.13
N GLN A 6 -3.71 13.42 -0.24
CA GLN A 6 -3.99 12.92 -1.58
C GLN A 6 -5.32 12.17 -1.59
N CYS A 7 -6.02 12.23 -0.47
CA CYS A 7 -7.30 11.57 -0.35
C CYS A 7 -8.34 12.59 0.10
N LEU A 8 -9.30 12.83 -0.78
CA LEU A 8 -10.35 13.79 -0.49
C LEU A 8 -11.50 13.08 0.24
N GLN A 9 -11.58 11.78 0.02
CA GLN A 9 -12.62 10.98 0.65
C GLN A 9 -12.02 9.68 1.19
N THR A 10 -12.88 8.89 1.83
CA THR A 10 -12.46 7.62 2.38
C THR A 10 -13.65 6.69 2.57
N LEU A 11 -13.35 5.41 2.68
CA LEU A 11 -14.39 4.40 2.85
C LEU A 11 -14.13 3.63 4.14
N GLN A 12 -15.19 3.43 4.91
CA GLN A 12 -15.08 2.72 6.17
C GLN A 12 -15.62 1.29 6.01
N GLY A 13 -14.90 0.50 5.24
CA GLY A 13 -15.29 -0.88 5.00
C GLY A 13 -15.77 -1.07 3.55
N ILE A 14 -14.90 -1.68 2.75
CA ILE A 14 -15.22 -1.93 1.36
C ILE A 14 -14.92 -3.39 1.02
N HIS A 15 -15.53 -3.86 -0.06
CA HIS A 15 -15.34 -5.23 -0.50
C HIS A 15 -13.91 -5.39 -1.04
N LEU A 16 -13.28 -6.49 -0.63
CA LEU A 16 -11.92 -6.77 -1.06
C LEU A 16 -11.97 -7.49 -2.40
N LYS A 17 -13.17 -7.55 -2.98
CA LYS A 17 -13.35 -8.20 -4.26
C LYS A 17 -13.17 -7.17 -5.39
N ASN A 18 -13.38 -5.91 -5.04
CA ASN A 18 -13.24 -4.84 -6.00
C ASN A 18 -11.81 -4.30 -5.96
N ILE A 19 -11.28 -4.19 -4.74
CA ILE A 19 -9.93 -3.70 -4.56
C ILE A 19 -8.95 -4.64 -5.26
N GLN A 20 -8.10 -4.06 -6.09
CA GLN A 20 -7.12 -4.83 -6.82
C GLN A 20 -5.70 -4.46 -6.37
N SER A 21 -5.61 -3.30 -5.73
CA SER A 21 -4.33 -2.83 -5.22
C SER A 21 -4.55 -1.88 -4.04
N VAL A 22 -3.51 -1.77 -3.21
CA VAL A 22 -3.58 -0.90 -2.04
C VAL A 22 -2.37 0.02 -2.04
N LYS A 23 -2.64 1.29 -1.80
CA LYS A 23 -1.58 2.28 -1.76
C LYS A 23 -1.66 3.05 -0.43
N VAL A 24 -0.54 3.03 0.29
CA VAL A 24 -0.46 3.70 1.57
C VAL A 24 0.58 4.83 1.49
N LYS A 25 0.10 6.05 1.67
CA LYS A 25 0.97 7.21 1.62
C LYS A 25 0.85 7.98 2.93
N SER A 26 1.74 7.63 3.86
CA SER A 26 1.75 8.28 5.16
C SER A 26 1.70 9.81 4.99
N PRO A 27 1.58 10.51 6.14
CA PRO A 27 1.52 11.96 6.12
C PRO A 27 2.91 12.56 5.88
N GLY A 28 2.93 13.87 5.70
CA GLY A 28 4.18 14.57 5.45
C GLY A 28 4.17 15.96 6.12
N PRO A 29 5.08 16.83 5.62
CA PRO A 29 5.18 18.18 6.15
C PRO A 29 4.02 19.05 5.68
N HIS A 30 3.12 18.43 4.92
CA HIS A 30 1.96 19.14 4.40
C HIS A 30 0.70 18.61 5.09
N CYS A 31 0.54 17.30 5.03
CA CYS A 31 -0.62 16.65 5.63
C CYS A 31 -0.14 15.80 6.80
N ALA A 32 -0.72 16.06 7.96
CA ALA A 32 -0.36 15.33 9.17
C ALA A 32 -1.31 14.15 9.34
N GLN A 33 -1.89 13.72 8.22
CA GLN A 33 -2.81 12.60 8.23
C GLN A 33 -2.48 11.62 7.10
N THR A 34 -2.92 10.39 7.29
CA THR A 34 -2.68 9.35 6.31
C THR A 34 -3.69 9.43 5.17
N GLU A 35 -3.36 8.80 4.05
CA GLU A 35 -4.23 8.79 2.90
C GLU A 35 -4.11 7.48 2.14
N VAL A 36 -4.78 6.46 2.67
CA VAL A 36 -4.74 5.15 2.05
C VAL A 36 -5.58 5.17 0.76
N ILE A 37 -4.92 4.83 -0.33
CA ILE A 37 -5.58 4.80 -1.63
C ILE A 37 -5.46 3.40 -2.24
N ALA A 38 -6.60 2.77 -2.42
CA ALA A 38 -6.63 1.44 -2.99
C ALA A 38 -7.19 1.51 -4.41
N THR A 39 -6.57 0.72 -5.29
CA THR A 39 -6.99 0.68 -6.69
C THR A 39 -8.09 -0.35 -6.88
N LEU A 40 -9.05 0.02 -7.72
CA LEU A 40 -10.17 -0.86 -8.00
C LEU A 40 -9.81 -1.79 -9.17
N LYS A 41 -10.44 -2.95 -9.18
CA LYS A 41 -10.20 -3.92 -10.22
C LYS A 41 -10.92 -3.49 -11.50
N ASN A 42 -11.61 -2.37 -11.40
CA ASN A 42 -12.34 -1.85 -12.54
C ASN A 42 -11.58 -0.66 -13.14
N GLY A 43 -10.54 -0.26 -12.43
CA GLY A 43 -9.71 0.85 -12.88
C GLY A 43 -9.94 2.09 -12.00
N GLN A 44 -10.89 1.96 -11.09
CA GLN A 44 -11.21 3.06 -10.19
C GLN A 44 -10.33 2.99 -8.93
N LYS A 45 -10.65 3.85 -7.98
CA LYS A 45 -9.91 3.89 -6.73
C LYS A 45 -10.87 4.20 -5.58
N ALA A 46 -10.58 3.62 -4.43
CA ALA A 46 -11.40 3.83 -3.25
C ALA A 46 -10.50 4.16 -2.06
N CYS A 47 -10.61 5.40 -1.60
CA CYS A 47 -9.80 5.85 -0.48
C CYS A 47 -10.33 5.16 0.79
N LEU A 48 -9.39 4.72 1.61
CA LEU A 48 -9.74 4.05 2.85
C LEU A 48 -9.51 4.99 4.03
N ASN A 49 -10.09 4.63 5.16
CA ASN A 49 -9.95 5.43 6.36
C ASN A 49 -8.84 4.85 7.24
N PRO A 50 -7.71 5.59 7.32
CA PRO A 50 -6.58 5.16 8.12
C PRO A 50 -6.85 5.34 9.62
N ALA A 51 -8.03 4.89 10.03
CA ALA A 51 -8.42 5.01 11.42
C ALA A 51 -9.61 4.07 11.69
N SER A 52 -9.64 2.99 10.94
CA SER A 52 -10.71 2.01 11.09
C SER A 52 -10.12 0.62 11.32
N PRO A 53 -10.87 -0.20 12.11
CA PRO A 53 -10.42 -1.54 12.42
C PRO A 53 -10.63 -2.47 11.22
N MET A 54 -11.45 -2.01 10.29
CA MET A 54 -11.74 -2.78 9.09
C MET A 54 -10.80 -2.40 7.95
N VAL A 55 -10.29 -1.18 8.03
CA VAL A 55 -9.38 -0.69 7.01
C VAL A 55 -8.03 -1.39 7.15
N LYS A 56 -7.85 -2.02 8.31
CA LYS A 56 -6.61 -2.73 8.58
C LYS A 56 -6.82 -4.22 8.32
N LYS A 57 -8.00 -4.54 7.83
CA LYS A 57 -8.33 -5.93 7.53
C LYS A 57 -8.58 -6.08 6.02
N ILE A 58 -8.77 -4.93 5.37
CA ILE A 58 -9.02 -4.92 3.94
C ILE A 58 -7.69 -4.72 3.20
N ILE A 59 -6.70 -4.25 3.94
CA ILE A 59 -5.38 -4.00 3.38
C ILE A 59 -4.50 -5.24 3.59
N GLU A 60 -4.39 -5.64 4.84
CA GLU A 60 -3.59 -6.80 5.19
C GLU A 60 -4.01 -8.01 4.35
N LYS A 61 -5.31 -8.09 4.10
CA LYS A 61 -5.85 -9.18 3.32
C LYS A 61 -5.42 -9.01 1.85
N MET A 62 -5.43 -7.77 1.41
CA MET A 62 -5.04 -7.46 0.04
C MET A 62 -3.65 -8.00 -0.28
N LEU A 63 -2.77 -7.91 0.71
CA LEU A 63 -1.41 -8.38 0.56
C LEU A 63 -1.42 -9.91 0.42
N LYS A 64 -2.53 -10.50 0.82
CA LYS A 64 -2.69 -11.95 0.75
C LYS A 64 -3.51 -12.31 -0.49
N ASN A 65 -4.37 -11.38 -0.89
CA ASN A 65 -5.21 -11.60 -2.05
C ASN A 65 -6.12 -12.81 -1.81
N GLY A 66 -5.53 -13.99 -1.96
CA GLY A 66 -6.26 -15.23 -1.76
C GLY A 66 -6.84 -15.74 -3.07
N LYS A 67 -8.14 -15.55 -3.23
CA LYS A 67 -8.82 -16.00 -4.44
C LYS A 67 -8.40 -15.11 -5.62
N SER A 68 -9.08 -15.30 -6.73
CA SER A 68 -8.79 -14.53 -7.93
C SER A 68 -9.75 -14.91 -9.05
N ASN A 69 -10.88 -14.24 -9.07
CA ASN A 69 -11.89 -14.49 -10.09
C ASN A 69 -11.34 -14.12 -11.46
N THR B 1 -2.83 -7.99 -22.76
CA THR B 1 -2.97 -9.40 -23.05
C THR B 1 -1.89 -10.21 -22.32
N GLU B 2 -0.65 -9.84 -22.58
CA GLU B 2 0.48 -10.52 -21.96
C GLU B 2 1.20 -9.57 -21.00
N LEU B 3 0.67 -9.49 -19.79
CA LEU B 3 1.25 -8.64 -18.77
C LEU B 3 2.00 -9.51 -17.75
N ARG B 4 2.80 -8.83 -16.94
CA ARG B 4 3.57 -9.53 -15.91
C ARG B 4 3.46 -8.78 -14.58
N CYS B 5 4.56 -8.82 -13.83
CA CYS B 5 4.61 -8.16 -12.54
C CYS B 5 5.14 -6.74 -12.75
N GLN B 6 4.80 -5.88 -11.81
CA GLN B 6 5.23 -4.49 -11.87
C GLN B 6 6.63 -4.35 -11.28
N CYS B 7 7.13 -5.44 -10.75
CA CYS B 7 8.46 -5.45 -10.15
C CYS B 7 9.10 -6.81 -10.42
N LEU B 8 10.29 -6.77 -10.98
CA LEU B 8 11.02 -7.99 -11.30
C LEU B 8 11.84 -8.42 -10.08
N GLN B 9 12.11 -7.45 -9.21
CA GLN B 9 12.88 -7.70 -8.01
C GLN B 9 12.21 -7.05 -6.80
N THR B 10 12.71 -7.41 -5.62
CA THR B 10 12.18 -6.87 -4.39
C THR B 10 13.26 -6.79 -3.32
N LEU B 11 12.97 -6.04 -2.27
CA LEU B 11 13.91 -5.88 -1.18
C LEU B 11 13.56 -6.86 -0.06
N GLN B 12 14.55 -7.08 0.81
CA GLN B 12 14.36 -7.99 1.92
C GLN B 12 13.91 -7.22 3.17
N GLY B 13 14.03 -5.90 3.08
CA GLY B 13 13.64 -5.05 4.19
C GLY B 13 14.66 -3.93 4.41
N ILE B 14 14.36 -2.77 3.86
CA ILE B 14 15.24 -1.62 3.99
C ILE B 14 14.72 -0.70 5.08
N HIS B 15 15.60 0.18 5.55
CA HIS B 15 15.23 1.13 6.59
C HIS B 15 13.94 1.86 6.20
N LEU B 16 13.05 1.96 7.18
CA LEU B 16 11.78 2.62 6.96
C LEU B 16 11.96 4.13 7.14
N LYS B 17 13.21 4.54 7.30
CA LYS B 17 13.54 5.93 7.48
C LYS B 17 13.57 6.63 6.12
N ASN B 18 13.71 5.82 5.08
CA ASN B 18 13.75 6.34 3.73
C ASN B 18 12.37 6.21 3.09
N ILE B 19 11.73 5.09 3.35
CA ILE B 19 10.41 4.84 2.82
C ILE B 19 9.46 5.95 3.26
N GLN B 20 8.76 6.52 2.29
CA GLN B 20 7.82 7.59 2.57
C GLN B 20 6.39 7.13 2.28
N SER B 21 6.29 6.08 1.47
CA SER B 21 4.99 5.54 1.10
C SER B 21 5.14 4.07 0.71
N VAL B 22 4.05 3.34 0.87
CA VAL B 22 4.03 1.93 0.53
C VAL B 22 2.85 1.64 -0.39
N LYS B 23 3.13 0.91 -1.46
CA LYS B 23 2.09 0.56 -2.42
C LYS B 23 2.11 -0.95 -2.64
N VAL B 24 0.94 -1.55 -2.47
CA VAL B 24 0.81 -2.99 -2.64
C VAL B 24 -0.09 -3.27 -3.86
N LYS B 25 0.46 -4.05 -4.78
CA LYS B 25 -0.27 -4.40 -5.99
C LYS B 25 -0.34 -5.92 -6.12
N SER B 26 -1.34 -6.49 -5.47
CA SER B 26 -1.54 -7.92 -5.50
C SER B 26 -1.41 -8.44 -6.93
N PRO B 27 -1.44 -9.79 -7.07
CA PRO B 27 -1.33 -10.42 -8.37
C PRO B 27 -2.63 -10.29 -9.16
N GLY B 28 -2.60 -10.81 -10.38
CA GLY B 28 -3.78 -10.76 -11.24
C GLY B 28 -3.77 -11.92 -12.24
N PRO B 29 -4.52 -11.71 -13.36
CA PRO B 29 -4.60 -12.73 -14.39
C PRO B 29 -3.31 -12.80 -15.21
N HIS B 30 -2.36 -11.95 -14.83
CA HIS B 30 -1.09 -11.91 -15.53
C HIS B 30 0.03 -12.31 -14.56
N CYS B 31 0.13 -11.57 -13.47
CA CYS B 31 1.14 -11.83 -12.47
C CYS B 31 0.48 -12.57 -11.29
N ALA B 32 0.90 -13.81 -11.11
CA ALA B 32 0.36 -14.62 -10.04
C ALA B 32 1.22 -14.46 -8.79
N GLN B 33 1.91 -13.32 -8.73
CA GLN B 33 2.78 -13.03 -7.60
C GLN B 33 2.55 -11.60 -7.12
N THR B 34 2.87 -11.37 -5.86
CA THR B 34 2.71 -10.06 -5.26
C THR B 34 3.91 -9.17 -5.60
N GLU B 35 3.67 -7.87 -5.55
CA GLU B 35 4.71 -6.90 -5.85
C GLU B 35 4.49 -5.61 -5.06
N VAL B 36 5.17 -5.53 -3.93
CA VAL B 36 5.06 -4.35 -3.08
C VAL B 36 6.04 -3.28 -3.56
N ILE B 37 5.51 -2.09 -3.77
CA ILE B 37 6.32 -0.97 -4.22
C ILE B 37 6.15 0.21 -3.27
N ALA B 38 7.25 0.57 -2.62
CA ALA B 38 7.23 1.68 -1.68
C ALA B 38 7.96 2.88 -2.29
N THR B 39 7.45 4.06 -1.98
CA THR B 39 8.04 5.29 -2.49
C THR B 39 9.06 5.84 -1.49
N LEU B 40 10.23 6.20 -2.01
CA LEU B 40 11.28 6.74 -1.18
C LEU B 40 10.99 8.22 -0.90
N LYS B 41 11.46 8.67 0.26
CA LYS B 41 11.26 10.06 0.65
C LYS B 41 12.20 10.95 -0.16
N ASN B 42 13.03 10.32 -0.96
CA ASN B 42 13.97 11.04 -1.79
C ASN B 42 13.42 11.16 -3.21
N GLY B 43 12.32 10.45 -3.44
CA GLY B 43 11.68 10.47 -4.75
C GLY B 43 11.86 9.13 -5.47
N GLN B 44 12.69 8.29 -4.87
CA GLN B 44 12.97 6.98 -5.45
C GLN B 44 11.91 5.97 -5.01
N LYS B 45 12.15 4.71 -5.35
CA LYS B 45 11.23 3.64 -5.00
C LYS B 45 12.03 2.38 -4.68
N ALA B 46 11.51 1.62 -3.72
CA ALA B 46 12.16 0.40 -3.30
C ALA B 46 11.11 -0.70 -3.12
N CYS B 47 11.20 -1.71 -3.97
CA CYS B 47 10.26 -2.82 -3.92
C CYS B 47 10.63 -3.70 -2.71
N LEU B 48 9.59 -4.22 -2.08
CA LEU B 48 9.78 -5.07 -0.91
C LEU B 48 9.36 -6.50 -1.26
N ASN B 49 9.76 -7.42 -0.40
CA ASN B 49 9.44 -8.82 -0.60
C ASN B 49 8.21 -9.18 0.23
N PRO B 50 7.13 -9.60 -0.49
CA PRO B 50 5.89 -9.98 0.18
C PRO B 50 6.03 -11.35 0.84
N ALA B 51 7.21 -11.92 0.73
CA ALA B 51 7.47 -13.22 1.30
C ALA B 51 8.46 -13.06 2.47
N SER B 52 8.51 -11.86 3.01
CA SER B 52 9.40 -11.56 4.12
C SER B 52 8.58 -11.10 5.33
N PRO B 53 9.01 -11.58 6.53
CA PRO B 53 8.34 -11.23 7.76
C PRO B 53 8.66 -9.80 8.17
N MET B 54 9.63 -9.21 7.48
CA MET B 54 10.04 -7.85 7.76
C MET B 54 9.25 -6.85 6.93
N VAL B 55 8.56 -7.38 5.92
CA VAL B 55 7.76 -6.56 5.03
C VAL B 55 6.42 -6.27 5.70
N LYS B 56 6.10 -7.07 6.70
CA LYS B 56 4.85 -6.90 7.43
C LYS B 56 5.09 -6.02 8.65
N LYS B 57 6.31 -5.54 8.77
CA LYS B 57 6.69 -4.69 9.89
C LYS B 57 7.10 -3.32 9.36
N ILE B 58 7.36 -3.27 8.07
CA ILE B 58 7.76 -2.02 7.42
C ILE B 58 6.51 -1.29 6.93
N ILE B 59 5.42 -2.03 6.84
CA ILE B 59 4.16 -1.46 6.38
C ILE B 59 3.35 -0.99 7.60
N GLU B 60 3.07 -1.94 8.48
CA GLU B 60 2.30 -1.63 9.67
C GLU B 60 2.89 -0.42 10.39
N LYS B 61 4.21 -0.31 10.30
CA LYS B 61 4.92 0.79 10.94
C LYS B 61 4.67 2.07 10.14
N MET B 62 4.64 1.91 8.82
CA MET B 62 4.41 3.04 7.94
C MET B 62 3.07 3.71 8.22
N LEU B 63 2.06 2.87 8.43
CA LEU B 63 0.72 3.36 8.71
C LEU B 63 0.72 4.05 10.08
N LYS B 64 1.76 3.79 10.84
CA LYS B 64 1.89 4.38 12.16
C LYS B 64 2.88 5.55 12.10
N ASN B 65 3.78 5.48 11.14
CA ASN B 65 4.78 6.52 10.97
C ASN B 65 5.64 6.61 12.22
N GLY B 66 5.08 7.26 13.24
CA GLY B 66 5.79 7.42 14.50
C GLY B 66 4.80 7.55 15.67
N LYS B 67 5.14 6.88 16.75
CA LYS B 67 4.30 6.92 17.95
C LYS B 67 5.10 7.49 19.11
N SER B 68 6.19 6.82 19.43
CA SER B 68 7.05 7.25 20.52
C SER B 68 8.35 6.45 20.52
N ASN B 69 9.32 6.94 19.77
CA ASN B 69 10.61 6.27 19.68
C ASN B 69 10.39 4.77 19.52
N THR A 1 5.31 24.38 -1.92
CA THR A 1 5.59 24.65 -0.53
C THR A 1 4.33 24.42 0.31
N GLU A 2 3.19 24.51 -0.34
CA GLU A 2 1.91 24.31 0.34
C GLU A 2 1.24 23.03 -0.17
N LEU A 3 1.62 21.92 0.43
CA LEU A 3 1.06 20.63 0.05
C LEU A 3 0.07 20.17 1.13
N ARG A 4 -0.77 19.23 0.74
CA ARG A 4 -1.76 18.69 1.66
C ARG A 4 -1.81 17.17 1.56
N CYS A 5 -3.01 16.63 1.72
CA CYS A 5 -3.20 15.19 1.66
C CYS A 5 -3.55 14.82 0.22
N GLN A 6 -3.12 13.63 -0.18
CA GLN A 6 -3.38 13.15 -1.52
C GLN A 6 -4.84 12.71 -1.66
N CYS A 7 -5.54 12.74 -0.52
CA CYS A 7 -6.94 12.35 -0.51
C CYS A 7 -7.68 13.25 0.49
N LEU A 8 -8.83 13.73 0.06
CA LEU A 8 -9.64 14.61 0.89
C LEU A 8 -10.79 13.80 1.49
N GLN A 9 -11.02 12.62 0.92
CA GLN A 9 -12.09 11.75 1.38
C GLN A 9 -11.59 10.31 1.49
N THR A 10 -12.38 9.50 2.16
CA THR A 10 -12.04 8.10 2.35
C THR A 10 -13.30 7.24 2.49
N LEU A 11 -13.12 5.94 2.34
CA LEU A 11 -14.23 5.02 2.45
C LEU A 11 -14.29 4.47 3.88
N GLN A 12 -15.26 3.60 4.11
CA GLN A 12 -15.45 3.00 5.42
C GLN A 12 -15.17 1.51 5.37
N GLY A 13 -15.16 0.98 4.14
CA GLY A 13 -14.91 -0.43 3.94
C GLY A 13 -15.48 -0.90 2.61
N ILE A 14 -14.60 -1.02 1.63
CA ILE A 14 -15.00 -1.45 0.30
C ILE A 14 -14.75 -2.96 0.16
N HIS A 15 -15.40 -3.55 -0.82
CA HIS A 15 -15.27 -4.98 -1.07
C HIS A 15 -13.85 -5.27 -1.60
N LEU A 16 -13.29 -6.36 -1.10
CA LEU A 16 -11.95 -6.75 -1.52
C LEU A 16 -12.02 -7.40 -2.90
N LYS A 17 -13.24 -7.48 -3.42
CA LYS A 17 -13.45 -8.08 -4.73
C LYS A 17 -13.24 -7.01 -5.80
N ASN A 18 -13.18 -5.77 -5.36
CA ASN A 18 -12.98 -4.66 -6.28
C ASN A 18 -11.53 -4.16 -6.16
N ILE A 19 -11.09 -4.01 -4.92
CA ILE A 19 -9.74 -3.55 -4.67
C ILE A 19 -8.74 -4.52 -5.30
N GLN A 20 -7.78 -3.96 -6.01
CA GLN A 20 -6.76 -4.77 -6.67
C GLN A 20 -5.39 -4.49 -6.05
N SER A 21 -5.32 -3.41 -5.31
CA SER A 21 -4.08 -3.01 -4.66
C SER A 21 -4.36 -2.03 -3.52
N VAL A 22 -3.38 -1.90 -2.63
CA VAL A 22 -3.52 -1.01 -1.50
C VAL A 22 -2.30 -0.09 -1.44
N LYS A 23 -2.55 1.16 -1.06
CA LYS A 23 -1.47 2.14 -0.96
C LYS A 23 -1.71 3.00 0.28
N VAL A 24 -0.67 3.07 1.12
CA VAL A 24 -0.75 3.85 2.34
C VAL A 24 0.27 4.99 2.27
N LYS A 25 -0.24 6.17 1.94
CA LYS A 25 0.60 7.35 1.84
C LYS A 25 0.62 8.09 3.19
N SER A 26 1.47 7.60 4.09
CA SER A 26 1.59 8.21 5.40
C SER A 26 1.65 9.73 5.27
N PRO A 27 1.56 10.41 6.45
CA PRO A 27 1.61 11.85 6.49
C PRO A 27 3.03 12.37 6.26
N GLY A 28 3.17 13.69 6.24
CA GLY A 28 4.46 14.31 6.04
C GLY A 28 4.50 15.70 6.67
N PRO A 29 5.44 16.54 6.16
CA PRO A 29 5.59 17.89 6.66
C PRO A 29 4.47 18.80 6.15
N HIS A 30 3.56 18.19 5.39
CA HIS A 30 2.44 18.93 4.85
C HIS A 30 1.13 18.35 5.41
N CYS A 31 0.95 17.06 5.19
CA CYS A 31 -0.24 16.37 5.66
C CYS A 31 0.12 15.58 6.92
N ALA A 32 -0.50 15.95 8.02
CA ALA A 32 -0.25 15.28 9.28
C ALA A 32 -1.29 14.18 9.49
N GLN A 33 -1.84 13.71 8.37
CA GLN A 33 -2.84 12.66 8.41
C GLN A 33 -2.57 11.63 7.31
N THR A 34 -3.01 10.41 7.57
CA THR A 34 -2.83 9.33 6.62
C THR A 34 -3.86 9.43 5.50
N GLU A 35 -3.60 8.69 4.43
CA GLU A 35 -4.50 8.69 3.27
C GLU A 35 -4.33 7.39 2.48
N VAL A 36 -5.02 6.36 2.95
CA VAL A 36 -4.95 5.07 2.29
C VAL A 36 -5.64 5.16 0.93
N ILE A 37 -4.92 4.70 -0.09
CA ILE A 37 -5.45 4.73 -1.44
C ILE A 37 -5.29 3.36 -2.08
N ALA A 38 -6.41 2.67 -2.23
CA ALA A 38 -6.42 1.34 -2.82
C ALA A 38 -6.80 1.45 -4.29
N THR A 39 -6.14 0.63 -5.10
CA THR A 39 -6.39 0.62 -6.54
C THR A 39 -7.51 -0.37 -6.86
N LEU A 40 -8.41 0.07 -7.74
CA LEU A 40 -9.53 -0.76 -8.14
C LEU A 40 -9.08 -1.70 -9.26
N LYS A 41 -9.72 -2.86 -9.29
CA LYS A 41 -9.40 -3.86 -10.30
C LYS A 41 -9.96 -3.42 -11.65
N ASN A 42 -10.67 -2.29 -11.62
CA ASN A 42 -11.26 -1.75 -12.83
C ASN A 42 -10.38 -0.63 -13.37
N GLY A 43 -9.40 -0.24 -12.56
CA GLY A 43 -8.48 0.83 -12.93
C GLY A 43 -8.72 2.07 -12.10
N GLN A 44 -9.79 2.04 -11.33
CA GLN A 44 -10.14 3.16 -10.46
C GLN A 44 -9.39 3.06 -9.13
N LYS A 45 -9.78 3.93 -8.21
CA LYS A 45 -9.16 3.94 -6.89
C LYS A 45 -10.21 4.30 -5.85
N ALA A 46 -10.06 3.70 -4.67
CA ALA A 46 -10.99 3.95 -3.58
C ALA A 46 -10.20 4.19 -2.29
N CYS A 47 -10.27 5.43 -1.82
CA CYS A 47 -9.57 5.81 -0.60
C CYS A 47 -10.29 5.16 0.58
N LEU A 48 -9.49 4.67 1.52
CA LEU A 48 -10.03 4.03 2.70
C LEU A 48 -9.73 4.89 3.93
N ASN A 49 -10.48 4.66 4.99
CA ASN A 49 -10.29 5.40 6.22
C ASN A 49 -9.39 4.59 7.17
N PRO A 50 -8.22 5.21 7.49
CA PRO A 50 -7.27 4.56 8.38
C PRO A 50 -7.75 4.61 9.83
N ALA A 51 -8.91 5.21 10.02
CA ALA A 51 -9.49 5.33 11.35
C ALA A 51 -10.63 4.32 11.48
N SER A 52 -10.68 3.39 10.55
CA SER A 52 -11.71 2.37 10.56
C SER A 52 -11.09 0.99 10.78
N PRO A 53 -11.85 0.13 11.51
CA PRO A 53 -11.39 -1.22 11.81
C PRO A 53 -11.49 -2.12 10.57
N MET A 54 -12.59 -1.96 9.86
CA MET A 54 -12.82 -2.75 8.66
C MET A 54 -11.74 -2.48 7.61
N VAL A 55 -11.14 -1.30 7.73
CA VAL A 55 -10.09 -0.91 6.79
C VAL A 55 -8.80 -1.65 7.15
N LYS A 56 -8.87 -2.42 8.22
CA LYS A 56 -7.72 -3.18 8.67
C LYS A 56 -7.91 -4.65 8.32
N LYS A 57 -9.02 -4.93 7.64
CA LYS A 57 -9.33 -6.29 7.24
C LYS A 57 -9.41 -6.36 5.71
N ILE A 58 -9.51 -5.19 5.10
CA ILE A 58 -9.59 -5.10 3.65
C ILE A 58 -8.19 -4.97 3.08
N ILE A 59 -7.26 -4.60 3.94
CA ILE A 59 -5.87 -4.45 3.53
C ILE A 59 -5.12 -5.75 3.77
N GLU A 60 -5.14 -6.19 5.02
CA GLU A 60 -4.46 -7.43 5.39
C GLU A 60 -4.91 -8.57 4.48
N LYS A 61 -6.17 -8.51 4.08
CA LYS A 61 -6.72 -9.53 3.20
C LYS A 61 -6.17 -9.34 1.79
N MET A 62 -5.99 -8.09 1.42
CA MET A 62 -5.46 -7.77 0.10
C MET A 62 -4.09 -8.42 -0.13
N LEU A 63 -3.31 -8.46 0.94
CA LEU A 63 -1.98 -9.04 0.88
C LEU A 63 -2.12 -10.56 0.72
N LYS A 64 -3.32 -11.05 1.00
CA LYS A 64 -3.59 -12.48 0.91
C LYS A 64 -4.36 -12.75 -0.38
N ASN A 65 -5.12 -11.76 -0.81
CA ASN A 65 -5.91 -11.88 -2.02
C ASN A 65 -6.93 -13.01 -1.84
N GLY A 66 -6.43 -14.23 -1.99
CA GLY A 66 -7.28 -15.41 -1.85
C GLY A 66 -7.00 -16.42 -2.97
N LYS A 67 -8.01 -16.62 -3.81
CA LYS A 67 -7.88 -17.57 -4.91
C LYS A 67 -7.10 -16.90 -6.05
N SER A 68 -7.76 -15.97 -6.72
CA SER A 68 -7.15 -15.27 -7.83
C SER A 68 -8.04 -14.09 -8.26
N ASN A 69 -8.12 -13.10 -7.40
CA ASN A 69 -8.94 -11.93 -7.67
C ASN A 69 -8.54 -11.35 -9.04
N THR B 1 -4.72 -8.97 -21.53
CA THR B 1 -4.74 -10.38 -21.83
C THR B 1 -3.48 -11.07 -21.30
N GLU B 2 -2.34 -10.57 -21.75
CA GLU B 2 -1.06 -11.11 -21.33
C GLU B 2 -0.28 -10.08 -20.52
N LEU B 3 -0.58 -10.03 -19.23
CA LEU B 3 0.08 -9.10 -18.33
C LEU B 3 1.08 -9.85 -17.46
N ARG B 4 1.90 -9.09 -16.76
CA ARG B 4 2.90 -9.68 -15.88
C ARG B 4 2.94 -8.93 -14.55
N CYS B 5 4.15 -8.82 -14.00
CA CYS B 5 4.33 -8.13 -12.74
C CYS B 5 4.79 -6.70 -13.02
N GLN B 6 4.80 -5.89 -11.98
CA GLN B 6 5.22 -4.50 -12.11
C GLN B 6 6.64 -4.33 -11.59
N CYS B 7 7.17 -5.41 -11.04
CA CYS B 7 8.53 -5.39 -10.50
C CYS B 7 9.17 -6.75 -10.76
N LEU B 8 10.41 -6.71 -11.22
CA LEU B 8 11.14 -7.94 -11.50
C LEU B 8 12.09 -8.25 -10.33
N GLN B 9 12.30 -7.24 -9.50
CA GLN B 9 13.17 -7.40 -8.35
C GLN B 9 12.53 -6.77 -7.11
N THR B 10 13.13 -7.05 -5.96
CA THR B 10 12.62 -6.53 -4.70
C THR B 10 13.76 -6.39 -3.69
N LEU B 11 13.48 -5.65 -2.63
CA LEU B 11 14.46 -5.44 -1.58
C LEU B 11 14.12 -6.31 -0.37
N GLN B 12 15.10 -6.45 0.51
CA GLN B 12 14.91 -7.25 1.72
C GLN B 12 14.24 -6.42 2.81
N GLY B 13 14.20 -5.12 2.58
CA GLY B 13 13.60 -4.20 3.54
C GLY B 13 14.42 -2.92 3.67
N ILE B 14 13.97 -1.88 2.98
CA ILE B 14 14.65 -0.60 3.01
C ILE B 14 14.30 0.12 4.31
N HIS B 15 15.20 0.99 4.73
CA HIS B 15 15.00 1.76 5.95
C HIS B 15 13.61 2.39 5.94
N LEU B 16 12.96 2.34 7.10
CA LEU B 16 11.63 2.89 7.23
C LEU B 16 11.73 4.40 7.47
N LYS B 17 12.95 4.90 7.40
CA LYS B 17 13.20 6.32 7.60
C LYS B 17 13.13 7.05 6.26
N ASN B 18 13.35 6.29 5.20
CA ASN B 18 13.31 6.84 3.86
C ASN B 18 11.90 6.65 3.27
N ILE B 19 11.41 5.43 3.38
CA ILE B 19 10.09 5.11 2.86
C ILE B 19 9.09 6.17 3.32
N GLN B 20 8.36 6.69 2.36
CA GLN B 20 7.36 7.71 2.65
C GLN B 20 5.95 7.18 2.41
N SER B 21 5.88 6.18 1.54
CA SER B 21 4.60 5.56 1.22
C SER B 21 4.80 4.07 0.92
N VAL B 22 3.70 3.33 1.03
CA VAL B 22 3.73 1.90 0.78
C VAL B 22 2.65 1.55 -0.24
N LYS B 23 3.06 0.75 -1.22
CA LYS B 23 2.14 0.32 -2.27
C LYS B 23 2.16 -1.21 -2.37
N VAL B 24 1.00 -1.80 -2.16
CA VAL B 24 0.87 -3.24 -2.23
C VAL B 24 -0.01 -3.61 -3.43
N LYS B 25 0.58 -4.35 -4.35
CA LYS B 25 -0.13 -4.79 -5.54
C LYS B 25 -0.12 -6.31 -5.60
N SER B 26 -1.17 -6.90 -5.02
CA SER B 26 -1.30 -8.34 -5.00
C SER B 26 -1.26 -8.89 -6.43
N PRO B 27 -1.18 -10.24 -6.53
CA PRO B 27 -1.14 -10.90 -7.83
C PRO B 27 -2.52 -10.90 -8.49
N GLY B 28 -2.54 -11.30 -9.75
CA GLY B 28 -3.77 -11.34 -10.51
C GLY B 28 -3.80 -12.55 -11.45
N PRO B 29 -4.69 -12.46 -12.47
CA PRO B 29 -4.82 -13.52 -13.45
C PRO B 29 -3.65 -13.51 -14.43
N HIS B 30 -2.74 -12.58 -14.20
CA HIS B 30 -1.57 -12.44 -15.06
C HIS B 30 -0.32 -12.85 -14.29
N CYS B 31 -0.15 -12.23 -13.13
CA CYS B 31 1.00 -12.52 -12.29
C CYS B 31 0.49 -13.16 -10.99
N ALA B 32 1.01 -14.35 -10.72
CA ALA B 32 0.63 -15.08 -9.53
C ALA B 32 1.61 -14.76 -8.40
N GLN B 33 2.24 -13.61 -8.52
CA GLN B 33 3.20 -13.18 -7.52
C GLN B 33 2.85 -11.78 -7.00
N THR B 34 3.26 -11.52 -5.77
CA THR B 34 2.98 -10.24 -5.14
C THR B 34 4.00 -9.19 -5.61
N GLU B 35 3.61 -7.93 -5.48
CA GLU B 35 4.47 -6.84 -5.89
C GLU B 35 4.40 -5.70 -4.85
N VAL B 36 5.17 -5.87 -3.79
CA VAL B 36 5.20 -4.89 -2.73
C VAL B 36 6.13 -3.73 -3.15
N ILE B 37 5.56 -2.53 -3.12
CA ILE B 37 6.32 -1.34 -3.50
C ILE B 37 6.24 -0.31 -2.37
N ALA B 38 7.26 0.52 -2.29
CA ALA B 38 7.31 1.55 -1.27
C ALA B 38 7.91 2.82 -1.87
N THR B 39 7.20 3.93 -1.66
CA THR B 39 7.65 5.21 -2.16
C THR B 39 8.69 5.82 -1.23
N LEU B 40 9.71 6.42 -1.84
CA LEU B 40 10.79 7.04 -1.08
C LEU B 40 10.41 8.48 -0.77
N LYS B 41 10.92 8.96 0.35
CA LYS B 41 10.64 10.33 0.78
C LYS B 41 11.44 11.30 -0.09
N ASN B 42 12.27 10.73 -0.96
CA ASN B 42 13.09 11.52 -1.85
C ASN B 42 12.42 11.60 -3.23
N GLY B 43 11.36 10.82 -3.37
CA GLY B 43 10.63 10.79 -4.62
C GLY B 43 10.89 9.49 -5.39
N GLN B 44 11.80 8.70 -4.85
CA GLN B 44 12.16 7.43 -5.47
C GLN B 44 11.23 6.32 -4.97
N LYS B 45 11.56 5.10 -5.36
CA LYS B 45 10.77 3.96 -4.97
C LYS B 45 11.69 2.75 -4.73
N ALA B 46 11.32 1.94 -3.75
CA ALA B 46 12.10 0.76 -3.42
C ALA B 46 11.18 -0.45 -3.31
N CYS B 47 11.34 -1.36 -4.26
CA CYS B 47 10.53 -2.56 -4.28
C CYS B 47 10.92 -3.44 -3.09
N LEU B 48 9.92 -3.99 -2.44
CA LEU B 48 10.16 -4.84 -1.29
C LEU B 48 9.78 -6.29 -1.65
N ASN B 49 10.33 -7.21 -0.87
CA ASN B 49 10.07 -8.62 -1.11
C ASN B 49 8.90 -9.06 -0.22
N PRO B 50 7.81 -9.55 -0.90
CA PRO B 50 6.64 -10.00 -0.19
C PRO B 50 6.88 -11.37 0.47
N ALA B 51 8.10 -11.87 0.29
CA ALA B 51 8.46 -13.15 0.86
C ALA B 51 9.40 -12.93 2.04
N SER B 52 9.43 -11.68 2.50
CA SER B 52 10.27 -11.32 3.63
C SER B 52 9.41 -10.92 4.82
N PRO B 53 9.90 -11.27 6.03
CA PRO B 53 9.19 -10.95 7.26
C PRO B 53 9.33 -9.46 7.61
N MET B 54 10.56 -8.98 7.49
CA MET B 54 10.85 -7.59 7.78
C MET B 54 10.02 -6.65 6.89
N VAL B 55 9.67 -7.17 5.72
CA VAL B 55 8.88 -6.40 4.77
C VAL B 55 7.46 -6.24 5.30
N LYS B 56 7.14 -7.06 6.29
CA LYS B 56 5.81 -7.01 6.90
C LYS B 56 5.87 -6.17 8.18
N LYS B 57 7.05 -5.61 8.42
CA LYS B 57 7.26 -4.78 9.59
C LYS B 57 7.58 -3.35 9.16
N ILE B 58 7.93 -3.21 7.89
CA ILE B 58 8.27 -1.91 7.34
C ILE B 58 7.02 -1.30 6.71
N ILE B 59 6.02 -2.14 6.48
CA ILE B 59 4.78 -1.69 5.88
C ILE B 59 3.78 -1.36 6.99
N GLU B 60 3.55 -2.35 7.85
CA GLU B 60 2.62 -2.18 8.96
C GLU B 60 2.99 -0.93 9.77
N LYS B 61 4.29 -0.70 9.87
CA LYS B 61 4.78 0.46 10.61
C LYS B 61 4.47 1.73 9.83
N MET B 62 4.58 1.62 8.51
CA MET B 62 4.30 2.75 7.65
C MET B 62 2.88 3.25 7.83
N LEU B 63 1.96 2.31 7.99
CA LEU B 63 0.57 2.64 8.17
C LEU B 63 0.38 3.31 9.54
N LYS B 64 1.39 3.15 10.38
CA LYS B 64 1.34 3.73 11.71
C LYS B 64 2.22 4.98 11.75
N ASN B 65 3.17 5.03 10.83
CA ASN B 65 4.08 6.16 10.74
C ASN B 65 4.88 6.26 12.05
N GLY B 66 4.22 6.79 13.07
CA GLY B 66 4.86 6.95 14.37
C GLY B 66 4.77 8.40 14.85
N LYS B 67 5.16 8.59 16.10
CA LYS B 67 5.14 9.93 16.68
C LYS B 67 6.40 10.69 16.27
N SER B 68 7.53 10.22 16.78
CA SER B 68 8.81 10.85 16.48
C SER B 68 9.94 10.05 17.12
N ASN B 69 9.89 9.95 18.43
CA ASN B 69 10.91 9.22 19.18
C ASN B 69 10.61 9.33 20.68
N THR A 1 6.33 25.84 0.23
CA THR A 1 6.15 24.43 0.51
C THR A 1 4.87 24.20 1.33
N GLU A 2 3.74 24.44 0.68
CA GLU A 2 2.46 24.27 1.32
C GLU A 2 1.66 23.14 0.65
N LEU A 3 1.94 21.92 1.11
CA LEU A 3 1.27 20.76 0.56
C LEU A 3 0.22 20.27 1.56
N ARG A 4 -0.62 19.37 1.09
CA ARG A 4 -1.68 18.80 1.93
C ARG A 4 -1.75 17.29 1.73
N CYS A 5 -2.98 16.78 1.77
CA CYS A 5 -3.21 15.37 1.61
C CYS A 5 -3.58 15.10 0.14
N GLN A 6 -3.45 13.85 -0.25
CA GLN A 6 -3.76 13.45 -1.62
C GLN A 6 -5.23 13.01 -1.71
N CYS A 7 -5.88 13.00 -0.56
CA CYS A 7 -7.28 12.60 -0.51
C CYS A 7 -7.99 13.48 0.53
N LEU A 8 -9.15 13.99 0.13
CA LEU A 8 -9.93 14.83 1.01
C LEU A 8 -11.05 14.00 1.65
N GLN A 9 -11.28 12.85 1.07
CA GLN A 9 -12.32 11.95 1.57
C GLN A 9 -11.80 10.52 1.63
N THR A 10 -12.59 9.66 2.27
CA THR A 10 -12.22 8.27 2.40
C THR A 10 -13.47 7.39 2.56
N LEU A 11 -13.27 6.10 2.38
CA LEU A 11 -14.37 5.15 2.49
C LEU A 11 -14.27 4.41 3.83
N GLN A 12 -15.27 3.60 4.10
CA GLN A 12 -15.31 2.84 5.33
C GLN A 12 -14.79 1.42 5.09
N GLY A 13 -14.71 1.06 3.83
CA GLY A 13 -14.24 -0.26 3.45
C GLY A 13 -15.18 -0.92 2.45
N ILE A 14 -14.78 -0.91 1.19
CA ILE A 14 -15.58 -1.50 0.14
C ILE A 14 -15.10 -2.93 -0.12
N HIS A 15 -15.95 -3.69 -0.81
CA HIS A 15 -15.63 -5.07 -1.12
C HIS A 15 -14.17 -5.16 -1.60
N LEU A 16 -13.48 -6.18 -1.11
CA LEU A 16 -12.10 -6.39 -1.47
C LEU A 16 -12.02 -7.24 -2.75
N LYS A 17 -13.17 -7.37 -3.39
CA LYS A 17 -13.26 -8.15 -4.62
C LYS A 17 -13.01 -7.24 -5.81
N ASN A 18 -13.22 -5.94 -5.59
CA ASN A 18 -13.01 -4.96 -6.63
C ASN A 18 -11.61 -4.37 -6.51
N ILE A 19 -11.20 -4.14 -5.27
CA ILE A 19 -9.88 -3.59 -5.00
C ILE A 19 -8.82 -4.48 -5.66
N GLN A 20 -7.88 -3.82 -6.34
CA GLN A 20 -6.81 -4.53 -7.02
C GLN A 20 -5.48 -4.27 -6.31
N SER A 21 -5.43 -3.15 -5.61
CA SER A 21 -4.22 -2.77 -4.89
C SER A 21 -4.56 -1.76 -3.79
N VAL A 22 -3.65 -1.65 -2.84
CA VAL A 22 -3.84 -0.73 -1.73
C VAL A 22 -2.57 0.12 -1.55
N LYS A 23 -2.79 1.41 -1.34
CA LYS A 23 -1.68 2.32 -1.15
C LYS A 23 -1.92 3.16 0.12
N VAL A 24 -0.93 3.14 0.99
CA VAL A 24 -1.02 3.88 2.24
C VAL A 24 0.03 4.99 2.24
N LYS A 25 -0.41 6.19 1.85
CA LYS A 25 0.49 7.33 1.80
C LYS A 25 0.47 8.03 3.17
N SER A 26 1.33 7.54 4.06
CA SER A 26 1.43 8.11 5.39
C SER A 26 1.51 9.64 5.31
N PRO A 27 1.42 10.28 6.50
CA PRO A 27 1.48 11.73 6.56
C PRO A 27 2.91 12.23 6.37
N GLY A 28 3.04 13.54 6.25
CA GLY A 28 4.33 14.16 6.06
C GLY A 28 4.42 15.52 6.77
N PRO A 29 5.41 16.32 6.35
CA PRO A 29 5.61 17.65 6.93
C PRO A 29 4.55 18.63 6.43
N HIS A 30 3.65 18.11 5.60
CA HIS A 30 2.59 18.93 5.05
C HIS A 30 1.24 18.47 5.62
N CYS A 31 1.01 17.16 5.51
CA CYS A 31 -0.23 16.59 5.99
C CYS A 31 0.10 15.65 7.16
N ALA A 32 -0.56 15.90 8.28
CA ALA A 32 -0.35 15.11 9.47
C ALA A 32 -1.41 14.01 9.55
N GLN A 33 -1.95 13.68 8.38
CA GLN A 33 -2.98 12.64 8.30
C GLN A 33 -2.62 11.63 7.22
N THR A 34 -3.18 10.43 7.37
CA THR A 34 -2.93 9.36 6.42
C THR A 34 -3.86 9.50 5.21
N GLU A 35 -3.49 8.82 4.13
CA GLU A 35 -4.27 8.85 2.92
C GLU A 35 -4.22 7.49 2.21
N VAL A 36 -5.04 6.57 2.72
CA VAL A 36 -5.09 5.24 2.16
C VAL A 36 -5.83 5.29 0.81
N ILE A 37 -5.09 5.00 -0.25
CA ILE A 37 -5.66 4.99 -1.58
C ILE A 37 -5.47 3.61 -2.21
N ALA A 38 -6.60 2.97 -2.51
CA ALA A 38 -6.58 1.66 -3.12
C ALA A 38 -7.03 1.77 -4.58
N THR A 39 -6.40 0.96 -5.41
CA THR A 39 -6.73 0.95 -6.83
C THR A 39 -7.81 -0.09 -7.13
N LEU A 40 -8.72 0.29 -8.00
CA LEU A 40 -9.81 -0.59 -8.38
C LEU A 40 -9.37 -1.48 -9.54
N LYS A 41 -9.94 -2.67 -9.60
CA LYS A 41 -9.62 -3.61 -10.65
C LYS A 41 -10.27 -3.16 -11.96
N ASN A 42 -11.04 -2.08 -11.86
CA ASN A 42 -11.73 -1.54 -13.01
C ASN A 42 -10.95 -0.34 -13.55
N GLY A 43 -9.93 0.06 -12.79
CA GLY A 43 -9.10 1.19 -13.16
C GLY A 43 -9.40 2.41 -12.29
N GLN A 44 -10.41 2.25 -11.44
CA GLN A 44 -10.79 3.33 -10.54
C GLN A 44 -9.98 3.27 -9.25
N LYS A 45 -10.37 4.11 -8.31
CA LYS A 45 -9.68 4.17 -7.02
C LYS A 45 -10.70 4.47 -5.93
N ALA A 46 -10.45 3.91 -4.76
CA ALA A 46 -11.33 4.11 -3.62
C ALA A 46 -10.49 4.38 -2.37
N CYS A 47 -10.60 5.60 -1.88
CA CYS A 47 -9.86 6.00 -0.69
C CYS A 47 -10.51 5.34 0.52
N LEU A 48 -9.66 4.86 1.42
CA LEU A 48 -10.13 4.21 2.63
C LEU A 48 -9.85 5.10 3.84
N ASN A 49 -10.49 4.77 4.94
CA ASN A 49 -10.31 5.53 6.17
C ASN A 49 -9.19 4.91 7.00
N PRO A 50 -8.06 5.65 7.11
CA PRO A 50 -6.91 5.18 7.87
C PRO A 50 -7.18 5.27 9.38
N ALA A 51 -8.34 4.79 9.78
CA ALA A 51 -8.72 4.81 11.18
C ALA A 51 -9.98 3.96 11.38
N SER A 52 -10.08 2.92 10.57
CA SER A 52 -11.22 2.02 10.65
C SER A 52 -10.75 0.60 10.95
N PRO A 53 -11.66 -0.18 11.61
CA PRO A 53 -11.35 -1.56 11.96
C PRO A 53 -11.42 -2.46 10.72
N MET A 54 -12.24 -2.04 9.77
CA MET A 54 -12.42 -2.80 8.54
C MET A 54 -11.31 -2.48 7.53
N VAL A 55 -10.64 -1.36 7.78
CA VAL A 55 -9.56 -0.93 6.90
C VAL A 55 -8.31 -1.73 7.23
N LYS A 56 -8.37 -2.47 8.32
CA LYS A 56 -7.26 -3.29 8.75
C LYS A 56 -7.51 -4.75 8.37
N LYS A 57 -8.64 -4.97 7.70
CA LYS A 57 -9.01 -6.30 7.27
C LYS A 57 -9.11 -6.33 5.75
N ILE A 58 -9.16 -5.15 5.17
CA ILE A 58 -9.26 -5.03 3.72
C ILE A 58 -7.85 -4.96 3.12
N ILE A 59 -6.90 -4.65 3.98
CA ILE A 59 -5.51 -4.55 3.55
C ILE A 59 -4.82 -5.91 3.78
N GLU A 60 -4.84 -6.35 5.02
CA GLU A 60 -4.22 -7.62 5.37
C GLU A 60 -4.74 -8.73 4.48
N LYS A 61 -5.98 -8.57 4.03
CA LYS A 61 -6.61 -9.55 3.16
C LYS A 61 -6.07 -9.38 1.74
N MET A 62 -5.83 -8.12 1.39
CA MET A 62 -5.32 -7.81 0.06
C MET A 62 -3.95 -8.46 -0.18
N LEU A 63 -3.18 -8.52 0.89
CA LEU A 63 -1.84 -9.12 0.82
C LEU A 63 -1.98 -10.63 0.65
N LYS A 64 -3.18 -11.13 0.94
CA LYS A 64 -3.45 -12.54 0.84
C LYS A 64 -4.25 -12.81 -0.43
N ASN A 65 -5.05 -11.84 -0.80
CA ASN A 65 -5.88 -11.96 -1.99
C ASN A 65 -6.85 -13.13 -1.82
N GLY A 66 -6.31 -14.32 -2.02
CA GLY A 66 -7.11 -15.54 -1.90
C GLY A 66 -7.00 -16.39 -3.15
N LYS A 67 -8.17 -16.71 -3.72
CA LYS A 67 -8.22 -17.52 -4.92
C LYS A 67 -8.28 -16.61 -6.15
N SER A 68 -9.50 -16.21 -6.49
CA SER A 68 -9.70 -15.35 -7.64
C SER A 68 -9.65 -16.16 -8.93
N ASN A 69 -10.81 -16.31 -9.54
CA ASN A 69 -10.91 -17.07 -10.79
C ASN A 69 -9.81 -16.62 -11.74
N THR B 1 -4.18 -10.45 -20.62
CA THR B 1 -3.93 -11.84 -20.27
C THR B 1 -2.42 -12.10 -20.19
N GLU B 2 -1.70 -11.59 -21.17
CA GLU B 2 -0.26 -11.75 -21.22
C GLU B 2 0.42 -10.68 -20.38
N LEU B 3 0.05 -10.61 -19.11
CA LEU B 3 0.61 -9.65 -18.20
C LEU B 3 1.60 -10.33 -17.27
N ARG B 4 2.37 -9.52 -16.55
CA ARG B 4 3.36 -10.05 -15.62
C ARG B 4 3.31 -9.28 -14.31
N CYS B 5 4.47 -9.08 -13.72
CA CYS B 5 4.58 -8.37 -12.46
C CYS B 5 5.02 -6.93 -12.76
N GLN B 6 4.61 -6.02 -11.89
CA GLN B 6 4.96 -4.62 -12.05
C GLN B 6 6.39 -4.37 -11.54
N CYS B 7 6.98 -5.41 -11.01
CA CYS B 7 8.33 -5.32 -10.49
C CYS B 7 9.07 -6.63 -10.80
N LEU B 8 10.26 -6.48 -11.34
CA LEU B 8 11.07 -7.64 -11.69
C LEU B 8 12.01 -7.97 -10.53
N GLN B 9 12.18 -6.99 -9.66
CA GLN B 9 13.06 -7.17 -8.50
C GLN B 9 12.37 -6.64 -7.24
N THR B 10 13.00 -6.93 -6.10
CA THR B 10 12.46 -6.49 -4.83
C THR B 10 13.59 -6.36 -3.79
N LEU B 11 13.26 -5.69 -2.70
CA LEU B 11 14.23 -5.49 -1.63
C LEU B 11 13.99 -6.54 -0.54
N GLN B 12 14.86 -6.51 0.46
CA GLN B 12 14.77 -7.44 1.56
C GLN B 12 14.35 -6.70 2.84
N GLY B 13 14.43 -5.39 2.78
CA GLY B 13 14.07 -4.56 3.92
C GLY B 13 14.89 -3.27 3.95
N ILE B 14 14.30 -2.22 3.41
CA ILE B 14 14.96 -0.92 3.37
C ILE B 14 14.59 -0.12 4.61
N HIS B 15 15.39 0.90 4.88
CA HIS B 15 15.15 1.75 6.04
C HIS B 15 13.76 2.38 5.93
N LEU B 16 13.07 2.39 7.07
CA LEU B 16 11.73 2.96 7.12
C LEU B 16 11.82 4.46 7.37
N LYS B 17 13.05 4.97 7.27
CA LYS B 17 13.28 6.39 7.49
C LYS B 17 13.21 7.12 6.14
N ASN B 18 13.23 6.34 5.07
CA ASN B 18 13.17 6.91 3.74
C ASN B 18 11.76 6.71 3.17
N ILE B 19 11.28 5.48 3.28
CA ILE B 19 9.96 5.14 2.79
C ILE B 19 8.96 6.21 3.23
N GLN B 20 8.21 6.72 2.26
CA GLN B 20 7.22 7.75 2.54
C GLN B 20 5.81 7.21 2.31
N SER B 21 5.73 6.20 1.45
CA SER B 21 4.46 5.59 1.12
C SER B 21 4.64 4.10 0.84
N VAL B 22 3.54 3.37 0.87
CA VAL B 22 3.58 1.94 0.62
C VAL B 22 2.48 1.58 -0.39
N LYS B 23 2.86 0.81 -1.38
CA LYS B 23 1.93 0.39 -2.41
C LYS B 23 1.94 -1.14 -2.51
N VAL B 24 0.77 -1.73 -2.28
CA VAL B 24 0.64 -3.18 -2.35
C VAL B 24 -0.22 -3.55 -3.56
N LYS B 25 0.40 -4.26 -4.49
CA LYS B 25 -0.30 -4.68 -5.69
C LYS B 25 -0.34 -6.21 -5.74
N SER B 26 -1.39 -6.75 -5.11
CA SER B 26 -1.56 -8.19 -5.06
C SER B 26 -1.41 -8.78 -6.46
N PRO B 27 -1.30 -10.13 -6.50
CA PRO B 27 -1.16 -10.83 -7.77
C PRO B 27 -2.48 -10.89 -8.52
N GLY B 28 -2.42 -11.45 -9.72
CA GLY B 28 -3.61 -11.58 -10.55
C GLY B 28 -3.55 -12.84 -11.42
N PRO B 29 -4.38 -12.83 -12.49
CA PRO B 29 -4.43 -13.96 -13.40
C PRO B 29 -3.20 -13.99 -14.31
N HIS B 30 -2.31 -13.03 -14.08
CA HIS B 30 -1.09 -12.94 -14.87
C HIS B 30 0.11 -13.27 -13.99
N CYS B 31 0.19 -12.58 -12.85
CA CYS B 31 1.28 -12.79 -11.92
C CYS B 31 0.71 -13.38 -10.63
N ALA B 32 1.21 -14.55 -10.26
CA ALA B 32 0.76 -15.21 -9.04
C ALA B 32 1.65 -14.79 -7.87
N GLN B 33 2.25 -13.62 -8.02
CA GLN B 33 3.13 -13.11 -6.98
C GLN B 33 2.75 -11.66 -6.63
N THR B 34 3.01 -11.30 -5.39
CA THR B 34 2.70 -9.96 -4.92
C THR B 34 3.72 -8.96 -5.47
N GLU B 35 3.35 -7.68 -5.39
CA GLU B 35 4.21 -6.61 -5.88
C GLU B 35 4.15 -5.42 -4.92
N VAL B 36 4.96 -5.50 -3.87
CA VAL B 36 5.01 -4.44 -2.88
C VAL B 36 5.92 -3.32 -3.39
N ILE B 37 5.35 -2.14 -3.48
CA ILE B 37 6.10 -0.98 -3.95
C ILE B 37 6.01 0.13 -2.91
N ALA B 38 7.14 0.42 -2.29
CA ALA B 38 7.21 1.47 -1.28
C ALA B 38 7.80 2.73 -1.90
N THR B 39 7.10 3.84 -1.67
CA THR B 39 7.55 5.12 -2.20
C THR B 39 8.60 5.73 -1.29
N LEU B 40 9.56 6.40 -1.91
CA LEU B 40 10.63 7.04 -1.17
C LEU B 40 10.26 8.49 -0.88
N LYS B 41 10.76 8.99 0.24
CA LYS B 41 10.49 10.36 0.64
C LYS B 41 11.28 11.32 -0.26
N ASN B 42 12.11 10.73 -1.12
CA ASN B 42 12.93 11.51 -2.03
C ASN B 42 12.24 11.57 -3.39
N GLY B 43 11.20 10.76 -3.54
CA GLY B 43 10.46 10.71 -4.78
C GLY B 43 10.68 9.38 -5.50
N GLN B 44 11.68 8.64 -5.03
CA GLN B 44 12.00 7.35 -5.61
C GLN B 44 11.09 6.27 -5.05
N LYS B 45 11.37 5.04 -5.45
CA LYS B 45 10.59 3.90 -4.99
C LYS B 45 11.51 2.70 -4.79
N ALA B 46 11.17 1.89 -3.79
CA ALA B 46 11.96 0.71 -3.49
C ALA B 46 11.02 -0.49 -3.32
N CYS B 47 11.10 -1.40 -4.28
CA CYS B 47 10.27 -2.58 -4.26
C CYS B 47 10.73 -3.46 -3.09
N LEU B 48 9.74 -4.02 -2.40
CA LEU B 48 10.03 -4.87 -1.25
C LEU B 48 9.65 -6.32 -1.61
N ASN B 49 10.13 -7.23 -0.79
CA ASN B 49 9.86 -8.65 -0.99
C ASN B 49 8.74 -9.09 -0.04
N PRO B 50 7.60 -9.51 -0.66
CA PRO B 50 6.46 -9.96 0.11
C PRO B 50 6.70 -11.36 0.70
N ALA B 51 7.88 -11.88 0.42
CA ALA B 51 8.25 -13.20 0.90
C ALA B 51 9.21 -13.05 2.08
N SER B 52 9.42 -11.81 2.48
CA SER B 52 10.31 -11.51 3.59
C SER B 52 9.50 -11.03 4.80
N PRO B 53 10.01 -11.36 6.01
CA PRO B 53 9.35 -10.96 7.24
C PRO B 53 9.57 -9.47 7.52
N MET B 54 10.81 -9.04 7.35
CA MET B 54 11.15 -7.66 7.59
C MET B 54 10.34 -6.73 6.68
N VAL B 55 9.82 -7.31 5.61
CA VAL B 55 9.02 -6.55 4.66
C VAL B 55 7.58 -6.45 5.18
N LYS B 56 7.34 -7.11 6.30
CA LYS B 56 6.02 -7.10 6.91
C LYS B 56 6.05 -6.24 8.17
N LYS B 57 7.20 -5.64 8.41
CA LYS B 57 7.37 -4.78 9.58
C LYS B 57 7.69 -3.36 9.12
N ILE B 58 8.05 -3.25 7.85
CA ILE B 58 8.39 -1.95 7.29
C ILE B 58 7.13 -1.35 6.63
N ILE B 59 6.15 -2.21 6.41
CA ILE B 59 4.91 -1.77 5.80
C ILE B 59 3.90 -1.45 6.90
N GLU B 60 3.66 -2.42 7.76
CA GLU B 60 2.73 -2.24 8.86
C GLU B 60 3.10 -1.00 9.67
N LYS B 61 4.40 -0.77 9.79
CA LYS B 61 4.89 0.38 10.53
C LYS B 61 4.59 1.66 9.76
N MET B 62 4.67 1.56 8.44
CA MET B 62 4.40 2.69 7.57
C MET B 62 2.99 3.24 7.81
N LEU B 63 2.07 2.32 8.03
CA LEU B 63 0.68 2.69 8.27
C LEU B 63 0.58 3.38 9.63
N LYS B 64 1.62 3.22 10.43
CA LYS B 64 1.65 3.82 11.75
C LYS B 64 2.56 5.04 11.73
N ASN B 65 3.51 5.02 10.81
CA ASN B 65 4.45 6.13 10.67
C ASN B 65 5.27 6.26 11.95
N GLY B 66 4.63 6.84 12.96
CA GLY B 66 5.29 7.04 14.25
C GLY B 66 4.40 6.55 15.39
N LYS B 67 5.03 5.87 16.33
CA LYS B 67 4.31 5.35 17.49
C LYS B 67 3.85 6.51 18.37
N SER B 68 3.30 6.16 19.52
CA SER B 68 2.82 7.16 20.46
C SER B 68 1.44 7.65 20.03
N ASN B 69 1.35 8.07 18.79
CA ASN B 69 0.09 8.57 18.25
C ASN B 69 0.25 8.80 16.74
N THR A 1 5.63 25.78 0.14
CA THR A 1 5.06 24.48 -0.18
C THR A 1 3.70 24.32 0.49
N GLU A 2 2.66 24.33 -0.32
CA GLU A 2 1.31 24.18 0.18
C GLU A 2 0.69 22.87 -0.34
N LEU A 3 1.10 21.77 0.29
CA LEU A 3 0.59 20.47 -0.09
C LEU A 3 -0.42 19.99 0.95
N ARG A 4 -1.22 19.01 0.55
CA ARG A 4 -2.23 18.45 1.44
C ARG A 4 -2.22 16.93 1.36
N CYS A 5 -3.41 16.35 1.44
CA CYS A 5 -3.56 14.91 1.39
C CYS A 5 -3.87 14.52 -0.07
N GLN A 6 -3.51 13.29 -0.39
CA GLN A 6 -3.74 12.78 -1.74
C GLN A 6 -5.09 12.05 -1.80
N CYS A 7 -5.82 12.12 -0.71
CA CYS A 7 -7.12 11.47 -0.62
C CYS A 7 -8.16 12.52 -0.26
N LEU A 8 -9.07 12.77 -1.19
CA LEU A 8 -10.11 13.76 -0.98
C LEU A 8 -11.30 13.08 -0.29
N GLN A 9 -11.41 11.78 -0.50
CA GLN A 9 -12.49 11.01 0.09
C GLN A 9 -11.95 9.71 0.68
N THR A 10 -12.85 8.94 1.28
CA THR A 10 -12.48 7.67 1.87
C THR A 10 -13.72 6.77 2.01
N LEU A 11 -13.44 5.48 2.16
CA LEU A 11 -14.51 4.50 2.30
C LEU A 11 -14.40 3.82 3.66
N GLN A 12 -15.55 3.60 4.27
CA GLN A 12 -15.60 2.96 5.58
C GLN A 12 -15.93 1.47 5.42
N GLY A 13 -15.00 0.75 4.82
CA GLY A 13 -15.19 -0.68 4.60
C GLY A 13 -15.79 -0.95 3.23
N ILE A 14 -14.93 -1.31 2.29
CA ILE A 14 -15.36 -1.59 0.93
C ILE A 14 -15.01 -3.04 0.59
N HIS A 15 -15.76 -3.59 -0.35
CA HIS A 15 -15.55 -4.95 -0.78
C HIS A 15 -14.12 -5.11 -1.31
N LEU A 16 -13.47 -6.16 -0.86
CA LEU A 16 -12.09 -6.44 -1.28
C LEU A 16 -12.12 -7.25 -2.58
N LYS A 17 -13.30 -7.30 -3.18
CA LYS A 17 -13.46 -8.05 -4.42
C LYS A 17 -13.18 -7.12 -5.60
N ASN A 18 -13.22 -5.82 -5.32
CA ASN A 18 -12.96 -4.82 -6.35
C ASN A 18 -11.51 -4.35 -6.26
N ILE A 19 -11.06 -4.19 -5.02
CA ILE A 19 -9.70 -3.74 -4.78
C ILE A 19 -8.72 -4.71 -5.45
N GLN A 20 -7.80 -4.15 -6.22
CA GLN A 20 -6.81 -4.94 -6.92
C GLN A 20 -5.41 -4.63 -6.39
N SER A 21 -5.27 -3.42 -5.85
CA SER A 21 -3.99 -3.00 -5.30
C SER A 21 -4.23 -2.11 -4.08
N VAL A 22 -3.16 -1.93 -3.32
CA VAL A 22 -3.22 -1.11 -2.12
C VAL A 22 -2.07 -0.11 -2.12
N LYS A 23 -2.39 1.13 -1.79
CA LYS A 23 -1.40 2.19 -1.74
C LYS A 23 -1.53 2.95 -0.43
N VAL A 24 -0.43 2.95 0.33
CA VAL A 24 -0.41 3.64 1.60
C VAL A 24 0.55 4.83 1.53
N LYS A 25 0.01 6.01 1.79
CA LYS A 25 0.82 7.21 1.75
C LYS A 25 0.71 7.94 3.09
N SER A 26 1.57 7.55 4.01
CA SER A 26 1.58 8.15 5.33
C SER A 26 1.55 9.68 5.21
N PRO A 27 1.48 10.34 6.40
CA PRO A 27 1.45 11.80 6.44
C PRO A 27 2.83 12.38 6.15
N GLY A 28 2.87 13.70 6.06
CA GLY A 28 4.11 14.41 5.78
C GLY A 28 4.11 15.80 6.41
N PRO A 29 5.05 16.65 5.92
CA PRO A 29 5.16 18.01 6.43
C PRO A 29 4.03 18.89 5.89
N HIS A 30 3.17 18.27 5.11
CA HIS A 30 2.04 18.98 4.52
C HIS A 30 0.74 18.46 5.13
N CYS A 31 0.61 17.13 5.13
CA CYS A 31 -0.58 16.50 5.67
C CYS A 31 -0.16 15.61 6.83
N ALA A 32 -0.71 15.91 7.99
CA ALA A 32 -0.40 15.14 9.19
C ALA A 32 -1.42 14.01 9.35
N GLN A 33 -2.00 13.63 8.22
CA GLN A 33 -2.99 12.56 8.23
C GLN A 33 -2.60 11.49 7.21
N THR A 34 -3.18 10.30 7.41
CA THR A 34 -2.90 9.18 6.52
C THR A 34 -3.66 9.35 5.20
N GLU A 35 -3.20 8.61 4.20
CA GLU A 35 -3.81 8.67 2.88
C GLU A 35 -3.79 7.29 2.23
N VAL A 36 -4.71 6.43 2.66
CA VAL A 36 -4.79 5.09 2.12
C VAL A 36 -5.55 5.12 0.79
N ILE A 37 -4.89 4.60 -0.23
CA ILE A 37 -5.49 4.56 -1.56
C ILE A 37 -5.43 3.14 -2.10
N ALA A 38 -6.59 2.58 -2.38
CA ALA A 38 -6.68 1.23 -2.90
C ALA A 38 -7.11 1.30 -4.37
N THR A 39 -6.39 0.54 -5.19
CA THR A 39 -6.69 0.50 -6.62
C THR A 39 -7.82 -0.50 -6.90
N LEU A 40 -8.63 -0.16 -7.89
CA LEU A 40 -9.74 -1.00 -8.26
C LEU A 40 -9.32 -1.94 -9.40
N LYS A 41 -9.94 -3.10 -9.44
CA LYS A 41 -9.65 -4.08 -10.46
C LYS A 41 -10.24 -3.64 -11.79
N ASN A 42 -10.97 -2.52 -11.73
CA ASN A 42 -11.59 -1.98 -12.92
C ASN A 42 -10.73 -0.84 -13.46
N GLY A 43 -9.73 -0.46 -12.67
CA GLY A 43 -8.83 0.62 -13.06
C GLY A 43 -9.07 1.86 -12.20
N GLN A 44 -10.16 1.83 -11.46
CA GLN A 44 -10.50 2.95 -10.59
C GLN A 44 -9.74 2.84 -9.27
N LYS A 45 -10.09 3.73 -8.34
CA LYS A 45 -9.45 3.75 -7.04
C LYS A 45 -10.48 4.14 -5.98
N ALA A 46 -10.32 3.54 -4.80
CA ALA A 46 -11.23 3.81 -3.69
C ALA A 46 -10.41 4.12 -2.44
N CYS A 47 -10.47 5.38 -2.03
CA CYS A 47 -9.74 5.81 -0.85
C CYS A 47 -10.38 5.14 0.38
N LEU A 48 -9.51 4.72 1.29
CA LEU A 48 -9.97 4.07 2.51
C LEU A 48 -9.88 5.05 3.68
N ASN A 49 -10.52 4.69 4.77
CA ASN A 49 -10.52 5.52 5.96
C ASN A 49 -9.48 4.99 6.95
N PRO A 50 -8.38 5.77 7.09
CA PRO A 50 -7.31 5.39 8.00
C PRO A 50 -7.70 5.62 9.46
N ALA A 51 -8.91 5.20 9.78
CA ALA A 51 -9.43 5.36 11.13
C ALA A 51 -10.57 4.36 11.36
N SER A 52 -10.52 3.27 10.61
CA SER A 52 -11.52 2.23 10.73
C SER A 52 -10.86 0.87 10.91
N PRO A 53 -11.53 0.00 11.72
CA PRO A 53 -11.02 -1.33 12.00
C PRO A 53 -11.22 -2.25 10.79
N MET A 54 -11.79 -1.68 9.73
CA MET A 54 -12.03 -2.43 8.52
C MET A 54 -10.97 -2.12 7.46
N VAL A 55 -10.27 -1.02 7.68
CA VAL A 55 -9.23 -0.61 6.75
C VAL A 55 -7.96 -1.42 7.01
N LYS A 56 -7.89 -1.97 8.20
CA LYS A 56 -6.73 -2.78 8.59
C LYS A 56 -7.04 -4.25 8.33
N LYS A 57 -8.21 -4.49 7.75
CA LYS A 57 -8.62 -5.85 7.44
C LYS A 57 -8.78 -5.99 5.92
N ILE A 58 -8.84 -4.85 5.26
CA ILE A 58 -8.99 -4.84 3.81
C ILE A 58 -7.61 -4.81 3.16
N ILE A 59 -6.62 -4.44 3.96
CA ILE A 59 -5.25 -4.37 3.49
C ILE A 59 -4.55 -5.70 3.75
N GLU A 60 -4.50 -6.06 5.02
CA GLU A 60 -3.87 -7.31 5.42
C GLU A 60 -4.35 -8.46 4.53
N LYS A 61 -5.63 -8.39 4.17
CA LYS A 61 -6.23 -9.42 3.34
C LYS A 61 -5.68 -9.29 1.92
N MET A 62 -5.51 -8.05 1.49
CA MET A 62 -5.00 -7.77 0.16
C MET A 62 -3.65 -8.43 -0.05
N LEU A 63 -2.83 -8.37 0.99
CA LEU A 63 -1.50 -8.95 0.93
C LEU A 63 -1.62 -10.49 0.84
N LYS A 64 -2.81 -10.97 1.16
CA LYS A 64 -3.07 -12.40 1.12
C LYS A 64 -3.85 -12.74 -0.16
N ASN A 65 -4.65 -11.77 -0.59
CA ASN A 65 -5.45 -11.95 -1.79
C ASN A 65 -6.43 -13.11 -1.57
N GLY A 66 -5.91 -14.32 -1.69
CA GLY A 66 -6.71 -15.51 -1.50
C GLY A 66 -6.18 -16.67 -2.35
N LYS A 67 -7.05 -17.19 -3.20
CA LYS A 67 -6.69 -18.30 -4.06
C LYS A 67 -5.66 -17.82 -5.09
N SER A 68 -6.09 -16.84 -5.89
CA SER A 68 -5.21 -16.29 -6.91
C SER A 68 -5.91 -15.11 -7.60
N ASN A 69 -7.09 -15.39 -8.14
CA ASN A 69 -7.86 -14.36 -8.82
C ASN A 69 -6.96 -13.66 -9.84
N THR B 1 -4.98 -7.87 -20.29
CA THR B 1 -4.88 -9.31 -20.21
C THR B 1 -3.42 -9.75 -20.24
N GLU B 2 -2.68 -9.18 -21.19
CA GLU B 2 -1.27 -9.51 -21.33
C GLU B 2 -0.43 -8.61 -20.42
N LEU B 3 -0.77 -8.63 -19.14
CA LEU B 3 -0.05 -7.82 -18.17
C LEU B 3 0.87 -8.73 -17.34
N ARG B 4 1.77 -8.10 -16.59
CA ARG B 4 2.70 -8.83 -15.77
C ARG B 4 2.80 -8.19 -14.37
N CYS B 5 4.01 -8.19 -13.84
CA CYS B 5 4.25 -7.61 -12.53
C CYS B 5 4.88 -6.23 -12.72
N GLN B 6 4.54 -5.32 -11.81
CA GLN B 6 5.06 -3.97 -11.87
C GLN B 6 6.47 -3.92 -11.27
N CYS B 7 6.91 -5.08 -10.77
CA CYS B 7 8.22 -5.17 -10.17
C CYS B 7 8.81 -6.56 -10.50
N LEU B 8 10.08 -6.56 -10.85
CA LEU B 8 10.76 -7.80 -11.19
C LEU B 8 11.69 -8.19 -10.04
N GLN B 9 11.95 -7.23 -9.18
CA GLN B 9 12.82 -7.46 -8.04
C GLN B 9 12.21 -6.87 -6.76
N THR B 10 12.80 -7.23 -5.64
CA THR B 10 12.32 -6.75 -4.36
C THR B 10 13.47 -6.72 -3.34
N LEU B 11 13.23 -6.00 -2.25
CA LEU B 11 14.23 -5.87 -1.21
C LEU B 11 13.95 -6.91 -0.12
N GLN B 12 14.77 -6.86 0.93
CA GLN B 12 14.63 -7.79 2.03
C GLN B 12 14.18 -7.04 3.30
N GLY B 13 14.28 -5.73 3.24
CA GLY B 13 13.90 -4.89 4.36
C GLY B 13 14.72 -3.60 4.39
N ILE B 14 14.10 -2.53 3.93
CA ILE B 14 14.75 -1.23 3.89
C ILE B 14 14.33 -0.42 5.13
N HIS B 15 15.15 0.56 5.45
CA HIS B 15 14.88 1.42 6.60
C HIS B 15 13.56 2.16 6.38
N LEU B 16 12.85 2.37 7.48
CA LEU B 16 11.57 3.06 7.42
C LEU B 16 11.82 4.57 7.48
N LYS B 17 13.09 4.94 7.42
CA LYS B 17 13.47 6.35 7.46
C LYS B 17 13.47 6.92 6.04
N ASN B 18 13.58 6.01 5.08
CA ASN B 18 13.60 6.41 3.68
C ASN B 18 12.20 6.24 3.09
N ILE B 19 11.63 5.06 3.31
CA ILE B 19 10.30 4.76 2.81
C ILE B 19 9.32 5.82 3.32
N GLN B 20 8.57 6.38 2.37
CA GLN B 20 7.59 7.40 2.70
C GLN B 20 6.18 6.89 2.42
N SER B 21 6.11 5.83 1.63
CA SER B 21 4.82 5.24 1.30
C SER B 21 5.00 3.75 0.99
N VAL B 22 3.90 3.02 1.09
CA VAL B 22 3.92 1.59 0.83
C VAL B 22 2.80 1.24 -0.15
N LYS B 23 3.16 0.46 -1.16
CA LYS B 23 2.20 0.05 -2.16
C LYS B 23 2.30 -1.46 -2.37
N VAL B 24 1.16 -2.13 -2.23
CA VAL B 24 1.10 -3.57 -2.40
C VAL B 24 0.16 -3.91 -3.56
N LYS B 25 0.77 -4.27 -4.68
CA LYS B 25 0.01 -4.63 -5.86
C LYS B 25 -0.14 -6.15 -5.93
N SER B 26 -1.18 -6.64 -5.28
CA SER B 26 -1.45 -8.07 -5.26
C SER B 26 -1.49 -8.61 -6.69
N PRO B 27 -1.50 -9.97 -6.79
CA PRO B 27 -1.53 -10.62 -8.09
C PRO B 27 -2.93 -10.52 -8.71
N GLY B 28 -3.00 -10.89 -9.99
CA GLY B 28 -4.25 -10.85 -10.71
C GLY B 28 -4.28 -11.89 -11.83
N PRO B 29 -5.14 -11.62 -12.83
CA PRO B 29 -5.27 -12.52 -13.97
C PRO B 29 -4.07 -12.39 -14.91
N HIS B 30 -3.14 -11.55 -14.51
CA HIS B 30 -1.94 -11.33 -15.31
C HIS B 30 -0.71 -11.86 -14.57
N CYS B 31 -0.56 -11.40 -13.34
CA CYS B 31 0.55 -11.83 -12.51
C CYS B 31 0.00 -12.57 -11.30
N ALA B 32 0.54 -13.77 -11.09
CA ALA B 32 0.10 -14.59 -9.97
C ALA B 32 1.08 -14.41 -8.80
N GLN B 33 1.77 -13.27 -8.82
CA GLN B 33 2.73 -12.97 -7.77
C GLN B 33 2.50 -11.56 -7.23
N THR B 34 2.98 -11.33 -6.02
CA THR B 34 2.84 -10.03 -5.39
C THR B 34 4.03 -9.14 -5.74
N GLU B 35 3.84 -7.85 -5.53
CA GLU B 35 4.88 -6.88 -5.82
C GLU B 35 4.69 -5.62 -4.96
N VAL B 36 5.39 -5.59 -3.84
CA VAL B 36 5.31 -4.46 -2.94
C VAL B 36 6.23 -3.34 -3.43
N ILE B 37 5.63 -2.18 -3.66
CA ILE B 37 6.38 -1.03 -4.13
C ILE B 37 6.20 0.13 -3.15
N ALA B 38 7.25 0.42 -2.41
CA ALA B 38 7.22 1.50 -1.44
C ALA B 38 7.89 2.73 -2.04
N THR B 39 7.27 3.89 -1.79
CA THR B 39 7.79 5.14 -2.29
C THR B 39 8.83 5.71 -1.33
N LEU B 40 9.93 6.18 -1.89
CA LEU B 40 11.00 6.76 -1.11
C LEU B 40 10.67 8.22 -0.80
N LYS B 41 11.17 8.68 0.35
CA LYS B 41 10.93 10.05 0.77
C LYS B 41 11.80 10.99 -0.07
N ASN B 42 12.62 10.38 -0.92
CA ASN B 42 13.50 11.16 -1.78
C ASN B 42 12.88 11.26 -3.17
N GLY B 43 11.80 10.52 -3.37
CA GLY B 43 11.11 10.52 -4.65
C GLY B 43 11.32 9.19 -5.39
N GLN B 44 12.23 8.39 -4.84
CA GLN B 44 12.54 7.10 -5.44
C GLN B 44 11.54 6.04 -4.96
N LYS B 45 11.82 4.80 -5.31
CA LYS B 45 10.96 3.69 -4.93
C LYS B 45 11.82 2.47 -4.64
N ALA B 46 11.38 1.69 -3.66
CA ALA B 46 12.09 0.48 -3.28
C ALA B 46 11.09 -0.65 -3.08
N CYS B 47 11.18 -1.65 -3.95
CA CYS B 47 10.30 -2.81 -3.87
C CYS B 47 10.75 -3.68 -2.70
N LEU B 48 9.76 -4.18 -1.97
CA LEU B 48 10.04 -5.03 -0.82
C LEU B 48 9.56 -6.45 -1.13
N ASN B 49 10.10 -7.39 -0.35
CA ASN B 49 9.74 -8.80 -0.53
C ASN B 49 8.62 -9.16 0.46
N PRO B 50 7.46 -9.57 -0.12
CA PRO B 50 6.32 -9.94 0.69
C PRO B 50 6.53 -11.33 1.32
N ALA B 51 7.68 -11.90 1.03
CA ALA B 51 8.01 -13.21 1.57
C ALA B 51 9.00 -13.05 2.72
N SER B 52 9.32 -11.80 3.02
CA SER B 52 10.24 -11.49 4.11
C SER B 52 9.47 -11.10 5.36
N PRO B 53 10.02 -11.53 6.53
CA PRO B 53 9.39 -11.22 7.80
C PRO B 53 9.62 -9.75 8.19
N MET B 54 10.75 -9.22 7.74
CA MET B 54 11.09 -7.84 8.03
C MET B 54 10.31 -6.88 7.13
N VAL B 55 9.83 -7.41 6.02
CA VAL B 55 9.07 -6.62 5.07
C VAL B 55 7.64 -6.46 5.59
N LYS B 56 7.35 -7.13 6.69
CA LYS B 56 6.03 -7.06 7.29
C LYS B 56 6.08 -6.15 8.52
N LYS B 57 7.24 -5.57 8.73
CA LYS B 57 7.44 -4.68 9.87
C LYS B 57 7.79 -3.28 9.35
N ILE B 58 8.17 -3.23 8.08
CA ILE B 58 8.54 -1.97 7.46
C ILE B 58 7.31 -1.36 6.79
N ILE B 59 6.29 -2.19 6.62
CA ILE B 59 5.06 -1.75 5.99
C ILE B 59 4.06 -1.34 7.09
N GLU B 60 3.83 -2.26 8.00
CA GLU B 60 2.91 -2.01 9.10
C GLU B 60 3.33 -0.76 9.88
N LYS B 61 4.64 -0.57 9.95
CA LYS B 61 5.20 0.57 10.66
C LYS B 61 4.96 1.84 9.84
N MET B 62 5.00 1.67 8.53
CA MET B 62 4.79 2.79 7.62
C MET B 62 3.41 3.42 7.85
N LEU B 63 2.44 2.57 8.12
CA LEU B 63 1.08 3.03 8.36
C LEU B 63 1.03 3.80 9.68
N LYS B 64 2.08 3.62 10.47
CA LYS B 64 2.18 4.28 11.77
C LYS B 64 3.15 5.46 11.66
N ASN B 65 4.12 5.30 10.78
CA ASN B 65 5.11 6.34 10.57
C ASN B 65 5.90 6.56 11.87
N GLY B 66 5.26 7.28 12.78
CA GLY B 66 5.88 7.56 14.07
C GLY B 66 6.47 6.29 14.70
N LYS B 67 7.22 6.48 15.76
CA LYS B 67 7.84 5.37 16.46
C LYS B 67 7.11 5.13 17.78
N SER B 68 7.26 6.08 18.69
CA SER B 68 6.61 5.99 19.99
C SER B 68 6.95 7.22 20.82
N ASN B 69 5.98 8.12 20.92
CA ASN B 69 6.16 9.34 21.68
C ASN B 69 6.63 8.98 23.10
N THR A 1 6.11 26.21 0.20
CA THR A 1 5.79 24.79 0.16
C THR A 1 4.55 24.50 1.00
N GLU A 2 3.39 24.67 0.36
CA GLU A 2 2.13 24.44 1.03
C GLU A 2 1.40 23.25 0.39
N LEU A 3 1.76 22.06 0.83
CA LEU A 3 1.15 20.85 0.32
C LEU A 3 0.15 20.30 1.34
N ARG A 4 -0.66 19.36 0.87
CA ARG A 4 -1.65 18.75 1.74
C ARG A 4 -1.69 17.23 1.52
N CYS A 5 -2.89 16.68 1.61
CA CYS A 5 -3.07 15.25 1.43
C CYS A 5 -3.51 15.00 -0.01
N GLN A 6 -3.50 13.73 -0.39
CA GLN A 6 -3.90 13.35 -1.74
C GLN A 6 -5.32 12.79 -1.73
N CYS A 7 -5.89 12.72 -0.53
CA CYS A 7 -7.24 12.21 -0.38
C CYS A 7 -7.93 13.01 0.72
N LEU A 8 -9.03 13.66 0.34
CA LEU A 8 -9.78 14.46 1.28
C LEU A 8 -10.93 13.61 1.86
N GLN A 9 -11.19 12.50 1.20
CA GLN A 9 -12.24 11.61 1.64
C GLN A 9 -11.71 10.18 1.77
N THR A 10 -12.55 9.31 2.30
CA THR A 10 -12.18 7.92 2.50
C THR A 10 -13.43 7.04 2.60
N LEU A 11 -13.20 5.74 2.47
CA LEU A 11 -14.29 4.78 2.56
C LEU A 11 -14.25 4.07 3.91
N GLN A 12 -15.19 3.16 4.09
CA GLN A 12 -15.27 2.40 5.33
C GLN A 12 -14.44 1.12 5.23
N GLY A 13 -14.04 0.80 4.00
CA GLY A 13 -13.24 -0.38 3.76
C GLY A 13 -13.55 -0.98 2.39
N ILE A 14 -14.78 -0.82 1.97
CA ILE A 14 -15.22 -1.33 0.68
C ILE A 14 -14.92 -2.83 0.61
N HIS A 15 -15.54 -3.48 -0.37
CA HIS A 15 -15.35 -4.90 -0.55
C HIS A 15 -13.95 -5.17 -1.11
N LEU A 16 -13.35 -6.25 -0.63
CA LEU A 16 -12.02 -6.62 -1.07
C LEU A 16 -12.12 -7.38 -2.40
N LYS A 17 -13.35 -7.54 -2.85
CA LYS A 17 -13.60 -8.23 -4.10
C LYS A 17 -13.50 -7.24 -5.26
N ASN A 18 -13.40 -5.96 -4.90
CA ASN A 18 -13.30 -4.91 -5.91
C ASN A 18 -11.87 -4.35 -5.90
N ILE A 19 -11.32 -4.24 -4.71
CA ILE A 19 -9.97 -3.71 -4.55
C ILE A 19 -8.98 -4.66 -5.24
N GLN A 20 -8.10 -4.07 -6.03
CA GLN A 20 -7.10 -4.84 -6.74
C GLN A 20 -5.69 -4.50 -6.23
N SER A 21 -5.58 -3.31 -5.69
CA SER A 21 -4.30 -2.84 -5.17
C SER A 21 -4.53 -1.90 -3.97
N VAL A 22 -3.51 -1.81 -3.14
CA VAL A 22 -3.59 -0.96 -1.96
C VAL A 22 -2.38 -0.01 -1.94
N LYS A 23 -2.66 1.25 -1.63
CA LYS A 23 -1.61 2.25 -1.56
C LYS A 23 -1.75 3.05 -0.28
N VAL A 24 -0.67 3.10 0.48
CA VAL A 24 -0.66 3.83 1.73
C VAL A 24 0.29 5.02 1.62
N LYS A 25 -0.24 6.19 1.92
CA LYS A 25 0.54 7.41 1.85
C LYS A 25 0.49 8.12 3.21
N SER A 26 1.41 7.74 4.08
CA SER A 26 1.47 8.33 5.40
C SER A 26 1.55 9.85 5.30
N PRO A 27 1.51 10.52 6.48
CA PRO A 27 1.58 11.97 6.54
C PRO A 27 3.01 12.46 6.27
N GLY A 28 3.15 13.77 6.23
CA GLY A 28 4.45 14.38 5.99
C GLY A 28 4.53 15.77 6.63
N PRO A 29 5.52 16.57 6.13
CA PRO A 29 5.71 17.92 6.66
C PRO A 29 4.63 18.87 6.13
N HIS A 30 3.72 18.30 5.34
CA HIS A 30 2.64 19.08 4.77
C HIS A 30 1.31 18.60 5.35
N CYS A 31 1.11 17.30 5.31
CA CYS A 31 -0.11 16.69 5.83
C CYS A 31 0.25 15.85 7.05
N ALA A 32 -0.41 16.16 8.16
CA ALA A 32 -0.17 15.44 9.40
C ALA A 32 -1.24 14.36 9.57
N GLN A 33 -1.80 13.95 8.44
CA GLN A 33 -2.84 12.93 8.46
C GLN A 33 -2.49 11.81 7.47
N THR A 34 -3.15 10.68 7.66
CA THR A 34 -2.92 9.52 6.80
C THR A 34 -3.88 9.55 5.60
N GLU A 35 -3.65 8.62 4.69
CA GLU A 35 -4.47 8.53 3.50
C GLU A 35 -4.18 7.23 2.75
N VAL A 36 -5.18 6.35 2.72
CA VAL A 36 -5.04 5.08 2.04
C VAL A 36 -5.77 5.14 0.70
N ILE A 37 -5.03 4.78 -0.35
CA ILE A 37 -5.59 4.79 -1.69
C ILE A 37 -5.46 3.39 -2.30
N ALA A 38 -6.60 2.72 -2.43
CA ALA A 38 -6.63 1.38 -3.00
C ALA A 38 -7.13 1.45 -4.44
N THR A 39 -6.46 0.70 -5.30
CA THR A 39 -6.82 0.66 -6.71
C THR A 39 -7.92 -0.37 -6.95
N LEU A 40 -8.90 0.03 -7.74
CA LEU A 40 -10.02 -0.84 -8.06
C LEU A 40 -9.61 -1.78 -9.19
N LYS A 41 -10.20 -2.97 -9.18
CA LYS A 41 -9.90 -3.97 -10.19
C LYS A 41 -10.59 -3.57 -11.50
N ASN A 42 -11.33 -2.48 -11.44
CA ASN A 42 -12.05 -1.98 -12.60
C ASN A 42 -11.25 -0.83 -13.22
N GLY A 43 -10.22 -0.40 -12.50
CA GLY A 43 -9.38 0.69 -12.97
C GLY A 43 -9.64 1.96 -12.15
N GLN A 44 -10.57 1.86 -11.22
CA GLN A 44 -10.91 2.99 -10.37
C GLN A 44 -10.07 2.97 -9.10
N LYS A 45 -10.43 3.86 -8.18
CA LYS A 45 -9.71 3.96 -6.92
C LYS A 45 -10.70 4.30 -5.80
N ALA A 46 -10.42 3.74 -4.63
CA ALA A 46 -11.28 3.98 -3.48
C ALA A 46 -10.42 4.15 -2.23
N CYS A 47 -10.50 5.34 -1.64
CA CYS A 47 -9.73 5.64 -0.45
C CYS A 47 -10.42 4.96 0.74
N LEU A 48 -9.59 4.53 1.68
CA LEU A 48 -10.08 3.87 2.87
C LEU A 48 -9.84 4.76 4.09
N ASN A 49 -10.54 4.43 5.17
CA ASN A 49 -10.40 5.19 6.40
C ASN A 49 -9.33 4.54 7.28
N PRO A 50 -8.25 5.34 7.53
CA PRO A 50 -7.15 4.86 8.36
C PRO A 50 -7.54 4.85 9.84
N ALA A 51 -8.76 5.30 10.10
CA ALA A 51 -9.26 5.35 11.46
C ALA A 51 -10.23 4.20 11.69
N SER A 52 -10.15 3.22 10.80
CA SER A 52 -11.02 2.05 10.88
C SER A 52 -10.18 0.79 11.05
N PRO A 53 -10.69 -0.14 11.91
CA PRO A 53 -10.00 -1.39 12.16
C PRO A 53 -10.16 -2.35 10.99
N MET A 54 -11.28 -2.21 10.30
CA MET A 54 -11.57 -3.06 9.15
C MET A 54 -10.64 -2.73 7.98
N VAL A 55 -10.08 -1.53 8.03
CA VAL A 55 -9.17 -1.08 6.99
C VAL A 55 -7.86 -1.87 7.08
N LYS A 56 -7.66 -2.49 8.24
CA LYS A 56 -6.45 -3.27 8.47
C LYS A 56 -6.75 -4.74 8.15
N LYS A 57 -7.96 -4.98 7.67
CA LYS A 57 -8.37 -6.33 7.32
C LYS A 57 -8.59 -6.41 5.81
N ILE A 58 -8.71 -5.24 5.20
CA ILE A 58 -8.92 -5.18 3.75
C ILE A 58 -7.58 -4.99 3.05
N ILE A 59 -6.59 -4.60 3.83
CA ILE A 59 -5.25 -4.39 3.30
C ILE A 59 -4.43 -5.67 3.48
N GLU A 60 -4.36 -6.12 4.72
CA GLU A 60 -3.62 -7.32 5.04
C GLU A 60 -4.07 -8.48 4.15
N LYS A 61 -5.36 -8.50 3.87
CA LYS A 61 -5.93 -9.54 3.04
C LYS A 61 -5.52 -9.31 1.58
N MET A 62 -5.39 -8.03 1.23
CA MET A 62 -5.00 -7.67 -0.12
C MET A 62 -3.61 -8.22 -0.46
N LEU A 63 -2.74 -8.19 0.53
CA LEU A 63 -1.38 -8.69 0.34
C LEU A 63 -1.42 -10.21 0.17
N LYS A 64 -2.56 -10.78 0.55
CA LYS A 64 -2.73 -12.22 0.45
C LYS A 64 -3.60 -12.55 -0.77
N ASN A 65 -4.48 -11.61 -1.09
CA ASN A 65 -5.37 -11.78 -2.22
C ASN A 65 -6.24 -13.02 -2.00
N GLY A 66 -5.67 -14.17 -2.24
CA GLY A 66 -6.38 -15.43 -2.07
C GLY A 66 -7.60 -15.49 -2.98
N LYS A 67 -7.46 -16.25 -4.06
CA LYS A 67 -8.55 -16.40 -5.02
C LYS A 67 -8.39 -17.74 -5.75
N SER A 68 -7.35 -17.82 -6.56
CA SER A 68 -7.08 -19.02 -7.32
C SER A 68 -8.12 -19.18 -8.43
N ASN A 69 -7.93 -18.41 -9.50
CA ASN A 69 -8.84 -18.45 -10.62
C ASN A 69 -8.76 -19.84 -11.28
N THR B 1 -3.58 -9.91 -24.05
CA THR B 1 -3.66 -9.91 -22.59
C THR B 1 -2.50 -10.69 -22.00
N GLU B 2 -1.29 -10.29 -22.39
CA GLU B 2 -0.10 -10.93 -21.89
C GLU B 2 0.69 -9.99 -20.98
N LEU B 3 0.27 -9.96 -19.72
CA LEU B 3 0.93 -9.10 -18.74
C LEU B 3 1.76 -9.97 -17.80
N ARG B 4 2.60 -9.29 -17.01
CA ARG B 4 3.45 -9.98 -16.06
C ARG B 4 3.44 -9.27 -14.72
N CYS B 5 4.59 -9.28 -14.06
CA CYS B 5 4.72 -8.65 -12.76
C CYS B 5 5.23 -7.21 -12.98
N GLN B 6 4.79 -6.32 -12.10
CA GLN B 6 5.20 -4.93 -12.19
C GLN B 6 6.57 -4.75 -11.56
N CYS B 7 7.07 -5.82 -10.97
CA CYS B 7 8.38 -5.79 -10.33
C CYS B 7 9.06 -7.14 -10.55
N LEU B 8 10.34 -7.08 -10.88
CA LEU B 8 11.12 -8.29 -11.13
C LEU B 8 12.02 -8.56 -9.93
N GLN B 9 12.18 -7.53 -9.10
CA GLN B 9 13.02 -7.64 -7.92
C GLN B 9 12.30 -7.03 -6.72
N THR B 10 12.91 -7.22 -5.55
CA THR B 10 12.35 -6.69 -4.32
C THR B 10 13.45 -6.55 -3.26
N LEU B 11 13.12 -5.82 -2.20
CA LEU B 11 14.05 -5.60 -1.11
C LEU B 11 13.64 -6.45 0.09
N GLN B 12 14.49 -6.42 1.11
CA GLN B 12 14.23 -7.19 2.32
C GLN B 12 13.34 -6.38 3.28
N GLY B 13 13.21 -5.10 2.97
CA GLY B 13 12.39 -4.21 3.79
C GLY B 13 12.96 -2.80 3.78
N ILE B 14 14.29 -2.72 3.84
CA ILE B 14 14.97 -1.43 3.85
C ILE B 14 14.42 -0.58 4.99
N HIS B 15 15.16 0.47 5.31
CA HIS B 15 14.76 1.37 6.38
C HIS B 15 13.40 2.00 6.04
N LEU B 16 12.66 2.31 7.09
CA LEU B 16 11.35 2.93 6.92
C LEU B 16 11.46 4.44 7.10
N LYS B 17 12.70 4.91 7.17
CA LYS B 17 12.97 6.32 7.34
C LYS B 17 13.01 6.99 5.96
N ASN B 18 13.26 6.17 4.95
CA ASN B 18 13.34 6.67 3.58
C ASN B 18 11.98 6.49 2.91
N ILE B 19 11.32 5.39 3.24
CA ILE B 19 10.02 5.09 2.67
C ILE B 19 9.05 6.22 3.01
N GLN B 20 8.32 6.67 1.99
CA GLN B 20 7.36 7.74 2.17
C GLN B 20 5.93 7.21 1.98
N SER B 21 5.83 6.13 1.22
CA SER B 21 4.55 5.51 0.96
C SER B 21 4.73 4.04 0.59
N VAL B 22 3.63 3.30 0.66
CA VAL B 22 3.65 1.88 0.33
C VAL B 22 2.58 1.58 -0.70
N LYS B 23 2.98 0.86 -1.73
CA LYS B 23 2.06 0.49 -2.80
C LYS B 23 2.04 -1.03 -2.96
N VAL B 24 0.87 -1.60 -2.74
CA VAL B 24 0.71 -3.04 -2.86
C VAL B 24 -0.13 -3.36 -4.09
N LYS B 25 0.45 -4.14 -4.98
CA LYS B 25 -0.23 -4.52 -6.21
C LYS B 25 -0.34 -6.05 -6.27
N SER B 26 -1.33 -6.58 -5.57
CA SER B 26 -1.55 -8.01 -5.53
C SER B 26 -1.41 -8.60 -6.94
N PRO B 27 -1.33 -9.95 -7.00
CA PRO B 27 -1.19 -10.64 -8.27
C PRO B 27 -2.53 -10.65 -9.03
N GLY B 28 -2.45 -11.10 -10.28
CA GLY B 28 -3.64 -11.18 -11.12
C GLY B 28 -3.59 -12.40 -12.04
N PRO B 29 -4.37 -12.31 -13.14
CA PRO B 29 -4.42 -13.39 -14.11
C PRO B 29 -3.15 -13.43 -14.96
N HIS B 30 -2.25 -12.52 -14.66
CA HIS B 30 -0.99 -12.44 -15.39
C HIS B 30 0.16 -12.82 -14.47
N CYS B 31 0.21 -12.15 -13.32
CA CYS B 31 1.26 -12.41 -12.35
C CYS B 31 0.62 -13.04 -11.11
N ALA B 32 1.06 -14.25 -10.81
CA ALA B 32 0.54 -14.97 -9.66
C ALA B 32 1.42 -14.69 -8.44
N GLN B 33 2.10 -13.55 -8.49
CA GLN B 33 2.97 -13.15 -7.41
C GLN B 33 2.68 -11.71 -6.99
N THR B 34 2.98 -11.42 -5.74
CA THR B 34 2.75 -10.09 -5.19
C THR B 34 3.84 -9.13 -5.67
N GLU B 35 3.50 -7.84 -5.65
CA GLU B 35 4.44 -6.81 -6.07
C GLU B 35 4.29 -5.58 -5.18
N VAL B 36 5.03 -5.58 -4.08
CA VAL B 36 4.99 -4.46 -3.15
C VAL B 36 5.97 -3.39 -3.61
N ILE B 37 5.45 -2.18 -3.75
CA ILE B 37 6.26 -1.05 -4.18
C ILE B 37 6.16 0.07 -3.15
N ALA B 38 7.27 0.31 -2.48
CA ALA B 38 7.32 1.36 -1.46
C ALA B 38 7.96 2.62 -2.07
N THR B 39 7.28 3.73 -1.89
CA THR B 39 7.76 5.00 -2.40
C THR B 39 8.82 5.58 -1.47
N LEU B 40 9.80 6.24 -2.07
CA LEU B 40 10.87 6.85 -1.30
C LEU B 40 10.53 8.32 -1.01
N LYS B 41 11.04 8.80 0.10
CA LYS B 41 10.79 10.18 0.50
C LYS B 41 11.61 11.12 -0.38
N ASN B 42 12.43 10.51 -1.23
CA ASN B 42 13.28 11.28 -2.13
C ASN B 42 12.63 11.34 -3.51
N GLY B 43 11.58 10.54 -3.67
CA GLY B 43 10.87 10.50 -4.93
C GLY B 43 11.08 9.16 -5.63
N GLN B 44 12.05 8.41 -5.12
CA GLN B 44 12.36 7.11 -5.69
C GLN B 44 11.38 6.05 -5.16
N LYS B 45 11.66 4.80 -5.51
CA LYS B 45 10.83 3.70 -5.08
C LYS B 45 11.70 2.46 -4.86
N ALA B 46 11.32 1.68 -3.86
CA ALA B 46 12.05 0.46 -3.55
C ALA B 46 11.06 -0.68 -3.32
N CYS B 47 11.09 -1.64 -4.23
CA CYS B 47 10.21 -2.79 -4.14
C CYS B 47 10.60 -3.60 -2.90
N LEU B 48 9.59 -4.10 -2.21
CA LEU B 48 9.81 -4.89 -1.02
C LEU B 48 9.40 -6.34 -1.28
N ASN B 49 9.85 -7.22 -0.40
CA ASN B 49 9.55 -8.63 -0.54
C ASN B 49 8.36 -8.99 0.37
N PRO B 50 7.25 -9.42 -0.28
CA PRO B 50 6.05 -9.78 0.46
C PRO B 50 6.22 -11.14 1.14
N ALA B 51 7.40 -11.72 0.95
CA ALA B 51 7.70 -13.01 1.54
C ALA B 51 8.68 -12.82 2.70
N SER B 52 8.83 -11.57 3.11
CA SER B 52 9.73 -11.24 4.20
C SER B 52 8.92 -10.81 5.43
N PRO B 53 9.44 -11.20 6.63
CA PRO B 53 8.78 -10.85 7.87
C PRO B 53 9.00 -9.38 8.23
N MET B 54 10.11 -8.85 7.72
CA MET B 54 10.45 -7.46 7.97
C MET B 54 9.67 -6.53 7.03
N VAL B 55 9.18 -7.11 5.95
CA VAL B 55 8.41 -6.34 4.98
C VAL B 55 6.97 -6.21 5.45
N LYS B 56 6.68 -6.88 6.56
CA LYS B 56 5.35 -6.85 7.13
C LYS B 56 5.35 -6.01 8.41
N LYS B 57 6.51 -5.43 8.68
CA LYS B 57 6.66 -4.60 9.87
C LYS B 57 7.07 -3.18 9.44
N ILE B 58 7.49 -3.08 8.18
CA ILE B 58 7.89 -1.79 7.65
C ILE B 58 6.70 -1.12 6.97
N ILE B 59 5.69 -1.93 6.70
CA ILE B 59 4.48 -1.43 6.05
C ILE B 59 3.44 -1.08 7.12
N GLU B 60 3.15 -2.07 7.96
CA GLU B 60 2.19 -1.87 9.02
C GLU B 60 2.56 -0.65 9.87
N LYS B 61 3.86 -0.46 10.02
CA LYS B 61 4.36 0.66 10.81
C LYS B 61 4.14 1.96 10.02
N MET B 62 4.29 1.86 8.72
CA MET B 62 4.11 3.01 7.85
C MET B 62 2.73 3.63 8.04
N LEU B 63 1.75 2.76 8.24
CA LEU B 63 0.38 3.20 8.44
C LEU B 63 0.27 3.92 9.78
N LYS B 64 1.29 3.72 10.61
CA LYS B 64 1.32 4.35 11.92
C LYS B 64 2.27 5.54 11.89
N ASN B 65 3.27 5.45 11.02
CA ASN B 65 4.24 6.51 10.88
C ASN B 65 4.97 6.70 12.22
N GLY B 66 4.31 7.38 13.13
CA GLY B 66 4.89 7.63 14.45
C GLY B 66 4.56 6.49 15.41
N LYS B 67 5.52 6.21 16.29
CA LYS B 67 5.35 5.15 17.27
C LYS B 67 4.51 5.67 18.44
N SER B 68 4.45 4.85 19.49
CA SER B 68 3.68 5.22 20.67
C SER B 68 4.35 6.40 21.38
N ASN B 69 5.58 6.15 21.82
CA ASN B 69 6.33 7.18 22.52
C ASN B 69 5.55 7.62 23.76
N THR A 1 6.35 25.79 0.87
CA THR A 1 6.13 24.37 1.05
C THR A 1 4.82 24.12 1.82
N GLU A 2 3.71 24.42 1.16
CA GLU A 2 2.41 24.24 1.76
C GLU A 2 1.63 23.13 1.03
N LEU A 3 1.90 21.90 1.44
CA LEU A 3 1.24 20.75 0.83
C LEU A 3 0.18 20.23 1.79
N ARG A 4 -0.66 19.33 1.27
CA ARG A 4 -1.72 18.74 2.07
C ARG A 4 -1.79 17.23 1.81
N CYS A 5 -3.02 16.73 1.84
CA CYS A 5 -3.24 15.30 1.62
C CYS A 5 -3.64 15.11 0.16
N GLN A 6 -3.57 13.86 -0.28
CA GLN A 6 -3.92 13.52 -1.64
C GLN A 6 -5.38 13.08 -1.73
N CYS A 7 -6.00 12.99 -0.57
CA CYS A 7 -7.40 12.59 -0.50
C CYS A 7 -8.07 13.39 0.61
N LEU A 8 -9.21 13.98 0.26
CA LEU A 8 -9.97 14.79 1.21
C LEU A 8 -11.08 13.93 1.81
N GLN A 9 -11.36 12.81 1.16
CA GLN A 9 -12.40 11.90 1.62
C GLN A 9 -11.87 10.47 1.65
N THR A 10 -12.65 9.60 2.28
CA THR A 10 -12.27 8.21 2.39
C THR A 10 -13.52 7.33 2.55
N LEU A 11 -13.32 6.03 2.36
CA LEU A 11 -14.42 5.08 2.47
C LEU A 11 -14.42 4.47 3.87
N GLN A 12 -15.36 3.57 4.09
CA GLN A 12 -15.48 2.91 5.38
C GLN A 12 -15.10 1.43 5.26
N GLY A 13 -15.03 0.97 4.02
CA GLY A 13 -14.68 -0.41 3.75
C GLY A 13 -15.53 -0.98 2.61
N ILE A 14 -14.93 -1.03 1.43
CA ILE A 14 -15.62 -1.54 0.26
C ILE A 14 -15.18 -2.99 0.01
N HIS A 15 -15.96 -3.68 -0.80
CA HIS A 15 -15.66 -5.06 -1.13
C HIS A 15 -14.22 -5.17 -1.66
N LEU A 16 -13.52 -6.18 -1.18
CA LEU A 16 -12.14 -6.39 -1.60
C LEU A 16 -12.13 -7.19 -2.91
N LYS A 17 -13.32 -7.33 -3.48
CA LYS A 17 -13.47 -8.05 -4.74
C LYS A 17 -13.15 -7.12 -5.91
N ASN A 18 -13.14 -5.83 -5.60
CA ASN A 18 -12.86 -4.82 -6.61
C ASN A 18 -11.42 -4.33 -6.45
N ILE A 19 -11.05 -4.12 -5.19
CA ILE A 19 -9.70 -3.65 -4.89
C ILE A 19 -8.67 -4.58 -5.54
N GLN A 20 -7.73 -3.97 -6.23
CA GLN A 20 -6.69 -4.74 -6.90
C GLN A 20 -5.33 -4.45 -6.27
N SER A 21 -5.22 -3.27 -5.67
CA SER A 21 -3.99 -2.86 -5.02
C SER A 21 -4.29 -1.92 -3.85
N VAL A 22 -3.30 -1.73 -3.01
CA VAL A 22 -3.44 -0.86 -1.85
C VAL A 22 -2.27 0.11 -1.80
N LYS A 23 -2.59 1.37 -1.56
CA LYS A 23 -1.57 2.41 -1.48
C LYS A 23 -1.74 3.19 -0.17
N VAL A 24 -0.69 3.14 0.65
CA VAL A 24 -0.71 3.84 1.92
C VAL A 24 0.27 5.01 1.87
N LYS A 25 -0.27 6.21 1.94
CA LYS A 25 0.54 7.41 1.91
C LYS A 25 0.54 8.06 3.30
N SER A 26 1.40 7.54 4.16
CA SER A 26 1.52 8.05 5.51
C SER A 26 1.59 9.58 5.49
N PRO A 27 1.54 10.17 6.71
CA PRO A 27 1.60 11.61 6.83
C PRO A 27 3.02 12.13 6.61
N GLY A 28 3.13 13.43 6.42
CA GLY A 28 4.42 14.06 6.19
C GLY A 28 4.50 15.41 6.91
N PRO A 29 5.48 16.24 6.44
CA PRO A 29 5.68 17.56 7.02
C PRO A 29 4.58 18.52 6.56
N HIS A 30 3.67 18.00 5.77
CA HIS A 30 2.56 18.80 5.27
C HIS A 30 1.24 18.29 5.84
N CYS A 31 1.03 17.00 5.68
CA CYS A 31 -0.19 16.37 6.17
C CYS A 31 0.19 15.44 7.34
N ALA A 32 -0.42 15.71 8.49
CA ALA A 32 -0.15 14.91 9.67
C ALA A 32 -1.22 13.83 9.79
N GLN A 33 -1.82 13.50 8.66
CA GLN A 33 -2.86 12.48 8.63
C GLN A 33 -2.55 11.43 7.56
N THR A 34 -3.13 10.25 7.75
CA THR A 34 -2.92 9.16 6.82
C THR A 34 -3.82 9.34 5.59
N GLU A 35 -3.49 8.58 4.55
CA GLU A 35 -4.26 8.63 3.31
C GLU A 35 -4.15 7.31 2.56
N VAL A 36 -4.99 6.37 2.96
CA VAL A 36 -5.01 5.05 2.34
C VAL A 36 -5.78 5.13 1.03
N ILE A 37 -5.12 4.68 -0.04
CA ILE A 37 -5.73 4.69 -1.35
C ILE A 37 -5.58 3.31 -2.00
N ALA A 38 -6.72 2.67 -2.21
CA ALA A 38 -6.74 1.35 -2.81
C ALA A 38 -7.11 1.47 -4.29
N THR A 39 -6.35 0.75 -5.11
CA THR A 39 -6.60 0.77 -6.55
C THR A 39 -7.65 -0.28 -6.92
N LEU A 40 -8.53 0.12 -7.83
CA LEU A 40 -9.59 -0.76 -8.28
C LEU A 40 -9.07 -1.63 -9.44
N LYS A 41 -9.64 -2.83 -9.52
CA LYS A 41 -9.24 -3.76 -10.57
C LYS A 41 -9.81 -3.29 -11.91
N ASN A 42 -10.61 -2.23 -11.84
CA ASN A 42 -11.23 -1.68 -13.03
C ASN A 42 -10.40 -0.47 -13.52
N GLY A 43 -9.45 -0.08 -12.68
CA GLY A 43 -8.60 1.05 -13.00
C GLY A 43 -8.92 2.25 -12.11
N GLN A 44 -10.02 2.14 -11.39
CA GLN A 44 -10.45 3.20 -10.49
C GLN A 44 -9.70 3.10 -9.15
N LYS A 45 -10.11 3.94 -8.22
CA LYS A 45 -9.48 3.95 -6.91
C LYS A 45 -10.53 4.32 -5.86
N ALA A 46 -10.39 3.72 -4.69
CA ALA A 46 -11.32 3.97 -3.60
C ALA A 46 -10.53 4.28 -2.33
N CYS A 47 -10.60 5.55 -1.92
CA CYS A 47 -9.90 5.99 -0.72
C CYS A 47 -10.56 5.33 0.49
N LEU A 48 -9.71 4.85 1.40
CA LEU A 48 -10.19 4.19 2.59
C LEU A 48 -9.87 5.06 3.81
N ASN A 49 -10.51 4.72 4.92
CA ASN A 49 -10.30 5.47 6.16
C ASN A 49 -9.34 4.70 7.06
N PRO A 50 -8.20 5.37 7.40
CA PRO A 50 -7.20 4.75 8.26
C PRO A 50 -7.67 4.72 9.72
N ALA A 51 -8.86 5.23 9.92
CA ALA A 51 -9.44 5.27 11.27
C ALA A 51 -10.54 4.22 11.37
N SER A 52 -10.59 3.35 10.37
CA SER A 52 -11.59 2.29 10.35
C SER A 52 -10.92 0.94 10.60
N PRO A 53 -11.69 0.05 11.28
CA PRO A 53 -11.18 -1.28 11.59
C PRO A 53 -11.19 -2.17 10.34
N MET A 54 -12.27 -2.10 9.60
CA MET A 54 -12.41 -2.89 8.38
C MET A 54 -11.34 -2.51 7.36
N VAL A 55 -10.88 -1.27 7.46
CA VAL A 55 -9.86 -0.77 6.56
C VAL A 55 -8.52 -1.43 6.89
N LYS A 56 -8.51 -2.15 8.01
CA LYS A 56 -7.31 -2.84 8.45
C LYS A 56 -7.45 -4.33 8.19
N LYS A 57 -8.56 -4.69 7.56
CA LYS A 57 -8.84 -6.08 7.26
C LYS A 57 -8.96 -6.24 5.75
N ILE A 58 -9.12 -5.12 5.06
CA ILE A 58 -9.26 -5.12 3.62
C ILE A 58 -7.88 -4.93 2.99
N ILE A 59 -6.94 -4.46 3.81
CA ILE A 59 -5.59 -4.23 3.34
C ILE A 59 -4.73 -5.48 3.63
N GLU A 60 -4.72 -5.85 4.90
CA GLU A 60 -3.95 -7.01 5.32
C GLU A 60 -4.33 -8.24 4.48
N LYS A 61 -5.61 -8.30 4.13
CA LYS A 61 -6.11 -9.40 3.33
C LYS A 61 -5.59 -9.27 1.90
N MET A 62 -5.48 -8.03 1.46
CA MET A 62 -4.99 -7.75 0.12
C MET A 62 -3.60 -8.37 -0.11
N LEU A 63 -2.77 -8.26 0.92
CA LEU A 63 -1.43 -8.81 0.85
C LEU A 63 -1.50 -10.33 0.77
N LYS A 64 -2.68 -10.86 1.10
CA LYS A 64 -2.89 -12.30 1.06
C LYS A 64 -3.68 -12.66 -0.19
N ASN A 65 -4.54 -11.74 -0.61
CA ASN A 65 -5.35 -11.95 -1.79
C ASN A 65 -6.24 -13.18 -1.58
N GLY A 66 -5.64 -14.35 -1.73
CA GLY A 66 -6.36 -15.60 -1.57
C GLY A 66 -6.03 -16.59 -2.69
N LYS A 67 -7.05 -16.89 -3.47
CA LYS A 67 -6.89 -17.81 -4.58
C LYS A 67 -7.87 -17.45 -5.69
N SER A 68 -9.15 -17.68 -5.42
CA SER A 68 -10.18 -17.37 -6.38
C SER A 68 -10.16 -15.89 -6.74
N ASN A 69 -10.46 -15.06 -5.75
CA ASN A 69 -10.47 -13.62 -5.95
C ASN A 69 -11.62 -13.24 -6.87
N THR B 1 -5.33 -10.00 -22.75
CA THR B 1 -4.14 -9.31 -22.32
C THR B 1 -3.20 -10.26 -21.58
N GLU B 2 -1.95 -10.29 -22.03
CA GLU B 2 -0.96 -11.16 -21.42
C GLU B 2 0.15 -10.32 -20.77
N LEU B 3 -0.12 -9.89 -19.54
CA LEU B 3 0.83 -9.09 -18.80
C LEU B 3 1.47 -9.93 -17.70
N ARG B 4 2.40 -9.33 -16.98
CA ARG B 4 3.09 -10.01 -15.91
C ARG B 4 3.10 -9.14 -14.65
N CYS B 5 4.21 -9.23 -13.92
CA CYS B 5 4.36 -8.45 -12.70
C CYS B 5 4.90 -7.07 -13.06
N GLN B 6 4.84 -6.17 -12.10
CA GLN B 6 5.32 -4.81 -12.31
C GLN B 6 6.72 -4.65 -11.73
N CYS B 7 7.21 -5.72 -11.11
CA CYS B 7 8.53 -5.70 -10.51
C CYS B 7 9.17 -7.07 -10.74
N LEU B 8 10.46 -7.05 -11.06
CA LEU B 8 11.20 -8.27 -11.30
C LEU B 8 12.16 -8.51 -10.14
N GLN B 9 12.36 -7.48 -9.34
CA GLN B 9 13.24 -7.56 -8.20
C GLN B 9 12.57 -6.99 -6.95
N THR B 10 13.17 -7.27 -5.81
CA THR B 10 12.64 -6.80 -4.54
C THR B 10 13.77 -6.63 -3.52
N LEU B 11 13.45 -5.92 -2.45
CA LEU B 11 14.42 -5.68 -1.39
C LEU B 11 14.01 -6.46 -0.15
N GLN B 12 14.93 -6.51 0.81
CA GLN B 12 14.67 -7.21 2.06
C GLN B 12 13.93 -6.31 3.04
N GLY B 13 13.93 -5.03 2.73
CA GLY B 13 13.25 -4.05 3.56
C GLY B 13 14.14 -2.83 3.81
N ILE B 14 13.81 -1.75 3.11
CA ILE B 14 14.57 -0.52 3.24
C ILE B 14 14.10 0.23 4.50
N HIS B 15 14.99 1.09 4.99
CA HIS B 15 14.68 1.87 6.17
C HIS B 15 13.34 2.59 6.00
N LEU B 16 12.66 2.79 7.11
CA LEU B 16 11.37 3.46 7.08
C LEU B 16 11.58 4.97 7.19
N LYS B 17 12.84 5.37 7.04
CA LYS B 17 13.19 6.78 7.12
C LYS B 17 13.15 7.38 5.71
N ASN B 18 13.20 6.51 4.72
CA ASN B 18 13.16 6.94 3.33
C ASN B 18 11.76 6.71 2.76
N ILE B 19 11.27 5.50 2.97
CA ILE B 19 9.94 5.14 2.49
C ILE B 19 8.95 6.23 2.89
N GLN B 20 8.15 6.66 1.91
CA GLN B 20 7.16 7.69 2.15
C GLN B 20 5.75 7.11 2.04
N SER B 21 5.66 6.02 1.28
CA SER B 21 4.37 5.36 1.08
C SER B 21 4.59 3.89 0.74
N VAL B 22 3.52 3.12 0.84
CA VAL B 22 3.58 1.70 0.55
C VAL B 22 2.51 1.35 -0.49
N LYS B 23 2.94 0.65 -1.53
CA LYS B 23 2.02 0.25 -2.59
C LYS B 23 2.03 -1.27 -2.71
N VAL B 24 0.85 -1.85 -2.51
CA VAL B 24 0.71 -3.30 -2.59
C VAL B 24 -0.09 -3.65 -3.86
N LYS B 25 0.55 -4.42 -4.72
CA LYS B 25 -0.08 -4.83 -5.97
C LYS B 25 -0.18 -6.36 -6.00
N SER B 26 -1.16 -6.88 -5.27
CA SER B 26 -1.38 -8.31 -5.20
C SER B 26 -1.32 -8.91 -6.61
N PRO B 27 -1.35 -10.27 -6.65
CA PRO B 27 -1.29 -10.98 -7.92
C PRO B 27 -2.64 -10.90 -8.65
N GLY B 28 -2.62 -11.35 -9.90
CA GLY B 28 -3.82 -11.33 -10.71
C GLY B 28 -3.90 -12.56 -11.61
N PRO B 29 -4.70 -12.43 -12.70
CA PRO B 29 -4.86 -13.52 -13.65
C PRO B 29 -3.61 -13.67 -14.53
N HIS B 30 -2.64 -12.82 -14.27
CA HIS B 30 -1.39 -12.85 -15.03
C HIS B 30 -0.25 -13.27 -14.11
N CYS B 31 -0.09 -12.51 -13.04
CA CYS B 31 0.98 -12.79 -12.08
C CYS B 31 0.35 -13.42 -10.84
N ALA B 32 0.82 -14.61 -10.50
CA ALA B 32 0.31 -15.32 -9.35
C ALA B 32 1.23 -15.07 -8.15
N GLN B 33 1.94 -13.94 -8.21
CA GLN B 33 2.85 -13.58 -7.15
C GLN B 33 2.61 -12.13 -6.72
N THR B 34 3.06 -11.81 -5.51
CA THR B 34 2.91 -10.48 -4.98
C THR B 34 4.07 -9.57 -5.44
N GLU B 35 3.90 -8.29 -5.18
CA GLU B 35 4.91 -7.32 -5.56
C GLU B 35 4.68 -5.99 -4.83
N VAL B 36 5.23 -5.92 -3.62
CA VAL B 36 5.10 -4.73 -2.81
C VAL B 36 6.01 -3.63 -3.36
N ILE B 37 5.46 -2.42 -3.42
CA ILE B 37 6.22 -1.28 -3.93
C ILE B 37 6.12 -0.13 -2.94
N ALA B 38 7.23 0.13 -2.27
CA ALA B 38 7.29 1.21 -1.28
C ALA B 38 7.80 2.48 -1.95
N THR B 39 7.04 3.56 -1.77
CA THR B 39 7.43 4.83 -2.35
C THR B 39 8.50 5.52 -1.51
N LEU B 40 9.44 6.16 -2.19
CA LEU B 40 10.52 6.85 -1.52
C LEU B 40 10.13 8.30 -1.27
N LYS B 41 10.67 8.85 -0.21
CA LYS B 41 10.39 10.23 0.15
C LYS B 41 11.11 11.17 -0.82
N ASN B 42 11.90 10.56 -1.70
CA ASN B 42 12.65 11.33 -2.68
C ASN B 42 11.90 11.30 -4.01
N GLY B 43 10.88 10.47 -4.06
CA GLY B 43 10.07 10.34 -5.27
C GLY B 43 10.33 8.99 -5.96
N GLN B 44 11.35 8.30 -5.47
CA GLN B 44 11.70 7.01 -6.02
C GLN B 44 10.85 5.91 -5.39
N LYS B 45 11.16 4.67 -5.75
CA LYS B 45 10.43 3.53 -5.24
C LYS B 45 11.40 2.37 -5.01
N ALA B 46 11.14 1.60 -3.97
CA ALA B 46 11.96 0.46 -3.64
C ALA B 46 11.08 -0.77 -3.42
N CYS B 47 11.17 -1.70 -4.36
CA CYS B 47 10.39 -2.91 -4.28
C CYS B 47 10.86 -3.71 -3.07
N LEU B 48 9.90 -4.25 -2.34
CA LEU B 48 10.19 -5.03 -1.15
C LEU B 48 9.86 -6.50 -1.42
N ASN B 49 10.38 -7.36 -0.55
CA ASN B 49 10.14 -8.79 -0.67
C ASN B 49 8.97 -9.20 0.22
N PRO B 50 7.91 -9.73 -0.43
CA PRO B 50 6.72 -10.16 0.29
C PRO B 50 6.98 -11.47 1.03
N ALA B 51 8.19 -11.97 0.89
CA ALA B 51 8.58 -13.22 1.52
C ALA B 51 9.52 -12.92 2.70
N SER B 52 9.57 -11.64 3.05
CA SER B 52 10.42 -11.20 4.15
C SER B 52 9.56 -10.77 5.34
N PRO B 53 10.07 -11.06 6.56
CA PRO B 53 9.36 -10.70 7.78
C PRO B 53 9.47 -9.20 8.06
N MET B 54 10.66 -8.69 7.81
CA MET B 54 10.93 -7.27 8.04
C MET B 54 10.05 -6.40 7.12
N VAL B 55 9.67 -6.98 5.99
CA VAL B 55 8.84 -6.28 5.03
C VAL B 55 7.44 -6.08 5.63
N LYS B 56 7.15 -6.85 6.66
CA LYS B 56 5.86 -6.78 7.32
C LYS B 56 5.99 -5.87 8.55
N LYS B 57 7.17 -5.30 8.72
CA LYS B 57 7.43 -4.42 9.84
C LYS B 57 7.73 -3.02 9.32
N ILE B 58 8.03 -2.94 8.03
CA ILE B 58 8.33 -1.67 7.40
C ILE B 58 7.07 -1.09 6.77
N ILE B 59 6.08 -1.97 6.62
CA ILE B 59 4.81 -1.55 6.03
C ILE B 59 3.83 -1.20 7.15
N GLU B 60 3.66 -2.13 8.07
CA GLU B 60 2.75 -1.93 9.19
C GLU B 60 3.13 -0.66 9.95
N LYS B 61 4.44 -0.40 9.99
CA LYS B 61 4.94 0.77 10.69
C LYS B 61 4.70 2.01 9.83
N MET B 62 4.72 1.79 8.52
CA MET B 62 4.50 2.89 7.58
C MET B 62 3.12 3.51 7.78
N LEU B 63 2.15 2.67 8.11
CA LEU B 63 0.79 3.13 8.33
C LEU B 63 0.74 3.94 9.63
N LYS B 64 1.79 3.79 10.42
CA LYS B 64 1.88 4.49 11.69
C LYS B 64 2.84 5.67 11.55
N ASN B 65 3.84 5.48 10.71
CA ASN B 65 4.84 6.51 10.48
C ASN B 65 5.55 6.82 11.80
N GLY B 66 4.89 7.61 12.63
CA GLY B 66 5.45 7.98 13.92
C GLY B 66 4.38 8.55 14.84
N LYS B 67 4.83 9.21 15.89
CA LYS B 67 3.92 9.81 16.86
C LYS B 67 3.63 11.25 16.44
N SER B 68 4.69 12.01 16.25
CA SER B 68 4.56 13.40 15.85
C SER B 68 5.94 14.04 15.69
N ASN B 69 6.58 13.71 14.58
CA ASN B 69 7.91 14.23 14.29
C ASN B 69 8.40 13.66 12.95
N THR A 1 5.81 25.90 1.83
CA THR A 1 5.57 24.49 2.10
C THR A 1 4.17 24.27 2.65
N GLU A 2 3.19 24.53 1.80
CA GLU A 2 1.80 24.38 2.19
C GLU A 2 1.16 23.20 1.42
N LEU A 3 1.51 22.00 1.86
CA LEU A 3 0.98 20.80 1.22
C LEU A 3 -0.01 20.13 2.17
N ARG A 4 -0.81 19.23 1.60
CA ARG A 4 -1.81 18.52 2.38
C ARG A 4 -1.79 17.03 2.02
N CYS A 5 -2.97 16.44 2.01
CA CYS A 5 -3.11 15.03 1.68
C CYS A 5 -3.52 14.91 0.22
N GLN A 6 -3.33 13.72 -0.34
CA GLN A 6 -3.68 13.47 -1.71
C GLN A 6 -5.14 13.02 -1.83
N CYS A 7 -5.78 12.93 -0.67
CA CYS A 7 -7.17 12.52 -0.62
C CYS A 7 -7.89 13.38 0.43
N LEU A 8 -9.06 13.88 0.05
CA LEU A 8 -9.85 14.71 0.93
C LEU A 8 -10.98 13.88 1.53
N GLN A 9 -11.24 12.74 0.90
CA GLN A 9 -12.29 11.86 1.36
C GLN A 9 -11.77 10.42 1.46
N THR A 10 -12.58 9.57 2.07
CA THR A 10 -12.21 8.17 2.22
C THR A 10 -13.47 7.30 2.35
N LEU A 11 -13.27 6.00 2.18
CA LEU A 11 -14.37 5.06 2.27
C LEU A 11 -14.43 4.49 3.69
N GLN A 12 -15.44 3.66 3.91
CA GLN A 12 -15.62 3.04 5.22
C GLN A 12 -15.37 1.54 5.13
N GLY A 13 -15.30 1.04 3.90
CA GLY A 13 -15.07 -0.37 3.66
C GLY A 13 -15.71 -0.83 2.35
N ILE A 14 -14.88 -0.91 1.32
CA ILE A 14 -15.34 -1.32 0.01
C ILE A 14 -15.02 -2.80 -0.20
N HIS A 15 -15.78 -3.42 -1.09
CA HIS A 15 -15.59 -4.83 -1.39
C HIS A 15 -14.14 -5.07 -1.85
N LEU A 16 -13.58 -6.17 -1.39
CA LEU A 16 -12.22 -6.53 -1.74
C LEU A 16 -12.22 -7.31 -3.05
N LYS A 17 -13.37 -7.29 -3.71
CA LYS A 17 -13.51 -7.99 -4.98
C LYS A 17 -13.17 -7.04 -6.13
N ASN A 18 -13.24 -5.75 -5.83
CA ASN A 18 -12.94 -4.73 -6.82
C ASN A 18 -11.49 -4.27 -6.64
N ILE A 19 -11.11 -4.08 -5.39
CA ILE A 19 -9.76 -3.64 -5.07
C ILE A 19 -8.75 -4.60 -5.71
N GLN A 20 -7.79 -4.01 -6.42
CA GLN A 20 -6.77 -4.81 -7.08
C GLN A 20 -5.40 -4.54 -6.44
N SER A 21 -5.31 -3.39 -5.78
CA SER A 21 -4.06 -3.01 -5.13
C SER A 21 -4.36 -2.07 -3.96
N VAL A 22 -3.36 -1.93 -3.09
CA VAL A 22 -3.50 -1.07 -1.93
C VAL A 22 -2.33 -0.09 -1.88
N LYS A 23 -2.65 1.17 -1.65
CA LYS A 23 -1.64 2.21 -1.57
C LYS A 23 -1.74 2.92 -0.22
N VAL A 24 -0.62 2.92 0.50
CA VAL A 24 -0.58 3.56 1.80
C VAL A 24 0.41 4.73 1.75
N LYS A 25 -0.11 5.92 2.02
CA LYS A 25 0.71 7.11 2.01
C LYS A 25 0.67 7.77 3.40
N SER A 26 1.61 7.34 4.24
CA SER A 26 1.68 7.86 5.59
C SER A 26 1.74 9.39 5.56
N PRO A 27 1.65 10.00 6.76
CA PRO A 27 1.69 11.45 6.87
C PRO A 27 3.11 11.97 6.70
N GLY A 28 3.19 13.27 6.41
CA GLY A 28 4.49 13.90 6.21
C GLY A 28 4.57 15.23 6.96
N PRO A 29 5.52 16.10 6.50
CA PRO A 29 5.70 17.40 7.11
C PRO A 29 4.58 18.36 6.71
N HIS A 30 3.66 17.84 5.92
CA HIS A 30 2.54 18.64 5.44
C HIS A 30 1.24 18.07 6.00
N CYS A 31 1.03 16.79 5.74
CA CYS A 31 -0.18 16.11 6.21
C CYS A 31 0.21 15.24 7.41
N ALA A 32 -0.47 15.49 8.53
CA ALA A 32 -0.21 14.73 9.74
C ALA A 32 -1.26 13.63 9.88
N GLN A 33 -1.82 13.24 8.73
CA GLN A 33 -2.82 12.19 8.71
C GLN A 33 -2.48 11.15 7.65
N THR A 34 -3.06 9.96 7.83
CA THR A 34 -2.81 8.87 6.89
C THR A 34 -3.70 9.01 5.66
N GLU A 35 -3.27 8.38 4.58
CA GLU A 35 -4.01 8.43 3.33
C GLU A 35 -3.90 7.09 2.59
N VAL A 36 -4.90 6.25 2.80
CA VAL A 36 -4.92 4.95 2.15
C VAL A 36 -5.64 5.06 0.81
N ILE A 37 -4.96 4.61 -0.23
CA ILE A 37 -5.51 4.64 -1.57
C ILE A 37 -5.42 3.26 -2.21
N ALA A 38 -6.58 2.64 -2.35
CA ALA A 38 -6.64 1.30 -2.94
C ALA A 38 -7.00 1.42 -4.42
N THR A 39 -6.29 0.65 -5.23
CA THR A 39 -6.53 0.65 -6.66
C THR A 39 -7.65 -0.33 -7.02
N LEU A 40 -8.46 0.08 -7.99
CA LEU A 40 -9.57 -0.75 -8.45
C LEU A 40 -9.09 -1.65 -9.59
N LYS A 41 -9.72 -2.81 -9.69
CA LYS A 41 -9.38 -3.76 -10.73
C LYS A 41 -9.92 -3.26 -12.07
N ASN A 42 -10.64 -2.15 -12.00
CA ASN A 42 -11.22 -1.56 -13.20
C ASN A 42 -10.34 -0.40 -13.66
N GLY A 43 -9.38 -0.05 -12.82
CA GLY A 43 -8.47 1.04 -13.13
C GLY A 43 -8.75 2.26 -12.25
N GLN A 44 -9.85 2.17 -11.50
CA GLN A 44 -10.23 3.25 -10.62
C GLN A 44 -9.50 3.12 -9.28
N LYS A 45 -9.89 3.98 -8.34
CA LYS A 45 -9.29 3.98 -7.03
C LYS A 45 -10.35 4.35 -5.99
N ALA A 46 -10.23 3.72 -4.81
CA ALA A 46 -11.17 3.98 -3.74
C ALA A 46 -10.39 4.26 -2.45
N CYS A 47 -10.46 5.50 -2.01
CA CYS A 47 -9.77 5.91 -0.80
C CYS A 47 -10.46 5.25 0.40
N LEU A 48 -9.66 4.77 1.33
CA LEU A 48 -10.18 4.13 2.51
C LEU A 48 -9.86 4.99 3.74
N ASN A 49 -10.55 4.68 4.83
CA ASN A 49 -10.35 5.40 6.07
C ASN A 49 -9.43 4.60 7.00
N PRO A 50 -8.27 5.23 7.33
CA PRO A 50 -7.30 4.60 8.20
C PRO A 50 -7.76 4.62 9.66
N ALA A 51 -8.91 5.24 9.87
CA ALA A 51 -9.48 5.34 11.20
C ALA A 51 -10.58 4.29 11.36
N SER A 52 -10.76 3.50 10.32
CA SER A 52 -11.77 2.46 10.32
C SER A 52 -11.12 1.10 10.57
N PRO A 53 -11.85 0.22 11.30
CA PRO A 53 -11.35 -1.10 11.61
C PRO A 53 -11.43 -2.02 10.39
N MET A 54 -12.56 -1.97 9.72
CA MET A 54 -12.77 -2.79 8.53
C MET A 54 -11.72 -2.47 7.46
N VAL A 55 -11.23 -1.23 7.52
CA VAL A 55 -10.24 -0.80 6.55
C VAL A 55 -8.91 -1.51 6.85
N LYS A 56 -8.85 -2.14 8.01
CA LYS A 56 -7.66 -2.86 8.40
C LYS A 56 -7.84 -4.35 8.11
N LYS A 57 -8.97 -4.67 7.49
CA LYS A 57 -9.28 -6.05 7.15
C LYS A 57 -9.36 -6.19 5.63
N ILE A 58 -9.48 -5.04 4.97
CA ILE A 58 -9.57 -5.02 3.52
C ILE A 58 -8.17 -4.81 2.93
N ILE A 59 -7.27 -4.37 3.78
CA ILE A 59 -5.90 -4.14 3.36
C ILE A 59 -5.05 -5.38 3.64
N GLU A 60 -5.10 -5.82 4.89
CA GLU A 60 -4.35 -6.99 5.30
C GLU A 60 -4.71 -8.19 4.41
N LYS A 61 -5.98 -8.24 4.02
CA LYS A 61 -6.45 -9.32 3.17
C LYS A 61 -5.89 -9.14 1.77
N MET A 62 -5.76 -7.88 1.36
CA MET A 62 -5.24 -7.57 0.05
C MET A 62 -3.83 -8.12 -0.13
N LEU A 63 -3.06 -8.04 0.95
CA LEU A 63 -1.69 -8.52 0.93
C LEU A 63 -1.69 -10.06 0.82
N LYS A 64 -2.86 -10.63 1.08
CA LYS A 64 -3.01 -12.07 1.02
C LYS A 64 -3.73 -12.44 -0.28
N ASN A 65 -4.64 -11.57 -0.69
CA ASN A 65 -5.40 -11.79 -1.91
C ASN A 65 -6.22 -13.07 -1.76
N GLY A 66 -5.56 -14.20 -1.93
CA GLY A 66 -6.22 -15.48 -1.82
C GLY A 66 -6.27 -16.20 -3.17
N LYS A 67 -7.48 -16.48 -3.61
CA LYS A 67 -7.68 -17.15 -4.89
C LYS A 67 -8.87 -16.53 -5.62
N SER A 68 -10.03 -16.64 -5.00
CA SER A 68 -11.25 -16.09 -5.57
C SER A 68 -12.42 -16.30 -4.61
N ASN A 69 -12.59 -17.55 -4.20
CA ASN A 69 -13.66 -17.89 -3.28
C ASN A 69 -15.01 -17.52 -3.91
N THR B 1 -4.44 -10.47 -19.42
CA THR B 1 -4.18 -11.43 -20.48
C THR B 1 -2.70 -11.81 -20.50
N GLU B 2 -1.91 -10.95 -21.13
CA GLU B 2 -0.48 -11.17 -21.22
C GLU B 2 0.28 -10.15 -20.37
N LEU B 3 -0.07 -10.13 -19.08
CA LEU B 3 0.56 -9.21 -18.15
C LEU B 3 1.49 -10.01 -17.22
N ARG B 4 2.29 -9.27 -16.47
CA ARG B 4 3.22 -9.88 -15.53
C ARG B 4 3.17 -9.16 -14.19
N CYS B 5 4.34 -9.08 -13.56
CA CYS B 5 4.45 -8.43 -12.26
C CYS B 5 4.98 -7.00 -12.50
N GLN B 6 4.45 -6.08 -11.71
CA GLN B 6 4.86 -4.69 -11.82
C GLN B 6 6.15 -4.46 -11.03
N CYS B 7 6.69 -5.55 -10.51
CA CYS B 7 7.92 -5.48 -9.73
C CYS B 7 8.96 -6.40 -10.38
N LEU B 8 10.01 -5.78 -10.89
CA LEU B 8 11.08 -6.53 -11.53
C LEU B 8 12.12 -6.92 -10.48
N GLN B 9 12.18 -6.13 -9.43
CA GLN B 9 13.14 -6.37 -8.36
C GLN B 9 12.46 -6.21 -6.99
N THR B 10 13.23 -6.48 -5.95
CA THR B 10 12.71 -6.36 -4.59
C THR B 10 13.86 -6.17 -3.60
N LEU B 11 13.50 -5.64 -2.44
CA LEU B 11 14.49 -5.39 -1.39
C LEU B 11 14.07 -6.13 -0.13
N GLN B 12 15.08 -6.47 0.67
CA GLN B 12 14.84 -7.18 1.92
C GLN B 12 14.15 -6.26 2.92
N GLY B 13 14.19 -4.97 2.62
CA GLY B 13 13.56 -3.98 3.50
C GLY B 13 14.59 -2.93 3.94
N ILE B 14 14.48 -1.76 3.34
CA ILE B 14 15.38 -0.66 3.66
C ILE B 14 14.74 0.22 4.75
N HIS B 15 15.58 1.03 5.36
CA HIS B 15 15.10 1.93 6.41
C HIS B 15 13.95 2.79 5.87
N LEU B 16 12.85 2.76 6.59
CA LEU B 16 11.67 3.52 6.21
C LEU B 16 12.06 5.00 6.05
N LYS B 17 13.19 5.35 6.66
CA LYS B 17 13.67 6.71 6.59
C LYS B 17 13.63 7.21 5.15
N ASN B 18 13.64 6.26 4.23
CA ASN B 18 13.60 6.58 2.82
C ASN B 18 12.18 6.38 2.30
N ILE B 19 11.60 5.25 2.64
CA ILE B 19 10.25 4.93 2.22
C ILE B 19 9.29 6.00 2.74
N GLN B 20 8.48 6.52 1.84
CA GLN B 20 7.52 7.55 2.20
C GLN B 20 6.09 7.02 2.02
N SER B 21 5.98 5.96 1.26
CA SER B 21 4.69 5.34 1.00
C SER B 21 4.86 3.88 0.61
N VAL B 22 3.82 3.11 0.85
CA VAL B 22 3.84 1.69 0.53
C VAL B 22 2.63 1.34 -0.33
N LYS B 23 2.87 0.55 -1.36
CA LYS B 23 1.80 0.13 -2.26
C LYS B 23 1.87 -1.38 -2.46
N VAL B 24 0.75 -2.04 -2.18
CA VAL B 24 0.67 -3.47 -2.34
C VAL B 24 -0.13 -3.81 -3.59
N LYS B 25 0.49 -4.58 -4.47
CA LYS B 25 -0.15 -4.98 -5.72
C LYS B 25 -0.30 -6.51 -5.74
N SER B 26 -1.36 -6.97 -5.10
CA SER B 26 -1.63 -8.39 -5.04
C SER B 26 -1.54 -9.00 -6.44
N PRO B 27 -1.57 -10.36 -6.48
CA PRO B 27 -1.50 -11.07 -7.74
C PRO B 27 -2.82 -10.98 -8.50
N GLY B 28 -2.76 -11.35 -9.77
CA GLY B 28 -3.94 -11.32 -10.62
C GLY B 28 -3.98 -12.52 -11.56
N PRO B 29 -4.77 -12.38 -12.66
CA PRO B 29 -4.91 -13.44 -13.63
C PRO B 29 -3.66 -13.54 -14.51
N HIS B 30 -2.69 -12.69 -14.21
CA HIS B 30 -1.45 -12.68 -14.96
C HIS B 30 -0.29 -13.11 -14.05
N CYS B 31 -0.16 -12.40 -12.94
CA CYS B 31 0.90 -12.71 -11.98
C CYS B 31 0.25 -13.33 -10.74
N ALA B 32 0.72 -14.52 -10.40
CA ALA B 32 0.21 -15.22 -9.24
C ALA B 32 1.12 -14.97 -8.04
N GLN B 33 1.82 -13.85 -8.10
CA GLN B 33 2.74 -13.49 -7.03
C GLN B 33 2.43 -12.06 -6.55
N THR B 34 2.93 -11.76 -5.36
CA THR B 34 2.72 -10.44 -4.77
C THR B 34 3.71 -9.43 -5.37
N GLU B 35 3.38 -8.17 -5.18
CA GLU B 35 4.22 -7.09 -5.69
C GLU B 35 4.12 -5.86 -4.78
N VAL B 36 5.05 -5.81 -3.84
CA VAL B 36 5.09 -4.68 -2.90
C VAL B 36 5.97 -3.58 -3.47
N ILE B 37 5.35 -2.43 -3.69
CA ILE B 37 6.06 -1.28 -4.23
C ILE B 37 5.97 -0.12 -3.24
N ALA B 38 7.11 0.23 -2.68
CA ALA B 38 7.18 1.31 -1.71
C ALA B 38 7.73 2.56 -2.40
N THR B 39 7.11 3.69 -2.10
CA THR B 39 7.53 4.96 -2.67
C THR B 39 8.62 5.60 -1.82
N LEU B 40 9.60 6.19 -2.49
CA LEU B 40 10.69 6.84 -1.81
C LEU B 40 10.33 8.30 -1.53
N LYS B 41 10.88 8.83 -0.45
CA LYS B 41 10.62 10.20 -0.08
C LYS B 41 11.38 11.15 -1.03
N ASN B 42 12.17 10.53 -1.90
CA ASN B 42 12.96 11.29 -2.86
C ASN B 42 12.23 11.31 -4.21
N GLY B 43 11.17 10.51 -4.28
CA GLY B 43 10.38 10.42 -5.49
C GLY B 43 10.60 9.08 -6.20
N GLN B 44 11.58 8.34 -5.69
CA GLN B 44 11.91 7.04 -6.26
C GLN B 44 10.99 5.96 -5.67
N LYS B 45 11.30 4.72 -6.02
CA LYS B 45 10.52 3.60 -5.54
C LYS B 45 11.44 2.40 -5.31
N ALA B 46 11.11 1.64 -4.28
CA ALA B 46 11.91 0.47 -3.93
C ALA B 46 10.97 -0.73 -3.68
N CYS B 47 11.07 -1.70 -4.57
CA CYS B 47 10.24 -2.89 -4.47
C CYS B 47 10.70 -3.69 -3.24
N LEU B 48 9.72 -4.19 -2.50
CA LEU B 48 10.01 -4.96 -1.31
C LEU B 48 9.74 -6.45 -1.58
N ASN B 49 10.30 -7.28 -0.72
CA ASN B 49 10.12 -8.71 -0.86
C ASN B 49 8.91 -9.17 -0.03
N PRO B 50 7.85 -9.61 -0.76
CA PRO B 50 6.63 -10.06 -0.11
C PRO B 50 6.83 -11.46 0.51
N ALA B 51 7.93 -11.60 1.23
CA ALA B 51 8.25 -12.86 1.86
C ALA B 51 9.38 -12.65 2.87
N SER B 52 9.40 -11.47 3.46
CA SER B 52 10.42 -11.13 4.43
C SER B 52 9.77 -10.73 5.75
N PRO B 53 10.49 -11.03 6.87
CA PRO B 53 9.99 -10.71 8.20
C PRO B 53 10.11 -9.22 8.48
N MET B 54 10.96 -8.57 7.70
CA MET B 54 11.18 -7.14 7.87
C MET B 54 10.21 -6.34 6.99
N VAL B 55 9.77 -6.97 5.91
CA VAL B 55 8.84 -6.33 5.00
C VAL B 55 7.47 -6.19 5.68
N LYS B 56 7.31 -6.95 6.75
CA LYS B 56 6.05 -6.92 7.50
C LYS B 56 6.18 -5.94 8.67
N LYS B 57 7.33 -5.29 8.73
CA LYS B 57 7.59 -4.33 9.79
C LYS B 57 7.80 -2.95 9.18
N ILE B 58 8.04 -2.94 7.88
CA ILE B 58 8.25 -1.68 7.16
C ILE B 58 6.91 -1.16 6.65
N ILE B 59 5.93 -2.05 6.64
CA ILE B 59 4.60 -1.69 6.18
C ILE B 59 3.74 -1.29 7.38
N GLU B 60 3.63 -2.21 8.32
CA GLU B 60 2.85 -1.96 9.53
C GLU B 60 3.33 -0.68 10.22
N LYS B 61 4.62 -0.43 10.10
CA LYS B 61 5.21 0.76 10.71
C LYS B 61 4.91 1.97 9.84
N MET B 62 4.71 1.71 8.56
CA MET B 62 4.43 2.77 7.61
C MET B 62 3.03 3.35 7.85
N LEU B 63 2.11 2.47 8.20
CA LEU B 63 0.74 2.88 8.47
C LEU B 63 0.69 3.64 9.79
N LYS B 64 1.76 3.50 10.57
CA LYS B 64 1.85 4.16 11.85
C LYS B 64 2.78 5.37 11.73
N ASN B 65 3.76 5.23 10.86
CA ASN B 65 4.72 6.31 10.64
C ASN B 65 5.47 6.57 11.94
N GLY B 66 4.82 7.30 12.83
CA GLY B 66 5.42 7.64 14.11
C GLY B 66 5.01 6.63 15.18
N LYS B 67 5.29 6.99 16.43
CA LYS B 67 4.96 6.13 17.55
C LYS B 67 4.26 6.96 18.63
N SER B 68 4.94 8.01 19.06
CA SER B 68 4.39 8.89 20.08
C SER B 68 3.72 8.06 21.18
N ASN B 69 4.54 7.61 22.12
CA ASN B 69 4.04 6.82 23.23
C ASN B 69 3.40 5.54 22.67
N THR A 1 5.63 26.28 -0.15
CA THR A 1 5.21 24.90 -0.35
C THR A 1 3.91 24.63 0.39
N GLU A 2 2.81 24.66 -0.36
CA GLU A 2 1.51 24.42 0.21
C GLU A 2 0.89 23.13 -0.37
N LEU A 3 1.29 22.02 0.22
CA LEU A 3 0.80 20.72 -0.22
C LEU A 3 -0.20 20.19 0.81
N ARG A 4 -1.00 19.22 0.37
CA ARG A 4 -1.99 18.61 1.23
C ARG A 4 -1.98 17.09 1.07
N CYS A 5 -3.17 16.51 1.16
CA CYS A 5 -3.31 15.07 1.03
C CYS A 5 -3.74 14.76 -0.40
N GLN A 6 -3.54 13.51 -0.80
CA GLN A 6 -3.90 13.07 -2.13
C GLN A 6 -5.36 12.60 -2.15
N CYS A 7 -5.97 12.62 -0.98
CA CYS A 7 -7.36 12.20 -0.85
C CYS A 7 -8.02 13.07 0.22
N LEU A 8 -9.21 13.54 -0.11
CA LEU A 8 -9.97 14.37 0.82
C LEU A 8 -11.02 13.52 1.53
N GLN A 9 -11.27 12.35 0.96
CA GLN A 9 -12.26 11.44 1.53
C GLN A 9 -11.70 10.02 1.56
N THR A 10 -12.44 9.14 2.24
CA THR A 10 -12.03 7.75 2.35
C THR A 10 -13.24 6.86 2.59
N LEU A 11 -13.03 5.57 2.41
CA LEU A 11 -14.10 4.60 2.60
C LEU A 11 -13.95 3.96 3.99
N GLN A 12 -14.92 3.11 4.32
CA GLN A 12 -14.90 2.43 5.60
C GLN A 12 -14.39 0.99 5.43
N GLY A 13 -14.30 0.57 4.19
CA GLY A 13 -13.82 -0.76 3.87
C GLY A 13 -14.83 -1.52 3.01
N ILE A 14 -14.57 -1.51 1.71
CA ILE A 14 -15.44 -2.18 0.76
C ILE A 14 -14.89 -3.57 0.46
N HIS A 15 -15.74 -4.42 -0.08
CA HIS A 15 -15.34 -5.78 -0.42
C HIS A 15 -14.04 -5.75 -1.22
N LEU A 16 -13.15 -6.68 -0.89
CA LEU A 16 -11.87 -6.76 -1.56
C LEU A 16 -12.07 -7.36 -2.96
N LYS A 17 -13.32 -7.71 -3.24
CA LYS A 17 -13.66 -8.29 -4.52
C LYS A 17 -13.61 -7.19 -5.60
N ASN A 18 -13.43 -5.97 -5.14
CA ASN A 18 -13.36 -4.83 -6.04
C ASN A 18 -11.94 -4.26 -6.03
N ILE A 19 -11.30 -4.37 -4.87
CA ILE A 19 -9.95 -3.88 -4.71
C ILE A 19 -8.97 -4.84 -5.39
N GLN A 20 -8.10 -4.27 -6.21
CA GLN A 20 -7.11 -5.07 -6.92
C GLN A 20 -5.70 -4.70 -6.46
N SER A 21 -5.59 -3.49 -5.92
CA SER A 21 -4.30 -3.01 -5.44
C SER A 21 -4.51 -2.09 -4.24
N VAL A 22 -3.44 -1.91 -3.48
CA VAL A 22 -3.50 -1.05 -2.31
C VAL A 22 -2.27 -0.15 -2.28
N LYS A 23 -2.49 1.09 -1.85
CA LYS A 23 -1.40 2.06 -1.77
C LYS A 23 -1.61 2.95 -0.55
N VAL A 24 -0.59 3.00 0.29
CA VAL A 24 -0.64 3.81 1.49
C VAL A 24 0.39 4.93 1.39
N LYS A 25 -0.10 6.15 1.62
CA LYS A 25 0.76 7.31 1.55
C LYS A 25 0.71 8.05 2.90
N SER A 26 1.62 7.69 3.78
CA SER A 26 1.68 8.30 5.10
C SER A 26 1.69 9.83 4.95
N PRO A 27 1.63 10.51 6.13
CA PRO A 27 1.62 11.96 6.15
C PRO A 27 3.02 12.53 5.84
N GLY A 28 3.10 13.85 5.81
CA GLY A 28 4.35 14.52 5.53
C GLY A 28 4.39 15.91 6.16
N PRO A 29 5.32 16.76 5.64
CA PRO A 29 5.46 18.11 6.15
C PRO A 29 4.34 19.00 5.63
N HIS A 30 3.44 18.39 4.87
CA HIS A 30 2.31 19.11 4.31
C HIS A 30 1.01 18.59 4.92
N CYS A 31 0.90 17.26 4.95
CA CYS A 31 -0.28 16.62 5.49
C CYS A 31 0.13 15.80 6.72
N ALA A 32 -0.53 16.08 7.83
CA ALA A 32 -0.23 15.37 9.07
C ALA A 32 -1.24 14.24 9.26
N GLN A 33 -1.80 13.80 8.14
CA GLN A 33 -2.78 12.72 8.18
C GLN A 33 -2.40 11.62 7.17
N THR A 34 -2.95 10.45 7.40
CA THR A 34 -2.68 9.32 6.53
C THR A 34 -3.69 9.28 5.38
N GLU A 35 -3.34 8.51 4.35
CA GLU A 35 -4.20 8.39 3.18
C GLU A 35 -3.92 7.06 2.47
N VAL A 36 -4.94 6.21 2.47
CA VAL A 36 -4.82 4.91 1.83
C VAL A 36 -5.62 4.92 0.52
N ILE A 37 -4.92 4.61 -0.56
CA ILE A 37 -5.55 4.58 -1.87
C ILE A 37 -5.41 3.18 -2.46
N ALA A 38 -6.55 2.58 -2.77
CA ALA A 38 -6.58 1.25 -3.34
C ALA A 38 -7.10 1.32 -4.78
N THR A 39 -6.48 0.52 -5.64
CA THR A 39 -6.86 0.49 -7.04
C THR A 39 -7.94 -0.58 -7.27
N LEU A 40 -8.99 -0.17 -7.97
CA LEU A 40 -10.08 -1.09 -8.26
C LEU A 40 -9.68 -2.02 -9.40
N LYS A 41 -10.21 -3.23 -9.36
CA LYS A 41 -9.92 -4.22 -10.37
C LYS A 41 -10.65 -3.86 -11.66
N ASN A 42 -11.42 -2.78 -11.59
CA ASN A 42 -12.18 -2.32 -12.74
C ASN A 42 -11.45 -1.15 -13.40
N GLY A 43 -10.41 -0.68 -12.70
CA GLY A 43 -9.62 0.43 -13.20
C GLY A 43 -9.87 1.69 -12.38
N GLN A 44 -10.81 1.58 -11.44
CA GLN A 44 -11.14 2.70 -10.58
C GLN A 44 -10.26 2.69 -9.33
N LYS A 45 -10.61 3.56 -8.40
CA LYS A 45 -9.86 3.67 -7.16
C LYS A 45 -10.82 3.99 -6.01
N ALA A 46 -10.52 3.45 -4.85
CA ALA A 46 -11.35 3.67 -3.68
C ALA A 46 -10.44 3.95 -2.47
N CYS A 47 -10.54 5.17 -1.97
CA CYS A 47 -9.75 5.58 -0.83
C CYS A 47 -10.33 4.91 0.42
N LEU A 48 -9.42 4.44 1.28
CA LEU A 48 -9.84 3.78 2.51
C LEU A 48 -9.41 4.64 3.70
N ASN A 49 -10.07 4.40 4.82
CA ASN A 49 -9.78 5.13 6.04
C ASN A 49 -8.75 4.35 6.87
N PRO A 50 -7.60 5.04 7.13
CA PRO A 50 -6.53 4.42 7.90
C PRO A 50 -6.89 4.38 9.39
N ALA A 51 -8.08 4.88 9.70
CA ALA A 51 -8.55 4.91 11.07
C ALA A 51 -9.67 3.88 11.25
N SER A 52 -9.81 3.03 10.23
CA SER A 52 -10.84 2.00 10.26
C SER A 52 -10.21 0.65 10.59
N PRO A 53 -10.95 -0.15 11.40
CA PRO A 53 -10.47 -1.47 11.79
C PRO A 53 -10.61 -2.46 10.64
N MET A 54 -11.61 -2.22 9.81
CA MET A 54 -11.87 -3.08 8.66
C MET A 54 -10.86 -2.81 7.54
N VAL A 55 -10.34 -1.60 7.54
CA VAL A 55 -9.37 -1.20 6.53
C VAL A 55 -8.05 -1.93 6.78
N LYS A 56 -7.94 -2.51 7.97
CA LYS A 56 -6.75 -3.24 8.34
C LYS A 56 -6.95 -4.73 8.07
N LYS A 57 -8.11 -5.03 7.51
CA LYS A 57 -8.44 -6.41 7.19
C LYS A 57 -8.56 -6.57 5.67
N ILE A 58 -8.67 -5.44 4.99
CA ILE A 58 -8.79 -5.44 3.55
C ILE A 58 -7.40 -5.23 2.92
N ILE A 59 -6.48 -4.78 3.76
CA ILE A 59 -5.12 -4.53 3.30
C ILE A 59 -4.25 -5.75 3.64
N GLU A 60 -4.31 -6.15 4.90
CA GLU A 60 -3.54 -7.29 5.35
C GLU A 60 -3.89 -8.53 4.54
N LYS A 61 -5.18 -8.63 4.20
CA LYS A 61 -5.66 -9.75 3.42
C LYS A 61 -5.30 -9.54 1.95
N MET A 62 -5.11 -8.29 1.59
CA MET A 62 -4.76 -7.94 0.22
C MET A 62 -3.37 -8.45 -0.14
N LEU A 63 -2.50 -8.47 0.85
CA LEU A 63 -1.14 -8.94 0.65
C LEU A 63 -1.15 -10.46 0.49
N LYS A 64 -2.27 -11.05 0.87
CA LYS A 64 -2.41 -12.50 0.78
C LYS A 64 -3.33 -12.84 -0.39
N ASN A 65 -4.29 -11.95 -0.63
CA ASN A 65 -5.24 -12.14 -1.71
C ASN A 65 -6.03 -13.43 -1.47
N GLY A 66 -5.39 -14.54 -1.80
CA GLY A 66 -6.01 -15.85 -1.63
C GLY A 66 -5.77 -16.74 -2.85
N LYS A 67 -6.83 -16.94 -3.61
CA LYS A 67 -6.75 -17.77 -4.80
C LYS A 67 -6.57 -16.87 -6.03
N SER A 68 -7.62 -16.11 -6.32
CA SER A 68 -7.60 -15.22 -7.46
C SER A 68 -8.90 -14.41 -7.51
N ASN A 69 -10.00 -15.12 -7.67
CA ASN A 69 -11.30 -14.49 -7.74
C ASN A 69 -11.48 -13.55 -6.54
N THR B 1 -6.12 -7.11 -21.77
CA THR B 1 -4.73 -6.69 -21.73
C THR B 1 -3.85 -7.79 -21.12
N GLU B 2 -2.63 -7.87 -21.62
CA GLU B 2 -1.70 -8.88 -21.14
C GLU B 2 -0.52 -8.21 -20.42
N LEU B 3 -0.72 -7.96 -19.13
CA LEU B 3 0.31 -7.33 -18.33
C LEU B 3 0.97 -8.38 -17.43
N ARG B 4 1.99 -7.94 -16.70
CA ARG B 4 2.70 -8.83 -15.81
C ARG B 4 2.94 -8.15 -14.46
N CYS B 5 4.11 -8.40 -13.90
CA CYS B 5 4.48 -7.82 -12.61
C CYS B 5 5.12 -6.45 -12.87
N GLN B 6 4.92 -5.56 -11.92
CA GLN B 6 5.47 -4.23 -12.02
C GLN B 6 6.85 -4.15 -11.36
N CYS B 7 7.25 -5.29 -10.79
CA CYS B 7 8.53 -5.37 -10.12
C CYS B 7 9.12 -6.77 -10.36
N LEU B 8 10.38 -6.79 -10.74
CA LEU B 8 11.06 -8.05 -11.02
C LEU B 8 11.97 -8.39 -9.82
N GLN B 9 12.22 -7.39 -9.01
CA GLN B 9 13.06 -7.58 -7.84
C GLN B 9 12.36 -7.04 -6.58
N THR B 10 12.99 -7.29 -5.44
CA THR B 10 12.43 -6.84 -4.17
C THR B 10 13.53 -6.78 -3.11
N LEU B 11 13.22 -6.10 -2.02
CA LEU B 11 14.16 -5.95 -0.92
C LEU B 11 13.80 -6.95 0.18
N GLN B 12 14.62 -6.94 1.23
CA GLN B 12 14.41 -7.83 2.35
C GLN B 12 14.00 -7.03 3.59
N GLY B 13 14.17 -5.72 3.50
CA GLY B 13 13.82 -4.84 4.60
C GLY B 13 14.65 -3.56 4.56
N ILE B 14 14.04 -2.52 4.02
CA ILE B 14 14.70 -1.22 3.92
C ILE B 14 14.34 -0.36 5.12
N HIS B 15 15.20 0.60 5.40
CA HIS B 15 14.97 1.50 6.53
C HIS B 15 13.61 2.20 6.36
N LEU B 16 12.92 2.34 7.47
CA LEU B 16 11.61 2.98 7.46
C LEU B 16 11.79 4.50 7.63
N LYS B 17 13.04 4.93 7.50
CA LYS B 17 13.35 6.34 7.63
C LYS B 17 13.39 6.98 6.24
N ASN B 18 13.53 6.13 5.23
CA ASN B 18 13.57 6.61 3.86
C ASN B 18 12.19 6.45 3.23
N ILE B 19 11.60 5.29 3.46
CA ILE B 19 10.28 5.00 2.92
C ILE B 19 9.32 6.13 3.30
N GLN B 20 8.63 6.64 2.29
CA GLN B 20 7.68 7.72 2.51
C GLN B 20 6.26 7.24 2.22
N SER B 21 6.17 6.21 1.38
CA SER B 21 4.89 5.65 1.02
C SER B 21 5.02 4.14 0.77
N VAL B 22 3.88 3.46 0.83
CA VAL B 22 3.87 2.03 0.61
C VAL B 22 2.81 1.69 -0.43
N LYS B 23 3.20 0.85 -1.38
CA LYS B 23 2.30 0.44 -2.44
C LYS B 23 2.24 -1.09 -2.49
N VAL B 24 1.02 -1.61 -2.37
CA VAL B 24 0.82 -3.04 -2.41
C VAL B 24 -0.02 -3.41 -3.63
N LYS B 25 0.61 -4.15 -4.54
CA LYS B 25 -0.06 -4.58 -5.75
C LYS B 25 -0.27 -6.09 -5.72
N SER B 26 -1.40 -6.49 -5.15
CA SER B 26 -1.72 -7.90 -5.04
C SER B 26 -1.64 -8.56 -6.42
N PRO B 27 -1.68 -9.92 -6.42
CA PRO B 27 -1.62 -10.68 -7.66
C PRO B 27 -2.94 -10.60 -8.42
N GLY B 28 -2.86 -10.86 -9.71
CA GLY B 28 -4.04 -10.82 -10.56
C GLY B 28 -4.00 -11.95 -11.60
N PRO B 29 -4.81 -11.76 -12.67
CA PRO B 29 -4.88 -12.75 -13.74
C PRO B 29 -3.63 -12.68 -14.62
N HIS B 30 -2.71 -11.80 -14.24
CA HIS B 30 -1.48 -11.64 -14.98
C HIS B 30 -0.30 -12.12 -14.14
N CYS B 31 -0.30 -11.71 -12.88
CA CYS B 31 0.77 -12.10 -11.97
C CYS B 31 0.11 -12.68 -10.71
N ALA B 32 0.50 -13.92 -10.42
CA ALA B 32 -0.04 -14.61 -9.25
C ALA B 32 0.92 -14.40 -8.07
N GLN B 33 1.69 -13.33 -8.14
CA GLN B 33 2.63 -13.01 -7.09
C GLN B 33 2.43 -11.57 -6.62
N THR B 34 2.72 -11.36 -5.34
CA THR B 34 2.57 -10.04 -4.75
C THR B 34 3.64 -9.09 -5.29
N GLU B 35 3.38 -7.80 -5.15
CA GLU B 35 4.30 -6.78 -5.61
C GLU B 35 4.24 -5.56 -4.71
N VAL B 36 5.10 -5.54 -3.71
CA VAL B 36 5.15 -4.43 -2.78
C VAL B 36 6.11 -3.36 -3.30
N ILE B 37 5.60 -2.15 -3.40
CA ILE B 37 6.40 -1.04 -3.89
C ILE B 37 6.27 0.14 -2.92
N ALA B 38 7.36 0.41 -2.22
CA ALA B 38 7.38 1.51 -1.27
C ALA B 38 8.09 2.71 -1.89
N THR B 39 7.46 3.86 -1.74
CA THR B 39 8.02 5.10 -2.28
C THR B 39 9.04 5.69 -1.31
N LEU B 40 10.15 6.14 -1.88
CA LEU B 40 11.21 6.73 -1.08
C LEU B 40 10.90 8.21 -0.84
N LYS B 41 11.37 8.70 0.30
CA LYS B 41 11.14 10.09 0.66
C LYS B 41 12.04 10.99 -0.18
N ASN B 42 12.87 10.35 -0.99
CA ASN B 42 13.79 11.07 -1.84
C ASN B 42 13.20 11.17 -3.25
N GLY B 43 12.14 10.41 -3.46
CA GLY B 43 11.46 10.40 -4.75
C GLY B 43 11.65 9.05 -5.45
N GLN B 44 12.52 8.24 -4.87
CA GLN B 44 12.80 6.92 -5.43
C GLN B 44 11.78 5.90 -4.92
N LYS B 45 12.04 4.64 -5.25
CA LYS B 45 11.17 3.56 -4.84
C LYS B 45 12.00 2.32 -4.53
N ALA B 46 11.54 1.58 -3.53
CA ALA B 46 12.24 0.38 -3.12
C ALA B 46 11.22 -0.76 -2.95
N CYS B 47 11.31 -1.74 -3.84
CA CYS B 47 10.40 -2.87 -3.80
C CYS B 47 10.78 -3.75 -2.60
N LEU B 48 9.76 -4.22 -1.90
CA LEU B 48 9.97 -5.06 -0.74
C LEU B 48 9.52 -6.49 -1.05
N ASN B 49 10.04 -7.42 -0.28
CA ASN B 49 9.69 -8.83 -0.47
C ASN B 49 8.44 -9.15 0.34
N PRO B 50 7.37 -9.56 -0.40
CA PRO B 50 6.10 -9.89 0.24
C PRO B 50 6.19 -11.25 0.94
N ALA B 51 7.34 -11.88 0.80
CA ALA B 51 7.56 -13.18 1.41
C ALA B 51 8.50 -13.03 2.61
N SER B 52 8.56 -11.81 3.12
CA SER B 52 9.41 -11.51 4.26
C SER B 52 8.56 -10.97 5.42
N PRO B 53 8.96 -11.38 6.65
CA PRO B 53 8.25 -10.94 7.85
C PRO B 53 8.57 -9.48 8.18
N MET B 54 9.82 -9.12 7.97
CA MET B 54 10.27 -7.77 8.24
C MET B 54 9.55 -6.77 7.33
N VAL B 55 9.12 -7.26 6.18
CA VAL B 55 8.43 -6.42 5.22
C VAL B 55 7.02 -6.12 5.73
N LYS B 56 6.62 -6.90 6.73
CA LYS B 56 5.30 -6.72 7.33
C LYS B 56 5.41 -5.82 8.56
N LYS B 57 6.62 -5.33 8.78
CA LYS B 57 6.87 -4.46 9.92
C LYS B 57 7.27 -3.07 9.42
N ILE B 58 7.63 -3.03 8.14
CA ILE B 58 8.02 -1.77 7.52
C ILE B 58 6.82 -1.13 6.84
N ILE B 59 5.79 -1.94 6.64
CA ILE B 59 4.57 -1.47 6.00
C ILE B 59 3.57 -1.05 7.08
N GLU B 60 3.30 -1.99 7.98
CA GLU B 60 2.36 -1.73 9.07
C GLU B 60 2.78 -0.47 9.85
N LYS B 61 4.08 -0.28 9.95
CA LYS B 61 4.61 0.86 10.66
C LYS B 61 4.41 2.12 9.81
N MET B 62 4.49 1.93 8.51
CA MET B 62 4.32 3.04 7.58
C MET B 62 2.91 3.62 7.67
N LEU B 63 1.95 2.73 7.87
CA LEU B 63 0.56 3.14 7.99
C LEU B 63 0.36 3.87 9.31
N LYS B 64 1.33 3.70 10.20
CA LYS B 64 1.27 4.33 11.51
C LYS B 64 2.19 5.55 11.53
N ASN B 65 3.23 5.48 10.70
CA ASN B 65 4.19 6.55 10.61
C ASN B 65 4.88 6.74 11.97
N GLY B 66 4.16 7.40 12.86
CA GLY B 66 4.68 7.64 14.20
C GLY B 66 3.65 8.35 15.08
N LYS B 67 3.44 7.80 16.26
CA LYS B 67 2.48 8.37 17.19
C LYS B 67 3.09 9.61 17.86
N SER B 68 2.36 10.14 18.83
CA SER B 68 2.82 11.31 19.56
C SER B 68 3.89 10.90 20.58
N ASN B 69 3.52 10.00 21.46
CA ASN B 69 4.44 9.52 22.48
C ASN B 69 5.19 10.71 23.08
N THR A 1 7.54 23.59 -2.77
CA THR A 1 7.46 22.26 -2.20
C THR A 1 6.44 22.22 -1.06
N GLU A 2 5.26 22.76 -1.34
CA GLU A 2 4.20 22.79 -0.36
C GLU A 2 3.02 21.92 -0.81
N LEU A 3 3.11 20.63 -0.48
CA LEU A 3 2.06 19.70 -0.85
C LEU A 3 1.22 19.38 0.39
N ARG A 4 0.19 18.58 0.17
CA ARG A 4 -0.70 18.19 1.25
C ARG A 4 -1.00 16.69 1.17
N CYS A 5 -2.24 16.35 1.50
CA CYS A 5 -2.67 14.96 1.47
C CYS A 5 -3.01 14.60 0.03
N GLN A 6 -3.15 13.30 -0.21
CA GLN A 6 -3.47 12.80 -1.53
C GLN A 6 -4.94 12.38 -1.60
N CYS A 7 -5.60 12.46 -0.44
CA CYS A 7 -6.99 12.09 -0.35
C CYS A 7 -7.67 13.01 0.67
N LEU A 8 -8.85 13.47 0.32
CA LEU A 8 -9.61 14.35 1.20
C LEU A 8 -10.79 13.59 1.80
N GLN A 9 -11.07 12.44 1.20
CA GLN A 9 -12.16 11.61 1.67
C GLN A 9 -11.71 10.15 1.76
N THR A 10 -12.60 9.32 2.30
CA THR A 10 -12.30 7.91 2.46
C THR A 10 -13.61 7.09 2.53
N LEU A 11 -13.46 5.79 2.37
CA LEU A 11 -14.61 4.90 2.43
C LEU A 11 -14.58 4.12 3.74
N GLN A 12 -15.57 3.24 3.90
CA GLN A 12 -15.68 2.43 5.10
C GLN A 12 -14.87 1.14 4.92
N GLY A 13 -14.51 0.87 3.68
CA GLY A 13 -13.74 -0.33 3.38
C GLY A 13 -14.10 -0.86 1.98
N ILE A 14 -15.37 -0.70 1.64
CA ILE A 14 -15.85 -1.16 0.34
C ILE A 14 -15.54 -2.64 0.18
N HIS A 15 -16.20 -3.26 -0.79
CA HIS A 15 -16.00 -4.68 -1.05
C HIS A 15 -14.56 -4.92 -1.51
N LEU A 16 -13.98 -5.99 -1.01
CA LEU A 16 -12.62 -6.35 -1.36
C LEU A 16 -12.62 -7.15 -2.66
N LYS A 17 -13.79 -7.21 -3.27
CA LYS A 17 -13.95 -7.93 -4.53
C LYS A 17 -13.60 -7.02 -5.70
N ASN A 18 -13.62 -5.72 -5.41
CA ASN A 18 -13.31 -4.73 -6.43
C ASN A 18 -11.85 -4.27 -6.26
N ILE A 19 -11.48 -4.04 -5.02
CA ILE A 19 -10.12 -3.60 -4.72
C ILE A 19 -9.13 -4.55 -5.38
N GLN A 20 -8.20 -3.95 -6.12
CA GLN A 20 -7.19 -4.74 -6.80
C GLN A 20 -5.81 -4.45 -6.22
N SER A 21 -5.70 -3.29 -5.58
CA SER A 21 -4.45 -2.88 -4.98
C SER A 21 -4.71 -1.95 -3.79
N VAL A 22 -3.71 -1.83 -2.94
CA VAL A 22 -3.82 -0.97 -1.76
C VAL A 22 -2.61 -0.05 -1.70
N LYS A 23 -2.86 1.19 -1.28
CA LYS A 23 -1.82 2.18 -1.16
C LYS A 23 -2.00 2.97 0.14
N VAL A 24 -0.93 2.98 0.94
CA VAL A 24 -0.96 3.69 2.21
C VAL A 24 0.02 4.85 2.15
N LYS A 25 -0.53 6.05 2.11
CA LYS A 25 0.29 7.26 2.07
C LYS A 25 0.35 7.88 3.47
N SER A 26 1.32 7.44 4.23
CA SER A 26 1.50 7.94 5.59
C SER A 26 1.69 9.47 5.56
N PRO A 27 1.64 10.07 6.76
CA PRO A 27 1.80 11.51 6.89
C PRO A 27 3.25 11.92 6.72
N GLY A 28 3.45 13.17 6.33
CA GLY A 28 4.78 13.69 6.13
C GLY A 28 4.92 15.11 6.70
N PRO A 29 5.93 15.85 6.18
CA PRO A 29 6.18 17.21 6.62
C PRO A 29 5.14 18.17 6.05
N HIS A 30 4.22 17.61 5.28
CA HIS A 30 3.17 18.40 4.67
C HIS A 30 1.81 18.05 5.31
N CYS A 31 1.51 16.76 5.30
CA CYS A 31 0.27 16.28 5.87
C CYS A 31 0.60 15.38 7.07
N ALA A 32 0.00 15.71 8.20
CA ALA A 32 0.21 14.95 9.42
C ALA A 32 -0.92 13.94 9.59
N GLN A 33 -1.55 13.60 8.48
CA GLN A 33 -2.65 12.66 8.49
C GLN A 33 -2.40 11.54 7.47
N THR A 34 -3.00 10.39 7.74
CA THR A 34 -2.85 9.24 6.86
C THR A 34 -3.90 9.30 5.73
N GLU A 35 -3.66 8.48 4.71
CA GLU A 35 -4.56 8.44 3.58
C GLU A 35 -4.38 7.12 2.81
N VAL A 36 -5.34 6.24 2.99
CA VAL A 36 -5.30 4.94 2.32
C VAL A 36 -5.96 5.06 0.95
N ILE A 37 -5.21 4.66 -0.08
CA ILE A 37 -5.72 4.71 -1.44
C ILE A 37 -5.57 3.33 -2.09
N ALA A 38 -6.72 2.71 -2.33
CA ALA A 38 -6.73 1.39 -2.94
C ALA A 38 -7.16 1.52 -4.40
N THR A 39 -6.50 0.75 -5.25
CA THR A 39 -6.78 0.76 -6.67
C THR A 39 -7.88 -0.25 -7.00
N LEU A 40 -8.87 0.21 -7.74
CA LEU A 40 -9.98 -0.64 -8.13
C LEU A 40 -9.53 -1.56 -9.28
N LYS A 41 -10.15 -2.74 -9.33
CA LYS A 41 -9.82 -3.70 -10.36
C LYS A 41 -10.45 -3.25 -11.68
N ASN A 42 -11.21 -2.17 -11.60
CA ASN A 42 -11.86 -1.63 -12.78
C ASN A 42 -11.02 -0.49 -13.36
N GLY A 43 -10.02 -0.09 -12.59
CA GLY A 43 -9.13 0.98 -13.00
C GLY A 43 -9.38 2.25 -12.18
N GLN A 44 -10.35 2.15 -11.29
CA GLN A 44 -10.70 3.27 -10.43
C GLN A 44 -9.92 3.20 -9.12
N LYS A 45 -10.27 4.08 -8.20
CA LYS A 45 -9.61 4.13 -6.91
C LYS A 45 -10.65 4.43 -5.82
N ALA A 46 -10.43 3.82 -4.66
CA ALA A 46 -11.34 4.02 -3.54
C ALA A 46 -10.52 4.17 -2.26
N CYS A 47 -10.58 5.36 -1.69
CA CYS A 47 -9.86 5.66 -0.46
C CYS A 47 -10.59 4.98 0.70
N LEU A 48 -9.80 4.46 1.62
CA LEU A 48 -10.36 3.79 2.79
C LEU A 48 -10.07 4.62 4.04
N ASN A 49 -10.86 4.36 5.07
CA ASN A 49 -10.69 5.07 6.33
C ASN A 49 -9.72 4.30 7.22
N PRO A 50 -8.57 4.96 7.54
CA PRO A 50 -7.57 4.35 8.38
C PRO A 50 -8.01 4.34 9.85
N ALA A 51 -9.19 4.88 10.08
CA ALA A 51 -9.74 4.94 11.42
C ALA A 51 -10.86 3.90 11.57
N SER A 52 -10.83 2.92 10.67
CA SER A 52 -11.83 1.87 10.69
C SER A 52 -11.16 0.52 10.91
N PRO A 53 -11.85 -0.35 11.70
CA PRO A 53 -11.33 -1.67 11.99
C PRO A 53 -11.49 -2.60 10.79
N MET A 54 -12.45 -2.28 9.95
CA MET A 54 -12.72 -3.07 8.76
C MET A 54 -11.71 -2.75 7.66
N VAL A 55 -11.08 -1.60 7.79
CA VAL A 55 -10.09 -1.17 6.82
C VAL A 55 -8.76 -1.88 7.10
N LYS A 56 -8.70 -2.51 8.26
CA LYS A 56 -7.50 -3.24 8.65
C LYS A 56 -7.67 -4.72 8.33
N LYS A 57 -8.80 -5.03 7.71
CA LYS A 57 -9.10 -6.41 7.34
C LYS A 57 -9.23 -6.50 5.81
N ILE A 58 -9.37 -5.34 5.19
CA ILE A 58 -9.51 -5.28 3.74
C ILE A 58 -8.13 -5.12 3.12
N ILE A 59 -7.17 -4.73 3.95
CA ILE A 59 -5.81 -4.54 3.48
C ILE A 59 -5.01 -5.82 3.72
N GLU A 60 -4.98 -6.24 4.97
CA GLU A 60 -4.26 -7.45 5.33
C GLU A 60 -4.68 -8.62 4.44
N LYS A 61 -5.96 -8.62 4.10
CA LYS A 61 -6.51 -9.67 3.25
C LYS A 61 -6.01 -9.48 1.83
N MET A 62 -5.85 -8.22 1.44
CA MET A 62 -5.37 -7.89 0.11
C MET A 62 -4.00 -8.50 -0.14
N LEU A 63 -3.17 -8.46 0.90
CA LEU A 63 -1.82 -9.00 0.81
C LEU A 63 -1.90 -10.52 0.69
N LYS A 64 -3.06 -11.05 1.02
CA LYS A 64 -3.29 -12.49 0.96
C LYS A 64 -4.07 -12.82 -0.31
N ASN A 65 -4.87 -11.86 -0.74
CA ASN A 65 -5.69 -12.04 -1.93
C ASN A 65 -6.67 -13.19 -1.70
N GLY A 66 -6.14 -14.41 -1.83
CA GLY A 66 -6.96 -15.60 -1.63
C GLY A 66 -6.42 -16.76 -2.47
N LYS A 67 -7.33 -17.44 -3.14
CA LYS A 67 -6.96 -18.58 -3.97
C LYS A 67 -6.09 -18.10 -5.13
N SER A 68 -6.69 -17.26 -5.97
CA SER A 68 -5.98 -16.72 -7.12
C SER A 68 -6.84 -15.66 -7.81
N ASN A 69 -8.01 -16.08 -8.25
CA ASN A 69 -8.93 -15.18 -8.93
C ASN A 69 -9.12 -13.92 -8.07
N THR B 1 -3.72 -9.88 -21.43
CA THR B 1 -3.62 -11.33 -21.29
C THR B 1 -2.19 -11.74 -20.97
N GLU B 2 -1.25 -11.06 -21.60
CA GLU B 2 0.15 -11.34 -21.40
C GLU B 2 0.81 -10.25 -20.55
N LEU B 3 0.37 -10.19 -19.29
CA LEU B 3 0.89 -9.19 -18.37
C LEU B 3 1.80 -9.89 -17.35
N ARG B 4 2.54 -9.06 -16.62
CA ARG B 4 3.46 -9.58 -15.61
C ARG B 4 3.34 -8.76 -14.33
N CYS B 5 4.48 -8.60 -13.67
CA CYS B 5 4.52 -7.84 -12.43
C CYS B 5 4.99 -6.42 -12.74
N GLN B 6 4.70 -5.51 -11.82
CA GLN B 6 5.09 -4.13 -11.99
C GLN B 6 6.52 -3.91 -11.51
N CYS B 7 7.09 -4.96 -10.95
CA CYS B 7 8.45 -4.90 -10.45
C CYS B 7 9.12 -6.25 -10.70
N LEU B 8 10.37 -6.19 -11.15
CA LEU B 8 11.13 -7.40 -11.44
C LEU B 8 12.06 -7.69 -10.26
N GLN B 9 12.22 -6.69 -9.41
CA GLN B 9 13.08 -6.84 -8.25
C GLN B 9 12.40 -6.26 -7.01
N THR B 10 13.02 -6.50 -5.86
CA THR B 10 12.48 -6.02 -4.60
C THR B 10 13.60 -5.82 -3.58
N LEU B 11 13.28 -5.12 -2.51
CA LEU B 11 14.25 -4.86 -1.46
C LEU B 11 13.97 -5.78 -0.28
N GLN B 12 15.04 -6.37 0.24
CA GLN B 12 14.93 -7.28 1.36
C GLN B 12 15.26 -6.55 2.67
N GLY B 13 14.40 -5.60 3.02
CA GLY B 13 14.59 -4.82 4.23
C GLY B 13 15.25 -3.48 3.93
N ILE B 14 14.42 -2.45 3.91
CA ILE B 14 14.91 -1.10 3.64
C ILE B 14 14.53 -0.18 4.80
N HIS B 15 15.26 0.92 4.90
CA HIS B 15 15.02 1.88 5.95
C HIS B 15 13.64 2.52 5.76
N LEU B 16 12.89 2.54 6.86
CA LEU B 16 11.55 3.11 6.82
C LEU B 16 11.62 4.61 7.15
N LYS B 17 12.83 5.15 7.03
CA LYS B 17 13.05 6.55 7.31
C LYS B 17 12.97 7.34 6.00
N ASN B 18 13.23 6.63 4.91
CA ASN B 18 13.20 7.26 3.59
C ASN B 18 11.81 7.07 2.98
N ILE B 19 11.23 5.91 3.26
CA ILE B 19 9.91 5.59 2.75
C ILE B 19 8.92 6.67 3.18
N GLN B 20 8.14 7.13 2.23
CA GLN B 20 7.14 8.15 2.50
C GLN B 20 5.73 7.61 2.30
N SER B 21 5.65 6.58 1.46
CA SER B 21 4.37 5.97 1.17
C SER B 21 4.57 4.46 0.92
N VAL B 22 3.45 3.74 0.95
CA VAL B 22 3.49 2.30 0.72
C VAL B 22 2.42 1.92 -0.30
N LYS B 23 2.80 1.07 -1.23
CA LYS B 23 1.88 0.62 -2.27
C LYS B 23 1.90 -0.91 -2.33
N VAL B 24 0.73 -1.49 -2.15
CA VAL B 24 0.59 -2.94 -2.18
C VAL B 24 -0.26 -3.34 -3.38
N LYS B 25 0.35 -4.11 -4.27
CA LYS B 25 -0.35 -4.58 -5.46
C LYS B 25 -0.32 -6.10 -5.50
N SER B 26 -1.42 -6.70 -5.07
CA SER B 26 -1.53 -8.14 -5.06
C SER B 26 -1.35 -8.69 -6.48
N PRO B 27 -1.29 -10.05 -6.56
CA PRO B 27 -1.13 -10.72 -7.85
C PRO B 27 -2.43 -10.68 -8.65
N GLY B 28 -2.38 -11.31 -9.82
CA GLY B 28 -3.54 -11.36 -10.69
C GLY B 28 -3.47 -12.55 -11.64
N PRO B 29 -4.29 -12.48 -12.72
CA PRO B 29 -4.31 -13.55 -13.71
C PRO B 29 -3.07 -13.52 -14.59
N HIS B 30 -2.20 -12.57 -14.30
CA HIS B 30 -0.97 -12.42 -15.06
C HIS B 30 0.23 -12.74 -14.17
N CYS B 31 0.23 -12.14 -12.99
CA CYS B 31 1.31 -12.35 -12.04
C CYS B 31 0.73 -13.01 -10.79
N ALA B 32 1.24 -14.19 -10.50
CA ALA B 32 0.78 -14.94 -9.34
C ALA B 32 1.67 -14.61 -8.14
N GLN B 33 2.27 -13.43 -8.19
CA GLN B 33 3.15 -12.98 -7.13
C GLN B 33 2.75 -11.57 -6.67
N THR B 34 3.08 -11.28 -5.42
CA THR B 34 2.77 -9.97 -4.85
C THR B 34 3.79 -8.94 -5.30
N GLU B 35 3.37 -7.68 -5.27
CA GLU B 35 4.24 -6.59 -5.68
C GLU B 35 4.14 -5.44 -4.68
N VAL B 36 4.96 -5.52 -3.64
CA VAL B 36 4.97 -4.49 -2.61
C VAL B 36 5.90 -3.35 -3.04
N ILE B 37 5.35 -2.15 -3.04
CA ILE B 37 6.10 -0.97 -3.43
C ILE B 37 6.02 0.07 -2.32
N ALA B 38 7.04 0.93 -2.27
CA ALA B 38 7.08 1.97 -1.26
C ALA B 38 7.68 3.25 -1.89
N THR B 39 6.94 4.34 -1.71
CA THR B 39 7.38 5.62 -2.25
C THR B 39 8.43 6.25 -1.33
N LEU B 40 9.43 6.85 -1.96
CA LEU B 40 10.51 7.50 -1.22
C LEU B 40 10.12 8.95 -0.92
N LYS B 41 10.63 9.44 0.19
CA LYS B 41 10.34 10.81 0.59
C LYS B 41 11.13 11.77 -0.30
N ASN B 42 11.95 11.19 -1.16
CA ASN B 42 12.76 11.99 -2.08
C ASN B 42 12.08 12.02 -3.45
N GLY B 43 11.04 11.21 -3.58
CA GLY B 43 10.31 11.14 -4.83
C GLY B 43 10.56 9.81 -5.55
N GLN B 44 11.54 9.08 -5.02
CA GLN B 44 11.90 7.79 -5.60
C GLN B 44 10.97 6.70 -5.07
N LYS B 45 11.30 5.46 -5.43
CA LYS B 45 10.50 4.33 -5.00
C LYS B 45 11.43 3.13 -4.75
N ALA B 46 11.07 2.35 -3.74
CA ALA B 46 11.85 1.18 -3.39
C ALA B 46 10.92 -0.04 -3.27
N CYS B 47 11.07 -0.95 -4.21
CA CYS B 47 10.25 -2.15 -4.22
C CYS B 47 10.65 -3.01 -3.03
N LEU B 48 9.64 -3.61 -2.40
CA LEU B 48 9.88 -4.46 -1.24
C LEU B 48 9.56 -5.91 -1.62
N ASN B 49 10.05 -6.81 -0.77
CA ASN B 49 9.83 -8.23 -1.00
C ASN B 49 8.70 -8.73 -0.09
N PRO B 50 7.58 -9.15 -0.75
CA PRO B 50 6.42 -9.64 -0.02
C PRO B 50 6.68 -11.05 0.52
N ALA B 51 7.88 -11.54 0.25
CA ALA B 51 8.26 -12.87 0.72
C ALA B 51 9.21 -12.74 1.90
N SER B 52 9.39 -11.50 2.34
CA SER B 52 10.27 -11.22 3.48
C SER B 52 9.43 -10.91 4.72
N PRO B 53 9.93 -11.40 5.88
CA PRO B 53 9.25 -11.18 7.15
C PRO B 53 9.45 -9.74 7.62
N MET B 54 10.59 -9.17 7.25
CA MET B 54 10.91 -7.81 7.63
C MET B 54 10.08 -6.81 6.83
N VAL B 55 9.67 -7.22 5.63
CA VAL B 55 8.89 -6.37 4.77
C VAL B 55 7.48 -6.24 5.34
N LYS B 56 7.18 -7.10 6.31
CA LYS B 56 5.87 -7.08 6.94
C LYS B 56 5.94 -6.24 8.22
N LYS B 57 7.11 -5.65 8.43
CA LYS B 57 7.32 -4.81 9.61
C LYS B 57 7.62 -3.38 9.16
N ILE B 58 7.94 -3.25 7.88
CA ILE B 58 8.25 -1.94 7.32
C ILE B 58 6.97 -1.32 6.76
N ILE B 59 5.97 -2.17 6.56
CA ILE B 59 4.70 -1.71 6.03
C ILE B 59 3.76 -1.37 7.19
N GLU B 60 3.54 -2.38 8.04
CA GLU B 60 2.66 -2.20 9.19
C GLU B 60 3.09 -0.96 9.98
N LYS B 61 4.39 -0.72 10.01
CA LYS B 61 4.92 0.42 10.73
C LYS B 61 4.61 1.70 9.95
N MET B 62 4.66 1.57 8.62
CA MET B 62 4.39 2.70 7.76
C MET B 62 2.97 3.23 7.96
N LEU B 63 2.06 2.29 8.19
CA LEU B 63 0.66 2.64 8.40
C LEU B 63 0.51 3.32 9.76
N LYS B 64 1.54 3.17 10.58
CA LYS B 64 1.53 3.77 11.90
C LYS B 64 2.41 5.03 11.89
N ASN B 65 3.41 5.00 11.03
CA ASN B 65 4.33 6.13 10.92
C ASN B 65 5.06 6.32 12.24
N GLY B 66 4.36 6.95 13.18
CA GLY B 66 4.92 7.21 14.49
C GLY B 66 4.07 6.57 15.59
N LYS B 67 4.71 6.33 16.72
CA LYS B 67 4.03 5.74 17.86
C LYS B 67 3.75 6.81 18.91
N SER B 68 4.83 7.36 19.44
CA SER B 68 4.72 8.40 20.46
C SER B 68 6.09 9.00 20.75
N ASN B 69 6.49 9.91 19.87
CA ASN B 69 7.78 10.57 20.02
C ASN B 69 7.79 11.38 21.32
N THR A 1 6.34 25.49 0.14
CA THR A 1 6.01 24.17 0.64
C THR A 1 4.58 24.15 1.19
N GLU A 2 3.64 24.41 0.30
CA GLU A 2 2.23 24.43 0.68
C GLU A 2 1.49 23.23 0.06
N LEU A 3 1.83 22.05 0.56
CA LEU A 3 1.21 20.84 0.07
C LEU A 3 0.21 20.32 1.09
N ARG A 4 -0.63 19.40 0.66
CA ARG A 4 -1.64 18.82 1.52
C ARG A 4 -1.70 17.30 1.33
N CYS A 5 -2.91 16.77 1.44
CA CYS A 5 -3.12 15.34 1.28
C CYS A 5 -3.54 15.07 -0.16
N GLN A 6 -3.54 13.79 -0.51
CA GLN A 6 -3.93 13.39 -1.85
C GLN A 6 -5.38 12.92 -1.87
N CYS A 7 -5.97 12.87 -0.69
CA CYS A 7 -7.35 12.44 -0.55
C CYS A 7 -8.02 13.29 0.54
N LEU A 8 -9.15 13.87 0.18
CA LEU A 8 -9.89 14.69 1.11
C LEU A 8 -11.02 13.88 1.74
N GLN A 9 -11.27 12.72 1.14
CA GLN A 9 -12.32 11.84 1.63
C GLN A 9 -11.78 10.41 1.77
N THR A 10 -12.61 9.57 2.37
CA THR A 10 -12.23 8.18 2.57
C THR A 10 -13.48 7.32 2.80
N LEU A 11 -13.28 6.02 2.69
CA LEU A 11 -14.38 5.07 2.88
C LEU A 11 -14.11 4.26 4.15
N GLN A 12 -15.17 3.60 4.62
CA GLN A 12 -15.06 2.77 5.81
C GLN A 12 -14.49 1.40 5.47
N GLY A 13 -14.49 1.10 4.18
CA GLY A 13 -13.98 -0.17 3.70
C GLY A 13 -14.95 -0.82 2.71
N ILE A 14 -14.62 -0.70 1.44
CA ILE A 14 -15.45 -1.27 0.39
C ILE A 14 -15.08 -2.75 0.20
N HIS A 15 -15.98 -3.47 -0.46
CA HIS A 15 -15.76 -4.88 -0.72
C HIS A 15 -14.34 -5.09 -1.24
N LEU A 16 -13.72 -6.16 -0.73
CA LEU A 16 -12.36 -6.49 -1.14
C LEU A 16 -12.40 -7.29 -2.44
N LYS A 17 -13.59 -7.39 -3.00
CA LYS A 17 -13.77 -8.12 -4.23
C LYS A 17 -13.54 -7.20 -5.42
N ASN A 18 -13.43 -5.91 -5.11
CA ASN A 18 -13.20 -4.90 -6.14
C ASN A 18 -11.76 -4.40 -6.04
N ILE A 19 -11.30 -4.26 -4.80
CA ILE A 19 -9.95 -3.79 -4.56
C ILE A 19 -8.95 -4.74 -5.22
N GLN A 20 -8.04 -4.15 -5.97
CA GLN A 20 -7.02 -4.94 -6.67
C GLN A 20 -5.63 -4.62 -6.11
N SER A 21 -5.51 -3.42 -5.56
CA SER A 21 -4.25 -2.98 -4.99
C SER A 21 -4.50 -2.03 -3.83
N VAL A 22 -3.46 -1.81 -3.04
CA VAL A 22 -3.56 -0.92 -1.90
C VAL A 22 -2.39 0.08 -1.92
N LYS A 23 -2.73 1.33 -1.69
CA LYS A 23 -1.73 2.38 -1.69
C LYS A 23 -1.79 3.14 -0.37
N VAL A 24 -0.66 3.15 0.32
CA VAL A 24 -0.56 3.82 1.61
C VAL A 24 0.42 4.99 1.49
N LYS A 25 -0.09 6.18 1.76
CA LYS A 25 0.72 7.38 1.68
C LYS A 25 0.64 8.12 3.02
N SER A 26 1.50 7.72 3.94
CA SER A 26 1.54 8.34 5.25
C SER A 26 1.64 9.86 5.12
N PRO A 27 1.57 10.55 6.29
CA PRO A 27 1.65 12.00 6.31
C PRO A 27 3.09 12.47 6.07
N GLY A 28 3.23 13.77 5.85
CA GLY A 28 4.53 14.35 5.62
C GLY A 28 4.64 15.73 6.27
N PRO A 29 5.62 16.54 5.76
CA PRO A 29 5.83 17.88 6.28
C PRO A 29 4.75 18.83 5.79
N HIS A 30 3.82 18.28 5.03
CA HIS A 30 2.73 19.08 4.49
C HIS A 30 1.40 18.62 5.11
N CYS A 31 1.19 17.31 5.08
CA CYS A 31 -0.02 16.73 5.63
C CYS A 31 0.37 15.88 6.84
N ALA A 32 -0.26 16.20 7.97
CA ALA A 32 0.00 15.47 9.20
C ALA A 32 -1.08 14.41 9.40
N GLN A 33 -1.69 14.00 8.29
CA GLN A 33 -2.72 13.00 8.33
C GLN A 33 -2.46 11.90 7.30
N THR A 34 -3.05 10.75 7.52
CA THR A 34 -2.88 9.63 6.62
C THR A 34 -3.94 9.66 5.52
N GLU A 35 -3.62 9.00 4.41
CA GLU A 35 -4.53 8.95 3.28
C GLU A 35 -4.41 7.60 2.57
N VAL A 36 -4.94 6.58 3.23
CA VAL A 36 -4.90 5.23 2.66
C VAL A 36 -5.74 5.20 1.38
N ILE A 37 -5.19 4.56 0.36
CA ILE A 37 -5.87 4.44 -0.91
C ILE A 37 -5.82 2.98 -1.38
N ALA A 38 -6.80 2.64 -2.21
CA ALA A 38 -6.87 1.29 -2.74
C ALA A 38 -7.31 1.34 -4.20
N THR A 39 -6.60 0.59 -5.03
CA THR A 39 -6.90 0.54 -6.45
C THR A 39 -8.01 -0.48 -6.73
N LEU A 40 -8.90 -0.10 -7.62
CA LEU A 40 -10.01 -0.97 -7.98
C LEU A 40 -9.59 -1.89 -9.13
N LYS A 41 -10.18 -3.07 -9.16
CA LYS A 41 -9.87 -4.05 -10.19
C LYS A 41 -10.51 -3.60 -11.51
N ASN A 42 -11.26 -2.52 -11.44
CA ASN A 42 -11.93 -1.98 -12.60
C ASN A 42 -11.12 -0.79 -13.15
N GLY A 43 -10.11 -0.41 -12.38
CA GLY A 43 -9.26 0.70 -12.77
C GLY A 43 -9.53 1.93 -11.91
N GLN A 44 -10.58 1.83 -11.09
CA GLN A 44 -10.95 2.93 -10.22
C GLN A 44 -10.12 2.88 -8.93
N LYS A 45 -10.48 3.76 -8.00
CA LYS A 45 -9.79 3.83 -6.74
C LYS A 45 -10.79 4.19 -5.63
N ALA A 46 -10.55 3.61 -4.46
CA ALA A 46 -11.42 3.85 -3.32
C ALA A 46 -10.57 4.16 -2.09
N CYS A 47 -10.66 5.41 -1.64
CA CYS A 47 -9.90 5.84 -0.48
C CYS A 47 -10.52 5.21 0.76
N LEU A 48 -9.66 4.74 1.65
CA LEU A 48 -10.10 4.11 2.88
C LEU A 48 -9.66 4.96 4.07
N ASN A 49 -10.26 4.66 5.22
CA ASN A 49 -9.93 5.40 6.43
C ASN A 49 -8.97 4.57 7.28
N PRO A 50 -7.79 5.20 7.58
CA PRO A 50 -6.77 4.54 8.37
C PRO A 50 -7.17 4.49 9.85
N ALA A 51 -8.28 5.14 10.15
CA ALA A 51 -8.77 5.18 11.51
C ALA A 51 -9.91 4.18 11.67
N SER A 52 -9.94 3.22 10.76
CA SER A 52 -10.97 2.20 10.79
C SER A 52 -10.34 0.81 10.93
N PRO A 53 -11.05 -0.06 11.70
CA PRO A 53 -10.57 -1.42 11.93
C PRO A 53 -10.76 -2.29 10.68
N MET A 54 -11.94 -2.17 10.09
CA MET A 54 -12.26 -2.92 8.90
C MET A 54 -11.27 -2.62 7.77
N VAL A 55 -10.67 -1.45 7.85
CA VAL A 55 -9.71 -1.02 6.85
C VAL A 55 -8.39 -1.77 7.06
N LYS A 56 -8.28 -2.38 8.23
CA LYS A 56 -7.08 -3.12 8.58
C LYS A 56 -7.31 -4.61 8.30
N LYS A 57 -8.48 -4.90 7.74
CA LYS A 57 -8.82 -6.27 7.42
C LYS A 57 -9.02 -6.40 5.90
N ILE A 58 -9.16 -5.25 5.26
CA ILE A 58 -9.35 -5.22 3.82
C ILE A 58 -8.00 -5.06 3.13
N ILE A 59 -7.01 -4.65 3.92
CA ILE A 59 -5.66 -4.46 3.40
C ILE A 59 -4.86 -5.74 3.60
N GLU A 60 -4.82 -6.19 4.84
CA GLU A 60 -4.08 -7.40 5.17
C GLU A 60 -4.54 -8.56 4.27
N LYS A 61 -5.82 -8.55 3.96
CA LYS A 61 -6.39 -9.60 3.12
C LYS A 61 -5.90 -9.40 1.68
N MET A 62 -5.79 -8.14 1.30
CA MET A 62 -5.35 -7.80 -0.05
C MET A 62 -4.00 -8.47 -0.36
N LEU A 63 -3.14 -8.50 0.64
CA LEU A 63 -1.83 -9.10 0.49
C LEU A 63 -1.99 -10.62 0.34
N LYS A 64 -3.18 -11.08 0.67
CA LYS A 64 -3.48 -12.51 0.58
C LYS A 64 -4.37 -12.76 -0.63
N ASN A 65 -4.99 -11.69 -1.11
CA ASN A 65 -5.88 -11.79 -2.26
C ASN A 65 -7.05 -12.71 -1.92
N GLY A 66 -6.77 -13.99 -1.91
CA GLY A 66 -7.79 -14.98 -1.60
C GLY A 66 -7.99 -15.94 -2.78
N LYS A 67 -9.25 -16.19 -3.09
CA LYS A 67 -9.59 -17.09 -4.19
C LYS A 67 -8.98 -16.56 -5.48
N SER A 68 -9.44 -15.39 -5.88
CA SER A 68 -8.94 -14.76 -7.10
C SER A 68 -9.44 -13.32 -7.19
N ASN A 69 -10.73 -13.19 -7.44
CA ASN A 69 -11.34 -11.87 -7.55
C ASN A 69 -11.16 -11.11 -6.23
N THR B 1 -3.57 -9.61 -22.33
CA THR B 1 -3.71 -10.97 -21.86
C THR B 1 -2.34 -11.54 -21.47
N GLU B 2 -1.31 -10.87 -21.95
CA GLU B 2 0.05 -11.29 -21.65
C GLU B 2 0.76 -10.25 -20.80
N LEU B 3 0.36 -10.20 -19.53
CA LEU B 3 0.95 -9.25 -18.60
C LEU B 3 1.86 -10.00 -17.61
N ARG B 4 2.65 -9.23 -16.89
CA ARG B 4 3.56 -9.80 -15.91
C ARG B 4 3.51 -9.02 -14.60
N CYS B 5 4.67 -8.90 -13.97
CA CYS B 5 4.76 -8.18 -12.71
C CYS B 5 5.26 -6.77 -13.01
N GLN B 6 5.08 -5.89 -12.03
CA GLN B 6 5.50 -4.51 -12.18
C GLN B 6 6.92 -4.33 -11.64
N CYS B 7 7.45 -5.40 -11.08
CA CYS B 7 8.80 -5.37 -10.53
C CYS B 7 9.44 -6.74 -10.77
N LEU B 8 10.69 -6.70 -11.18
CA LEU B 8 11.43 -7.93 -11.44
C LEU B 8 12.31 -8.26 -10.24
N GLN B 9 12.47 -7.25 -9.38
CA GLN B 9 13.29 -7.43 -8.18
C GLN B 9 12.58 -6.81 -6.97
N THR B 10 13.14 -7.08 -5.80
CA THR B 10 12.59 -6.56 -4.57
C THR B 10 13.68 -6.38 -3.51
N LEU B 11 13.35 -5.65 -2.47
CA LEU B 11 14.29 -5.41 -1.39
C LEU B 11 13.96 -6.31 -0.20
N GLN B 12 14.71 -6.14 0.87
CA GLN B 12 14.51 -6.93 2.07
C GLN B 12 13.56 -6.20 3.03
N GLY B 13 13.37 -4.92 2.76
CA GLY B 13 12.50 -4.10 3.58
C GLY B 13 13.00 -2.65 3.64
N ILE B 14 14.31 -2.51 3.64
CA ILE B 14 14.93 -1.20 3.70
C ILE B 14 14.42 -0.45 4.93
N HIS B 15 15.13 0.62 5.27
CA HIS B 15 14.76 1.42 6.42
C HIS B 15 13.46 2.17 6.11
N LEU B 16 12.58 2.18 7.10
CA LEU B 16 11.29 2.86 6.96
C LEU B 16 11.49 4.36 7.18
N LYS B 17 12.75 4.74 7.38
CA LYS B 17 13.07 6.14 7.61
C LYS B 17 13.21 6.85 6.26
N ASN B 18 13.32 6.05 5.21
CA ASN B 18 13.46 6.58 3.87
C ASN B 18 12.11 6.48 3.14
N ILE B 19 11.44 5.35 3.38
CA ILE B 19 10.16 5.12 2.76
C ILE B 19 9.20 6.26 3.12
N GLN B 20 8.43 6.68 2.13
CA GLN B 20 7.47 7.76 2.33
C GLN B 20 6.05 7.24 2.14
N SER B 21 5.94 6.16 1.37
CA SER B 21 4.65 5.57 1.10
C SER B 21 4.81 4.07 0.80
N VAL B 22 3.70 3.35 0.91
CA VAL B 22 3.71 1.93 0.65
C VAL B 22 2.63 1.59 -0.38
N LYS B 23 3.04 0.80 -1.37
CA LYS B 23 2.12 0.40 -2.43
C LYS B 23 2.06 -1.12 -2.49
N VAL B 24 0.85 -1.65 -2.34
CA VAL B 24 0.65 -3.08 -2.39
C VAL B 24 -0.14 -3.44 -3.65
N LYS B 25 0.50 -4.23 -4.50
CA LYS B 25 -0.13 -4.65 -5.73
C LYS B 25 -0.13 -6.17 -5.81
N SER B 26 -1.19 -6.76 -5.30
CA SER B 26 -1.34 -8.21 -5.29
C SER B 26 -1.19 -8.75 -6.72
N PRO B 27 -1.14 -10.11 -6.81
CA PRO B 27 -1.01 -10.76 -8.10
C PRO B 27 -2.33 -10.72 -8.88
N GLY B 28 -2.28 -11.26 -10.09
CA GLY B 28 -3.46 -11.30 -10.94
C GLY B 28 -3.42 -12.50 -11.88
N PRO B 29 -4.25 -12.42 -12.95
CA PRO B 29 -4.33 -13.49 -13.92
C PRO B 29 -3.09 -13.49 -14.83
N HIS B 30 -2.19 -12.55 -14.56
CA HIS B 30 -0.97 -12.43 -15.33
C HIS B 30 0.22 -12.83 -14.47
N CYS B 31 0.29 -12.24 -13.29
CA CYS B 31 1.38 -12.52 -12.36
C CYS B 31 0.78 -13.14 -11.10
N ALA B 32 1.25 -14.33 -10.78
CA ALA B 32 0.79 -15.04 -9.61
C ALA B 32 1.69 -14.71 -8.42
N GLN B 33 2.34 -13.56 -8.51
CA GLN B 33 3.23 -13.12 -7.46
C GLN B 33 2.86 -11.71 -7.00
N THR B 34 3.21 -11.40 -5.77
CA THR B 34 2.92 -10.10 -5.19
C THR B 34 3.94 -9.06 -5.69
N GLU B 35 3.60 -7.80 -5.49
CA GLU B 35 4.46 -6.71 -5.91
C GLU B 35 4.40 -5.56 -4.90
N VAL B 36 5.05 -5.77 -3.77
CA VAL B 36 5.07 -4.75 -2.73
C VAL B 36 6.05 -3.65 -3.12
N ILE B 37 5.53 -2.42 -3.13
CA ILE B 37 6.34 -1.27 -3.48
C ILE B 37 6.22 -0.21 -2.38
N ALA B 38 7.20 0.68 -2.36
CA ALA B 38 7.22 1.73 -1.36
C ALA B 38 7.87 2.99 -1.96
N THR B 39 7.14 4.09 -1.87
CA THR B 39 7.62 5.36 -2.40
C THR B 39 8.67 5.96 -1.46
N LEU B 40 9.77 6.40 -2.06
CA LEU B 40 10.85 6.99 -1.30
C LEU B 40 10.50 8.45 -0.98
N LYS B 41 11.00 8.92 0.15
CA LYS B 41 10.76 10.29 0.57
C LYS B 41 11.61 11.24 -0.27
N ASN B 42 12.40 10.66 -1.15
CA ASN B 42 13.26 11.44 -2.02
C ASN B 42 12.61 11.56 -3.40
N GLY B 43 11.55 10.79 -3.59
CA GLY B 43 10.83 10.79 -4.86
C GLY B 43 11.09 9.51 -5.64
N GLN B 44 11.86 8.63 -5.03
CA GLN B 44 12.19 7.36 -5.66
C GLN B 44 11.25 6.26 -5.16
N LYS B 45 11.58 5.03 -5.52
CA LYS B 45 10.77 3.89 -5.12
C LYS B 45 11.69 2.71 -4.83
N ALA B 46 11.26 1.90 -3.87
CA ALA B 46 12.04 0.73 -3.48
C ALA B 46 11.10 -0.48 -3.35
N CYS B 47 11.28 -1.42 -4.27
CA CYS B 47 10.46 -2.62 -4.27
C CYS B 47 10.84 -3.46 -3.05
N LEU B 48 9.82 -4.04 -2.44
CA LEU B 48 10.04 -4.87 -1.26
C LEU B 48 9.68 -6.32 -1.60
N ASN B 49 10.17 -7.23 -0.76
CA ASN B 49 9.92 -8.65 -0.95
C ASN B 49 8.70 -9.06 -0.13
N PRO B 50 7.65 -9.52 -0.86
CA PRO B 50 6.42 -9.95 -0.20
C PRO B 50 6.60 -11.31 0.47
N ALA B 51 7.81 -11.84 0.34
CA ALA B 51 8.13 -13.13 0.93
C ALA B 51 9.02 -12.93 2.15
N SER B 52 9.18 -11.67 2.52
CA SER B 52 10.00 -11.32 3.68
C SER B 52 9.11 -10.91 4.84
N PRO B 53 9.57 -11.26 6.08
CA PRO B 53 8.84 -10.92 7.27
C PRO B 53 8.97 -9.44 7.61
N MET B 54 10.20 -8.96 7.56
CA MET B 54 10.49 -7.57 7.85
C MET B 54 9.71 -6.65 6.91
N VAL B 55 9.27 -7.22 5.79
CA VAL B 55 8.52 -6.45 4.81
C VAL B 55 7.07 -6.35 5.27
N LYS B 56 6.74 -7.10 6.31
CA LYS B 56 5.40 -7.09 6.85
C LYS B 56 5.37 -6.27 8.14
N LYS B 57 6.52 -5.70 8.46
CA LYS B 57 6.64 -4.88 9.66
C LYS B 57 7.03 -3.45 9.27
N ILE B 58 7.49 -3.32 8.03
CA ILE B 58 7.90 -2.02 7.53
C ILE B 58 6.70 -1.34 6.86
N ILE B 59 5.69 -2.14 6.56
CA ILE B 59 4.48 -1.63 5.93
C ILE B 59 3.45 -1.31 7.00
N GLU B 60 3.13 -2.32 7.80
CA GLU B 60 2.16 -2.16 8.86
C GLU B 60 2.54 -0.98 9.76
N LYS B 61 3.85 -0.82 9.94
CA LYS B 61 4.36 0.26 10.77
C LYS B 61 4.16 1.59 10.05
N MET B 62 4.27 1.54 8.73
CA MET B 62 4.10 2.73 7.90
C MET B 62 2.70 3.32 8.07
N LEU B 63 1.73 2.43 8.18
CA LEU B 63 0.34 2.85 8.34
C LEU B 63 0.16 3.46 9.73
N LYS B 64 1.14 3.21 10.58
CA LYS B 64 1.11 3.74 11.94
C LYS B 64 2.04 4.94 12.04
N ASN B 65 3.09 4.90 11.23
CA ASN B 65 4.07 5.98 11.22
C ASN B 65 4.72 6.08 12.60
N GLY B 66 3.99 6.68 13.53
CA GLY B 66 4.49 6.86 14.88
C GLY B 66 5.89 7.46 14.88
N LYS B 67 6.57 7.31 16.01
CA LYS B 67 7.92 7.84 16.16
C LYS B 67 8.84 6.73 16.66
N SER B 68 8.45 6.15 17.80
CA SER B 68 9.24 5.09 18.40
C SER B 68 9.66 4.08 17.32
N ASN B 69 8.66 3.61 16.59
CA ASN B 69 8.91 2.63 15.53
C ASN B 69 9.68 1.45 16.11
N THR A 1 7.22 25.24 -0.17
CA THR A 1 6.83 23.87 0.10
C THR A 1 5.49 23.83 0.83
N GLU A 2 4.43 24.09 0.08
CA GLU A 2 3.09 24.09 0.65
C GLU A 2 2.26 22.96 0.05
N LEU A 3 2.41 21.78 0.64
CA LEU A 3 1.68 20.61 0.18
C LEU A 3 0.57 20.28 1.17
N ARG A 4 -0.33 19.42 0.73
CA ARG A 4 -1.45 19.01 1.56
C ARG A 4 -1.64 17.50 1.51
N CYS A 5 -2.90 17.09 1.55
CA CYS A 5 -3.23 15.68 1.50
C CYS A 5 -3.53 15.30 0.05
N GLN A 6 -3.54 14.00 -0.21
CA GLN A 6 -3.81 13.50 -1.55
C GLN A 6 -5.25 13.02 -1.66
N CYS A 7 -5.93 13.03 -0.52
CA CYS A 7 -7.31 12.59 -0.47
C CYS A 7 -8.05 13.44 0.56
N LEU A 8 -9.24 13.88 0.17
CA LEU A 8 -10.06 14.71 1.04
C LEU A 8 -11.16 13.86 1.66
N GLN A 9 -11.40 12.72 1.03
CA GLN A 9 -12.43 11.80 1.51
C GLN A 9 -11.89 10.37 1.57
N THR A 10 -12.65 9.50 2.21
CA THR A 10 -12.25 8.11 2.34
C THR A 10 -13.48 7.21 2.49
N LEU A 11 -13.27 5.93 2.30
CA LEU A 11 -14.35 4.96 2.42
C LEU A 11 -14.43 4.45 3.87
N GLN A 12 -15.40 3.58 4.10
CA GLN A 12 -15.59 3.02 5.43
C GLN A 12 -15.25 1.53 5.43
N GLY A 13 -15.13 0.99 4.23
CA GLY A 13 -14.81 -0.43 4.07
C GLY A 13 -15.50 -1.01 2.84
N ILE A 14 -14.74 -1.11 1.76
CA ILE A 14 -15.26 -1.64 0.52
C ILE A 14 -14.87 -3.12 0.40
N HIS A 15 -15.63 -3.84 -0.42
CA HIS A 15 -15.38 -5.25 -0.62
C HIS A 15 -13.95 -5.45 -1.14
N LEU A 16 -13.38 -6.59 -0.77
CA LEU A 16 -12.01 -6.90 -1.19
C LEU A 16 -12.07 -7.67 -2.52
N LYS A 17 -13.20 -7.54 -3.19
CA LYS A 17 -13.39 -8.22 -4.46
C LYS A 17 -13.24 -7.20 -5.60
N ASN A 18 -13.18 -5.94 -5.21
CA ASN A 18 -13.04 -4.87 -6.19
C ASN A 18 -11.63 -4.28 -6.10
N ILE A 19 -11.10 -4.28 -4.88
CA ILE A 19 -9.77 -3.75 -4.64
C ILE A 19 -8.74 -4.66 -5.32
N GLN A 20 -7.92 -4.03 -6.16
CA GLN A 20 -6.88 -4.77 -6.88
C GLN A 20 -5.52 -4.50 -6.25
N SER A 21 -5.41 -3.34 -5.61
CA SER A 21 -4.17 -2.96 -4.97
C SER A 21 -4.45 -2.03 -3.79
N VAL A 22 -3.45 -1.92 -2.92
CA VAL A 22 -3.59 -1.07 -1.74
C VAL A 22 -2.39 -0.12 -1.68
N LYS A 23 -2.70 1.15 -1.52
CA LYS A 23 -1.67 2.18 -1.44
C LYS A 23 -1.77 2.90 -0.09
N VAL A 24 -0.68 2.82 0.67
CA VAL A 24 -0.64 3.47 1.97
C VAL A 24 0.30 4.67 1.91
N LYS A 25 -0.27 5.85 2.12
CA LYS A 25 0.51 7.07 2.10
C LYS A 25 0.35 7.80 3.43
N SER A 26 1.27 7.51 4.34
CA SER A 26 1.25 8.13 5.65
C SER A 26 1.34 9.65 5.52
N PRO A 27 1.14 10.35 6.67
CA PRO A 27 1.20 11.80 6.69
C PRO A 27 2.64 12.29 6.61
N GLY A 28 2.78 13.60 6.44
CA GLY A 28 4.10 14.20 6.34
C GLY A 28 4.11 15.58 7.01
N PRO A 29 5.14 16.38 6.64
CA PRO A 29 5.28 17.73 7.18
C PRO A 29 4.27 18.68 6.56
N HIS A 30 3.45 18.14 5.68
CA HIS A 30 2.43 18.92 5.01
C HIS A 30 1.04 18.46 5.45
N CYS A 31 0.83 17.15 5.38
CA CYS A 31 -0.43 16.58 5.77
C CYS A 31 -0.20 15.68 6.99
N ALA A 32 -0.83 16.05 8.09
CA ALA A 32 -0.70 15.29 9.33
C ALA A 32 -1.81 14.24 9.39
N GLN A 33 -2.29 13.88 8.21
CA GLN A 33 -3.36 12.89 8.12
C GLN A 33 -2.95 11.78 7.15
N THR A 34 -3.43 10.58 7.44
CA THR A 34 -3.15 9.42 6.61
C THR A 34 -4.01 9.45 5.35
N GLU A 35 -3.50 8.79 4.31
CA GLU A 35 -4.21 8.73 3.05
C GLU A 35 -4.19 7.30 2.50
N VAL A 36 -5.07 6.47 3.06
CA VAL A 36 -5.16 5.08 2.63
C VAL A 36 -5.90 5.01 1.30
N ILE A 37 -5.20 4.50 0.29
CA ILE A 37 -5.78 4.39 -1.03
C ILE A 37 -5.76 2.90 -1.45
N ALA A 38 -6.68 2.57 -2.35
CA ALA A 38 -6.77 1.20 -2.83
C ALA A 38 -7.17 1.22 -4.31
N THR A 39 -6.48 0.41 -5.08
CA THR A 39 -6.74 0.32 -6.51
C THR A 39 -7.96 -0.57 -6.77
N LEU A 40 -8.75 -0.18 -7.76
CA LEU A 40 -9.94 -0.92 -8.13
C LEU A 40 -9.60 -1.90 -9.26
N LYS A 41 -10.37 -2.97 -9.32
CA LYS A 41 -10.17 -3.98 -10.35
C LYS A 41 -10.67 -3.44 -11.70
N ASN A 42 -11.28 -2.27 -11.64
CA ASN A 42 -11.80 -1.64 -12.84
C ASN A 42 -10.78 -0.61 -13.36
N GLY A 43 -9.77 -0.36 -12.54
CA GLY A 43 -8.74 0.59 -12.89
C GLY A 43 -8.84 1.86 -12.04
N GLN A 44 -9.96 1.98 -11.34
CA GLN A 44 -10.19 3.13 -10.48
C GLN A 44 -9.52 2.92 -9.13
N LYS A 45 -9.82 3.83 -8.21
CA LYS A 45 -9.25 3.76 -6.87
C LYS A 45 -10.31 4.20 -5.85
N ALA A 46 -10.27 3.56 -4.70
CA ALA A 46 -11.21 3.88 -3.63
C ALA A 46 -10.44 4.19 -2.35
N CYS A 47 -10.50 5.45 -1.95
CA CYS A 47 -9.82 5.89 -0.75
C CYS A 47 -10.48 5.22 0.46
N LEU A 48 -9.64 4.76 1.37
CA LEU A 48 -10.13 4.10 2.57
C LEU A 48 -9.84 4.97 3.78
N ASN A 49 -10.63 4.76 4.82
CA ASN A 49 -10.48 5.52 6.05
C ASN A 49 -9.50 4.80 6.98
N PRO A 50 -8.39 5.50 7.30
CA PRO A 50 -7.37 4.94 8.18
C PRO A 50 -7.83 4.95 9.63
N ALA A 51 -9.03 5.50 9.84
CA ALA A 51 -9.59 5.57 11.17
C ALA A 51 -10.65 4.48 11.34
N SER A 52 -10.71 3.61 10.34
CA SER A 52 -11.67 2.52 10.37
C SER A 52 -10.93 1.19 10.65
N PRO A 53 -11.60 0.33 11.47
CA PRO A 53 -11.02 -0.95 11.82
C PRO A 53 -11.13 -1.94 10.66
N MET A 54 -12.24 -1.84 9.94
CA MET A 54 -12.46 -2.72 8.79
C MET A 54 -11.46 -2.42 7.68
N VAL A 55 -10.94 -1.21 7.69
CA VAL A 55 -9.98 -0.79 6.69
C VAL A 55 -8.62 -1.43 6.99
N LYS A 56 -8.58 -2.16 8.11
CA LYS A 56 -7.35 -2.83 8.52
C LYS A 56 -7.48 -4.33 8.22
N LYS A 57 -8.60 -4.69 7.61
CA LYS A 57 -8.85 -6.07 7.26
C LYS A 57 -8.97 -6.21 5.75
N ILE A 58 -9.16 -5.07 5.10
CA ILE A 58 -9.30 -5.04 3.65
C ILE A 58 -7.92 -4.83 3.01
N ILE A 59 -7.00 -4.38 3.84
CA ILE A 59 -5.63 -4.13 3.37
C ILE A 59 -4.79 -5.37 3.63
N GLU A 60 -4.75 -5.79 4.88
CA GLU A 60 -3.98 -6.96 5.26
C GLU A 60 -4.35 -8.16 4.38
N LYS A 61 -5.64 -8.23 4.06
CA LYS A 61 -6.14 -9.31 3.23
C LYS A 61 -5.63 -9.13 1.80
N MET A 62 -5.54 -7.88 1.40
CA MET A 62 -5.08 -7.56 0.06
C MET A 62 -3.66 -8.07 -0.16
N LEU A 63 -2.84 -7.95 0.87
CA LEU A 63 -1.47 -8.40 0.80
C LEU A 63 -1.44 -9.93 0.72
N LYS A 64 -2.57 -10.53 1.05
CA LYS A 64 -2.69 -11.98 1.03
C LYS A 64 -3.45 -12.40 -0.24
N ASN A 65 -4.30 -11.49 -0.71
CA ASN A 65 -5.09 -11.76 -1.90
C ASN A 65 -6.00 -12.96 -1.65
N GLY A 66 -5.39 -14.14 -1.72
CA GLY A 66 -6.12 -15.38 -1.52
C GLY A 66 -6.11 -16.26 -2.77
N LYS A 67 -7.29 -16.52 -3.29
CA LYS A 67 -7.42 -17.33 -4.48
C LYS A 67 -7.09 -16.49 -5.71
N SER A 68 -7.88 -15.44 -5.89
CA SER A 68 -7.67 -14.55 -7.02
C SER A 68 -8.69 -13.41 -6.99
N ASN A 69 -9.96 -13.80 -6.94
CA ASN A 69 -11.04 -12.83 -6.90
C ASN A 69 -12.37 -13.56 -6.68
N THR B 1 -4.11 -9.53 -21.69
CA THR B 1 -4.09 -10.97 -21.83
C THR B 1 -2.78 -11.55 -21.27
N GLU B 2 -1.69 -11.17 -21.91
CA GLU B 2 -0.37 -11.63 -21.49
C GLU B 2 0.37 -10.53 -20.74
N LEU B 3 0.00 -10.37 -19.48
CA LEU B 3 0.62 -9.36 -18.64
C LEU B 3 1.60 -10.03 -17.67
N ARG B 4 2.36 -9.20 -16.98
CA ARG B 4 3.33 -9.69 -16.01
C ARG B 4 3.26 -8.89 -14.71
N CYS B 5 4.42 -8.70 -14.12
CA CYS B 5 4.51 -7.95 -12.87
C CYS B 5 5.01 -6.54 -13.20
N GLN B 6 4.93 -5.68 -12.20
CA GLN B 6 5.37 -4.30 -12.36
C GLN B 6 6.75 -4.11 -11.75
N CYS B 7 7.26 -5.18 -11.15
CA CYS B 7 8.57 -5.14 -10.53
C CYS B 7 9.27 -6.48 -10.80
N LEU B 8 10.54 -6.37 -11.18
CA LEU B 8 11.33 -7.56 -11.47
C LEU B 8 12.26 -7.84 -10.29
N GLN B 9 12.41 -6.84 -9.44
CA GLN B 9 13.27 -6.97 -8.28
C GLN B 9 12.54 -6.50 -7.02
N THR B 10 13.18 -6.75 -5.88
CA THR B 10 12.60 -6.37 -4.60
C THR B 10 13.69 -6.17 -3.56
N LEU B 11 13.32 -5.54 -2.46
CA LEU B 11 14.26 -5.29 -1.37
C LEU B 11 13.91 -6.20 -0.19
N GLN B 12 14.94 -6.83 0.35
CA GLN B 12 14.77 -7.73 1.48
C GLN B 12 14.30 -6.95 2.70
N GLY B 13 14.37 -5.63 2.59
CA GLY B 13 13.96 -4.77 3.68
C GLY B 13 14.89 -3.56 3.81
N ILE B 14 14.45 -2.45 3.24
CA ILE B 14 15.24 -1.23 3.29
C ILE B 14 14.79 -0.38 4.49
N HIS B 15 15.63 0.56 4.86
CA HIS B 15 15.35 1.43 5.98
C HIS B 15 14.00 2.12 5.75
N LEU B 16 13.21 2.18 6.82
CA LEU B 16 11.89 2.79 6.75
C LEU B 16 12.04 4.30 7.00
N LYS B 17 13.28 4.76 7.01
CA LYS B 17 13.56 6.16 7.24
C LYS B 17 13.49 6.92 5.91
N ASN B 18 13.43 6.15 4.83
CA ASN B 18 13.36 6.72 3.50
C ASN B 18 11.96 6.51 2.94
N ILE B 19 11.42 5.33 3.20
CA ILE B 19 10.08 4.98 2.73
C ILE B 19 9.08 6.03 3.23
N GLN B 20 8.28 6.53 2.30
CA GLN B 20 7.29 7.53 2.63
C GLN B 20 5.88 6.96 2.45
N SER B 21 5.80 5.92 1.63
CA SER B 21 4.53 5.28 1.38
C SER B 21 4.75 3.80 0.99
N VAL B 22 3.68 3.05 1.03
CA VAL B 22 3.74 1.64 0.69
C VAL B 22 2.59 1.29 -0.26
N LYS B 23 2.90 0.48 -1.26
CA LYS B 23 1.91 0.07 -2.24
C LYS B 23 2.01 -1.44 -2.46
N VAL B 24 0.88 -2.11 -2.30
CA VAL B 24 0.83 -3.55 -2.48
C VAL B 24 -0.07 -3.87 -3.68
N LYS B 25 0.56 -4.39 -4.72
CA LYS B 25 -0.17 -4.75 -5.93
C LYS B 25 -0.29 -6.29 -6.02
N SER B 26 -1.30 -6.80 -5.33
CA SER B 26 -1.53 -8.23 -5.32
C SER B 26 -1.40 -8.80 -6.74
N PRO B 27 -1.29 -10.15 -6.81
CA PRO B 27 -1.16 -10.82 -8.09
C PRO B 27 -2.51 -10.86 -8.83
N GLY B 28 -2.44 -11.18 -10.12
CA GLY B 28 -3.64 -11.26 -10.93
C GLY B 28 -3.61 -12.49 -11.83
N PRO B 29 -4.43 -12.44 -12.91
CA PRO B 29 -4.51 -13.54 -13.86
C PRO B 29 -3.28 -13.57 -14.75
N HIS B 30 -2.36 -12.64 -14.50
CA HIS B 30 -1.14 -12.56 -15.28
C HIS B 30 0.06 -12.89 -14.39
N CYS B 31 0.09 -12.27 -13.23
CA CYS B 31 1.17 -12.50 -12.29
C CYS B 31 0.59 -13.19 -11.05
N ALA B 32 1.16 -14.33 -10.72
CA ALA B 32 0.71 -15.09 -9.56
C ALA B 32 1.62 -14.78 -8.38
N GLN B 33 2.24 -13.62 -8.43
CA GLN B 33 3.14 -13.19 -7.37
C GLN B 33 2.79 -11.77 -6.91
N THR B 34 3.10 -11.50 -5.65
CA THR B 34 2.82 -10.18 -5.09
C THR B 34 3.80 -9.15 -5.65
N GLU B 35 3.45 -7.88 -5.45
CA GLU B 35 4.29 -6.79 -5.92
C GLU B 35 4.17 -5.59 -4.99
N VAL B 36 5.06 -5.55 -4.01
CA VAL B 36 5.06 -4.46 -3.05
C VAL B 36 5.97 -3.34 -3.56
N ILE B 37 5.37 -2.18 -3.75
CA ILE B 37 6.11 -1.02 -4.24
C ILE B 37 5.89 0.16 -3.29
N ALA B 38 6.95 0.51 -2.57
CA ALA B 38 6.88 1.61 -1.63
C ALA B 38 7.48 2.87 -2.26
N THR B 39 6.92 4.01 -1.90
CA THR B 39 7.39 5.28 -2.43
C THR B 39 8.41 5.90 -1.49
N LEU B 40 9.51 6.36 -2.08
CA LEU B 40 10.57 6.99 -1.30
C LEU B 40 10.18 8.43 -0.98
N LYS B 41 10.68 8.91 0.15
CA LYS B 41 10.40 10.27 0.59
C LYS B 41 11.21 11.25 -0.27
N ASN B 42 12.03 10.68 -1.14
CA ASN B 42 12.85 11.49 -2.02
C ASN B 42 12.19 11.58 -3.40
N GLY B 43 11.16 10.78 -3.59
CA GLY B 43 10.44 10.75 -4.85
C GLY B 43 10.69 9.44 -5.60
N GLN B 44 11.61 8.66 -5.06
CA GLN B 44 11.95 7.37 -5.66
C GLN B 44 11.01 6.29 -5.16
N LYS B 45 11.34 5.05 -5.50
CA LYS B 45 10.53 3.91 -5.09
C LYS B 45 11.45 2.72 -4.81
N ALA B 46 11.06 1.94 -3.82
CA ALA B 46 11.84 0.77 -3.44
C ALA B 46 10.90 -0.43 -3.29
N CYS B 47 11.05 -1.39 -4.20
CA CYS B 47 10.23 -2.58 -4.18
C CYS B 47 10.67 -3.45 -3.00
N LEU B 48 9.68 -4.03 -2.33
CA LEU B 48 9.95 -4.88 -1.19
C LEU B 48 9.64 -6.33 -1.55
N ASN B 49 10.12 -7.24 -0.72
CA ASN B 49 9.91 -8.66 -0.94
C ASN B 49 8.77 -9.14 -0.03
N PRO B 50 7.69 -9.63 -0.69
CA PRO B 50 6.53 -10.13 0.04
C PRO B 50 6.82 -11.49 0.65
N ALA B 51 8.04 -11.96 0.44
CA ALA B 51 8.46 -13.25 0.98
C ALA B 51 9.39 -13.03 2.16
N SER B 52 9.37 -11.81 2.68
CA SER B 52 10.19 -11.45 3.82
C SER B 52 9.32 -11.09 5.02
N PRO B 53 9.79 -11.50 6.22
CA PRO B 53 9.05 -11.21 7.44
C PRO B 53 9.21 -9.75 7.85
N MET B 54 10.28 -9.14 7.35
CA MET B 54 10.57 -7.74 7.65
C MET B 54 9.66 -6.82 6.85
N VAL B 55 9.11 -7.36 5.78
CA VAL B 55 8.22 -6.60 4.91
C VAL B 55 6.89 -6.36 5.64
N LYS B 56 6.66 -7.17 6.66
CA LYS B 56 5.45 -7.06 7.45
C LYS B 56 5.69 -6.16 8.66
N LYS B 57 6.91 -5.61 8.71
CA LYS B 57 7.29 -4.74 9.80
C LYS B 57 7.60 -3.34 9.25
N ILE B 58 7.79 -3.29 7.94
CA ILE B 58 8.09 -2.03 7.27
C ILE B 58 6.78 -1.39 6.81
N ILE B 59 5.73 -2.19 6.78
CA ILE B 59 4.43 -1.70 6.35
C ILE B 59 3.65 -1.23 7.59
N GLU B 60 3.47 -2.15 8.53
CA GLU B 60 2.75 -1.83 9.74
C GLU B 60 3.32 -0.57 10.39
N LYS B 61 4.63 -0.43 10.29
CA LYS B 61 5.30 0.72 10.86
C LYS B 61 4.96 1.97 10.04
N MET B 62 4.83 1.77 8.74
CA MET B 62 4.49 2.86 7.84
C MET B 62 3.12 3.45 8.19
N LEU B 63 2.19 2.57 8.50
CA LEU B 63 0.85 2.98 8.86
C LEU B 63 0.88 3.70 10.21
N LYS B 64 1.98 3.52 10.91
CA LYS B 64 2.15 4.14 12.22
C LYS B 64 3.07 5.36 12.09
N ASN B 65 3.90 5.33 11.06
CA ASN B 65 4.83 6.41 10.81
C ASN B 65 5.79 6.54 12.00
N GLY B 66 5.28 7.15 13.05
CA GLY B 66 6.06 7.35 14.26
C GLY B 66 5.87 8.76 14.82
N LYS B 67 5.38 8.82 16.05
CA LYS B 67 5.14 10.09 16.70
C LYS B 67 6.48 10.77 16.99
N SER B 68 6.40 11.89 17.69
CA SER B 68 7.60 12.65 18.03
C SER B 68 7.24 13.78 18.99
N ASN B 69 7.13 13.42 20.27
CA ASN B 69 6.81 14.39 21.29
C ASN B 69 7.77 15.58 21.20
N THR A 1 6.77 24.58 -1.48
CA THR A 1 5.51 23.99 -1.90
C THR A 1 4.58 23.82 -0.70
N GLU A 2 3.34 24.26 -0.89
CA GLU A 2 2.34 24.16 0.17
C GLU A 2 1.23 23.20 -0.24
N LEU A 3 1.49 21.91 -0.03
CA LEU A 3 0.52 20.89 -0.37
C LEU A 3 -0.15 20.38 0.91
N ARG A 4 -1.12 19.50 0.71
CA ARG A 4 -1.86 18.93 1.84
C ARG A 4 -2.03 17.43 1.66
N CYS A 5 -3.19 16.94 2.10
CA CYS A 5 -3.49 15.53 1.99
C CYS A 5 -3.74 15.20 0.52
N GLN A 6 -3.58 13.93 0.19
CA GLN A 6 -3.80 13.47 -1.17
C GLN A 6 -5.24 12.99 -1.36
N CYS A 7 -5.96 12.97 -0.25
CA CYS A 7 -7.35 12.53 -0.27
C CYS A 7 -8.13 13.34 0.77
N LEU A 8 -9.23 13.92 0.33
CA LEU A 8 -10.06 14.72 1.20
C LEU A 8 -11.13 13.83 1.83
N GLN A 9 -11.39 12.70 1.16
CA GLN A 9 -12.38 11.76 1.64
C GLN A 9 -11.79 10.35 1.71
N THR A 10 -12.56 9.44 2.29
CA THR A 10 -12.13 8.06 2.42
C THR A 10 -13.33 7.14 2.62
N LEU A 11 -13.08 5.85 2.44
CA LEU A 11 -14.14 4.86 2.60
C LEU A 11 -14.09 4.28 4.02
N GLN A 12 -15.08 3.45 4.31
CA GLN A 12 -15.17 2.84 5.62
C GLN A 12 -14.78 1.35 5.54
N GLY A 13 -14.72 0.86 4.31
CA GLY A 13 -14.38 -0.53 4.09
C GLY A 13 -15.11 -1.09 2.87
N ILE A 14 -14.43 -1.05 1.73
CA ILE A 14 -15.02 -1.54 0.49
C ILE A 14 -14.70 -3.04 0.36
N HIS A 15 -15.47 -3.69 -0.51
CA HIS A 15 -15.28 -5.12 -0.74
C HIS A 15 -13.86 -5.38 -1.21
N LEU A 16 -13.28 -6.45 -0.69
CA LEU A 16 -11.92 -6.83 -1.04
C LEU A 16 -11.94 -7.61 -2.37
N LYS A 17 -13.12 -7.67 -2.96
CA LYS A 17 -13.29 -8.37 -4.22
C LYS A 17 -13.14 -7.38 -5.38
N ASN A 18 -13.25 -6.11 -5.04
CA ASN A 18 -13.14 -5.06 -6.03
C ASN A 18 -11.71 -4.50 -6.02
N ILE A 19 -11.19 -4.32 -4.82
CA ILE A 19 -9.85 -3.79 -4.65
C ILE A 19 -8.85 -4.73 -5.35
N GLN A 20 -7.97 -4.13 -6.13
CA GLN A 20 -6.96 -4.89 -6.85
C GLN A 20 -5.57 -4.59 -6.29
N SER A 21 -5.45 -3.41 -5.69
CA SER A 21 -4.18 -2.99 -5.13
C SER A 21 -4.42 -2.06 -3.93
N VAL A 22 -3.40 -1.93 -3.11
CA VAL A 22 -3.49 -1.08 -1.94
C VAL A 22 -2.29 -0.14 -1.89
N LYS A 23 -2.57 1.13 -1.65
CA LYS A 23 -1.52 2.14 -1.58
C LYS A 23 -1.59 2.84 -0.23
N VAL A 24 -0.47 2.78 0.49
CA VAL A 24 -0.40 3.41 1.79
C VAL A 24 0.58 4.59 1.73
N LYS A 25 0.03 5.78 1.94
CA LYS A 25 0.83 6.99 1.89
C LYS A 25 0.67 7.74 3.22
N SER A 26 1.60 7.48 4.13
CA SER A 26 1.57 8.12 5.43
C SER A 26 1.54 9.65 5.26
N PRO A 27 1.42 10.34 6.42
CA PRO A 27 1.37 11.80 6.41
C PRO A 27 2.76 12.39 6.16
N GLY A 28 2.81 13.71 6.12
CA GLY A 28 4.05 14.42 5.89
C GLY A 28 4.06 15.78 6.57
N PRO A 29 4.96 16.68 6.08
CA PRO A 29 5.08 18.01 6.64
C PRO A 29 3.91 18.90 6.18
N HIS A 30 3.02 18.29 5.40
CA HIS A 30 1.86 19.00 4.89
C HIS A 30 0.59 18.40 5.48
N CYS A 31 0.45 17.09 5.30
CA CYS A 31 -0.71 16.38 5.80
C CYS A 31 -0.28 15.57 7.03
N ALA A 32 -0.88 15.90 8.16
CA ALA A 32 -0.57 15.22 9.40
C ALA A 32 -1.54 14.03 9.58
N GLN A 33 -2.06 13.57 8.46
CA GLN A 33 -2.99 12.46 8.48
C GLN A 33 -2.63 11.44 7.40
N THR A 34 -3.04 10.20 7.63
CA THR A 34 -2.76 9.13 6.70
C THR A 34 -3.69 9.21 5.48
N GLU A 35 -3.29 8.52 4.43
CA GLU A 35 -4.08 8.51 3.21
C GLU A 35 -4.01 7.14 2.54
N VAL A 36 -4.79 6.21 3.08
CA VAL A 36 -4.81 4.86 2.55
C VAL A 36 -5.62 4.84 1.25
N ILE A 37 -5.00 4.30 0.22
CA ILE A 37 -5.65 4.21 -1.09
C ILE A 37 -5.62 2.77 -1.57
N ALA A 38 -6.51 2.47 -2.51
CA ALA A 38 -6.60 1.14 -3.06
C ALA A 38 -7.07 1.23 -4.52
N THR A 39 -6.33 0.53 -5.38
CA THR A 39 -6.64 0.53 -6.80
C THR A 39 -7.75 -0.50 -7.09
N LEU A 40 -8.78 -0.02 -7.77
CA LEU A 40 -9.90 -0.88 -8.13
C LEU A 40 -9.48 -1.81 -9.27
N LYS A 41 -10.07 -3.00 -9.27
CA LYS A 41 -9.77 -3.98 -10.29
C LYS A 41 -10.44 -3.57 -11.61
N ASN A 42 -11.19 -2.47 -11.53
CA ASN A 42 -11.87 -1.96 -12.70
C ASN A 42 -11.06 -0.81 -13.31
N GLY A 43 -10.05 -0.39 -12.57
CA GLY A 43 -9.18 0.68 -13.03
C GLY A 43 -9.39 1.94 -12.19
N GLN A 44 -10.41 1.89 -11.35
CA GLN A 44 -10.73 3.02 -10.48
C GLN A 44 -9.92 2.94 -9.18
N LYS A 45 -10.25 3.83 -8.26
CA LYS A 45 -9.57 3.85 -6.98
C LYS A 45 -10.59 4.16 -5.88
N ALA A 46 -10.30 3.62 -4.69
CA ALA A 46 -11.18 3.81 -3.56
C ALA A 46 -10.34 4.16 -2.33
N CYS A 47 -10.50 5.39 -1.87
CA CYS A 47 -9.76 5.85 -0.70
C CYS A 47 -10.34 5.17 0.54
N LEU A 48 -9.45 4.74 1.42
CA LEU A 48 -9.86 4.08 2.64
C LEU A 48 -9.54 4.97 3.84
N ASN A 49 -10.24 4.71 4.93
CA ASN A 49 -10.04 5.49 6.15
C ASN A 49 -9.12 4.71 7.10
N PRO A 50 -7.97 5.35 7.44
CA PRO A 50 -7.02 4.73 8.34
C PRO A 50 -7.52 4.77 9.79
N ALA A 51 -8.72 5.30 9.96
CA ALA A 51 -9.31 5.39 11.27
C ALA A 51 -10.44 4.36 11.39
N SER A 52 -10.39 3.38 10.51
CA SER A 52 -11.40 2.33 10.49
C SER A 52 -10.75 0.98 10.78
N PRO A 53 -11.49 0.13 11.55
CA PRO A 53 -11.00 -1.19 11.90
C PRO A 53 -11.08 -2.14 10.71
N MET A 54 -12.07 -1.88 9.86
CA MET A 54 -12.27 -2.71 8.68
C MET A 54 -11.24 -2.38 7.60
N VAL A 55 -10.75 -1.15 7.66
CA VAL A 55 -9.77 -0.69 6.69
C VAL A 55 -8.43 -1.38 6.97
N LYS A 56 -8.36 -2.03 8.11
CA LYS A 56 -7.15 -2.73 8.50
C LYS A 56 -7.32 -4.22 8.24
N LYS A 57 -8.45 -4.56 7.65
CA LYS A 57 -8.73 -5.95 7.34
C LYS A 57 -8.87 -6.11 5.82
N ILE A 58 -9.04 -4.98 5.15
CA ILE A 58 -9.19 -4.97 3.70
C ILE A 58 -7.80 -4.80 3.06
N ILE A 59 -6.86 -4.35 3.87
CA ILE A 59 -5.51 -4.14 3.40
C ILE A 59 -4.67 -5.39 3.68
N GLU A 60 -4.64 -5.76 4.96
CA GLU A 60 -3.89 -6.94 5.38
C GLU A 60 -4.31 -8.15 4.55
N LYS A 61 -5.59 -8.20 4.23
CA LYS A 61 -6.14 -9.31 3.45
C LYS A 61 -5.64 -9.20 2.00
N MET A 62 -5.49 -7.96 1.56
CA MET A 62 -5.02 -7.71 0.20
C MET A 62 -3.63 -8.29 -0.01
N LEU A 63 -2.80 -8.17 1.02
CA LEU A 63 -1.43 -8.68 0.95
C LEU A 63 -1.47 -10.21 0.94
N LYS A 64 -2.62 -10.75 1.31
CA LYS A 64 -2.79 -12.19 1.35
C LYS A 64 -3.60 -12.63 0.13
N ASN A 65 -4.41 -11.72 -0.37
CA ASN A 65 -5.23 -12.00 -1.53
C ASN A 65 -6.19 -13.15 -1.22
N GLY A 66 -5.66 -14.36 -1.23
CA GLY A 66 -6.45 -15.53 -0.94
C GLY A 66 -7.49 -15.77 -2.03
N LYS A 67 -7.25 -16.81 -2.82
CA LYS A 67 -8.16 -17.16 -3.90
C LYS A 67 -9.36 -17.92 -3.32
N SER A 68 -10.19 -18.42 -4.24
CA SER A 68 -11.37 -19.16 -3.84
C SER A 68 -12.23 -19.47 -5.06
N ASN A 69 -11.75 -20.39 -5.87
CA ASN A 69 -12.46 -20.79 -7.07
C ASN A 69 -12.94 -19.54 -7.81
N THR B 1 -3.99 -10.59 -23.33
CA THR B 1 -3.89 -10.53 -21.88
C THR B 1 -2.54 -11.10 -21.42
N GLU B 2 -1.48 -10.60 -22.03
CA GLU B 2 -0.15 -11.05 -21.70
C GLU B 2 0.56 -10.01 -20.84
N LEU B 3 0.18 -9.99 -19.56
CA LEU B 3 0.76 -9.05 -18.63
C LEU B 3 1.67 -9.80 -17.65
N ARG B 4 2.45 -9.05 -16.91
CA ARG B 4 3.37 -9.63 -15.93
C ARG B 4 3.30 -8.85 -14.62
N CYS B 5 4.45 -8.76 -13.96
CA CYS B 5 4.54 -8.06 -12.69
C CYS B 5 5.03 -6.63 -12.97
N GLN B 6 4.72 -5.74 -12.05
CA GLN B 6 5.12 -4.35 -12.17
C GLN B 6 6.53 -4.16 -11.60
N CYS B 7 7.07 -5.25 -11.06
CA CYS B 7 8.41 -5.20 -10.49
C CYS B 7 9.10 -6.52 -10.80
N LEU B 8 10.29 -6.40 -11.39
CA LEU B 8 11.06 -7.59 -11.75
C LEU B 8 11.96 -7.97 -10.57
N GLN B 9 12.15 -7.02 -9.67
CA GLN B 9 12.98 -7.26 -8.51
C GLN B 9 12.29 -6.71 -7.26
N THR B 10 12.91 -7.00 -6.11
CA THR B 10 12.37 -6.55 -4.84
C THR B 10 13.47 -6.49 -3.78
N LEU B 11 13.17 -5.82 -2.69
CA LEU B 11 14.12 -5.67 -1.60
C LEU B 11 13.71 -6.59 -0.45
N GLN B 12 14.54 -6.60 0.58
CA GLN B 12 14.28 -7.42 1.76
C GLN B 12 13.64 -6.59 2.86
N GLY B 13 13.60 -5.28 2.63
CA GLY B 13 13.03 -4.36 3.60
C GLY B 13 14.03 -3.27 3.99
N ILE B 14 13.84 -2.11 3.39
CA ILE B 14 14.71 -0.98 3.66
C ILE B 14 14.20 -0.22 4.89
N HIS B 15 15.09 0.55 5.49
CA HIS B 15 14.76 1.32 6.67
C HIS B 15 13.50 2.15 6.39
N LEU B 16 12.65 2.24 7.41
CA LEU B 16 11.42 3.01 7.29
C LEU B 16 11.73 4.49 7.43
N LYS B 17 13.01 4.79 7.61
CA LYS B 17 13.44 6.16 7.75
C LYS B 17 13.52 6.82 6.37
N ASN B 18 13.50 5.97 5.35
CA ASN B 18 13.56 6.46 3.98
C ASN B 18 12.17 6.33 3.34
N ILE B 19 11.66 5.12 3.37
CA ILE B 19 10.34 4.85 2.80
C ILE B 19 9.36 5.92 3.27
N GLN B 20 8.67 6.50 2.30
CA GLN B 20 7.69 7.54 2.60
C GLN B 20 6.26 7.01 2.38
N SER B 21 6.18 5.93 1.61
CA SER B 21 4.90 5.33 1.32
C SER B 21 5.09 3.88 0.87
N VAL B 22 4.03 3.10 1.02
CA VAL B 22 4.07 1.70 0.64
C VAL B 22 2.86 1.37 -0.23
N LYS B 23 3.12 0.64 -1.30
CA LYS B 23 2.06 0.24 -2.22
C LYS B 23 2.15 -1.25 -2.48
N VAL B 24 1.02 -1.92 -2.27
CA VAL B 24 0.95 -3.36 -2.49
C VAL B 24 0.03 -3.66 -3.67
N LYS B 25 0.59 -4.33 -4.67
CA LYS B 25 -0.16 -4.67 -5.86
C LYS B 25 -0.29 -6.19 -5.95
N SER B 26 -1.32 -6.71 -5.30
CA SER B 26 -1.56 -8.15 -5.31
C SER B 26 -1.42 -8.70 -6.72
N PRO B 27 -1.42 -10.05 -6.81
CA PRO B 27 -1.29 -10.72 -8.10
C PRO B 27 -2.60 -10.63 -8.89
N GLY B 28 -2.54 -11.15 -10.12
CA GLY B 28 -3.70 -11.13 -10.99
C GLY B 28 -3.69 -12.33 -11.94
N PRO B 29 -4.50 -12.20 -13.02
CA PRO B 29 -4.58 -13.26 -14.02
C PRO B 29 -3.34 -13.28 -14.91
N HIS B 30 -2.43 -12.37 -14.62
CA HIS B 30 -1.20 -12.26 -15.38
C HIS B 30 -0.01 -12.67 -14.50
N CYS B 31 0.04 -12.08 -13.32
CA CYS B 31 1.11 -12.36 -12.38
C CYS B 31 0.49 -12.99 -11.12
N ALA B 32 0.92 -14.21 -10.83
CA ALA B 32 0.42 -14.92 -9.66
C ALA B 32 1.33 -14.65 -8.47
N GLN B 33 2.02 -13.51 -8.53
CA GLN B 33 2.92 -13.11 -7.48
C GLN B 33 2.58 -11.71 -6.98
N THR B 34 2.94 -11.45 -5.73
CA THR B 34 2.68 -10.16 -5.12
C THR B 34 3.71 -9.13 -5.58
N GLU B 35 3.36 -7.86 -5.42
CA GLU B 35 4.24 -6.78 -5.80
C GLU B 35 4.10 -5.61 -4.85
N VAL B 36 5.14 -5.40 -4.04
CA VAL B 36 5.14 -4.32 -3.08
C VAL B 36 6.08 -3.21 -3.55
N ILE B 37 5.49 -2.05 -3.80
CA ILE B 37 6.26 -0.90 -4.26
C ILE B 37 6.09 0.26 -3.28
N ALA B 38 7.19 0.63 -2.65
CA ALA B 38 7.17 1.72 -1.69
C ALA B 38 7.85 2.94 -2.30
N THR B 39 7.35 4.11 -1.92
CA THR B 39 7.89 5.36 -2.42
C THR B 39 8.92 5.92 -1.44
N LEU B 40 10.07 6.30 -1.99
CA LEU B 40 11.14 6.85 -1.18
C LEU B 40 10.81 8.30 -0.83
N LYS B 41 11.30 8.73 0.33
CA LYS B 41 11.05 10.08 0.79
C LYS B 41 11.94 11.06 -0.01
N ASN B 42 12.78 10.47 -0.86
CA ASN B 42 13.67 11.26 -1.68
C ASN B 42 13.06 11.42 -3.08
N GLY B 43 11.99 10.69 -3.31
CA GLY B 43 11.31 10.75 -4.59
C GLY B 43 11.50 9.44 -5.38
N GLN B 44 12.38 8.60 -4.84
CA GLN B 44 12.67 7.32 -5.48
C GLN B 44 11.65 6.26 -5.04
N LYS B 45 11.92 5.03 -5.44
CA LYS B 45 11.04 3.92 -5.09
C LYS B 45 11.89 2.69 -4.79
N ALA B 46 11.41 1.90 -3.84
CA ALA B 46 12.11 0.69 -3.46
C ALA B 46 11.09 -0.46 -3.31
N CYS B 47 11.22 -1.43 -4.20
CA CYS B 47 10.33 -2.58 -4.19
C CYS B 47 10.75 -3.49 -3.04
N LEU B 48 9.74 -4.03 -2.37
CA LEU B 48 9.99 -4.92 -1.25
C LEU B 48 9.58 -6.34 -1.63
N ASN B 49 10.02 -7.29 -0.83
CA ASN B 49 9.71 -8.69 -1.07
C ASN B 49 8.50 -9.10 -0.23
N PRO B 50 7.44 -9.56 -0.93
CA PRO B 50 6.22 -9.98 -0.26
C PRO B 50 6.41 -11.34 0.41
N ALA B 51 7.61 -11.87 0.28
CA ALA B 51 7.94 -13.16 0.86
C ALA B 51 8.89 -12.95 2.05
N SER B 52 8.89 -11.74 2.57
CA SER B 52 9.73 -11.41 3.69
C SER B 52 8.88 -11.00 4.90
N PRO B 53 9.37 -11.38 6.11
CA PRO B 53 8.67 -11.07 7.34
C PRO B 53 8.83 -9.59 7.70
N MET B 54 9.94 -9.02 7.25
CA MET B 54 10.23 -7.62 7.52
C MET B 54 9.30 -6.71 6.73
N VAL B 55 8.73 -7.26 5.66
CA VAL B 55 7.83 -6.51 4.82
C VAL B 55 6.52 -6.26 5.57
N LYS B 56 6.30 -7.07 6.60
CA LYS B 56 5.10 -6.94 7.41
C LYS B 56 5.40 -6.06 8.62
N LYS B 57 6.63 -5.55 8.65
CA LYS B 57 7.04 -4.69 9.75
C LYS B 57 7.36 -3.30 9.21
N ILE B 58 7.53 -3.23 7.89
CA ILE B 58 7.85 -1.98 7.24
C ILE B 58 6.55 -1.29 6.81
N ILE B 59 5.48 -2.08 6.78
CA ILE B 59 4.18 -1.56 6.40
C ILE B 59 3.43 -1.10 7.65
N GLU B 60 3.25 -2.04 8.58
CA GLU B 60 2.56 -1.74 9.82
C GLU B 60 3.17 -0.51 10.49
N LYS B 61 4.49 -0.39 10.35
CA LYS B 61 5.20 0.73 10.93
C LYS B 61 4.95 1.99 10.09
N MET B 62 4.72 1.76 8.81
CA MET B 62 4.48 2.86 7.89
C MET B 62 3.11 3.50 8.16
N LEU B 63 2.16 2.66 8.51
CA LEU B 63 0.81 3.12 8.80
C LEU B 63 0.80 3.82 10.16
N LYS B 64 1.86 3.58 10.92
CA LYS B 64 1.99 4.18 12.24
C LYS B 64 3.02 5.31 12.19
N ASN B 65 3.85 5.26 11.16
CA ASN B 65 4.89 6.27 10.99
C ASN B 65 5.84 6.23 12.18
N GLY B 66 5.38 6.79 13.29
CA GLY B 66 6.18 6.82 14.51
C GLY B 66 5.57 7.77 15.54
N LYS B 67 5.94 7.56 16.79
CA LYS B 67 5.45 8.38 17.88
C LYS B 67 6.50 8.45 18.99
N SER B 68 6.70 7.31 19.64
CA SER B 68 7.68 7.23 20.71
C SER B 68 7.48 8.40 21.68
N ASN B 69 6.51 8.25 22.56
CA ASN B 69 6.21 9.30 23.53
C ASN B 69 6.29 10.66 22.86
N THR A 1 5.31 25.64 -0.47
CA THR A 1 5.09 24.30 0.05
C THR A 1 3.70 24.20 0.66
N GLU A 2 2.70 24.59 -0.12
CA GLU A 2 1.33 24.55 0.34
C GLU A 2 0.63 23.31 -0.22
N LEU A 3 0.98 22.16 0.35
CA LEU A 3 0.39 20.90 -0.07
C LEU A 3 -0.58 20.41 1.00
N ARG A 4 -1.41 19.46 0.61
CA ARG A 4 -2.39 18.90 1.51
C ARG A 4 -2.42 17.38 1.40
N CYS A 5 -3.61 16.82 1.55
CA CYS A 5 -3.78 15.38 1.47
C CYS A 5 -4.20 15.03 0.04
N GLN A 6 -3.69 13.91 -0.43
CA GLN A 6 -4.01 13.44 -1.77
C GLN A 6 -5.42 12.88 -1.82
N CYS A 7 -6.05 12.82 -0.66
CA CYS A 7 -7.40 12.30 -0.55
C CYS A 7 -8.15 13.12 0.49
N LEU A 8 -9.31 13.61 0.09
CA LEU A 8 -10.15 14.41 0.99
C LEU A 8 -11.20 13.52 1.63
N GLN A 9 -11.41 12.36 1.01
CA GLN A 9 -12.40 11.41 1.51
C GLN A 9 -11.76 10.03 1.67
N THR A 10 -12.54 9.13 2.25
CA THR A 10 -12.07 7.77 2.47
C THR A 10 -13.24 6.82 2.67
N LEU A 11 -12.95 5.53 2.57
CA LEU A 11 -13.98 4.52 2.73
C LEU A 11 -13.73 3.76 4.04
N GLN A 12 -14.82 3.50 4.76
CA GLN A 12 -14.73 2.78 6.02
C GLN A 12 -14.33 1.33 5.77
N GLY A 13 -14.43 0.93 4.51
CA GLY A 13 -14.09 -0.43 4.14
C GLY A 13 -14.90 -0.89 2.93
N ILE A 14 -14.29 -0.83 1.76
CA ILE A 14 -14.94 -1.24 0.54
C ILE A 14 -14.63 -2.71 0.25
N HIS A 15 -15.48 -3.32 -0.56
CA HIS A 15 -15.30 -4.71 -0.92
C HIS A 15 -13.88 -4.94 -1.43
N LEU A 16 -13.25 -5.98 -0.92
CA LEU A 16 -11.90 -6.32 -1.31
C LEU A 16 -11.94 -7.21 -2.55
N LYS A 17 -13.11 -7.28 -3.16
CA LYS A 17 -13.30 -8.09 -4.35
C LYS A 17 -13.04 -7.24 -5.59
N ASN A 18 -13.12 -5.93 -5.39
CA ASN A 18 -12.91 -5.00 -6.49
C ASN A 18 -11.47 -4.47 -6.42
N ILE A 19 -11.00 -4.27 -5.19
CA ILE A 19 -9.65 -3.77 -4.98
C ILE A 19 -8.66 -4.69 -5.70
N GLN A 20 -7.77 -4.06 -6.46
CA GLN A 20 -6.76 -4.81 -7.20
C GLN A 20 -5.36 -4.48 -6.65
N SER A 21 -5.26 -3.32 -6.04
CA SER A 21 -3.98 -2.88 -5.48
C SER A 21 -4.23 -1.98 -4.27
N VAL A 22 -3.18 -1.80 -3.48
CA VAL A 22 -3.27 -0.96 -2.30
C VAL A 22 -2.10 0.03 -2.29
N LYS A 23 -2.43 1.28 -2.02
CA LYS A 23 -1.43 2.33 -1.99
C LYS A 23 -1.58 3.13 -0.69
N VAL A 24 -0.50 3.14 0.09
CA VAL A 24 -0.50 3.85 1.35
C VAL A 24 0.51 5.00 1.28
N LYS A 25 0.00 6.21 1.48
CA LYS A 25 0.86 7.39 1.44
C LYS A 25 0.74 8.13 2.78
N SER A 26 1.58 7.72 3.72
CA SER A 26 1.59 8.34 5.04
C SER A 26 1.58 9.86 4.90
N PRO A 27 1.48 10.54 6.07
CA PRO A 27 1.46 11.99 6.10
C PRO A 27 2.86 12.56 5.85
N GLY A 28 2.91 13.87 5.65
CA GLY A 28 4.17 14.55 5.41
C GLY A 28 4.18 15.93 6.06
N PRO A 29 5.07 16.82 5.52
CA PRO A 29 5.19 18.16 6.04
C PRO A 29 4.01 19.03 5.61
N HIS A 30 3.10 18.41 4.87
CA HIS A 30 1.92 19.11 4.39
C HIS A 30 0.66 18.48 5.01
N CYS A 31 0.49 17.19 4.75
CA CYS A 31 -0.65 16.46 5.27
C CYS A 31 -0.20 15.66 6.50
N ALA A 32 -0.76 16.04 7.64
CA ALA A 32 -0.43 15.37 8.88
C ALA A 32 -1.42 14.24 9.14
N GLN A 33 -2.00 13.75 8.05
CA GLN A 33 -2.97 12.67 8.14
C GLN A 33 -2.70 11.63 7.04
N THR A 34 -3.10 10.40 7.34
CA THR A 34 -2.90 9.32 6.39
C THR A 34 -3.92 9.43 5.24
N GLU A 35 -3.63 8.70 4.17
CA GLU A 35 -4.49 8.70 3.01
C GLU A 35 -4.29 7.43 2.19
N VAL A 36 -4.88 6.35 2.69
CA VAL A 36 -4.77 5.07 2.01
C VAL A 36 -5.57 5.10 0.72
N ILE A 37 -4.96 4.64 -0.35
CA ILE A 37 -5.60 4.62 -1.66
C ILE A 37 -5.46 3.22 -2.26
N ALA A 38 -6.60 2.59 -2.49
CA ALA A 38 -6.62 1.26 -3.07
C ALA A 38 -7.07 1.34 -4.53
N THR A 39 -6.34 0.64 -5.39
CA THR A 39 -6.67 0.63 -6.80
C THR A 39 -7.77 -0.40 -7.09
N LEU A 40 -8.66 -0.02 -7.98
CA LEU A 40 -9.77 -0.89 -8.36
C LEU A 40 -9.33 -1.77 -9.54
N LYS A 41 -9.92 -2.95 -9.60
CA LYS A 41 -9.60 -3.89 -10.66
C LYS A 41 -10.25 -3.41 -11.96
N ASN A 42 -11.02 -2.34 -11.84
CA ASN A 42 -11.70 -1.77 -13.00
C ASN A 42 -10.92 -0.56 -13.50
N GLY A 43 -9.91 -0.18 -12.73
CA GLY A 43 -9.08 0.95 -13.08
C GLY A 43 -9.35 2.15 -12.17
N GLN A 44 -10.41 2.01 -11.39
CA GLN A 44 -10.79 3.06 -10.45
C GLN A 44 -9.94 2.97 -9.17
N LYS A 45 -10.31 3.80 -8.21
CA LYS A 45 -9.60 3.81 -6.94
C LYS A 45 -10.59 4.10 -5.80
N ALA A 46 -10.33 3.48 -4.66
CA ALA A 46 -11.19 3.65 -3.51
C ALA A 46 -10.33 3.94 -2.27
N CYS A 47 -10.42 5.17 -1.81
CA CYS A 47 -9.66 5.59 -0.64
C CYS A 47 -10.27 4.92 0.60
N LEU A 48 -9.39 4.48 1.49
CA LEU A 48 -9.82 3.84 2.71
C LEU A 48 -9.63 4.79 3.89
N ASN A 49 -10.24 4.42 5.01
CA ASN A 49 -10.15 5.23 6.22
C ASN A 49 -9.04 4.68 7.11
N PRO A 50 -7.94 5.47 7.20
CA PRO A 50 -6.80 5.08 8.01
C PRO A 50 -7.11 5.26 9.51
N ALA A 51 -8.28 4.80 9.90
CA ALA A 51 -8.70 4.90 11.28
C ALA A 51 -9.85 3.92 11.54
N SER A 52 -9.85 2.85 10.77
CA SER A 52 -10.88 1.83 10.90
C SER A 52 -10.24 0.46 11.06
N PRO A 53 -10.92 -0.41 11.85
CA PRO A 53 -10.43 -1.76 12.09
C PRO A 53 -10.64 -2.65 10.88
N MET A 54 -11.24 -2.06 9.85
CA MET A 54 -11.50 -2.79 8.62
C MET A 54 -10.44 -2.49 7.56
N VAL A 55 -9.79 -1.35 7.74
CA VAL A 55 -8.75 -0.93 6.80
C VAL A 55 -7.51 -1.80 7.01
N LYS A 56 -7.41 -2.37 8.20
CA LYS A 56 -6.28 -3.22 8.53
C LYS A 56 -6.65 -4.69 8.26
N LYS A 57 -7.85 -4.86 7.73
CA LYS A 57 -8.33 -6.20 7.41
C LYS A 57 -8.54 -6.32 5.90
N ILE A 58 -8.57 -5.17 5.24
CA ILE A 58 -8.76 -5.13 3.80
C ILE A 58 -7.40 -5.07 3.11
N ILE A 59 -6.39 -4.73 3.91
CA ILE A 59 -5.03 -4.65 3.39
C ILE A 59 -4.31 -5.97 3.61
N GLU A 60 -4.29 -6.40 4.87
CA GLU A 60 -3.63 -7.65 5.22
C GLU A 60 -4.15 -8.78 4.33
N LYS A 61 -5.42 -8.70 3.98
CA LYS A 61 -6.04 -9.71 3.13
C LYS A 61 -5.59 -9.49 1.68
N MET A 62 -5.41 -8.22 1.34
CA MET A 62 -4.99 -7.87 -0.01
C MET A 62 -3.65 -8.51 -0.35
N LEU A 63 -2.79 -8.58 0.66
CA LEU A 63 -1.47 -9.17 0.49
C LEU A 63 -1.61 -10.68 0.28
N LYS A 64 -2.79 -11.18 0.61
CA LYS A 64 -3.08 -12.60 0.46
C LYS A 64 -3.96 -12.83 -0.76
N ASN A 65 -4.79 -11.83 -1.04
CA ASN A 65 -5.69 -11.90 -2.18
C ASN A 65 -6.63 -13.09 -2.00
N GLY A 66 -6.11 -14.27 -2.30
CA GLY A 66 -6.89 -15.49 -2.18
C GLY A 66 -7.12 -16.13 -3.54
N LYS A 67 -6.99 -17.45 -3.57
CA LYS A 67 -7.18 -18.20 -4.80
C LYS A 67 -8.67 -18.41 -5.04
N SER A 68 -8.96 -19.22 -6.05
CA SER A 68 -10.34 -19.52 -6.39
C SER A 68 -11.14 -18.22 -6.54
N ASN A 69 -10.95 -17.58 -7.69
CA ASN A 69 -11.63 -16.33 -7.97
C ASN A 69 -11.65 -15.47 -6.71
N THR B 1 -5.24 -8.04 -20.74
CA THR B 1 -5.36 -9.47 -20.55
C THR B 1 -3.99 -10.10 -20.33
N GLU B 2 -3.03 -9.64 -21.12
CA GLU B 2 -1.66 -10.15 -21.02
C GLU B 2 -0.80 -9.18 -20.22
N LEU B 3 -1.03 -9.18 -18.91
CA LEU B 3 -0.27 -8.32 -18.02
C LEU B 3 0.73 -9.15 -17.23
N ARG B 4 1.63 -8.45 -16.55
CA ARG B 4 2.66 -9.12 -15.77
C ARG B 4 2.80 -8.43 -14.41
N CYS B 5 4.04 -8.39 -13.93
CA CYS B 5 4.33 -7.76 -12.66
C CYS B 5 4.93 -6.39 -12.92
N GLN B 6 4.96 -5.57 -11.88
CA GLN B 6 5.51 -4.23 -11.98
C GLN B 6 6.93 -4.19 -11.41
N CYS B 7 7.34 -5.32 -10.86
CA CYS B 7 8.66 -5.43 -10.27
C CYS B 7 9.19 -6.84 -10.52
N LEU B 8 10.45 -6.92 -10.89
CA LEU B 8 11.08 -8.20 -11.16
C LEU B 8 11.98 -8.58 -9.98
N GLN B 9 12.27 -7.59 -9.15
CA GLN B 9 13.11 -7.80 -7.99
C GLN B 9 12.50 -7.13 -6.76
N THR B 10 13.05 -7.46 -5.60
CA THR B 10 12.58 -6.90 -4.35
C THR B 10 13.71 -6.84 -3.33
N LEU B 11 13.47 -6.07 -2.27
CA LEU B 11 14.47 -5.92 -1.22
C LEU B 11 14.14 -6.88 -0.08
N GLN B 12 14.91 -6.77 0.99
CA GLN B 12 14.72 -7.62 2.15
C GLN B 12 14.08 -6.82 3.29
N GLY B 13 14.09 -5.50 3.13
CA GLY B 13 13.52 -4.62 4.14
C GLY B 13 14.47 -3.45 4.42
N ILE B 14 14.15 -2.32 3.79
CA ILE B 14 14.97 -1.12 3.98
C ILE B 14 14.38 -0.29 5.12
N HIS B 15 15.20 0.63 5.61
CA HIS B 15 14.79 1.49 6.71
C HIS B 15 13.45 2.16 6.36
N LEU B 16 12.59 2.22 7.37
CA LEU B 16 11.28 2.82 7.19
C LEU B 16 11.37 4.34 7.44
N LYS B 17 12.61 4.81 7.51
CA LYS B 17 12.86 6.22 7.74
C LYS B 17 12.97 6.95 6.41
N ASN B 18 13.33 6.19 5.39
CA ASN B 18 13.48 6.74 4.05
C ASN B 18 12.15 6.60 3.30
N ILE B 19 11.46 5.51 3.59
CA ILE B 19 10.19 5.23 2.94
C ILE B 19 9.21 6.37 3.24
N GLN B 20 8.54 6.83 2.19
CA GLN B 20 7.58 7.91 2.33
C GLN B 20 6.16 7.39 2.06
N SER B 21 6.09 6.30 1.32
CA SER B 21 4.81 5.71 0.97
C SER B 21 4.97 4.21 0.77
N VAL B 22 3.84 3.52 0.76
CA VAL B 22 3.85 2.08 0.57
C VAL B 22 2.82 1.70 -0.50
N LYS B 23 3.21 0.74 -1.33
CA LYS B 23 2.34 0.28 -2.41
C LYS B 23 2.33 -1.25 -2.42
N VAL B 24 1.12 -1.79 -2.30
CA VAL B 24 0.95 -3.23 -2.31
C VAL B 24 0.12 -3.64 -3.53
N LYS B 25 0.80 -4.18 -4.53
CA LYS B 25 0.14 -4.61 -5.74
C LYS B 25 0.02 -6.14 -5.73
N SER B 26 -1.12 -6.60 -5.24
CA SER B 26 -1.38 -8.02 -5.16
C SER B 26 -1.38 -8.63 -6.57
N PRO B 27 -1.43 -9.99 -6.61
CA PRO B 27 -1.44 -10.70 -7.88
C PRO B 27 -2.80 -10.59 -8.56
N GLY B 28 -2.94 -11.33 -9.65
CA GLY B 28 -4.18 -11.33 -10.41
C GLY B 28 -4.16 -12.39 -11.51
N PRO B 29 -5.04 -12.18 -12.52
CA PRO B 29 -5.12 -13.11 -13.64
C PRO B 29 -3.94 -12.95 -14.59
N HIS B 30 -3.04 -12.05 -14.21
CA HIS B 30 -1.86 -11.78 -15.01
C HIS B 30 -0.61 -12.23 -14.25
N CYS B 31 -0.48 -11.72 -13.04
CA CYS B 31 0.67 -12.07 -12.20
C CYS B 31 0.14 -12.76 -10.95
N ALA B 32 0.62 -13.99 -10.75
CA ALA B 32 0.22 -14.76 -9.58
C ALA B 32 1.20 -14.53 -8.44
N GLN B 33 1.86 -13.38 -8.50
CA GLN B 33 2.83 -13.02 -7.48
C GLN B 33 2.55 -11.60 -6.97
N THR B 34 3.07 -11.33 -5.78
CA THR B 34 2.90 -10.03 -5.16
C THR B 34 3.98 -9.06 -5.64
N GLU B 35 3.73 -7.78 -5.40
CA GLU B 35 4.67 -6.75 -5.80
C GLU B 35 4.64 -5.59 -4.80
N VAL B 36 5.22 -5.83 -3.63
CA VAL B 36 5.26 -4.81 -2.59
C VAL B 36 6.26 -3.72 -2.99
N ILE B 37 5.76 -2.50 -3.03
CA ILE B 37 6.60 -1.36 -3.38
C ILE B 37 6.50 -0.30 -2.28
N ALA B 38 7.59 0.46 -2.15
CA ALA B 38 7.64 1.51 -1.15
C ALA B 38 8.31 2.74 -1.74
N THR B 39 7.61 3.87 -1.64
CA THR B 39 8.13 5.12 -2.17
C THR B 39 9.16 5.72 -1.20
N LEU B 40 10.20 6.29 -1.78
CA LEU B 40 11.25 6.91 -0.99
C LEU B 40 10.91 8.38 -0.75
N LYS B 41 11.40 8.89 0.37
CA LYS B 41 11.16 10.28 0.72
C LYS B 41 12.03 11.18 -0.16
N ASN B 42 12.88 10.54 -0.97
CA ASN B 42 13.75 11.27 -1.86
C ASN B 42 13.15 11.29 -3.26
N GLY B 43 12.09 10.52 -3.43
CA GLY B 43 11.42 10.45 -4.71
C GLY B 43 11.65 9.09 -5.38
N GLN B 44 12.57 8.33 -4.79
CA GLN B 44 12.90 7.01 -5.32
C GLN B 44 11.90 5.98 -4.81
N LYS B 45 12.19 4.72 -5.14
CA LYS B 45 11.32 3.63 -4.72
C LYS B 45 12.18 2.39 -4.44
N ALA B 46 11.76 1.63 -3.44
CA ALA B 46 12.47 0.42 -3.06
C ALA B 46 11.48 -0.74 -2.98
N CYS B 47 11.61 -1.66 -3.93
CA CYS B 47 10.74 -2.83 -3.97
C CYS B 47 11.07 -3.72 -2.77
N LEU B 48 10.02 -4.21 -2.13
CA LEU B 48 10.18 -5.08 -0.98
C LEU B 48 9.74 -6.50 -1.34
N ASN B 49 10.19 -7.44 -0.52
CA ASN B 49 9.85 -8.84 -0.75
C ASN B 49 8.61 -9.20 0.06
N PRO B 50 7.56 -9.66 -0.66
CA PRO B 50 6.31 -10.04 -0.02
C PRO B 50 6.45 -11.38 0.70
N ALA B 51 7.62 -11.99 0.52
CA ALA B 51 7.89 -13.28 1.14
C ALA B 51 8.77 -13.07 2.38
N SER B 52 8.83 -11.82 2.82
CA SER B 52 9.63 -11.48 3.98
C SER B 52 8.71 -11.03 5.14
N PRO B 53 9.10 -11.45 6.37
CA PRO B 53 8.33 -11.11 7.55
C PRO B 53 8.56 -9.64 7.95
N MET B 54 9.74 -9.15 7.59
CA MET B 54 10.09 -7.77 7.91
C MET B 54 9.33 -6.80 7.00
N VAL B 55 8.94 -7.31 5.84
CA VAL B 55 8.20 -6.49 4.88
C VAL B 55 6.77 -6.28 5.38
N LYS B 56 6.41 -7.09 6.37
CA LYS B 56 5.08 -7.00 6.95
C LYS B 56 5.13 -6.16 8.22
N LYS B 57 6.31 -5.65 8.51
CA LYS B 57 6.51 -4.83 9.69
C LYS B 57 6.92 -3.42 9.27
N ILE B 58 7.33 -3.30 8.01
CA ILE B 58 7.76 -2.03 7.47
C ILE B 58 6.56 -1.33 6.82
N ILE B 59 5.52 -2.12 6.57
CA ILE B 59 4.31 -1.59 5.95
C ILE B 59 3.32 -1.20 7.04
N GLU B 60 3.00 -2.17 7.89
CA GLU B 60 2.06 -1.94 8.98
C GLU B 60 2.50 -0.73 9.80
N LYS B 61 3.80 -0.58 9.93
CA LYS B 61 4.36 0.52 10.69
C LYS B 61 4.16 1.83 9.92
N MET B 62 4.26 1.71 8.60
CA MET B 62 4.10 2.86 7.73
C MET B 62 2.70 3.48 7.90
N LEU B 63 1.71 2.60 8.05
CA LEU B 63 0.34 3.04 8.21
C LEU B 63 0.19 3.69 9.59
N LYS B 64 1.17 3.46 10.44
CA LYS B 64 1.16 4.02 11.78
C LYS B 64 2.12 5.20 11.85
N ASN B 65 3.09 5.18 10.94
CA ASN B 65 4.08 6.25 10.88
C ASN B 65 4.87 6.27 12.19
N GLY B 66 4.24 6.83 13.21
CA GLY B 66 4.87 6.92 14.53
C GLY B 66 4.05 7.82 15.46
N LYS B 67 3.99 7.38 16.72
CA LYS B 67 3.24 8.13 17.72
C LYS B 67 3.98 9.44 18.01
N SER B 68 3.49 10.14 19.02
CA SER B 68 4.09 11.41 19.42
C SER B 68 3.28 12.04 20.56
N ASN B 69 1.99 12.17 20.32
CA ASN B 69 1.10 12.76 21.31
C ASN B 69 1.53 14.19 21.61
N THR A 1 5.32 25.98 -1.97
CA THR A 1 5.07 24.55 -1.87
C THR A 1 4.21 24.25 -0.64
N GLU A 2 2.94 24.60 -0.75
CA GLU A 2 2.01 24.37 0.35
C GLU A 2 0.93 23.37 -0.08
N LEU A 3 1.25 22.10 0.09
CA LEU A 3 0.32 21.04 -0.27
C LEU A 3 -0.32 20.48 1.00
N ARG A 4 -1.26 19.56 0.80
CA ARG A 4 -1.95 18.93 1.91
C ARG A 4 -2.05 17.42 1.69
N CYS A 5 -3.18 16.87 2.12
CA CYS A 5 -3.43 15.45 1.98
C CYS A 5 -3.70 15.16 0.50
N GLN A 6 -3.47 13.92 0.12
CA GLN A 6 -3.68 13.49 -1.26
C GLN A 6 -5.10 12.95 -1.42
N CYS A 7 -5.80 12.86 -0.29
CA CYS A 7 -7.17 12.35 -0.31
C CYS A 7 -7.98 13.15 0.71
N LEU A 8 -9.03 13.80 0.21
CA LEU A 8 -9.89 14.59 1.06
C LEU A 8 -11.05 13.72 1.58
N GLN A 9 -11.20 12.57 0.94
CA GLN A 9 -12.25 11.65 1.32
C GLN A 9 -11.68 10.26 1.58
N THR A 10 -12.53 9.38 2.08
CA THR A 10 -12.10 8.02 2.37
C THR A 10 -13.32 7.09 2.48
N LEU A 11 -13.05 5.80 2.46
CA LEU A 11 -14.11 4.81 2.55
C LEU A 11 -14.02 4.10 3.90
N GLN A 12 -15.17 3.66 4.38
CA GLN A 12 -15.25 2.97 5.66
C GLN A 12 -14.87 1.49 5.48
N GLY A 13 -14.87 1.05 4.22
CA GLY A 13 -14.54 -0.32 3.91
C GLY A 13 -15.35 -0.82 2.70
N ILE A 14 -14.68 -0.84 1.55
CA ILE A 14 -15.31 -1.29 0.33
C ILE A 14 -14.96 -2.76 0.08
N HIS A 15 -15.83 -3.43 -0.66
CA HIS A 15 -15.62 -4.83 -0.98
C HIS A 15 -14.18 -5.05 -1.43
N LEU A 16 -13.60 -6.16 -0.96
CA LEU A 16 -12.24 -6.49 -1.30
C LEU A 16 -12.22 -7.26 -2.62
N LYS A 17 -13.37 -7.25 -3.29
CA LYS A 17 -13.50 -7.95 -4.56
C LYS A 17 -13.17 -6.98 -5.70
N ASN A 18 -13.24 -5.70 -5.38
CA ASN A 18 -12.96 -4.67 -6.37
C ASN A 18 -11.50 -4.21 -6.20
N ILE A 19 -11.10 -4.04 -4.95
CA ILE A 19 -9.75 -3.62 -4.65
C ILE A 19 -8.75 -4.57 -5.30
N GLN A 20 -7.81 -4.00 -6.05
CA GLN A 20 -6.81 -4.79 -6.73
C GLN A 20 -5.42 -4.48 -6.15
N SER A 21 -5.33 -3.34 -5.49
CA SER A 21 -4.08 -2.92 -4.89
C SER A 21 -4.34 -1.98 -3.71
N VAL A 22 -3.35 -1.88 -2.85
CA VAL A 22 -3.46 -1.03 -1.68
C VAL A 22 -2.24 -0.11 -1.59
N LYS A 23 -2.50 1.15 -1.29
CA LYS A 23 -1.43 2.13 -1.18
C LYS A 23 -1.64 2.97 0.08
N VAL A 24 -0.61 3.03 0.90
CA VAL A 24 -0.67 3.79 2.13
C VAL A 24 0.34 4.93 2.07
N LYS A 25 -0.18 6.15 1.94
CA LYS A 25 0.66 7.33 1.87
C LYS A 25 0.64 8.05 3.22
N SER A 26 1.51 7.61 4.11
CA SER A 26 1.59 8.21 5.44
C SER A 26 1.59 9.74 5.33
N PRO A 27 1.45 10.40 6.51
CA PRO A 27 1.42 11.85 6.55
C PRO A 27 2.82 12.44 6.33
N GLY A 28 2.84 13.72 6.01
CA GLY A 28 4.11 14.40 5.77
C GLY A 28 4.12 15.77 6.46
N PRO A 29 4.99 16.67 5.94
CA PRO A 29 5.11 18.01 6.48
C PRO A 29 3.92 18.88 6.09
N HIS A 30 3.02 18.28 5.33
CA HIS A 30 1.83 18.98 4.87
C HIS A 30 0.58 18.29 5.44
N CYS A 31 0.50 16.99 5.20
CA CYS A 31 -0.63 16.21 5.68
C CYS A 31 -0.21 15.51 6.98
N ALA A 32 -0.96 15.79 8.03
CA ALA A 32 -0.68 15.19 9.32
C ALA A 32 -1.65 14.02 9.56
N GLN A 33 -2.14 13.48 8.46
CA GLN A 33 -3.07 12.36 8.53
C GLN A 33 -2.76 11.34 7.42
N THR A 34 -3.20 10.11 7.66
CA THR A 34 -2.97 9.04 6.71
C THR A 34 -3.84 9.26 5.46
N GLU A 35 -3.50 8.53 4.41
CA GLU A 35 -4.24 8.63 3.17
C GLU A 35 -4.13 7.32 2.38
N VAL A 36 -4.89 6.32 2.83
CA VAL A 36 -4.89 5.02 2.19
C VAL A 36 -5.59 5.13 0.82
N ILE A 37 -4.88 4.69 -0.20
CA ILE A 37 -5.41 4.73 -1.55
C ILE A 37 -5.26 3.35 -2.20
N ALA A 38 -6.37 2.65 -2.31
CA ALA A 38 -6.38 1.33 -2.91
C ALA A 38 -6.80 1.44 -4.37
N THR A 39 -6.12 0.67 -5.21
CA THR A 39 -6.41 0.66 -6.64
C THR A 39 -7.52 -0.34 -6.94
N LEU A 40 -8.50 0.12 -7.72
CA LEU A 40 -9.62 -0.72 -8.10
C LEU A 40 -9.18 -1.65 -9.24
N LYS A 41 -9.80 -2.83 -9.27
CA LYS A 41 -9.49 -3.81 -10.29
C LYS A 41 -10.11 -3.37 -11.62
N ASN A 42 -10.84 -2.26 -11.56
CA ASN A 42 -11.49 -1.73 -12.74
C ASN A 42 -10.64 -0.60 -13.31
N GLY A 43 -9.64 -0.20 -12.54
CA GLY A 43 -8.75 0.87 -12.95
C GLY A 43 -8.95 2.12 -12.09
N GLN A 44 -10.02 2.09 -11.31
CA GLN A 44 -10.34 3.20 -10.43
C GLN A 44 -9.57 3.08 -9.12
N LYS A 45 -9.91 3.97 -8.19
CA LYS A 45 -9.28 3.98 -6.88
C LYS A 45 -10.30 4.32 -5.81
N ALA A 46 -10.10 3.73 -4.64
CA ALA A 46 -11.01 3.96 -3.52
C ALA A 46 -10.20 4.19 -2.25
N CYS A 47 -10.27 5.41 -1.74
CA CYS A 47 -9.55 5.77 -0.54
C CYS A 47 -10.25 5.11 0.66
N LEU A 48 -9.44 4.62 1.58
CA LEU A 48 -9.96 3.96 2.77
C LEU A 48 -9.78 4.87 3.98
N ASN A 49 -10.55 4.60 5.02
CA ASN A 49 -10.48 5.39 6.24
C ASN A 49 -9.42 4.79 7.16
N PRO A 50 -8.33 5.57 7.37
CA PRO A 50 -7.24 5.13 8.22
C PRO A 50 -7.63 5.24 9.69
N ALA A 51 -8.79 4.71 10.01
CA ALA A 51 -9.29 4.74 11.37
C ALA A 51 -10.50 3.80 11.50
N SER A 52 -10.47 2.74 10.69
CA SER A 52 -11.55 1.78 10.70
C SER A 52 -10.98 0.38 11.00
N PRO A 53 -11.83 -0.46 11.65
CA PRO A 53 -11.43 -1.82 11.99
C PRO A 53 -11.43 -2.71 10.74
N MET A 54 -12.30 -2.37 9.81
CA MET A 54 -12.41 -3.13 8.57
C MET A 54 -11.35 -2.70 7.57
N VAL A 55 -10.89 -1.48 7.72
CA VAL A 55 -9.87 -0.94 6.84
C VAL A 55 -8.54 -1.65 7.09
N LYS A 56 -8.48 -2.32 8.23
CA LYS A 56 -7.28 -3.05 8.60
C LYS A 56 -7.47 -4.54 8.29
N LYS A 57 -8.61 -4.84 7.69
CA LYS A 57 -8.92 -6.21 7.32
C LYS A 57 -9.06 -6.32 5.81
N ILE A 58 -9.20 -5.16 5.18
CA ILE A 58 -9.34 -5.11 3.73
C ILE A 58 -7.97 -4.91 3.09
N ILE A 59 -7.02 -4.49 3.92
CA ILE A 59 -5.66 -4.26 3.45
C ILE A 59 -4.83 -5.51 3.69
N GLU A 60 -4.80 -5.94 4.94
CA GLU A 60 -4.05 -7.13 5.31
C GLU A 60 -4.42 -8.31 4.42
N LYS A 61 -5.70 -8.36 4.08
CA LYS A 61 -6.20 -9.43 3.22
C LYS A 61 -5.66 -9.24 1.81
N MET A 62 -5.56 -7.98 1.40
CA MET A 62 -5.06 -7.65 0.08
C MET A 62 -3.66 -8.23 -0.13
N LEU A 63 -2.84 -8.12 0.91
CA LEU A 63 -1.48 -8.62 0.85
C LEU A 63 -1.51 -10.14 0.75
N LYS A 64 -2.67 -10.71 1.06
CA LYS A 64 -2.84 -12.15 1.01
C LYS A 64 -3.57 -12.52 -0.28
N ASN A 65 -4.43 -11.60 -0.73
CA ASN A 65 -5.19 -11.83 -1.94
C ASN A 65 -6.10 -13.04 -1.75
N GLY A 66 -5.49 -14.22 -1.86
CA GLY A 66 -6.23 -15.46 -1.72
C GLY A 66 -5.42 -16.65 -2.23
N LYS A 67 -6.07 -17.45 -3.06
CA LYS A 67 -5.42 -18.62 -3.63
C LYS A 67 -4.18 -18.18 -4.41
N SER A 68 -3.61 -19.13 -5.14
CA SER A 68 -2.42 -18.86 -5.93
C SER A 68 -2.59 -17.54 -6.68
N ASN A 69 -3.55 -17.53 -7.58
CA ASN A 69 -3.83 -16.33 -8.37
C ASN A 69 -3.94 -15.12 -7.43
N THR B 1 -5.53 -8.27 -23.26
CA THR B 1 -4.42 -7.69 -22.50
C THR B 1 -3.60 -8.81 -21.85
N GLU B 2 -2.35 -8.91 -22.28
CA GLU B 2 -1.46 -9.93 -21.76
C GLU B 2 -0.30 -9.26 -21.02
N LEU B 3 -0.54 -8.97 -19.74
CA LEU B 3 0.48 -8.34 -18.92
C LEU B 3 1.08 -9.38 -17.97
N ARG B 4 2.08 -8.94 -17.21
CA ARG B 4 2.73 -9.82 -16.27
C ARG B 4 2.95 -9.09 -14.93
N CYS B 5 4.09 -9.39 -14.31
CA CYS B 5 4.43 -8.77 -13.04
C CYS B 5 4.91 -7.34 -13.31
N GLN B 6 4.93 -6.56 -12.24
CA GLN B 6 5.37 -5.18 -12.35
C GLN B 6 6.74 -5.00 -11.69
N CYS B 7 7.20 -6.07 -11.07
CA CYS B 7 8.49 -6.05 -10.39
C CYS B 7 9.15 -7.42 -10.56
N LEU B 8 10.42 -7.39 -10.89
CA LEU B 8 11.18 -8.62 -11.07
C LEU B 8 12.10 -8.84 -9.88
N GLN B 9 12.28 -7.77 -9.11
CA GLN B 9 13.14 -7.83 -7.94
C GLN B 9 12.45 -7.17 -6.74
N THR B 10 13.00 -7.43 -5.57
CA THR B 10 12.45 -6.87 -4.35
C THR B 10 13.55 -6.69 -3.30
N LEU B 11 13.23 -5.92 -2.27
CA LEU B 11 14.18 -5.67 -1.20
C LEU B 11 13.75 -6.44 0.04
N GLN B 12 14.74 -6.88 0.80
CA GLN B 12 14.49 -7.63 2.02
C GLN B 12 13.81 -6.73 3.07
N GLY B 13 13.84 -5.43 2.79
CA GLY B 13 13.24 -4.47 3.70
C GLY B 13 14.19 -3.30 3.95
N ILE B 14 13.90 -2.18 3.30
CA ILE B 14 14.72 -0.99 3.45
C ILE B 14 14.30 -0.24 4.71
N HIS B 15 15.19 0.62 5.17
CA HIS B 15 14.92 1.40 6.37
C HIS B 15 13.59 2.14 6.22
N LEU B 16 12.91 2.32 7.35
CA LEU B 16 11.63 3.01 7.34
C LEU B 16 11.86 4.51 7.50
N LYS B 17 13.12 4.91 7.31
CA LYS B 17 13.48 6.31 7.42
C LYS B 17 13.56 6.93 6.02
N ASN B 18 13.39 6.07 5.02
CA ASN B 18 13.45 6.51 3.64
C ASN B 18 12.07 6.33 3.00
N ILE B 19 11.43 5.22 3.34
CA ILE B 19 10.11 4.92 2.81
C ILE B 19 9.14 6.02 3.20
N GLN B 20 8.43 6.53 2.21
CA GLN B 20 7.45 7.58 2.44
C GLN B 20 6.04 7.06 2.21
N SER B 21 5.94 6.02 1.41
CA SER B 21 4.65 5.42 1.11
C SER B 21 4.83 3.94 0.76
N VAL B 22 3.73 3.22 0.81
CA VAL B 22 3.74 1.80 0.50
C VAL B 22 2.67 1.48 -0.54
N LYS B 23 3.03 0.62 -1.48
CA LYS B 23 2.10 0.24 -2.52
C LYS B 23 2.10 -1.29 -2.67
N VAL B 24 0.91 -1.86 -2.47
CA VAL B 24 0.76 -3.30 -2.56
C VAL B 24 -0.08 -3.64 -3.78
N LYS B 25 0.56 -4.30 -4.75
CA LYS B 25 -0.11 -4.69 -5.97
C LYS B 25 -0.20 -6.21 -6.03
N SER B 26 -1.17 -6.75 -5.30
CA SER B 26 -1.37 -8.19 -5.27
C SER B 26 -1.28 -8.77 -6.69
N PRO B 27 -1.24 -10.12 -6.75
CA PRO B 27 -1.15 -10.80 -8.03
C PRO B 27 -2.50 -10.78 -8.76
N GLY B 28 -2.48 -11.33 -9.97
CA GLY B 28 -3.70 -11.38 -10.78
C GLY B 28 -3.66 -12.55 -11.76
N PRO B 29 -4.47 -12.43 -12.84
CA PRO B 29 -4.54 -13.47 -13.85
C PRO B 29 -3.29 -13.43 -14.74
N HIS B 30 -2.39 -12.52 -14.42
CA HIS B 30 -1.16 -12.38 -15.18
C HIS B 30 0.03 -12.74 -14.30
N CYS B 31 0.09 -12.10 -13.14
CA CYS B 31 1.17 -12.35 -12.20
C CYS B 31 0.59 -13.05 -10.97
N ALA B 32 1.11 -14.24 -10.70
CA ALA B 32 0.65 -15.02 -9.56
C ALA B 32 1.57 -14.76 -8.37
N GLN B 33 2.20 -13.59 -8.40
CA GLN B 33 3.11 -13.22 -7.33
C GLN B 33 2.83 -11.78 -6.89
N THR B 34 3.15 -11.50 -5.63
CA THR B 34 2.94 -10.18 -5.08
C THR B 34 4.03 -9.22 -5.57
N GLU B 35 3.72 -7.93 -5.50
CA GLU B 35 4.66 -6.91 -5.92
C GLU B 35 4.52 -5.66 -5.05
N VAL B 36 5.18 -5.70 -3.91
CA VAL B 36 5.14 -4.59 -2.97
C VAL B 36 6.06 -3.47 -3.47
N ILE B 37 5.51 -2.28 -3.55
CA ILE B 37 6.26 -1.13 -4.01
C ILE B 37 6.21 -0.02 -2.96
N ALA B 38 7.34 0.19 -2.30
CA ALA B 38 7.43 1.21 -1.27
C ALA B 38 8.02 2.49 -1.87
N THR B 39 7.31 3.59 -1.64
CA THR B 39 7.74 4.88 -2.15
C THR B 39 8.84 5.46 -1.26
N LEU B 40 9.81 6.08 -1.91
CA LEU B 40 10.91 6.69 -1.18
C LEU B 40 10.58 8.15 -0.87
N LYS B 41 11.15 8.64 0.22
CA LYS B 41 10.92 10.00 0.64
C LYS B 41 11.70 10.95 -0.28
N ASN B 42 12.48 10.36 -1.17
CA ASN B 42 13.27 11.13 -2.11
C ASN B 42 12.53 11.20 -3.45
N GLY B 43 11.46 10.43 -3.55
CA GLY B 43 10.67 10.40 -4.76
C GLY B 43 10.86 9.09 -5.52
N GLN B 44 11.84 8.32 -5.06
CA GLN B 44 12.15 7.04 -5.67
C GLN B 44 11.23 5.94 -5.11
N LYS B 45 11.49 4.72 -5.54
CA LYS B 45 10.70 3.59 -5.08
C LYS B 45 11.62 2.37 -4.92
N ALA B 46 11.31 1.57 -3.91
CA ALA B 46 12.09 0.38 -3.63
C ALA B 46 11.15 -0.80 -3.39
N CYS B 47 11.17 -1.73 -4.33
CA CYS B 47 10.31 -2.91 -4.24
C CYS B 47 10.73 -3.70 -2.99
N LEU B 48 9.72 -4.18 -2.28
CA LEU B 48 9.97 -4.95 -1.07
C LEU B 48 9.56 -6.41 -1.31
N ASN B 49 10.13 -7.28 -0.49
CA ASN B 49 9.85 -8.70 -0.59
C ASN B 49 8.66 -9.05 0.30
N PRO B 50 7.57 -9.52 -0.34
CA PRO B 50 6.37 -9.90 0.40
C PRO B 50 6.56 -11.23 1.12
N ALA B 51 7.71 -11.84 0.88
CA ALA B 51 8.03 -13.11 1.50
C ALA B 51 9.09 -12.90 2.57
N SER B 52 9.09 -11.70 3.14
CA SER B 52 10.05 -11.35 4.17
C SER B 52 9.30 -10.89 5.42
N PRO B 53 9.89 -11.25 6.60
CA PRO B 53 9.30 -10.89 7.88
C PRO B 53 9.52 -9.40 8.18
N MET B 54 10.63 -8.88 7.67
CA MET B 54 10.96 -7.48 7.87
C MET B 54 10.06 -6.58 7.02
N VAL B 55 9.57 -7.14 5.93
CA VAL B 55 8.70 -6.40 5.03
C VAL B 55 7.32 -6.24 5.68
N LYS B 56 7.16 -6.90 6.81
CA LYS B 56 5.89 -6.84 7.53
C LYS B 56 6.03 -5.86 8.70
N LYS B 57 7.19 -5.23 8.78
CA LYS B 57 7.45 -4.27 9.84
C LYS B 57 7.73 -2.90 9.22
N ILE B 58 8.01 -2.92 7.92
CA ILE B 58 8.30 -1.68 7.21
C ILE B 58 6.99 -1.11 6.64
N ILE B 59 5.97 -1.96 6.61
CA ILE B 59 4.68 -1.55 6.10
C ILE B 59 3.79 -1.13 7.27
N GLU B 60 3.63 -2.06 8.21
CA GLU B 60 2.81 -1.80 9.38
C GLU B 60 3.29 -0.52 10.09
N LYS B 61 4.59 -0.30 10.02
CA LYS B 61 5.18 0.87 10.65
C LYS B 61 4.88 2.11 9.81
N MET B 62 4.80 1.89 8.50
CA MET B 62 4.51 2.98 7.58
C MET B 62 3.10 3.53 7.81
N LEU B 63 2.20 2.62 8.12
CA LEU B 63 0.81 3.00 8.36
C LEU B 63 0.71 3.74 9.70
N LYS B 64 1.77 3.62 10.48
CA LYS B 64 1.81 4.27 11.78
C LYS B 64 2.72 5.50 11.70
N ASN B 65 3.70 5.42 10.81
CA ASN B 65 4.63 6.51 10.62
C ASN B 65 5.39 6.75 11.93
N GLY B 66 4.73 7.44 12.85
CA GLY B 66 5.32 7.74 14.14
C GLY B 66 4.26 7.75 15.24
N LYS B 67 4.67 7.27 16.41
CA LYS B 67 3.77 7.23 17.54
C LYS B 67 3.42 8.66 17.98
N SER B 68 2.73 8.75 19.10
CA SER B 68 2.33 10.04 19.63
C SER B 68 1.69 10.88 18.52
N ASN B 69 0.39 10.70 18.36
CA ASN B 69 -0.36 11.42 17.34
C ASN B 69 -0.17 12.93 17.57
N THR A 1 4.40 23.18 -3.01
CA THR A 1 4.94 23.80 -1.81
C THR A 1 4.00 23.58 -0.62
N GLU A 2 2.75 23.99 -0.82
CA GLU A 2 1.75 23.83 0.22
C GLU A 2 0.66 22.86 -0.23
N LEU A 3 0.92 21.59 0.02
CA LEU A 3 -0.03 20.55 -0.36
C LEU A 3 -0.75 20.04 0.90
N ARG A 4 -1.68 19.14 0.69
CA ARG A 4 -2.45 18.57 1.79
C ARG A 4 -2.53 17.05 1.65
N CYS A 5 -3.67 16.51 2.04
CA CYS A 5 -3.88 15.08 1.97
C CYS A 5 -4.17 14.70 0.51
N GLN A 6 -3.62 13.55 0.11
CA GLN A 6 -3.82 13.08 -1.25
C GLN A 6 -5.19 12.41 -1.40
N CYS A 7 -5.92 12.40 -0.29
CA CYS A 7 -7.25 11.80 -0.28
C CYS A 7 -8.24 12.86 0.20
N LEU A 8 -9.13 13.24 -0.70
CA LEU A 8 -10.14 14.24 -0.37
C LEU A 8 -11.32 13.55 0.31
N GLN A 9 -11.49 12.27 0.00
CA GLN A 9 -12.57 11.50 0.58
C GLN A 9 -12.06 10.13 1.04
N THR A 10 -12.91 9.43 1.78
CA THR A 10 -12.56 8.11 2.27
C THR A 10 -13.82 7.28 2.53
N LEU A 11 -13.64 5.98 2.57
CA LEU A 11 -14.75 5.07 2.80
C LEU A 11 -14.54 4.34 4.13
N GLN A 12 -15.56 3.61 4.54
CA GLN A 12 -15.50 2.86 5.79
C GLN A 12 -15.58 1.36 5.52
N GLY A 13 -14.50 0.84 4.95
CA GLY A 13 -14.43 -0.58 4.63
C GLY A 13 -15.05 -0.86 3.25
N ILE A 14 -14.17 -1.04 2.28
CA ILE A 14 -14.60 -1.31 0.92
C ILE A 14 -14.45 -2.81 0.63
N HIS A 15 -15.27 -3.29 -0.29
CA HIS A 15 -15.23 -4.69 -0.66
C HIS A 15 -13.86 -5.03 -1.26
N LEU A 16 -13.35 -6.19 -0.88
CA LEU A 16 -12.06 -6.64 -1.38
C LEU A 16 -12.25 -7.42 -2.67
N LYS A 17 -13.43 -7.25 -3.26
CA LYS A 17 -13.75 -7.92 -4.51
C LYS A 17 -13.48 -6.98 -5.68
N ASN A 18 -13.38 -5.70 -5.36
CA ASN A 18 -13.12 -4.69 -6.38
C ASN A 18 -11.67 -4.23 -6.27
N ILE A 19 -11.24 -4.02 -5.03
CA ILE A 19 -9.88 -3.59 -4.79
C ILE A 19 -8.89 -4.55 -5.46
N GLN A 20 -7.98 -3.97 -6.21
CA GLN A 20 -6.98 -4.76 -6.91
C GLN A 20 -5.58 -4.47 -6.36
N SER A 21 -5.46 -3.32 -5.73
CA SER A 21 -4.19 -2.91 -5.15
C SER A 21 -4.44 -1.98 -3.95
N VAL A 22 -3.42 -1.88 -3.11
CA VAL A 22 -3.51 -1.03 -1.93
C VAL A 22 -2.29 -0.11 -1.88
N LYS A 23 -2.57 1.16 -1.62
CA LYS A 23 -1.51 2.16 -1.54
C LYS A 23 -1.61 2.91 -0.20
N VAL A 24 -0.51 2.87 0.54
CA VAL A 24 -0.47 3.53 1.83
C VAL A 24 0.51 4.71 1.76
N LYS A 25 -0.02 5.88 2.04
CA LYS A 25 0.79 7.09 2.02
C LYS A 25 0.67 7.81 3.36
N SER A 26 1.63 7.54 4.23
CA SER A 26 1.66 8.14 5.54
C SER A 26 1.55 9.67 5.42
N PRO A 27 1.46 10.34 6.60
CA PRO A 27 1.37 11.79 6.63
C PRO A 27 2.72 12.44 6.32
N GLY A 28 2.70 13.75 6.21
CA GLY A 28 3.90 14.51 5.92
C GLY A 28 3.88 15.86 6.61
N PRO A 29 4.76 16.78 6.09
CA PRO A 29 4.84 18.13 6.65
C PRO A 29 3.64 18.98 6.22
N HIS A 30 2.76 18.35 5.46
CA HIS A 30 1.57 19.03 4.98
C HIS A 30 0.32 18.46 5.67
N CYS A 31 0.22 17.14 5.63
CA CYS A 31 -0.91 16.46 6.24
C CYS A 31 -0.38 15.57 7.37
N ALA A 32 -0.92 15.79 8.56
CA ALA A 32 -0.51 15.03 9.73
C ALA A 32 -1.45 13.84 9.91
N GLN A 33 -2.06 13.44 8.80
CA GLN A 33 -2.99 12.32 8.82
C GLN A 33 -2.60 11.30 7.74
N THR A 34 -3.09 10.07 7.93
CA THR A 34 -2.82 9.00 6.99
C THR A 34 -3.66 9.17 5.72
N GLU A 35 -3.23 8.49 4.67
CA GLU A 35 -3.93 8.55 3.40
C GLU A 35 -3.83 7.21 2.67
N VAL A 36 -4.83 6.38 2.91
CA VAL A 36 -4.87 5.06 2.28
C VAL A 36 -5.59 5.17 0.94
N ILE A 37 -4.92 4.67 -0.10
CA ILE A 37 -5.49 4.70 -1.43
C ILE A 37 -5.39 3.31 -2.05
N ALA A 38 -6.55 2.71 -2.28
CA ALA A 38 -6.61 1.37 -2.86
C ALA A 38 -7.03 1.49 -4.32
N THR A 39 -6.36 0.70 -5.16
CA THR A 39 -6.65 0.71 -6.59
C THR A 39 -7.79 -0.28 -6.90
N LEU A 40 -8.65 0.14 -7.82
CA LEU A 40 -9.78 -0.69 -8.22
C LEU A 40 -9.35 -1.60 -9.37
N LYS A 41 -9.97 -2.78 -9.41
CA LYS A 41 -9.67 -3.74 -10.46
C LYS A 41 -10.28 -3.26 -11.77
N ASN A 42 -11.02 -2.17 -11.69
CA ASN A 42 -11.66 -1.60 -12.86
C ASN A 42 -10.79 -0.46 -13.42
N GLY A 43 -9.77 -0.12 -12.65
CA GLY A 43 -8.87 0.96 -13.04
C GLY A 43 -9.11 2.22 -12.22
N GLN A 44 -10.08 2.12 -11.32
CA GLN A 44 -10.43 3.25 -10.47
C GLN A 44 -9.68 3.14 -9.13
N LYS A 45 -10.06 4.03 -8.22
CA LYS A 45 -9.44 4.05 -6.91
C LYS A 45 -10.50 4.40 -5.86
N ALA A 46 -10.33 3.81 -4.68
CA ALA A 46 -11.27 4.05 -3.58
C ALA A 46 -10.48 4.40 -2.32
N CYS A 47 -10.60 5.65 -1.91
CA CYS A 47 -9.91 6.12 -0.72
C CYS A 47 -10.54 5.43 0.50
N LEU A 48 -9.67 4.96 1.38
CA LEU A 48 -10.11 4.29 2.58
C LEU A 48 -9.80 5.15 3.80
N ASN A 49 -10.44 4.83 4.91
CA ASN A 49 -10.25 5.57 6.14
C ASN A 49 -9.29 4.80 7.04
N PRO A 50 -8.17 5.47 7.42
CA PRO A 50 -7.17 4.86 8.28
C PRO A 50 -7.66 4.81 9.73
N ALA A 51 -8.82 5.42 9.96
CA ALA A 51 -9.40 5.45 11.29
C ALA A 51 -10.49 4.36 11.38
N SER A 52 -10.50 3.49 10.39
CA SER A 52 -11.47 2.41 10.36
C SER A 52 -10.77 1.07 10.64
N PRO A 53 -11.49 0.20 11.40
CA PRO A 53 -10.96 -1.10 11.76
C PRO A 53 -11.00 -2.05 10.56
N MET A 54 -12.06 -1.93 9.78
CA MET A 54 -12.24 -2.77 8.61
C MET A 54 -11.22 -2.41 7.53
N VAL A 55 -10.76 -1.17 7.57
CA VAL A 55 -9.79 -0.69 6.61
C VAL A 55 -8.43 -1.35 6.88
N LYS A 56 -8.37 -2.03 8.01
CA LYS A 56 -7.15 -2.72 8.41
C LYS A 56 -7.31 -4.22 8.18
N LYS A 57 -8.45 -4.58 7.61
CA LYS A 57 -8.74 -5.97 7.34
C LYS A 57 -8.89 -6.17 5.82
N ILE A 58 -9.05 -5.04 5.12
CA ILE A 58 -9.19 -5.08 3.68
C ILE A 58 -7.82 -4.88 3.02
N ILE A 59 -6.89 -4.38 3.83
CA ILE A 59 -5.54 -4.14 3.34
C ILE A 59 -4.67 -5.35 3.66
N GLU A 60 -4.67 -5.73 4.92
CA GLU A 60 -3.88 -6.87 5.36
C GLU A 60 -4.27 -8.13 4.57
N LYS A 61 -5.55 -8.20 4.24
CA LYS A 61 -6.06 -9.33 3.49
C LYS A 61 -5.60 -9.22 2.02
N MET A 62 -5.47 -7.97 1.58
CA MET A 62 -5.05 -7.71 0.22
C MET A 62 -3.65 -8.28 -0.05
N LEU A 63 -2.80 -8.18 0.97
CA LEU A 63 -1.44 -8.67 0.87
C LEU A 63 -1.47 -10.20 0.82
N LYS A 64 -2.61 -10.75 1.21
CA LYS A 64 -2.77 -12.20 1.22
C LYS A 64 -3.60 -12.63 0.01
N ASN A 65 -4.48 -11.72 -0.41
CA ASN A 65 -5.35 -11.99 -1.54
C ASN A 65 -6.23 -13.21 -1.24
N GLY A 66 -5.64 -14.38 -1.35
CA GLY A 66 -6.36 -15.61 -1.09
C GLY A 66 -6.17 -16.61 -2.24
N LYS A 67 -6.58 -17.84 -1.98
CA LYS A 67 -6.46 -18.90 -2.98
C LYS A 67 -7.11 -18.43 -4.27
N SER A 68 -8.41 -18.20 -4.20
CA SER A 68 -9.16 -17.76 -5.37
C SER A 68 -8.82 -18.63 -6.57
N ASN A 69 -9.54 -19.73 -6.69
CA ASN A 69 -9.33 -20.66 -7.79
C ASN A 69 -9.31 -19.88 -9.11
N THR B 1 -3.85 -9.12 -22.04
CA THR B 1 -3.99 -10.54 -21.74
C THR B 1 -2.65 -11.12 -21.33
N GLU B 2 -1.59 -10.57 -21.90
CA GLU B 2 -0.24 -11.02 -21.59
C GLU B 2 0.49 -10.01 -20.72
N LEU B 3 0.03 -9.89 -19.48
CA LEU B 3 0.63 -8.97 -18.54
C LEU B 3 1.49 -9.73 -17.54
N ARG B 4 2.27 -8.98 -16.78
CA ARG B 4 3.15 -9.58 -15.79
C ARG B 4 3.09 -8.78 -14.48
N CYS B 5 4.23 -8.69 -13.83
CA CYS B 5 4.33 -7.96 -12.57
C CYS B 5 4.88 -6.57 -12.86
N GLN B 6 4.71 -5.68 -11.89
CA GLN B 6 5.19 -4.32 -12.03
C GLN B 6 6.60 -4.19 -11.46
N CYS B 7 7.09 -5.29 -10.90
CA CYS B 7 8.42 -5.32 -10.33
C CYS B 7 9.03 -6.69 -10.60
N LEU B 8 10.21 -6.67 -11.20
CA LEU B 8 10.92 -7.90 -11.52
C LEU B 8 11.83 -8.28 -10.35
N GLN B 9 12.08 -7.30 -9.49
CA GLN B 9 12.93 -7.51 -8.34
C GLN B 9 12.28 -6.91 -7.08
N THR B 10 12.91 -7.20 -5.95
CA THR B 10 12.41 -6.69 -4.68
C THR B 10 13.55 -6.60 -3.66
N LEU B 11 13.28 -5.88 -2.58
CA LEU B 11 14.26 -5.71 -1.53
C LEU B 11 13.93 -6.65 -0.37
N GLN B 12 14.86 -6.74 0.58
CA GLN B 12 14.67 -7.59 1.75
C GLN B 12 14.05 -6.79 2.89
N GLY B 13 14.01 -5.48 2.70
CA GLY B 13 13.44 -4.59 3.70
C GLY B 13 14.43 -3.48 4.07
N ILE B 14 14.18 -2.31 3.52
CA ILE B 14 15.05 -1.17 3.78
C ILE B 14 14.53 -0.42 5.01
N HIS B 15 15.40 0.40 5.58
CA HIS B 15 15.05 1.18 6.76
C HIS B 15 13.75 1.93 6.51
N LEU B 16 12.98 2.08 7.58
CA LEU B 16 11.71 2.79 7.48
C LEU B 16 11.94 4.28 7.73
N LYS B 17 13.20 4.68 7.63
CA LYS B 17 13.56 6.07 7.84
C LYS B 17 13.69 6.77 6.48
N ASN B 18 13.57 5.98 5.43
CA ASN B 18 13.67 6.50 4.08
C ASN B 18 12.31 6.39 3.39
N ILE B 19 11.74 5.20 3.47
CA ILE B 19 10.45 4.95 2.86
C ILE B 19 9.48 6.05 3.28
N GLN B 20 8.71 6.54 2.30
CA GLN B 20 7.74 7.58 2.56
C GLN B 20 6.33 7.06 2.33
N SER B 21 6.24 6.05 1.48
CA SER B 21 4.95 5.45 1.16
C SER B 21 5.14 4.00 0.73
N VAL B 22 4.09 3.21 0.92
CA VAL B 22 4.13 1.81 0.57
C VAL B 22 2.90 1.46 -0.28
N LYS B 23 3.16 0.76 -1.38
CA LYS B 23 2.09 0.37 -2.29
C LYS B 23 2.15 -1.15 -2.50
N VAL B 24 1.02 -1.79 -2.24
CA VAL B 24 0.93 -3.23 -2.40
C VAL B 24 -0.03 -3.55 -3.55
N LYS B 25 0.50 -4.25 -4.55
CA LYS B 25 -0.29 -4.62 -5.70
C LYS B 25 -0.36 -6.15 -5.80
N SER B 26 -1.40 -6.70 -5.21
CA SER B 26 -1.59 -8.14 -5.21
C SER B 26 -1.49 -8.67 -6.64
N PRO B 27 -1.52 -10.03 -6.76
CA PRO B 27 -1.43 -10.67 -8.06
C PRO B 27 -2.75 -10.54 -8.82
N GLY B 28 -2.72 -11.02 -10.06
CA GLY B 28 -3.90 -10.97 -10.91
C GLY B 28 -3.93 -12.16 -11.88
N PRO B 29 -4.75 -11.99 -12.95
CA PRO B 29 -4.89 -13.04 -13.95
C PRO B 29 -3.66 -13.08 -14.86
N HIS B 30 -2.71 -12.21 -14.56
CA HIS B 30 -1.48 -12.14 -15.33
C HIS B 30 -0.29 -12.58 -14.47
N CYS B 31 -0.19 -11.96 -13.31
CA CYS B 31 0.88 -12.28 -12.38
C CYS B 31 0.27 -12.94 -11.14
N ALA B 32 0.74 -14.14 -10.85
CA ALA B 32 0.25 -14.88 -9.71
C ALA B 32 1.17 -14.61 -8.51
N GLN B 33 1.85 -13.48 -8.56
CA GLN B 33 2.76 -13.10 -7.49
C GLN B 33 2.44 -11.69 -7.01
N THR B 34 2.90 -11.41 -5.80
CA THR B 34 2.67 -10.09 -5.20
C THR B 34 3.75 -9.11 -5.66
N GLU B 35 3.40 -7.84 -5.58
CA GLU B 35 4.33 -6.79 -5.97
C GLU B 35 4.21 -5.58 -5.03
N VAL B 36 5.17 -5.49 -4.12
CA VAL B 36 5.18 -4.40 -3.16
C VAL B 36 6.12 -3.29 -3.66
N ILE B 37 5.54 -2.11 -3.82
CA ILE B 37 6.30 -0.97 -4.30
C ILE B 37 6.11 0.20 -3.32
N ALA B 38 7.21 0.61 -2.72
CA ALA B 38 7.18 1.72 -1.77
C ALA B 38 7.88 2.93 -2.38
N THR B 39 7.35 4.10 -2.05
CA THR B 39 7.91 5.34 -2.56
C THR B 39 8.92 5.93 -1.57
N LEU B 40 10.08 6.28 -2.09
CA LEU B 40 11.13 6.84 -1.26
C LEU B 40 10.80 8.30 -0.95
N LYS B 41 11.23 8.74 0.23
CA LYS B 41 10.98 10.10 0.66
C LYS B 41 11.89 11.05 -0.12
N ASN B 42 12.75 10.46 -0.93
CA ASN B 42 13.68 11.24 -1.74
C ASN B 42 13.13 11.38 -3.15
N GLY B 43 12.06 10.64 -3.42
CA GLY B 43 11.43 10.68 -4.72
C GLY B 43 11.68 9.37 -5.48
N GLN B 44 12.47 8.51 -4.87
CA GLN B 44 12.80 7.23 -5.48
C GLN B 44 11.77 6.17 -5.07
N LYS B 45 12.07 4.93 -5.44
CA LYS B 45 11.18 3.83 -5.13
C LYS B 45 12.01 2.59 -4.80
N ALA B 46 11.47 1.76 -3.90
CA ALA B 46 12.15 0.55 -3.49
C ALA B 46 11.12 -0.57 -3.33
N CYS B 47 11.29 -1.60 -4.15
CA CYS B 47 10.38 -2.73 -4.10
C CYS B 47 10.79 -3.62 -2.92
N LEU B 48 9.77 -4.17 -2.25
CA LEU B 48 10.02 -5.03 -1.10
C LEU B 48 9.56 -6.45 -1.44
N ASN B 49 10.00 -7.39 -0.62
CA ASN B 49 9.66 -8.79 -0.82
C ASN B 49 8.49 -9.15 0.09
N PRO B 50 7.36 -9.59 -0.55
CA PRO B 50 6.18 -9.97 0.19
C PRO B 50 6.36 -11.33 0.86
N ALA B 51 7.52 -11.93 0.61
CA ALA B 51 7.82 -13.23 1.17
C ALA B 51 8.86 -13.06 2.28
N SER B 52 8.96 -11.84 2.77
CA SER B 52 9.90 -11.54 3.84
C SER B 52 9.15 -11.16 5.12
N PRO B 53 9.75 -11.59 6.27
CA PRO B 53 9.14 -11.31 7.57
C PRO B 53 9.34 -9.85 7.96
N MET B 54 10.46 -9.30 7.53
CA MET B 54 10.79 -7.91 7.82
C MET B 54 9.92 -6.97 7.02
N VAL B 55 9.44 -7.46 5.88
CA VAL B 55 8.59 -6.67 5.01
C VAL B 55 7.23 -6.46 5.68
N LYS B 56 7.01 -7.20 6.75
CA LYS B 56 5.75 -7.12 7.49
C LYS B 56 5.94 -6.15 8.65
N LYS B 57 7.12 -5.56 8.73
CA LYS B 57 7.43 -4.61 9.79
C LYS B 57 7.75 -3.25 9.17
N ILE B 58 7.99 -3.27 7.87
CA ILE B 58 8.31 -2.04 7.15
C ILE B 58 7.02 -1.41 6.62
N ILE B 59 5.97 -2.23 6.59
CA ILE B 59 4.68 -1.76 6.12
C ILE B 59 3.84 -1.31 7.31
N GLU B 60 3.66 -2.22 8.26
CA GLU B 60 2.88 -1.92 9.44
C GLU B 60 3.42 -0.67 10.13
N LYS B 61 4.73 -0.52 10.08
CA LYS B 61 5.38 0.63 10.69
C LYS B 61 5.07 1.89 9.87
N MET B 62 4.94 1.69 8.56
CA MET B 62 4.65 2.80 7.67
C MET B 62 3.30 3.44 8.03
N LEU B 63 2.33 2.59 8.30
CA LEU B 63 1.01 3.06 8.65
C LEU B 63 1.06 3.78 10.01
N LYS B 64 2.16 3.57 10.70
CA LYS B 64 2.36 4.18 12.00
C LYS B 64 3.30 5.38 11.86
N ASN B 65 4.17 5.29 10.87
CA ASN B 65 5.13 6.35 10.60
C ASN B 65 6.04 6.51 11.82
N GLY B 66 5.52 7.17 12.83
CA GLY B 66 6.27 7.40 14.05
C GLY B 66 6.82 6.08 14.61
N LYS B 67 7.78 6.21 15.52
CA LYS B 67 8.39 5.05 16.14
C LYS B 67 7.75 4.81 17.50
N SER B 68 7.93 5.77 18.39
CA SER B 68 7.38 5.67 19.73
C SER B 68 7.55 6.99 20.47
N ASN B 69 6.49 7.80 20.42
CA ASN B 69 6.51 9.09 21.08
C ASN B 69 5.18 9.81 20.82
N THR A 1 4.57 24.72 -1.43
CA THR A 1 4.79 25.22 -0.08
C THR A 1 3.60 24.89 0.81
N GLU A 2 2.41 24.96 0.22
CA GLU A 2 1.20 24.67 0.95
C GLU A 2 0.52 23.42 0.39
N LEU A 3 0.96 22.27 0.89
CA LEU A 3 0.42 21.01 0.44
C LEU A 3 -0.53 20.44 1.52
N ARG A 4 -1.34 19.49 1.11
CA ARG A 4 -2.28 18.87 2.02
C ARG A 4 -2.28 17.36 1.85
N CYS A 5 -3.45 16.76 2.00
CA CYS A 5 -3.60 15.33 1.87
C CYS A 5 -4.02 15.03 0.42
N GLN A 6 -3.62 13.85 -0.04
CA GLN A 6 -3.95 13.43 -1.39
C GLN A 6 -5.40 12.99 -1.47
N CYS A 7 -6.05 12.96 -0.32
CA CYS A 7 -7.44 12.56 -0.25
C CYS A 7 -8.13 13.39 0.86
N LEU A 8 -9.25 13.98 0.49
CA LEU A 8 -10.01 14.79 1.44
C LEU A 8 -11.04 13.91 2.15
N GLN A 9 -11.32 12.78 1.53
CA GLN A 9 -12.30 11.84 2.09
C GLN A 9 -11.76 10.41 2.01
N THR A 10 -12.49 9.51 2.65
CA THR A 10 -12.10 8.11 2.65
C THR A 10 -13.32 7.22 2.90
N LEU A 11 -13.14 5.93 2.64
CA LEU A 11 -14.21 4.98 2.83
C LEU A 11 -14.04 4.29 4.19
N GLN A 12 -15.05 3.51 4.55
CA GLN A 12 -15.03 2.80 5.81
C GLN A 12 -14.66 1.33 5.60
N GLY A 13 -14.59 0.96 4.33
CA GLY A 13 -14.24 -0.41 3.98
C GLY A 13 -15.02 -0.87 2.75
N ILE A 14 -14.38 -0.78 1.60
CA ILE A 14 -15.00 -1.18 0.35
C ILE A 14 -14.76 -2.67 0.12
N HIS A 15 -15.66 -3.28 -0.64
CA HIS A 15 -15.56 -4.70 -0.94
C HIS A 15 -14.14 -5.01 -1.43
N LEU A 16 -13.61 -6.12 -0.94
CA LEU A 16 -12.27 -6.55 -1.32
C LEU A 16 -12.33 -7.27 -2.67
N LYS A 17 -13.53 -7.29 -3.24
CA LYS A 17 -13.72 -7.94 -4.52
C LYS A 17 -13.43 -6.95 -5.64
N ASN A 18 -13.38 -5.67 -5.28
CA ASN A 18 -13.10 -4.63 -6.25
C ASN A 18 -11.64 -4.20 -6.12
N ILE A 19 -11.23 -3.93 -4.89
CA ILE A 19 -9.86 -3.52 -4.64
C ILE A 19 -8.89 -4.52 -5.27
N GLN A 20 -7.98 -3.99 -6.07
CA GLN A 20 -6.99 -4.81 -6.75
C GLN A 20 -5.60 -4.51 -6.22
N SER A 21 -5.47 -3.35 -5.59
CA SER A 21 -4.19 -2.92 -5.05
C SER A 21 -4.41 -1.99 -3.85
N VAL A 22 -3.37 -1.85 -3.05
CA VAL A 22 -3.45 -0.99 -1.88
C VAL A 22 -2.21 -0.08 -1.85
N LYS A 23 -2.42 1.14 -1.42
CA LYS A 23 -1.34 2.11 -1.34
C LYS A 23 -1.52 2.96 -0.08
N VAL A 24 -0.47 3.02 0.72
CA VAL A 24 -0.49 3.79 1.96
C VAL A 24 0.52 4.93 1.86
N LYS A 25 -0.01 6.15 1.88
CA LYS A 25 0.82 7.33 1.80
C LYS A 25 0.77 8.08 3.12
N SER A 26 1.67 7.69 4.02
CA SER A 26 1.73 8.31 5.33
C SER A 26 1.73 9.84 5.18
N PRO A 27 1.63 10.53 6.35
CA PRO A 27 1.61 11.99 6.36
C PRO A 27 3.01 12.55 6.11
N GLY A 28 3.06 13.87 6.03
CA GLY A 28 4.32 14.55 5.78
C GLY A 28 4.33 15.93 6.44
N PRO A 29 5.22 16.81 5.90
CA PRO A 29 5.33 18.16 6.42
C PRO A 29 4.15 19.03 5.98
N HIS A 30 3.24 18.40 5.26
CA HIS A 30 2.06 19.09 4.77
C HIS A 30 0.81 18.48 5.38
N CYS A 31 0.67 17.17 5.17
CA CYS A 31 -0.47 16.44 5.69
C CYS A 31 -0.03 15.67 6.94
N ALA A 32 -0.63 16.02 8.05
CA ALA A 32 -0.30 15.36 9.32
C ALA A 32 -1.27 14.20 9.54
N GLN A 33 -1.81 13.69 8.44
CA GLN A 33 -2.74 12.58 8.52
C GLN A 33 -2.41 11.55 7.43
N THR A 34 -2.92 10.34 7.65
CA THR A 34 -2.68 9.26 6.70
C THR A 34 -3.78 9.24 5.63
N GLU A 35 -3.42 8.69 4.48
CA GLU A 35 -4.36 8.60 3.37
C GLU A 35 -4.16 7.30 2.60
N VAL A 36 -4.86 6.27 3.04
CA VAL A 36 -4.77 4.97 2.40
C VAL A 36 -5.56 4.99 1.10
N ILE A 37 -4.87 4.68 0.02
CA ILE A 37 -5.51 4.65 -1.29
C ILE A 37 -5.41 3.24 -1.88
N ALA A 38 -6.54 2.74 -2.34
CA ALA A 38 -6.60 1.40 -2.92
C ALA A 38 -7.04 1.52 -4.38
N THR A 39 -6.39 0.71 -5.22
CA THR A 39 -6.72 0.70 -6.64
C THR A 39 -7.80 -0.33 -6.93
N LEU A 40 -8.76 0.09 -7.75
CA LEU A 40 -9.86 -0.77 -8.12
C LEU A 40 -9.43 -1.68 -9.29
N LYS A 41 -10.03 -2.86 -9.33
CA LYS A 41 -9.71 -3.82 -10.39
C LYS A 41 -10.37 -3.36 -11.69
N ASN A 42 -11.12 -2.27 -11.59
CA ASN A 42 -11.79 -1.73 -12.75
C ASN A 42 -10.99 -0.55 -13.31
N GLY A 43 -9.99 -0.15 -12.53
CA GLY A 43 -9.14 0.96 -12.93
C GLY A 43 -9.39 2.19 -12.05
N GLN A 44 -10.41 2.07 -11.21
CA GLN A 44 -10.77 3.16 -10.31
C GLN A 44 -9.95 3.07 -9.02
N LYS A 45 -10.33 3.91 -8.07
CA LYS A 45 -9.65 3.94 -6.79
C LYS A 45 -10.66 4.25 -5.68
N ALA A 46 -10.44 3.63 -4.52
CA ALA A 46 -11.32 3.83 -3.39
C ALA A 46 -10.48 4.18 -2.15
N CYS A 47 -10.62 5.42 -1.71
CA CYS A 47 -9.88 5.89 -0.55
C CYS A 47 -10.45 5.18 0.69
N LEU A 48 -9.53 4.72 1.54
CA LEU A 48 -9.92 4.03 2.75
C LEU A 48 -9.51 4.86 3.96
N ASN A 49 -10.05 4.50 5.11
CA ASN A 49 -9.75 5.21 6.34
C ASN A 49 -8.87 4.32 7.23
N PRO A 50 -7.65 4.85 7.56
CA PRO A 50 -6.72 4.12 8.38
C PRO A 50 -7.15 4.13 9.86
N ALA A 51 -8.27 4.81 10.10
CA ALA A 51 -8.80 4.91 11.45
C ALA A 51 -9.91 3.87 11.62
N SER A 52 -10.15 3.11 10.57
CA SER A 52 -11.17 2.08 10.60
C SER A 52 -10.54 0.71 10.76
N PRO A 53 -11.26 -0.18 11.50
CA PRO A 53 -10.77 -1.53 11.75
C PRO A 53 -10.92 -2.39 10.49
N MET A 54 -12.09 -2.29 9.88
CA MET A 54 -12.37 -3.06 8.68
C MET A 54 -11.38 -2.73 7.57
N VAL A 55 -10.84 -1.52 7.64
CA VAL A 55 -9.87 -1.07 6.66
C VAL A 55 -8.55 -1.81 6.86
N LYS A 56 -8.44 -2.44 8.02
CA LYS A 56 -7.23 -3.18 8.35
C LYS A 56 -7.44 -4.67 8.00
N LYS A 57 -8.59 -4.94 7.42
CA LYS A 57 -8.92 -6.30 7.03
C LYS A 57 -9.06 -6.38 5.50
N ILE A 58 -9.17 -5.21 4.90
CA ILE A 58 -9.30 -5.13 3.45
C ILE A 58 -7.91 -4.92 2.82
N ILE A 59 -6.98 -4.52 3.67
CA ILE A 59 -5.62 -4.28 3.21
C ILE A 59 -4.78 -5.53 3.44
N GLU A 60 -4.80 -6.02 4.67
CA GLU A 60 -4.06 -7.21 5.02
C GLU A 60 -4.45 -8.38 4.11
N LYS A 61 -5.73 -8.40 3.77
CA LYS A 61 -6.24 -9.45 2.89
C LYS A 61 -5.74 -9.23 1.47
N MET A 62 -5.59 -7.96 1.12
CA MET A 62 -5.11 -7.60 -0.21
C MET A 62 -3.71 -8.16 -0.46
N LEU A 63 -2.90 -8.13 0.60
CA LEU A 63 -1.54 -8.63 0.51
C LEU A 63 -1.57 -10.16 0.34
N LYS A 64 -2.73 -10.72 0.64
CA LYS A 64 -2.90 -12.16 0.53
C LYS A 64 -3.68 -12.48 -0.75
N ASN A 65 -4.56 -11.56 -1.11
CA ASN A 65 -5.36 -11.73 -2.31
C ASN A 65 -6.24 -12.97 -2.16
N GLY A 66 -5.63 -14.13 -2.36
CA GLY A 66 -6.33 -15.39 -2.25
C GLY A 66 -6.01 -16.31 -3.42
N LYS A 67 -7.03 -16.58 -4.22
CA LYS A 67 -6.87 -17.44 -5.38
C LYS A 67 -6.16 -16.67 -6.50
N SER A 68 -6.80 -15.59 -6.93
CA SER A 68 -6.23 -14.76 -7.97
C SER A 68 -7.16 -13.57 -8.25
N ASN A 69 -8.41 -13.89 -8.53
CA ASN A 69 -9.40 -12.86 -8.82
C ASN A 69 -10.79 -13.51 -8.88
N THR B 1 -3.67 -8.40 -22.09
CA THR B 1 -3.81 -9.83 -22.33
C THR B 1 -2.61 -10.59 -21.75
N GLU B 2 -1.43 -10.15 -22.15
CA GLU B 2 -0.21 -10.77 -21.68
C GLU B 2 0.58 -9.80 -20.78
N LEU B 3 0.21 -9.77 -19.52
CA LEU B 3 0.86 -8.89 -18.57
C LEU B 3 1.72 -9.74 -17.62
N ARG B 4 2.56 -9.04 -16.86
CA ARG B 4 3.43 -9.71 -15.91
C ARG B 4 3.37 -9.01 -14.54
N CYS B 5 4.51 -8.98 -13.88
CA CYS B 5 4.60 -8.35 -12.58
C CYS B 5 5.12 -6.93 -12.76
N GLN B 6 4.97 -6.13 -11.71
CA GLN B 6 5.41 -4.75 -11.75
C GLN B 6 6.68 -4.58 -10.91
N CYS B 7 7.21 -5.72 -10.46
CA CYS B 7 8.41 -5.71 -9.66
C CYS B 7 9.37 -6.78 -10.21
N LEU B 8 10.49 -6.31 -10.72
CA LEU B 8 11.50 -7.21 -11.28
C LEU B 8 12.43 -7.68 -10.17
N GLN B 9 12.54 -6.85 -9.14
CA GLN B 9 13.40 -7.16 -8.00
C GLN B 9 12.68 -6.85 -6.70
N THR B 10 13.37 -7.12 -5.60
CA THR B 10 12.82 -6.87 -4.28
C THR B 10 13.94 -6.72 -3.25
N LEU B 11 13.59 -6.11 -2.12
CA LEU B 11 14.54 -5.89 -1.05
C LEU B 11 14.18 -6.78 0.13
N GLN B 12 14.73 -6.41 1.29
CA GLN B 12 14.46 -7.16 2.50
C GLN B 12 13.64 -6.31 3.48
N GLY B 13 13.33 -5.10 3.05
CA GLY B 13 12.55 -4.18 3.87
C GLY B 13 13.12 -2.78 3.81
N ILE B 14 14.45 -2.71 3.82
CA ILE B 14 15.14 -1.43 3.77
C ILE B 14 14.65 -0.55 4.92
N HIS B 15 15.41 0.51 5.17
CA HIS B 15 15.07 1.43 6.24
C HIS B 15 13.73 2.11 5.93
N LEU B 16 12.98 2.38 6.99
CA LEU B 16 11.68 3.02 6.84
C LEU B 16 11.86 4.54 6.94
N LYS B 17 13.12 4.96 6.94
CA LYS B 17 13.43 6.38 7.02
C LYS B 17 13.42 6.98 5.62
N ASN B 18 13.57 6.11 4.64
CA ASN B 18 13.59 6.54 3.25
C ASN B 18 12.20 6.33 2.64
N ILE B 19 11.58 5.22 3.01
CA ILE B 19 10.27 4.89 2.51
C ILE B 19 9.29 6.02 2.88
N GLN B 20 8.56 6.48 1.86
CA GLN B 20 7.60 7.55 2.06
C GLN B 20 6.18 7.02 1.89
N SER B 21 6.06 5.95 1.12
CA SER B 21 4.77 5.33 0.87
C SER B 21 4.95 3.86 0.50
N VAL B 22 3.85 3.12 0.58
CA VAL B 22 3.87 1.70 0.26
C VAL B 22 2.79 1.41 -0.79
N LYS B 23 3.16 0.59 -1.76
CA LYS B 23 2.23 0.23 -2.81
C LYS B 23 2.16 -1.29 -2.92
N VAL B 24 0.97 -1.82 -2.69
CA VAL B 24 0.75 -3.26 -2.75
C VAL B 24 -0.11 -3.59 -3.96
N LYS B 25 0.49 -4.31 -4.89
CA LYS B 25 -0.22 -4.69 -6.10
C LYS B 25 -0.30 -6.22 -6.17
N SER B 26 -1.30 -6.76 -5.48
CA SER B 26 -1.50 -8.19 -5.45
C SER B 26 -1.42 -8.76 -6.88
N PRO B 27 -1.47 -10.12 -6.96
CA PRO B 27 -1.41 -10.80 -8.24
C PRO B 27 -2.73 -10.67 -9.00
N GLY B 28 -2.71 -11.11 -10.25
CA GLY B 28 -3.89 -11.04 -11.08
C GLY B 28 -3.92 -12.21 -12.08
N PRO B 29 -4.70 -12.01 -13.17
CA PRO B 29 -4.82 -13.04 -14.20
C PRO B 29 -3.56 -13.12 -15.06
N HIS B 30 -2.59 -12.29 -14.70
CA HIS B 30 -1.33 -12.26 -15.43
C HIS B 30 -0.21 -12.76 -14.52
N CYS B 31 -0.08 -12.12 -13.37
CA CYS B 31 0.95 -12.49 -12.41
C CYS B 31 0.27 -13.13 -11.21
N ALA B 32 0.71 -14.34 -10.89
CA ALA B 32 0.16 -15.07 -9.77
C ALA B 32 1.05 -14.88 -8.54
N GLN B 33 1.78 -13.76 -8.56
CA GLN B 33 2.67 -13.44 -7.46
C GLN B 33 2.48 -11.98 -7.02
N THR B 34 2.86 -11.71 -5.79
CA THR B 34 2.73 -10.38 -5.24
C THR B 34 3.92 -9.51 -5.65
N GLU B 35 3.74 -8.20 -5.52
CA GLU B 35 4.78 -7.26 -5.88
C GLU B 35 4.59 -5.95 -5.11
N VAL B 36 5.18 -5.90 -3.92
CA VAL B 36 5.08 -4.72 -3.09
C VAL B 36 6.06 -3.66 -3.60
N ILE B 37 5.57 -2.44 -3.71
CA ILE B 37 6.38 -1.33 -4.19
C ILE B 37 6.33 -0.20 -3.16
N ALA B 38 7.46 0.01 -2.50
CA ALA B 38 7.57 1.05 -1.50
C ALA B 38 8.14 2.31 -2.14
N THR B 39 7.44 3.43 -1.92
CA THR B 39 7.88 4.70 -2.47
C THR B 39 8.96 5.33 -1.58
N LEU B 40 9.92 5.95 -2.23
CA LEU B 40 11.01 6.59 -1.52
C LEU B 40 10.66 8.07 -1.27
N LYS B 41 11.21 8.60 -0.20
CA LYS B 41 10.97 9.99 0.16
C LYS B 41 11.74 10.90 -0.80
N ASN B 42 12.52 10.27 -1.65
CA ASN B 42 13.32 11.01 -2.62
C ASN B 42 12.61 11.01 -3.97
N GLY B 43 11.55 10.21 -4.04
CA GLY B 43 10.78 10.10 -5.26
C GLY B 43 11.00 8.74 -5.94
N GLN B 44 11.99 8.02 -5.44
CA GLN B 44 12.31 6.71 -5.97
C GLN B 44 11.39 5.65 -5.37
N LYS B 45 11.69 4.40 -5.69
CA LYS B 45 10.90 3.29 -5.20
C LYS B 45 11.82 2.09 -4.94
N ALA B 46 11.50 1.36 -3.89
CA ALA B 46 12.28 0.18 -3.53
C ALA B 46 11.35 -1.01 -3.36
N CYS B 47 11.48 -1.95 -4.29
CA CYS B 47 10.65 -3.15 -4.27
C CYS B 47 10.98 -3.93 -2.99
N LEU B 48 9.94 -4.39 -2.32
CA LEU B 48 10.11 -5.15 -1.10
C LEU B 48 9.69 -6.60 -1.34
N ASN B 49 10.07 -7.46 -0.40
CA ASN B 49 9.75 -8.87 -0.49
C ASN B 49 8.51 -9.16 0.34
N PRO B 50 7.38 -9.45 -0.37
CA PRO B 50 6.12 -9.75 0.30
C PRO B 50 6.14 -11.15 0.90
N ALA B 51 7.23 -11.45 1.59
CA ALA B 51 7.39 -12.75 2.23
C ALA B 51 8.51 -12.68 3.25
N SER B 52 8.68 -11.49 3.82
CA SER B 52 9.71 -11.29 4.82
C SER B 52 9.09 -10.75 6.12
N PRO B 53 9.71 -11.13 7.26
CA PRO B 53 9.22 -10.69 8.55
C PRO B 53 9.58 -9.23 8.81
N MET B 54 10.47 -8.72 7.98
CA MET B 54 10.92 -7.34 8.10
C MET B 54 10.15 -6.43 7.14
N VAL B 55 9.61 -7.05 6.09
CA VAL B 55 8.85 -6.32 5.10
C VAL B 55 7.40 -6.19 5.56
N LYS B 56 7.11 -6.84 6.68
CA LYS B 56 5.77 -6.81 7.24
C LYS B 56 5.77 -5.94 8.50
N LYS B 57 6.92 -5.37 8.79
CA LYS B 57 7.06 -4.52 9.96
C LYS B 57 7.36 -3.08 9.50
N ILE B 58 7.80 -2.97 8.26
CA ILE B 58 8.12 -1.67 7.69
C ILE B 58 6.87 -1.07 7.05
N ILE B 59 5.90 -1.94 6.78
CA ILE B 59 4.66 -1.52 6.16
C ILE B 59 3.66 -1.12 7.26
N GLU B 60 3.36 -2.10 8.11
CA GLU B 60 2.42 -1.87 9.20
C GLU B 60 2.78 -0.59 9.95
N LYS B 61 4.08 -0.36 10.10
CA LYS B 61 4.58 0.82 10.79
C LYS B 61 4.27 2.06 9.96
N MET B 62 4.40 1.89 8.65
CA MET B 62 4.15 2.99 7.73
C MET B 62 2.72 3.52 7.90
N LEU B 63 1.80 2.61 8.13
CA LEU B 63 0.41 2.97 8.31
C LEU B 63 0.25 3.72 9.62
N LYS B 64 1.27 3.61 10.46
CA LYS B 64 1.27 4.28 11.75
C LYS B 64 2.12 5.54 11.67
N ASN B 65 3.11 5.50 10.79
CA ASN B 65 4.00 6.63 10.61
C ASN B 65 4.75 6.89 11.92
N GLY B 66 4.05 7.52 12.85
CA GLY B 66 4.64 7.84 14.15
C GLY B 66 5.99 8.52 13.97
N LYS B 67 6.85 8.34 14.97
CA LYS B 67 8.17 8.92 14.95
C LYS B 67 9.04 8.18 13.94
N SER B 68 9.36 6.94 14.28
CA SER B 68 10.19 6.12 13.41
C SER B 68 11.66 6.46 13.59
N ASN B 69 11.95 7.75 13.47
CA ASN B 69 13.32 8.23 13.62
C ASN B 69 13.85 7.79 14.98
N THR A 1 6.79 25.49 2.22
CA THR A 1 5.73 25.07 1.32
C THR A 1 4.46 24.75 2.12
N GLU A 2 3.32 24.95 1.47
CA GLU A 2 2.04 24.68 2.10
C GLU A 2 1.33 23.52 1.39
N LEU A 3 1.68 22.31 1.81
CA LEU A 3 1.09 21.12 1.22
C LEU A 3 0.08 20.53 2.20
N ARG A 4 -0.78 19.65 1.67
CA ARG A 4 -1.80 19.01 2.49
C ARG A 4 -1.85 17.52 2.18
N CYS A 5 -3.06 16.97 2.24
CA CYS A 5 -3.26 15.56 1.98
C CYS A 5 -3.66 15.40 0.51
N GLN A 6 -3.53 14.17 0.02
CA GLN A 6 -3.88 13.88 -1.36
C GLN A 6 -5.31 13.35 -1.43
N CYS A 7 -5.92 13.18 -0.27
CA CYS A 7 -7.29 12.69 -0.19
C CYS A 7 -8.00 13.46 0.92
N LEU A 8 -9.14 14.03 0.57
CA LEU A 8 -9.93 14.78 1.53
C LEU A 8 -11.07 13.90 2.06
N GLN A 9 -11.28 12.79 1.35
CA GLN A 9 -12.32 11.85 1.74
C GLN A 9 -11.78 10.43 1.75
N THR A 10 -12.58 9.53 2.30
CA THR A 10 -12.19 8.12 2.38
C THR A 10 -13.43 7.23 2.43
N LEU A 11 -13.20 5.94 2.18
CA LEU A 11 -14.29 4.98 2.20
C LEU A 11 -14.14 4.07 3.43
N GLN A 12 -15.15 3.24 3.63
CA GLN A 12 -15.15 2.32 4.76
C GLN A 12 -14.26 1.11 4.45
N GLY A 13 -13.94 0.96 3.18
CA GLY A 13 -13.09 -0.13 2.74
C GLY A 13 -13.61 -0.74 1.44
N ILE A 14 -14.93 -0.67 1.26
CA ILE A 14 -15.56 -1.20 0.07
C ILE A 14 -15.18 -2.66 -0.10
N HIS A 15 -15.93 -3.35 -0.95
CA HIS A 15 -15.68 -4.76 -1.20
C HIS A 15 -14.22 -4.96 -1.62
N LEU A 16 -13.62 -6.00 -1.08
CA LEU A 16 -12.23 -6.31 -1.38
C LEU A 16 -12.18 -7.17 -2.65
N LYS A 17 -13.32 -7.25 -3.33
CA LYS A 17 -13.40 -8.02 -4.55
C LYS A 17 -13.08 -7.13 -5.75
N ASN A 18 -13.26 -5.84 -5.54
CA ASN A 18 -13.00 -4.87 -6.59
C ASN A 18 -11.57 -4.34 -6.44
N ILE A 19 -11.14 -4.23 -5.20
CA ILE A 19 -9.80 -3.75 -4.90
C ILE A 19 -8.78 -4.64 -5.61
N GLN A 20 -7.81 -4.00 -6.24
CA GLN A 20 -6.76 -4.71 -6.95
C GLN A 20 -5.40 -4.45 -6.31
N SER A 21 -5.31 -3.31 -5.65
CA SER A 21 -4.08 -2.92 -4.99
C SER A 21 -4.38 -2.00 -3.80
N VAL A 22 -3.40 -1.89 -2.92
CA VAL A 22 -3.55 -1.04 -1.74
C VAL A 22 -2.34 -0.12 -1.63
N LYS A 23 -2.63 1.13 -1.29
CA LYS A 23 -1.57 2.12 -1.14
C LYS A 23 -1.82 2.94 0.12
N VAL A 24 -0.80 3.00 0.97
CA VAL A 24 -0.89 3.74 2.21
C VAL A 24 0.18 4.83 2.23
N LYS A 25 -0.28 6.07 2.30
CA LYS A 25 0.63 7.21 2.33
C LYS A 25 0.55 7.88 3.70
N SER A 26 1.55 7.57 4.52
CA SER A 26 1.60 8.14 5.87
C SER A 26 1.65 9.67 5.78
N PRO A 27 1.50 10.31 6.97
CA PRO A 27 1.52 11.76 7.04
C PRO A 27 2.95 12.29 6.90
N GLY A 28 3.04 13.61 6.78
CA GLY A 28 4.34 14.26 6.63
C GLY A 28 4.36 15.63 7.32
N PRO A 29 5.32 16.48 6.87
CA PRO A 29 5.44 17.81 7.43
C PRO A 29 4.33 18.73 6.92
N HIS A 30 3.47 18.16 6.10
CA HIS A 30 2.36 18.92 5.54
C HIS A 30 1.03 18.29 5.98
N CYS A 31 0.88 17.01 5.67
CA CYS A 31 -0.33 16.29 6.03
C CYS A 31 -0.03 15.46 7.29
N ALA A 32 -0.70 15.84 8.36
CA ALA A 32 -0.52 15.15 9.63
C ALA A 32 -1.57 14.05 9.76
N GLN A 33 -2.06 13.60 8.61
CA GLN A 33 -3.07 12.57 8.58
C GLN A 33 -2.67 11.47 7.58
N THR A 34 -3.23 10.29 7.79
CA THR A 34 -2.94 9.15 6.92
C THR A 34 -3.75 9.27 5.62
N GLU A 35 -3.29 8.54 4.61
CA GLU A 35 -3.95 8.55 3.32
C GLU A 35 -3.84 7.18 2.65
N VAL A 36 -4.93 6.43 2.73
CA VAL A 36 -4.96 5.10 2.14
C VAL A 36 -5.70 5.17 0.80
N ILE A 37 -4.99 4.73 -0.23
CA ILE A 37 -5.56 4.74 -1.58
C ILE A 37 -5.46 3.32 -2.17
N ALA A 38 -6.62 2.68 -2.26
CA ALA A 38 -6.68 1.33 -2.80
C ALA A 38 -7.03 1.40 -4.29
N THR A 39 -6.28 0.65 -5.08
CA THR A 39 -6.51 0.62 -6.52
C THR A 39 -7.64 -0.35 -6.85
N LEU A 40 -8.45 0.05 -7.82
CA LEU A 40 -9.58 -0.77 -8.25
C LEU A 40 -9.13 -1.70 -9.37
N LYS A 41 -9.79 -2.85 -9.45
CA LYS A 41 -9.45 -3.83 -10.47
C LYS A 41 -10.00 -3.36 -11.82
N ASN A 42 -10.70 -2.23 -11.77
CA ASN A 42 -11.27 -1.66 -12.98
C ASN A 42 -10.36 -0.54 -13.50
N GLY A 43 -9.37 -0.21 -12.68
CA GLY A 43 -8.43 0.85 -13.03
C GLY A 43 -8.69 2.12 -12.22
N GLN A 44 -9.73 2.05 -11.40
CA GLN A 44 -10.09 3.18 -10.56
C GLN A 44 -9.39 3.08 -9.20
N LYS A 45 -9.75 4.00 -8.32
CA LYS A 45 -9.16 4.02 -6.99
C LYS A 45 -10.23 4.47 -5.98
N ALA A 46 -10.15 3.89 -4.79
CA ALA A 46 -11.09 4.21 -3.74
C ALA A 46 -10.33 4.44 -2.43
N CYS A 47 -10.36 5.68 -1.96
CA CYS A 47 -9.68 6.05 -0.74
C CYS A 47 -10.37 5.34 0.43
N LEU A 48 -9.55 4.86 1.36
CA LEU A 48 -10.07 4.16 2.51
C LEU A 48 -9.82 4.99 3.77
N ASN A 49 -10.50 4.62 4.84
CA ASN A 49 -10.35 5.33 6.10
C ASN A 49 -9.43 4.53 7.02
N PRO A 50 -8.28 5.18 7.36
CA PRO A 50 -7.30 4.55 8.23
C PRO A 50 -7.76 4.56 9.68
N ALA A 51 -8.96 5.10 9.88
CA ALA A 51 -9.53 5.17 11.22
C ALA A 51 -10.69 4.18 11.33
N SER A 52 -10.65 3.18 10.46
CA SER A 52 -11.69 2.16 10.46
C SER A 52 -11.07 0.79 10.77
N PRO A 53 -11.83 -0.01 11.56
CA PRO A 53 -11.38 -1.35 11.94
C PRO A 53 -11.49 -2.32 10.76
N MET A 54 -12.42 -2.00 9.86
CA MET A 54 -12.64 -2.84 8.69
C MET A 54 -11.67 -2.49 7.57
N VAL A 55 -11.06 -1.31 7.70
CA VAL A 55 -10.11 -0.85 6.71
C VAL A 55 -8.74 -1.50 6.98
N LYS A 56 -8.63 -2.08 8.16
CA LYS A 56 -7.40 -2.74 8.55
C LYS A 56 -7.53 -4.25 8.34
N LYS A 57 -8.67 -4.63 7.78
CA LYS A 57 -8.94 -6.04 7.51
C LYS A 57 -9.10 -6.25 6.01
N ILE A 58 -9.29 -5.14 5.31
CA ILE A 58 -9.47 -5.19 3.87
C ILE A 58 -8.11 -4.99 3.19
N ILE A 59 -7.17 -4.48 3.97
CA ILE A 59 -5.83 -4.22 3.45
C ILE A 59 -4.96 -5.45 3.73
N GLU A 60 -4.88 -5.80 5.00
CA GLU A 60 -4.08 -6.95 5.42
C GLU A 60 -4.44 -8.17 4.57
N LYS A 61 -5.72 -8.29 4.27
CA LYS A 61 -6.20 -9.40 3.47
C LYS A 61 -5.76 -9.22 2.01
N MET A 62 -5.72 -7.96 1.59
CA MET A 62 -5.31 -7.64 0.23
C MET A 62 -3.90 -8.15 -0.05
N LEU A 63 -3.03 -8.01 0.94
CA LEU A 63 -1.66 -8.45 0.80
C LEU A 63 -1.63 -9.98 0.70
N LYS A 64 -2.74 -10.59 1.08
CA LYS A 64 -2.86 -12.03 1.04
C LYS A 64 -3.66 -12.44 -0.19
N ASN A 65 -4.58 -11.56 -0.58
CA ASN A 65 -5.41 -11.82 -1.73
C ASN A 65 -6.25 -13.07 -1.49
N GLY A 66 -5.61 -14.22 -1.66
CA GLY A 66 -6.28 -15.49 -1.45
C GLY A 66 -5.87 -16.51 -2.52
N LYS A 67 -6.81 -17.36 -2.87
CA LYS A 67 -6.55 -18.38 -3.88
C LYS A 67 -7.00 -17.87 -5.25
N SER A 68 -8.31 -17.81 -5.42
CA SER A 68 -8.88 -17.33 -6.67
C SER A 68 -8.54 -18.31 -7.80
N ASN A 69 -9.46 -19.22 -8.06
CA ASN A 69 -9.26 -20.21 -9.11
C ASN A 69 -10.45 -21.16 -9.13
N THR B 1 -4.87 -12.44 -22.22
CA THR B 1 -4.24 -11.57 -21.26
C THR B 1 -2.85 -12.10 -20.88
N GLU B 2 -1.86 -11.68 -21.64
CA GLU B 2 -0.49 -12.11 -21.40
C GLU B 2 0.28 -11.04 -20.63
N LEU B 3 -0.13 -10.85 -19.38
CA LEU B 3 0.51 -9.85 -18.53
C LEU B 3 1.41 -10.56 -17.51
N ARG B 4 2.24 -9.76 -16.86
CA ARG B 4 3.16 -10.30 -15.85
C ARG B 4 3.14 -9.43 -14.60
N CYS B 5 4.32 -9.25 -14.02
CA CYS B 5 4.45 -8.45 -12.82
C CYS B 5 4.97 -7.07 -13.22
N GLN B 6 4.94 -6.15 -12.27
CA GLN B 6 5.39 -4.80 -12.51
C GLN B 6 6.80 -4.60 -11.94
N CYS B 7 7.28 -5.64 -11.28
CA CYS B 7 8.61 -5.60 -10.67
C CYS B 7 9.26 -6.98 -10.84
N LEU B 8 10.54 -6.95 -11.18
CA LEU B 8 11.29 -8.18 -11.38
C LEU B 8 12.25 -8.37 -10.21
N GLN B 9 12.43 -7.31 -9.44
CA GLN B 9 13.31 -7.36 -8.29
C GLN B 9 12.61 -6.78 -7.06
N THR B 10 13.21 -7.02 -5.91
CA THR B 10 12.66 -6.54 -4.65
C THR B 10 13.78 -6.34 -3.62
N LEU B 11 13.44 -5.62 -2.56
CA LEU B 11 14.39 -5.35 -1.50
C LEU B 11 14.08 -6.25 -0.30
N GLN B 12 15.10 -6.44 0.52
CA GLN B 12 14.95 -7.26 1.71
C GLN B 12 15.12 -6.42 2.98
N GLY B 13 14.10 -5.60 3.22
CA GLY B 13 14.11 -4.74 4.39
C GLY B 13 14.89 -3.44 4.11
N ILE B 14 14.13 -2.40 3.82
CA ILE B 14 14.73 -1.10 3.53
C ILE B 14 14.38 -0.12 4.65
N HIS B 15 15.20 0.92 4.76
CA HIS B 15 14.98 1.93 5.79
C HIS B 15 13.60 2.55 5.60
N LEU B 16 12.87 2.64 6.71
CA LEU B 16 11.54 3.21 6.69
C LEU B 16 11.64 4.72 6.90
N LYS B 17 12.85 5.23 6.75
CA LYS B 17 13.08 6.66 6.93
C LYS B 17 13.17 7.32 5.56
N ASN B 18 13.19 6.49 4.53
CA ASN B 18 13.27 6.98 3.16
C ASN B 18 11.94 6.71 2.46
N ILE B 19 11.26 5.68 2.92
CA ILE B 19 9.99 5.30 2.34
C ILE B 19 8.95 6.40 2.64
N GLN B 20 8.29 6.85 1.59
CA GLN B 20 7.28 7.89 1.73
C GLN B 20 5.89 7.27 1.71
N SER B 21 5.80 6.10 1.09
CA SER B 21 4.52 5.41 0.99
C SER B 21 4.76 3.95 0.56
N VAL B 22 3.73 3.15 0.73
CA VAL B 22 3.80 1.74 0.37
C VAL B 22 2.66 1.41 -0.59
N LYS B 23 2.99 0.65 -1.63
CA LYS B 23 2.01 0.26 -2.62
C LYS B 23 2.02 -1.27 -2.76
N VAL B 24 0.87 -1.87 -2.49
CA VAL B 24 0.73 -3.31 -2.58
C VAL B 24 -0.09 -3.66 -3.83
N LYS B 25 0.55 -4.38 -4.74
CA LYS B 25 -0.11 -4.79 -5.97
C LYS B 25 -0.23 -6.31 -6.00
N SER B 26 -1.24 -6.81 -5.31
CA SER B 26 -1.47 -8.25 -5.24
C SER B 26 -1.41 -8.84 -6.66
N PRO B 27 -1.25 -10.19 -6.70
CA PRO B 27 -1.18 -10.90 -7.96
C PRO B 27 -2.55 -11.00 -8.62
N GLY B 28 -2.54 -11.27 -9.91
CA GLY B 28 -3.77 -11.40 -10.67
C GLY B 28 -3.76 -12.67 -11.52
N PRO B 29 -4.63 -12.66 -12.57
CA PRO B 29 -4.73 -13.81 -13.46
C PRO B 29 -3.53 -13.86 -14.41
N HIS B 30 -2.62 -12.92 -14.22
CA HIS B 30 -1.43 -12.86 -15.05
C HIS B 30 -0.20 -13.21 -14.21
N CYS B 31 -0.05 -12.50 -13.11
CA CYS B 31 1.07 -12.71 -12.21
C CYS B 31 0.53 -13.32 -10.90
N ALA B 32 1.03 -14.50 -10.59
CA ALA B 32 0.60 -15.19 -9.38
C ALA B 32 1.56 -14.83 -8.24
N GLN B 33 2.21 -13.69 -8.38
CA GLN B 33 3.15 -13.22 -7.38
C GLN B 33 2.81 -11.80 -6.95
N THR B 34 3.15 -11.49 -5.71
CA THR B 34 2.88 -10.16 -5.17
C THR B 34 3.92 -9.16 -5.69
N GLU B 35 3.57 -7.88 -5.57
CA GLU B 35 4.46 -6.82 -6.03
C GLU B 35 4.42 -5.65 -5.05
N VAL B 36 4.97 -5.89 -3.87
CA VAL B 36 5.01 -4.87 -2.84
C VAL B 36 5.97 -3.76 -3.27
N ILE B 37 5.42 -2.55 -3.35
CA ILE B 37 6.22 -1.40 -3.74
C ILE B 37 6.24 -0.39 -2.60
N ALA B 38 7.31 0.38 -2.54
CA ALA B 38 7.47 1.39 -1.51
C ALA B 38 7.99 2.68 -2.14
N THR B 39 7.23 3.75 -1.94
CA THR B 39 7.61 5.05 -2.49
C THR B 39 8.75 5.65 -1.67
N LEU B 40 9.66 6.31 -2.38
CA LEU B 40 10.80 6.95 -1.73
C LEU B 40 10.47 8.41 -1.45
N LYS B 41 11.13 8.95 -0.43
CA LYS B 41 10.92 10.33 -0.05
C LYS B 41 11.59 11.25 -1.08
N ASN B 42 12.31 10.62 -2.00
CA ASN B 42 13.02 11.37 -3.04
C ASN B 42 12.17 11.35 -4.31
N GLY B 43 11.13 10.55 -4.29
CA GLY B 43 10.23 10.43 -5.43
C GLY B 43 10.39 9.06 -6.11
N GLN B 44 11.44 8.36 -5.71
CA GLN B 44 11.71 7.04 -6.27
C GLN B 44 10.84 5.99 -5.59
N LYS B 45 11.14 4.73 -5.88
CA LYS B 45 10.39 3.63 -5.30
C LYS B 45 11.35 2.45 -5.05
N ALA B 46 11.09 1.74 -3.96
CA ALA B 46 11.92 0.60 -3.60
C ALA B 46 11.02 -0.64 -3.46
N CYS B 47 11.13 -1.52 -4.44
CA CYS B 47 10.34 -2.74 -4.43
C CYS B 47 10.74 -3.58 -3.21
N LEU B 48 9.74 -4.15 -2.57
CA LEU B 48 9.99 -4.96 -1.39
C LEU B 48 9.73 -6.44 -1.73
N ASN B 49 10.18 -7.31 -0.84
CA ASN B 49 10.01 -8.73 -1.04
C ASN B 49 8.77 -9.20 -0.25
N PRO B 50 7.71 -9.57 -1.02
CA PRO B 50 6.48 -10.04 -0.41
C PRO B 50 6.63 -11.47 0.12
N ALA B 51 7.73 -11.68 0.82
CA ALA B 51 8.02 -12.99 1.39
C ALA B 51 9.07 -12.85 2.49
N SER B 52 9.08 -11.69 3.11
CA SER B 52 10.03 -11.41 4.18
C SER B 52 9.29 -10.91 5.42
N PRO B 53 9.86 -11.26 6.61
CA PRO B 53 9.27 -10.86 7.87
C PRO B 53 9.53 -9.38 8.15
N MET B 54 10.22 -8.75 7.21
CA MET B 54 10.55 -7.34 7.35
C MET B 54 9.59 -6.48 6.52
N VAL B 55 8.94 -7.12 5.56
CA VAL B 55 8.00 -6.44 4.69
C VAL B 55 6.71 -6.19 5.46
N LYS B 56 6.52 -6.95 6.53
CA LYS B 56 5.33 -6.82 7.34
C LYS B 56 5.63 -5.90 8.52
N LYS B 57 6.85 -5.36 8.52
CA LYS B 57 7.27 -4.46 9.59
C LYS B 57 7.56 -3.07 8.99
N ILE B 58 7.70 -3.05 7.68
CA ILE B 58 7.97 -1.81 6.98
C ILE B 58 6.66 -1.17 6.52
N ILE B 59 5.61 -1.99 6.53
CA ILE B 59 4.30 -1.53 6.12
C ILE B 59 3.51 -1.09 7.37
N GLU B 60 3.39 -2.00 8.31
CA GLU B 60 2.68 -1.73 9.54
C GLU B 60 3.23 -0.45 10.21
N LYS B 61 4.54 -0.28 10.06
CA LYS B 61 5.20 0.87 10.63
C LYS B 61 4.84 2.13 9.83
N MET B 62 4.70 1.92 8.53
CA MET B 62 4.35 3.02 7.64
C MET B 62 2.97 3.59 7.98
N LEU B 63 2.06 2.70 8.33
CA LEU B 63 0.71 3.10 8.68
C LEU B 63 0.73 3.81 10.04
N LYS B 64 1.84 3.64 10.74
CA LYS B 64 2.00 4.27 12.04
C LYS B 64 2.90 5.49 11.90
N ASN B 65 3.77 5.44 10.91
CA ASN B 65 4.69 6.55 10.66
C ASN B 65 5.61 6.71 11.88
N GLY B 66 5.06 7.34 12.91
CA GLY B 66 5.81 7.57 14.13
C GLY B 66 7.22 8.08 13.81
N LYS B 67 8.20 7.23 14.10
CA LYS B 67 9.58 7.58 13.86
C LYS B 67 10.36 6.31 13.49
N SER B 68 10.41 5.38 14.44
CA SER B 68 11.11 4.13 14.24
C SER B 68 10.98 3.25 15.47
N ASN B 69 9.78 2.68 15.62
CA ASN B 69 9.52 1.81 16.75
C ASN B 69 9.61 2.61 18.05
N THR A 1 5.81 24.91 -1.87
CA THR A 1 5.87 23.58 -1.31
C THR A 1 4.81 23.41 -0.23
N GLU A 2 3.62 23.91 -0.54
CA GLU A 2 2.52 23.81 0.40
C GLU A 2 1.41 22.92 -0.17
N LEU A 3 1.56 21.62 0.06
CA LEU A 3 0.58 20.67 -0.43
C LEU A 3 -0.28 20.17 0.74
N ARG A 4 -1.23 19.33 0.42
CA ARG A 4 -2.13 18.79 1.43
C ARG A 4 -2.26 17.27 1.26
N CYS A 5 -3.47 16.78 1.52
CA CYS A 5 -3.74 15.36 1.40
C CYS A 5 -4.05 15.05 -0.07
N GLN A 6 -3.91 13.78 -0.41
CA GLN A 6 -4.17 13.34 -1.77
C GLN A 6 -5.63 12.90 -1.92
N CYS A 7 -6.33 12.90 -0.79
CA CYS A 7 -7.73 12.50 -0.78
C CYS A 7 -8.46 13.35 0.25
N LEU A 8 -9.60 13.89 -0.17
CA LEU A 8 -10.40 14.73 0.72
C LEU A 8 -11.44 13.86 1.43
N GLN A 9 -11.68 12.69 0.86
CA GLN A 9 -12.64 11.77 1.43
C GLN A 9 -12.06 10.34 1.44
N THR A 10 -12.76 9.47 2.16
CA THR A 10 -12.32 8.09 2.26
C THR A 10 -13.53 7.17 2.48
N LEU A 11 -13.29 5.88 2.29
CA LEU A 11 -14.35 4.90 2.48
C LEU A 11 -14.20 4.25 3.85
N GLN A 12 -15.09 3.29 4.12
CA GLN A 12 -15.07 2.59 5.39
C GLN A 12 -14.46 1.20 5.21
N GLY A 13 -14.35 0.78 3.95
CA GLY A 13 -13.80 -0.52 3.64
C GLY A 13 -14.65 -1.25 2.60
N ILE A 14 -14.19 -1.20 1.36
CA ILE A 14 -14.91 -1.85 0.28
C ILE A 14 -14.50 -3.32 0.20
N HIS A 15 -15.36 -4.11 -0.41
CA HIS A 15 -15.11 -5.54 -0.55
C HIS A 15 -13.76 -5.75 -1.23
N LEU A 16 -13.05 -6.76 -0.75
CA LEU A 16 -11.74 -7.09 -1.30
C LEU A 16 -11.92 -7.85 -2.62
N LYS A 17 -13.17 -8.03 -3.00
CA LYS A 17 -13.50 -8.73 -4.23
C LYS A 17 -13.35 -7.77 -5.41
N ASN A 18 -13.06 -6.52 -5.08
CA ASN A 18 -12.89 -5.49 -6.10
C ASN A 18 -11.45 -4.99 -6.07
N ILE A 19 -11.05 -4.50 -4.90
CA ILE A 19 -9.71 -3.98 -4.73
C ILE A 19 -8.71 -4.91 -5.42
N GLN A 20 -7.85 -4.31 -6.23
CA GLN A 20 -6.84 -5.08 -6.94
C GLN A 20 -5.45 -4.72 -6.44
N SER A 21 -5.34 -3.52 -5.88
CA SER A 21 -4.07 -3.05 -5.35
C SER A 21 -4.30 -2.21 -4.10
N VAL A 22 -3.23 -2.02 -3.34
CA VAL A 22 -3.31 -1.25 -2.12
C VAL A 22 -2.18 -0.21 -2.11
N LYS A 23 -2.53 0.99 -1.68
CA LYS A 23 -1.56 2.07 -1.61
C LYS A 23 -1.67 2.78 -0.26
N VAL A 24 -0.55 2.83 0.44
CA VAL A 24 -0.51 3.48 1.74
C VAL A 24 0.49 4.63 1.72
N LYS A 25 -0.03 5.83 1.95
CA LYS A 25 0.81 7.02 1.95
C LYS A 25 0.63 7.76 3.27
N SER A 26 1.58 7.53 4.17
CA SER A 26 1.54 8.17 5.47
C SER A 26 1.51 9.69 5.31
N PRO A 27 1.30 10.39 6.46
CA PRO A 27 1.25 11.85 6.45
C PRO A 27 2.65 12.44 6.32
N GLY A 28 2.68 13.74 6.10
CA GLY A 28 3.95 14.45 5.95
C GLY A 28 3.91 15.80 6.66
N PRO A 29 4.84 16.69 6.24
CA PRO A 29 4.92 18.02 6.83
C PRO A 29 3.78 18.91 6.34
N HIS A 30 2.92 18.33 5.52
CA HIS A 30 1.79 19.05 4.98
C HIS A 30 0.49 18.51 5.59
N CYS A 31 0.33 17.20 5.47
CA CYS A 31 -0.86 16.56 6.01
C CYS A 31 -0.44 15.68 7.18
N ALA A 32 -1.07 15.93 8.32
CA ALA A 32 -0.77 15.18 9.52
C ALA A 32 -1.73 13.99 9.64
N GLN A 33 -2.25 13.59 8.49
CA GLN A 33 -3.18 12.47 8.43
C GLN A 33 -2.80 11.51 7.31
N THR A 34 -3.16 10.25 7.50
CA THR A 34 -2.86 9.23 6.51
C THR A 34 -3.91 9.25 5.39
N GLU A 35 -3.54 8.62 4.28
CA GLU A 35 -4.44 8.55 3.14
C GLU A 35 -4.26 7.24 2.39
N VAL A 36 -4.97 6.22 2.85
CA VAL A 36 -4.89 4.90 2.24
C VAL A 36 -5.69 4.91 0.94
N ILE A 37 -5.03 4.47 -0.13
CA ILE A 37 -5.66 4.42 -1.44
C ILE A 37 -5.58 2.99 -1.98
N ALA A 38 -6.72 2.50 -2.44
CA ALA A 38 -6.78 1.15 -2.99
C ALA A 38 -7.23 1.23 -4.46
N THR A 39 -6.52 0.48 -5.30
CA THR A 39 -6.84 0.46 -6.71
C THR A 39 -7.89 -0.61 -7.01
N LEU A 40 -8.86 -0.23 -7.82
CA LEU A 40 -9.93 -1.16 -8.19
C LEU A 40 -9.47 -2.04 -9.34
N LYS A 41 -10.01 -3.25 -9.36
CA LYS A 41 -9.65 -4.21 -10.41
C LYS A 41 -10.32 -3.79 -11.72
N ASN A 42 -11.13 -2.74 -11.63
CA ASN A 42 -11.84 -2.24 -12.80
C ASN A 42 -11.07 -1.04 -13.37
N GLY A 43 -10.08 -0.60 -12.61
CA GLY A 43 -9.27 0.53 -13.03
C GLY A 43 -9.54 1.76 -12.15
N GLN A 44 -10.59 1.64 -11.35
CA GLN A 44 -10.97 2.72 -10.46
C GLN A 44 -10.15 2.67 -9.16
N LYS A 45 -10.52 3.52 -8.23
CA LYS A 45 -9.84 3.58 -6.95
C LYS A 45 -10.84 3.96 -5.85
N ALA A 46 -10.62 3.37 -4.68
CA ALA A 46 -11.50 3.62 -3.56
C ALA A 46 -10.65 4.03 -2.34
N CYS A 47 -10.75 5.30 -1.99
CA CYS A 47 -10.00 5.82 -0.86
C CYS A 47 -10.54 5.18 0.41
N LEU A 48 -9.61 4.79 1.28
CA LEU A 48 -9.97 4.15 2.53
C LEU A 48 -9.56 5.07 3.69
N ASN A 49 -10.25 4.87 4.82
CA ASN A 49 -9.97 5.67 6.00
C ASN A 49 -8.95 4.93 6.88
N PRO A 50 -7.83 5.63 7.17
CA PRO A 50 -6.77 5.05 7.99
C PRO A 50 -7.18 5.04 9.47
N ALA A 51 -8.39 5.51 9.72
CA ALA A 51 -8.91 5.55 11.08
C ALA A 51 -10.01 4.50 11.23
N SER A 52 -10.05 3.59 10.27
CA SER A 52 -11.05 2.52 10.29
C SER A 52 -10.37 1.17 10.52
N PRO A 53 -11.09 0.30 11.27
CA PRO A 53 -10.57 -1.03 11.57
C PRO A 53 -10.63 -1.94 10.35
N MET A 54 -11.72 -1.79 9.60
CA MET A 54 -11.92 -2.59 8.40
C MET A 54 -10.86 -2.28 7.35
N VAL A 55 -10.35 -1.06 7.41
CA VAL A 55 -9.33 -0.62 6.47
C VAL A 55 -8.02 -1.36 6.76
N LYS A 56 -7.97 -1.96 7.95
CA LYS A 56 -6.78 -2.70 8.35
C LYS A 56 -7.03 -4.19 8.14
N LYS A 57 -8.19 -4.50 7.57
CA LYS A 57 -8.56 -5.88 7.31
C LYS A 57 -8.70 -6.09 5.80
N ILE A 58 -8.80 -4.98 5.09
CA ILE A 58 -8.93 -5.03 3.64
C ILE A 58 -7.55 -4.90 3.00
N ILE A 59 -6.60 -4.44 3.80
CA ILE A 59 -5.24 -4.27 3.32
C ILE A 59 -4.42 -5.53 3.65
N GLU A 60 -4.41 -5.87 4.93
CA GLU A 60 -3.68 -7.04 5.39
C GLU A 60 -4.08 -8.26 4.56
N LYS A 61 -5.36 -8.31 4.21
CA LYS A 61 -5.88 -9.43 3.42
C LYS A 61 -5.39 -9.29 1.97
N MET A 62 -5.26 -8.04 1.54
CA MET A 62 -4.80 -7.77 0.19
C MET A 62 -3.40 -8.31 -0.04
N LEU A 63 -2.59 -8.23 1.00
CA LEU A 63 -1.23 -8.71 0.93
C LEU A 63 -1.23 -10.24 0.83
N LYS A 64 -2.38 -10.81 1.18
CA LYS A 64 -2.53 -12.25 1.14
C LYS A 64 -3.33 -12.65 -0.10
N ASN A 65 -4.21 -11.74 -0.50
CA ASN A 65 -5.04 -11.98 -1.67
C ASN A 65 -5.95 -13.19 -1.41
N GLY A 66 -5.35 -14.38 -1.54
CA GLY A 66 -6.09 -15.60 -1.32
C GLY A 66 -6.09 -16.47 -2.58
N LYS A 67 -6.84 -17.56 -2.51
CA LYS A 67 -6.95 -18.47 -3.64
C LYS A 67 -7.84 -17.86 -4.71
N SER A 68 -8.09 -18.65 -5.75
CA SER A 68 -8.92 -18.19 -6.85
C SER A 68 -9.03 -19.29 -7.92
N ASN A 69 -7.86 -19.74 -8.36
CA ASN A 69 -7.80 -20.77 -9.38
C ASN A 69 -8.67 -20.37 -10.57
N THR B 1 -4.35 -7.35 -21.87
CA THR B 1 -4.72 -8.75 -21.89
C THR B 1 -3.57 -9.61 -21.35
N GLU B 2 -2.36 -9.25 -21.76
CA GLU B 2 -1.19 -9.98 -21.33
C GLU B 2 -0.30 -9.08 -20.46
N LEU B 3 -0.62 -9.06 -19.18
CA LEU B 3 0.13 -8.25 -18.24
C LEU B 3 1.02 -9.16 -17.39
N ARG B 4 1.95 -8.54 -16.68
CA ARG B 4 2.87 -9.28 -15.83
C ARG B 4 2.98 -8.60 -14.45
N CYS B 5 4.18 -8.67 -13.90
CA CYS B 5 4.44 -8.07 -12.60
C CYS B 5 5.07 -6.70 -12.82
N GLN B 6 4.67 -5.75 -11.99
CA GLN B 6 5.18 -4.39 -12.08
C GLN B 6 6.61 -4.33 -11.53
N CYS B 7 7.04 -5.45 -10.96
CA CYS B 7 8.37 -5.53 -10.39
C CYS B 7 8.92 -6.94 -10.64
N LEU B 8 10.17 -6.99 -11.07
CA LEU B 8 10.81 -8.26 -11.34
C LEU B 8 11.75 -8.61 -10.19
N GLN B 9 12.03 -7.61 -9.37
CA GLN B 9 12.91 -7.79 -8.23
C GLN B 9 12.32 -7.13 -6.98
N THR B 10 12.91 -7.45 -5.84
CA THR B 10 12.45 -6.90 -4.58
C THR B 10 13.60 -6.83 -3.57
N LEU B 11 13.38 -6.09 -2.51
CA LEU B 11 14.38 -5.94 -1.47
C LEU B 11 13.99 -6.79 -0.26
N GLN B 12 14.87 -6.79 0.73
CA GLN B 12 14.64 -7.57 1.93
C GLN B 12 13.99 -6.68 3.01
N GLY B 13 13.97 -5.39 2.74
CA GLY B 13 13.39 -4.45 3.67
C GLY B 13 14.39 -3.33 4.01
N ILE B 14 14.27 -2.23 3.28
CA ILE B 14 15.14 -1.09 3.50
C ILE B 14 14.68 -0.33 4.74
N HIS B 15 15.57 0.52 5.24
CA HIS B 15 15.27 1.31 6.42
C HIS B 15 13.94 2.05 6.22
N LEU B 16 13.12 2.01 7.26
CA LEU B 16 11.83 2.68 7.21
C LEU B 16 12.01 4.18 7.47
N LYS B 17 13.27 4.57 7.61
CA LYS B 17 13.59 5.96 7.86
C LYS B 17 13.72 6.70 6.52
N ASN B 18 13.60 5.94 5.45
CA ASN B 18 13.70 6.50 4.11
C ASN B 18 12.34 6.39 3.42
N ILE B 19 11.74 5.21 3.55
CA ILE B 19 10.44 4.97 2.93
C ILE B 19 9.46 6.08 3.37
N GLN B 20 8.72 6.58 2.40
CA GLN B 20 7.75 7.62 2.67
C GLN B 20 6.32 7.11 2.41
N SER B 21 6.24 6.11 1.55
CA SER B 21 4.95 5.52 1.21
C SER B 21 5.14 4.04 0.84
N VAL B 22 4.04 3.30 0.94
CA VAL B 22 4.06 1.88 0.62
C VAL B 22 2.86 1.55 -0.27
N LYS B 23 3.10 0.70 -1.25
CA LYS B 23 2.05 0.29 -2.17
C LYS B 23 2.12 -1.23 -2.36
N VAL B 24 0.98 -1.88 -2.14
CA VAL B 24 0.89 -3.31 -2.29
C VAL B 24 0.07 -3.65 -3.53
N LYS B 25 0.74 -4.24 -4.51
CA LYS B 25 0.08 -4.61 -5.75
C LYS B 25 -0.06 -6.14 -5.81
N SER B 26 -1.15 -6.62 -5.22
CA SER B 26 -1.43 -8.04 -5.20
C SER B 26 -1.39 -8.61 -6.62
N PRO B 27 -1.46 -9.96 -6.71
CA PRO B 27 -1.45 -10.63 -7.99
C PRO B 27 -2.79 -10.49 -8.71
N GLY B 28 -2.90 -11.17 -9.83
CA GLY B 28 -4.13 -11.13 -10.61
C GLY B 28 -4.10 -12.17 -11.74
N PRO B 29 -4.94 -11.92 -12.77
CA PRO B 29 -5.02 -12.82 -13.90
C PRO B 29 -3.80 -12.66 -14.82
N HIS B 30 -2.91 -11.77 -14.41
CA HIS B 30 -1.71 -11.51 -15.18
C HIS B 30 -0.49 -11.96 -14.40
N CYS B 31 -0.36 -11.43 -13.19
CA CYS B 31 0.75 -11.77 -12.33
C CYS B 31 0.20 -12.51 -11.10
N ALA B 32 0.66 -13.74 -10.94
CA ALA B 32 0.22 -14.56 -9.82
C ALA B 32 1.19 -14.37 -8.66
N GLN B 33 1.85 -13.23 -8.66
CA GLN B 33 2.81 -12.91 -7.61
C GLN B 33 2.53 -11.52 -7.03
N THR B 34 3.02 -11.31 -5.82
CA THR B 34 2.83 -10.03 -5.16
C THR B 34 3.94 -9.05 -5.54
N GLU B 35 3.65 -7.77 -5.34
CA GLU B 35 4.60 -6.72 -5.66
C GLU B 35 4.48 -5.56 -4.68
N VAL B 36 5.26 -5.63 -3.62
CA VAL B 36 5.26 -4.59 -2.61
C VAL B 36 6.22 -3.48 -3.01
N ILE B 37 5.64 -2.34 -3.38
CA ILE B 37 6.43 -1.20 -3.80
C ILE B 37 6.39 -0.13 -2.69
N ALA B 38 7.56 0.39 -2.37
CA ALA B 38 7.67 1.41 -1.35
C ALA B 38 8.29 2.67 -1.95
N THR B 39 7.62 3.80 -1.69
CA THR B 39 8.09 5.07 -2.21
C THR B 39 9.11 5.69 -1.25
N LEU B 40 10.15 6.26 -1.82
CA LEU B 40 11.20 6.89 -1.04
C LEU B 40 10.82 8.35 -0.77
N LYS B 41 11.25 8.85 0.38
CA LYS B 41 10.97 10.22 0.75
C LYS B 41 11.82 11.17 -0.10
N ASN B 42 12.68 10.57 -0.91
CA ASN B 42 13.56 11.34 -1.78
C ASN B 42 12.97 11.36 -3.19
N GLY B 43 11.92 10.58 -3.37
CA GLY B 43 11.27 10.50 -4.67
C GLY B 43 11.56 9.17 -5.36
N GLN B 44 12.47 8.42 -4.75
CA GLN B 44 12.85 7.12 -5.29
C GLN B 44 11.85 6.05 -4.85
N LYS B 45 12.15 4.82 -5.23
CA LYS B 45 11.29 3.69 -4.88
C LYS B 45 12.15 2.45 -4.65
N ALA B 46 11.70 1.64 -3.70
CA ALA B 46 12.41 0.41 -3.37
C ALA B 46 11.41 -0.73 -3.24
N CYS B 47 11.50 -1.66 -4.18
CA CYS B 47 10.61 -2.82 -4.18
C CYS B 47 10.98 -3.70 -2.98
N LEU B 48 9.94 -4.19 -2.31
CA LEU B 48 10.14 -5.05 -1.17
C LEU B 48 9.71 -6.47 -1.51
N ASN B 49 10.10 -7.41 -0.66
CA ASN B 49 9.77 -8.80 -0.87
C ASN B 49 8.50 -9.14 -0.08
N PRO B 50 7.46 -9.59 -0.84
CA PRO B 50 6.19 -9.94 -0.24
C PRO B 50 6.29 -11.28 0.49
N ALA B 51 7.47 -11.86 0.46
CA ALA B 51 7.71 -13.14 1.10
C ALA B 51 8.68 -12.94 2.27
N SER B 52 8.72 -11.70 2.77
CA SER B 52 9.59 -11.38 3.88
C SER B 52 8.75 -10.94 5.09
N PRO B 53 9.24 -11.34 6.29
CA PRO B 53 8.55 -11.01 7.52
C PRO B 53 8.76 -9.53 7.88
N MET B 54 9.83 -8.97 7.35
CA MET B 54 10.16 -7.57 7.60
C MET B 54 9.24 -6.65 6.79
N VAL B 55 8.67 -7.21 5.74
CA VAL B 55 7.77 -6.44 4.89
C VAL B 55 6.47 -6.15 5.64
N LYS B 56 6.22 -6.97 6.67
CA LYS B 56 5.02 -6.81 7.47
C LYS B 56 5.34 -5.92 8.68
N LYS B 57 6.57 -5.43 8.71
CA LYS B 57 7.00 -4.58 9.80
C LYS B 57 7.33 -3.19 9.26
N ILE B 58 7.49 -3.12 7.94
CA ILE B 58 7.80 -1.86 7.29
C ILE B 58 6.50 -1.18 6.85
N ILE B 59 5.44 -1.97 6.83
CA ILE B 59 4.14 -1.45 6.43
C ILE B 59 3.37 -1.01 7.68
N GLU B 60 3.23 -1.93 8.61
CA GLU B 60 2.52 -1.65 9.85
C GLU B 60 3.11 -0.41 10.52
N LYS B 61 4.42 -0.27 10.39
CA LYS B 61 5.12 0.86 10.98
C LYS B 61 4.88 2.10 10.12
N MET B 62 4.64 1.86 8.84
CA MET B 62 4.40 2.95 7.91
C MET B 62 3.04 3.59 8.17
N LEU B 63 2.08 2.76 8.50
CA LEU B 63 0.73 3.24 8.78
C LEU B 63 0.72 3.96 10.13
N LYS B 64 1.78 3.73 10.89
CA LYS B 64 1.91 4.35 12.20
C LYS B 64 2.90 5.51 12.13
N ASN B 65 3.83 5.38 11.18
CA ASN B 65 4.85 6.39 10.99
C ASN B 65 5.70 6.50 12.26
N GLY B 66 5.13 7.17 13.26
CA GLY B 66 5.83 7.36 14.52
C GLY B 66 4.88 7.90 15.59
N LYS B 67 5.46 8.19 16.75
CA LYS B 67 4.68 8.71 17.86
C LYS B 67 5.29 10.05 18.32
N SER B 68 6.54 9.97 18.74
CA SER B 68 7.24 11.16 19.20
C SER B 68 6.54 11.73 20.43
N ASN B 69 6.94 11.24 21.59
CA ASN B 69 6.36 11.69 22.84
C ASN B 69 6.71 13.16 23.06
N THR A 1 5.07 24.03 -2.72
CA THR A 1 5.83 23.99 -1.49
C THR A 1 4.90 23.74 -0.30
N GLU A 2 3.67 24.21 -0.45
CA GLU A 2 2.68 24.04 0.60
C GLU A 2 1.53 23.14 0.12
N LEU A 3 1.73 21.85 0.26
CA LEU A 3 0.73 20.88 -0.15
C LEU A 3 -0.01 20.35 1.08
N ARG A 4 -0.99 19.50 0.82
CA ARG A 4 -1.77 18.91 1.89
C ARG A 4 -1.98 17.42 1.65
N CYS A 5 -3.16 16.94 2.02
CA CYS A 5 -3.50 15.54 1.84
C CYS A 5 -3.86 15.32 0.37
N GLN A 6 -3.73 14.06 -0.05
CA GLN A 6 -4.04 13.70 -1.42
C GLN A 6 -5.48 13.21 -1.52
N CYS A 7 -6.14 13.16 -0.38
CA CYS A 7 -7.53 12.70 -0.33
C CYS A 7 -8.26 13.51 0.74
N LEU A 8 -9.44 13.99 0.38
CA LEU A 8 -10.24 14.78 1.29
C LEU A 8 -11.31 13.88 1.92
N GLN A 9 -11.51 12.73 1.30
CA GLN A 9 -12.50 11.77 1.80
C GLN A 9 -11.90 10.36 1.81
N THR A 10 -12.62 9.46 2.47
CA THR A 10 -12.18 8.08 2.56
C THR A 10 -13.39 7.14 2.71
N LEU A 11 -13.13 5.86 2.50
CA LEU A 11 -14.18 4.87 2.61
C LEU A 11 -13.97 4.04 3.88
N GLN A 12 -15.08 3.75 4.54
CA GLN A 12 -15.04 2.98 5.78
C GLN A 12 -14.53 1.57 5.50
N GLY A 13 -14.45 1.24 4.22
CA GLY A 13 -13.98 -0.07 3.81
C GLY A 13 -15.00 -0.77 2.90
N ILE A 14 -14.75 -0.69 1.60
CA ILE A 14 -15.63 -1.30 0.63
C ILE A 14 -15.11 -2.70 0.29
N HIS A 15 -16.00 -3.49 -0.29
CA HIS A 15 -15.65 -4.86 -0.68
C HIS A 15 -14.33 -4.84 -1.43
N LEU A 16 -13.48 -5.81 -1.08
CA LEU A 16 -12.18 -5.92 -1.72
C LEU A 16 -12.33 -6.63 -3.07
N LYS A 17 -13.58 -6.93 -3.40
CA LYS A 17 -13.88 -7.61 -4.64
C LYS A 17 -13.59 -6.67 -5.82
N ASN A 18 -13.53 -5.38 -5.50
CA ASN A 18 -13.27 -4.36 -6.51
C ASN A 18 -11.81 -3.90 -6.39
N ILE A 19 -11.40 -3.69 -5.15
CA ILE A 19 -10.04 -3.25 -4.87
C ILE A 19 -9.06 -4.24 -5.50
N GLN A 20 -8.06 -3.70 -6.18
CA GLN A 20 -7.05 -4.52 -6.83
C GLN A 20 -5.69 -4.30 -6.16
N SER A 21 -5.55 -3.12 -5.55
CA SER A 21 -4.31 -2.78 -4.87
C SER A 21 -4.57 -1.73 -3.80
N VAL A 22 -3.67 -1.69 -2.83
CA VAL A 22 -3.79 -0.74 -1.73
C VAL A 22 -2.50 0.06 -1.61
N LYS A 23 -2.66 1.36 -1.45
CA LYS A 23 -1.50 2.25 -1.32
C LYS A 23 -1.70 3.13 -0.09
N VAL A 24 -0.68 3.12 0.77
CA VAL A 24 -0.71 3.92 1.98
C VAL A 24 0.24 5.10 1.84
N LYS A 25 -0.26 6.27 2.22
CA LYS A 25 0.54 7.49 2.14
C LYS A 25 0.57 8.16 3.52
N SER A 26 1.49 7.68 4.35
CA SER A 26 1.63 8.22 5.69
C SER A 26 1.64 9.75 5.64
N PRO A 27 1.66 10.37 6.85
CA PRO A 27 1.66 11.81 6.95
C PRO A 27 3.03 12.39 6.60
N GLY A 28 3.06 13.70 6.39
CA GLY A 28 4.30 14.38 6.05
C GLY A 28 4.37 15.75 6.72
N PRO A 29 5.28 16.60 6.18
CA PRO A 29 5.46 17.95 6.72
C PRO A 29 4.30 18.86 6.31
N HIS A 30 3.36 18.27 5.58
CA HIS A 30 2.20 19.02 5.12
C HIS A 30 0.94 18.48 5.81
N CYS A 31 0.76 17.16 5.69
CA CYS A 31 -0.39 16.52 6.28
C CYS A 31 0.10 15.62 7.42
N ALA A 32 -0.46 15.85 8.60
CA ALA A 32 -0.09 15.07 9.77
C ALA A 32 -1.09 13.93 9.95
N GLN A 33 -1.73 13.55 8.85
CA GLN A 33 -2.71 12.49 8.87
C GLN A 33 -2.35 11.42 7.84
N THR A 34 -2.92 10.24 8.03
CA THR A 34 -2.68 9.13 7.13
C THR A 34 -3.59 9.24 5.89
N GLU A 35 -3.19 8.53 4.85
CA GLU A 35 -3.95 8.53 3.60
C GLU A 35 -3.81 7.19 2.89
N VAL A 36 -4.88 6.41 2.96
CA VAL A 36 -4.90 5.10 2.32
C VAL A 36 -5.67 5.18 1.00
N ILE A 37 -4.95 4.95 -0.08
CA ILE A 37 -5.56 5.00 -1.41
C ILE A 37 -5.42 3.63 -2.08
N ALA A 38 -6.57 3.03 -2.37
CA ALA A 38 -6.58 1.72 -3.00
C ALA A 38 -7.03 1.86 -4.46
N THR A 39 -6.43 1.06 -5.32
CA THR A 39 -6.76 1.10 -6.73
C THR A 39 -7.86 0.07 -7.05
N LEU A 40 -8.72 0.45 -7.98
CA LEU A 40 -9.82 -0.42 -8.38
C LEU A 40 -9.36 -1.29 -9.55
N LYS A 41 -9.95 -2.48 -9.62
CA LYS A 41 -9.62 -3.41 -10.69
C LYS A 41 -10.25 -2.94 -11.99
N ASN A 42 -11.00 -1.86 -11.89
CA ASN A 42 -11.67 -1.30 -13.05
C ASN A 42 -10.88 -0.10 -13.56
N GLY A 43 -9.88 0.29 -12.78
CA GLY A 43 -9.04 1.42 -13.14
C GLY A 43 -9.31 2.62 -12.22
N GLN A 44 -10.36 2.48 -11.43
CA GLN A 44 -10.74 3.55 -10.50
C GLN A 44 -9.92 3.44 -9.21
N LYS A 45 -10.30 4.27 -8.25
CA LYS A 45 -9.61 4.27 -6.96
C LYS A 45 -10.62 4.58 -5.86
N ALA A 46 -10.39 3.95 -4.71
CA ALA A 46 -11.27 4.14 -3.57
C ALA A 46 -10.43 4.41 -2.32
N CYS A 47 -10.53 5.63 -1.82
CA CYS A 47 -9.78 6.02 -0.64
C CYS A 47 -10.39 5.29 0.57
N LEU A 48 -9.52 4.83 1.45
CA LEU A 48 -9.94 4.13 2.64
C LEU A 48 -9.65 5.00 3.87
N ASN A 49 -10.27 4.61 4.98
CA ASN A 49 -10.09 5.34 6.22
C ASN A 49 -9.01 4.66 7.06
N PRO A 50 -7.84 5.37 7.18
CA PRO A 50 -6.73 4.86 7.94
C PRO A 50 -7.00 4.95 9.45
N ALA A 51 -8.18 4.50 9.83
CA ALA A 51 -8.57 4.52 11.24
C ALA A 51 -9.82 3.66 11.43
N SER A 52 -9.93 2.64 10.60
CA SER A 52 -11.07 1.74 10.67
C SER A 52 -10.59 0.30 10.88
N PRO A 53 -11.44 -0.50 11.59
CA PRO A 53 -11.11 -1.89 11.87
C PRO A 53 -11.28 -2.75 10.62
N MET A 54 -11.81 -2.13 9.57
CA MET A 54 -12.03 -2.83 8.32
C MET A 54 -10.87 -2.59 7.35
N VAL A 55 -10.32 -1.39 7.43
CA VAL A 55 -9.20 -1.02 6.56
C VAL A 55 -7.99 -1.89 6.90
N LYS A 56 -8.03 -2.49 8.08
CA LYS A 56 -6.96 -3.34 8.53
C LYS A 56 -7.29 -4.80 8.20
N LYS A 57 -8.42 -4.98 7.53
CA LYS A 57 -8.86 -6.30 7.15
C LYS A 57 -8.95 -6.39 5.62
N ILE A 58 -8.88 -5.22 5.00
CA ILE A 58 -8.95 -5.15 3.54
C ILE A 58 -7.53 -5.15 2.96
N ILE A 59 -6.57 -4.88 3.84
CA ILE A 59 -5.18 -4.85 3.42
C ILE A 59 -4.53 -6.20 3.72
N GLU A 60 -4.61 -6.59 4.99
CA GLU A 60 -4.04 -7.85 5.41
C GLU A 60 -4.53 -9.00 4.53
N LYS A 61 -5.73 -8.80 4.01
CA LYS A 61 -6.34 -9.80 3.14
C LYS A 61 -5.82 -9.60 1.70
N MET A 62 -5.56 -8.35 1.37
CA MET A 62 -5.07 -8.01 0.05
C MET A 62 -3.70 -8.64 -0.20
N LEU A 63 -2.89 -8.65 0.84
CA LEU A 63 -1.55 -9.23 0.75
C LEU A 63 -1.66 -10.75 0.63
N LYS A 64 -2.85 -11.25 0.95
CA LYS A 64 -3.10 -12.68 0.89
C LYS A 64 -3.93 -13.00 -0.36
N ASN A 65 -4.66 -11.98 -0.81
CA ASN A 65 -5.50 -12.14 -1.98
C ASN A 65 -6.57 -13.21 -1.70
N GLY A 66 -6.14 -14.45 -1.78
CA GLY A 66 -7.04 -15.57 -1.53
C GLY A 66 -6.68 -16.76 -2.40
N LYS A 67 -5.89 -16.50 -3.43
CA LYS A 67 -5.46 -17.54 -4.35
C LYS A 67 -4.50 -18.49 -3.61
N SER A 68 -3.90 -19.38 -4.40
CA SER A 68 -2.97 -20.35 -3.84
C SER A 68 -2.24 -21.08 -4.97
N ASN A 69 -1.06 -20.58 -5.28
CA ASN A 69 -0.26 -21.17 -6.34
C ASN A 69 -1.01 -21.06 -7.67
N THR B 1 -3.53 -9.97 -21.77
CA THR B 1 -3.57 -11.42 -21.67
C THR B 1 -2.21 -11.95 -21.21
N GLU B 2 -1.16 -11.37 -21.75
CA GLU B 2 0.19 -11.78 -21.40
C GLU B 2 0.88 -10.68 -20.59
N LEU B 3 0.45 -10.55 -19.35
CA LEU B 3 1.03 -9.56 -18.45
C LEU B 3 1.92 -10.25 -17.42
N ARG B 4 2.69 -9.44 -16.71
CA ARG B 4 3.58 -9.97 -15.69
C ARG B 4 3.47 -9.13 -14.41
N CYS B 5 4.61 -8.96 -13.76
CA CYS B 5 4.66 -8.19 -12.52
C CYS B 5 5.18 -6.79 -12.86
N GLN B 6 4.87 -5.86 -11.96
CA GLN B 6 5.31 -4.48 -12.15
C GLN B 6 6.74 -4.30 -11.64
N CYS B 7 7.26 -5.37 -11.05
CA CYS B 7 8.61 -5.34 -10.51
C CYS B 7 9.25 -6.70 -10.76
N LEU B 8 10.48 -6.66 -11.24
CA LEU B 8 11.22 -7.89 -11.52
C LEU B 8 12.07 -8.25 -10.31
N GLN B 9 12.28 -7.26 -9.45
CA GLN B 9 13.08 -7.47 -8.25
C GLN B 9 12.39 -6.83 -7.04
N THR B 10 12.91 -7.15 -5.87
CA THR B 10 12.36 -6.62 -4.63
C THR B 10 13.45 -6.48 -3.57
N LEU B 11 13.12 -5.74 -2.52
CA LEU B 11 14.07 -5.52 -1.44
C LEU B 11 13.74 -6.48 -0.29
N GLN B 12 14.73 -6.68 0.57
CA GLN B 12 14.56 -7.57 1.71
C GLN B 12 14.05 -6.79 2.91
N GLY B 13 14.14 -5.47 2.81
CA GLY B 13 13.68 -4.60 3.88
C GLY B 13 14.68 -3.46 4.12
N ILE B 14 14.35 -2.30 3.56
CA ILE B 14 15.20 -1.14 3.71
C ILE B 14 14.64 -0.23 4.81
N HIS B 15 15.50 0.66 5.28
CA HIS B 15 15.10 1.59 6.33
C HIS B 15 13.88 2.38 5.87
N LEU B 16 12.90 2.48 6.78
CA LEU B 16 11.68 3.20 6.48
C LEU B 16 11.92 4.70 6.66
N LYS B 17 13.17 5.03 6.99
CA LYS B 17 13.54 6.41 7.19
C LYS B 17 13.53 7.14 5.84
N ASN B 18 13.39 6.36 4.78
CA ASN B 18 13.36 6.91 3.43
C ASN B 18 11.97 6.73 2.85
N ILE B 19 11.41 5.55 3.06
CA ILE B 19 10.09 5.24 2.55
C ILE B 19 9.11 6.33 3.00
N GLN B 20 8.31 6.78 2.05
CA GLN B 20 7.33 7.82 2.33
C GLN B 20 5.91 7.26 2.19
N SER B 21 5.79 6.22 1.37
CA SER B 21 4.51 5.60 1.14
C SER B 21 4.70 4.10 0.83
N VAL B 22 3.61 3.37 0.91
CA VAL B 22 3.65 1.95 0.64
C VAL B 22 2.59 1.60 -0.41
N LYS B 23 2.95 0.65 -1.28
CA LYS B 23 2.04 0.23 -2.32
C LYS B 23 1.98 -1.30 -2.35
N VAL B 24 0.78 -1.81 -2.17
CA VAL B 24 0.57 -3.25 -2.17
C VAL B 24 -0.30 -3.64 -3.35
N LYS B 25 0.28 -4.42 -4.26
CA LYS B 25 -0.43 -4.86 -5.44
C LYS B 25 -0.37 -6.39 -5.52
N SER B 26 -1.44 -7.01 -5.06
CA SER B 26 -1.52 -8.46 -5.08
C SER B 26 -1.34 -8.98 -6.50
N PRO B 27 -1.33 -10.34 -6.62
CA PRO B 27 -1.16 -10.97 -7.92
C PRO B 27 -2.45 -10.88 -8.74
N GLY B 28 -2.41 -11.50 -9.91
CA GLY B 28 -3.56 -11.50 -10.80
C GLY B 28 -3.52 -12.70 -11.76
N PRO B 29 -4.32 -12.57 -12.86
CA PRO B 29 -4.38 -13.63 -13.86
C PRO B 29 -3.12 -13.65 -14.72
N HIS B 30 -2.21 -12.73 -14.40
CA HIS B 30 -0.96 -12.63 -15.15
C HIS B 30 0.21 -12.99 -14.23
N CYS B 31 0.21 -12.37 -13.05
CA CYS B 31 1.27 -12.62 -12.08
C CYS B 31 0.65 -13.29 -10.86
N ALA B 32 1.10 -14.50 -10.60
CA ALA B 32 0.60 -15.26 -9.46
C ALA B 32 1.48 -14.98 -8.24
N GLN B 33 2.13 -13.83 -8.27
CA GLN B 33 3.00 -13.44 -7.18
C GLN B 33 2.67 -12.02 -6.71
N THR B 34 3.07 -11.72 -5.48
CA THR B 34 2.81 -10.40 -4.91
C THR B 34 3.84 -9.39 -5.41
N GLU B 35 3.47 -8.13 -5.32
CA GLU B 35 4.36 -7.05 -5.76
C GLU B 35 4.26 -5.87 -4.79
N VAL B 36 4.98 -5.98 -3.69
CA VAL B 36 4.98 -4.93 -2.69
C VAL B 36 5.94 -3.82 -3.13
N ILE B 37 5.41 -2.61 -3.15
CA ILE B 37 6.21 -1.46 -3.56
C ILE B 37 6.12 -0.38 -2.47
N ALA B 38 7.13 0.48 -2.45
CA ALA B 38 7.17 1.57 -1.48
C ALA B 38 7.76 2.80 -2.13
N THR B 39 7.10 3.93 -1.91
CA THR B 39 7.55 5.19 -2.46
C THR B 39 8.59 5.83 -1.54
N LEU B 40 9.59 6.44 -2.18
CA LEU B 40 10.66 7.08 -1.44
C LEU B 40 10.28 8.55 -1.18
N LYS B 41 10.79 9.07 -0.07
CA LYS B 41 10.51 10.45 0.31
C LYS B 41 11.31 11.39 -0.61
N ASN B 42 12.13 10.78 -1.45
CA ASN B 42 12.95 11.56 -2.37
C ASN B 42 12.29 11.56 -3.75
N GLY B 43 11.25 10.75 -3.88
CA GLY B 43 10.52 10.65 -5.13
C GLY B 43 10.79 9.31 -5.81
N GLN B 44 11.74 8.57 -5.25
CA GLN B 44 12.10 7.28 -5.79
C GLN B 44 11.15 6.20 -5.27
N LYS B 45 11.48 4.96 -5.59
CA LYS B 45 10.67 3.83 -5.16
C LYS B 45 11.57 2.63 -4.88
N ALA B 46 11.18 1.87 -3.87
CA ALA B 46 11.94 0.69 -3.49
C ALA B 46 10.99 -0.50 -3.34
N CYS B 47 11.14 -1.45 -4.26
CA CYS B 47 10.31 -2.65 -4.25
C CYS B 47 10.69 -3.48 -3.03
N LEU B 48 9.67 -4.03 -2.39
CA LEU B 48 9.88 -4.85 -1.21
C LEU B 48 9.52 -6.31 -1.53
N ASN B 49 10.09 -7.21 -0.76
CA ASN B 49 9.84 -8.63 -0.95
C ASN B 49 8.65 -9.05 -0.08
N PRO B 50 7.60 -9.56 -0.76
CA PRO B 50 6.40 -10.01 -0.07
C PRO B 50 6.64 -11.35 0.63
N ALA B 51 7.87 -11.84 0.50
CA ALA B 51 8.24 -13.10 1.12
C ALA B 51 9.16 -12.83 2.32
N SER B 52 9.25 -11.56 2.67
CA SER B 52 10.10 -11.15 3.79
C SER B 52 9.22 -10.76 4.98
N PRO B 53 9.72 -11.10 6.20
CA PRO B 53 9.00 -10.79 7.42
C PRO B 53 9.12 -9.30 7.76
N MET B 54 10.30 -8.75 7.46
CA MET B 54 10.56 -7.36 7.73
C MET B 54 9.67 -6.45 6.86
N VAL B 55 9.30 -6.98 5.70
CA VAL B 55 8.46 -6.24 4.77
C VAL B 55 7.06 -6.11 5.36
N LYS B 56 6.80 -6.92 6.39
CA LYS B 56 5.50 -6.90 7.04
C LYS B 56 5.58 -6.04 8.30
N LYS B 57 6.75 -5.43 8.48
CA LYS B 57 6.96 -4.57 9.64
C LYS B 57 7.24 -3.14 9.16
N ILE B 58 7.55 -3.03 7.88
CA ILE B 58 7.85 -1.75 7.28
C ILE B 58 6.56 -1.15 6.69
N ILE B 59 5.58 -2.01 6.53
CA ILE B 59 4.30 -1.59 5.97
C ILE B 59 3.33 -1.29 7.13
N GLU B 60 3.17 -2.27 8.00
CA GLU B 60 2.28 -2.13 9.14
C GLU B 60 2.71 -0.93 9.99
N LYS B 61 4.01 -0.72 10.04
CA LYS B 61 4.56 0.38 10.82
C LYS B 61 4.28 1.70 10.08
N MET B 62 4.21 1.60 8.76
CA MET B 62 3.96 2.78 7.94
C MET B 62 2.55 3.32 8.19
N LEU B 63 1.60 2.40 8.35
CA LEU B 63 0.23 2.78 8.59
C LEU B 63 0.11 3.37 9.99
N LYS B 64 1.13 3.13 10.79
CA LYS B 64 1.15 3.64 12.16
C LYS B 64 2.07 4.87 12.22
N ASN B 65 3.04 4.89 11.32
CA ASN B 65 3.98 6.00 11.27
C ASN B 65 4.76 6.05 12.58
N GLY B 66 4.12 6.58 13.61
CA GLY B 66 4.75 6.70 14.92
C GLY B 66 3.70 6.93 16.00
N LYS B 67 3.84 6.17 17.08
CA LYS B 67 2.92 6.28 18.19
C LYS B 67 3.71 6.55 19.48
N SER B 68 4.44 5.54 19.91
CA SER B 68 5.24 5.66 21.13
C SER B 68 6.00 4.35 21.37
N ASN B 69 7.27 4.36 21.01
CA ASN B 69 8.11 3.19 21.19
C ASN B 69 7.31 1.93 20.83
N THR A 1 4.94 26.72 1.15
CA THR A 1 4.94 25.33 1.60
C THR A 1 3.67 25.03 2.40
N GLU A 2 2.54 25.20 1.74
CA GLU A 2 1.24 24.96 2.37
C GLU A 2 0.54 23.79 1.69
N LEU A 3 0.90 22.58 2.12
CA LEU A 3 0.30 21.38 1.56
C LEU A 3 -0.70 20.80 2.56
N ARG A 4 -1.50 19.87 2.07
CA ARG A 4 -2.51 19.23 2.91
C ARG A 4 -2.50 17.71 2.68
N CYS A 5 -3.68 17.13 2.77
CA CYS A 5 -3.82 15.69 2.57
C CYS A 5 -4.08 15.43 1.10
N GLN A 6 -3.61 14.28 0.64
CA GLN A 6 -3.78 13.90 -0.75
C GLN A 6 -5.20 13.39 -0.99
N CYS A 7 -5.95 13.29 0.10
CA CYS A 7 -7.32 12.82 0.03
C CYS A 7 -8.15 13.58 1.06
N LEU A 8 -9.24 14.17 0.57
CA LEU A 8 -10.12 14.93 1.43
C LEU A 8 -11.22 14.03 1.97
N GLN A 9 -11.43 12.92 1.27
CA GLN A 9 -12.45 11.95 1.67
C GLN A 9 -11.84 10.55 1.73
N THR A 10 -12.63 9.63 2.28
CA THR A 10 -12.20 8.25 2.41
C THR A 10 -13.41 7.33 2.55
N LEU A 11 -13.14 6.04 2.38
CA LEU A 11 -14.20 5.04 2.49
C LEU A 11 -14.14 4.39 3.87
N GLN A 12 -15.11 3.53 4.12
CA GLN A 12 -15.19 2.84 5.40
C GLN A 12 -14.82 1.37 5.24
N GLY A 13 -14.82 0.93 3.98
CA GLY A 13 -14.49 -0.46 3.67
C GLY A 13 -15.28 -0.95 2.47
N ILE A 14 -14.60 -0.99 1.33
CA ILE A 14 -15.23 -1.45 0.10
C ILE A 14 -14.80 -2.89 -0.19
N HIS A 15 -15.61 -3.56 -0.99
CA HIS A 15 -15.33 -4.94 -1.35
C HIS A 15 -13.90 -5.06 -1.86
N LEU A 16 -13.24 -6.13 -1.45
CA LEU A 16 -11.86 -6.37 -1.86
C LEU A 16 -11.86 -7.08 -3.21
N LYS A 17 -13.05 -7.19 -3.79
CA LYS A 17 -13.19 -7.84 -5.08
C LYS A 17 -12.91 -6.83 -6.20
N ASN A 18 -13.07 -5.56 -5.85
CA ASN A 18 -12.83 -4.50 -6.81
C ASN A 18 -11.41 -3.96 -6.64
N ILE A 19 -11.00 -3.86 -5.38
CA ILE A 19 -9.67 -3.36 -5.07
C ILE A 19 -8.63 -4.23 -5.77
N GLN A 20 -7.67 -3.56 -6.42
CA GLN A 20 -6.63 -4.26 -7.13
C GLN A 20 -5.29 -4.06 -6.42
N SER A 21 -5.19 -2.96 -5.69
CA SER A 21 -3.98 -2.64 -4.97
C SER A 21 -4.28 -1.60 -3.87
N VAL A 22 -3.36 -1.50 -2.92
CA VAL A 22 -3.52 -0.57 -1.83
C VAL A 22 -2.28 0.34 -1.77
N LYS A 23 -2.55 1.63 -1.59
CA LYS A 23 -1.48 2.61 -1.51
C LYS A 23 -1.61 3.41 -0.21
N VAL A 24 -0.55 3.36 0.58
CA VAL A 24 -0.53 4.06 1.85
C VAL A 24 0.43 5.24 1.76
N LYS A 25 -0.12 6.44 1.91
CA LYS A 25 0.67 7.65 1.84
C LYS A 25 0.71 8.30 3.22
N SER A 26 1.61 7.79 4.06
CA SER A 26 1.76 8.31 5.41
C SER A 26 1.70 9.84 5.39
N PRO A 27 1.45 10.42 6.58
CA PRO A 27 1.37 11.86 6.72
C PRO A 27 2.76 12.50 6.66
N GLY A 28 2.78 13.81 6.45
CA GLY A 28 4.03 14.54 6.37
C GLY A 28 3.95 15.83 7.20
N PRO A 29 4.84 16.80 6.83
CA PRO A 29 4.88 18.07 7.52
C PRO A 29 3.71 18.96 7.11
N HIS A 30 2.86 18.41 6.26
CA HIS A 30 1.68 19.12 5.79
C HIS A 30 0.42 18.44 6.30
N CYS A 31 0.30 17.15 5.97
CA CYS A 31 -0.84 16.38 6.38
C CYS A 31 -0.42 15.49 7.55
N ALA A 32 -1.06 15.72 8.69
CA ALA A 32 -0.76 14.94 9.89
C ALA A 32 -1.71 13.74 9.96
N GLN A 33 -2.21 13.34 8.80
CA GLN A 33 -3.12 12.22 8.72
C GLN A 33 -2.71 11.29 7.57
N THR A 34 -3.09 10.02 7.73
CA THR A 34 -2.77 9.02 6.72
C THR A 34 -3.65 9.22 5.48
N GLU A 35 -3.15 8.71 4.36
CA GLU A 35 -3.89 8.82 3.12
C GLU A 35 -3.87 7.49 2.36
N VAL A 36 -4.77 6.60 2.78
CA VAL A 36 -4.86 5.29 2.16
C VAL A 36 -5.59 5.41 0.82
N ILE A 37 -4.91 4.95 -0.22
CA ILE A 37 -5.49 4.99 -1.55
C ILE A 37 -5.43 3.61 -2.18
N ALA A 38 -6.61 3.02 -2.34
CA ALA A 38 -6.71 1.69 -2.93
C ALA A 38 -7.09 1.82 -4.41
N THR A 39 -6.33 1.10 -5.23
CA THR A 39 -6.58 1.12 -6.67
C THR A 39 -7.65 0.09 -7.04
N LEU A 40 -8.54 0.51 -7.91
CA LEU A 40 -9.62 -0.35 -8.36
C LEU A 40 -9.12 -1.22 -9.53
N LYS A 41 -9.69 -2.41 -9.62
CA LYS A 41 -9.31 -3.33 -10.68
C LYS A 41 -9.89 -2.85 -12.02
N ASN A 42 -10.69 -1.80 -11.92
CA ASN A 42 -11.32 -1.23 -13.11
C ASN A 42 -10.50 -0.03 -13.58
N GLY A 43 -9.53 0.36 -12.76
CA GLY A 43 -8.68 1.48 -13.09
C GLY A 43 -8.98 2.69 -12.20
N GLN A 44 -10.08 2.56 -11.44
CA GLN A 44 -10.49 3.62 -10.54
C GLN A 44 -9.72 3.53 -9.23
N LYS A 45 -10.07 4.42 -8.31
CA LYS A 45 -9.43 4.45 -7.01
C LYS A 45 -10.47 4.77 -5.94
N ALA A 46 -10.30 4.15 -4.77
CA ALA A 46 -11.21 4.37 -3.67
C ALA A 46 -10.40 4.59 -2.38
N CYS A 47 -10.43 5.83 -1.90
CA CYS A 47 -9.71 6.16 -0.69
C CYS A 47 -10.36 5.43 0.49
N LEU A 48 -9.52 4.91 1.35
CA LEU A 48 -10.00 4.19 2.53
C LEU A 48 -9.66 4.99 3.79
N ASN A 49 -10.45 4.76 4.83
CA ASN A 49 -10.25 5.44 6.09
C ASN A 49 -9.29 4.62 6.95
N PRO A 50 -8.11 5.23 7.23
CA PRO A 50 -7.10 4.56 8.05
C PRO A 50 -7.49 4.57 9.53
N ALA A 51 -8.65 5.17 9.79
CA ALA A 51 -9.15 5.26 11.15
C ALA A 51 -10.26 4.24 11.35
N SER A 52 -10.47 3.41 10.32
CA SER A 52 -11.49 2.39 10.36
C SER A 52 -10.85 1.01 10.54
N PRO A 53 -11.57 0.14 11.29
CA PRO A 53 -11.09 -1.21 11.54
C PRO A 53 -11.25 -2.09 10.30
N MET A 54 -12.29 -1.80 9.53
CA MET A 54 -12.56 -2.55 8.32
C MET A 54 -11.50 -2.27 7.25
N VAL A 55 -10.80 -1.16 7.43
CA VAL A 55 -9.76 -0.77 6.50
C VAL A 55 -8.46 -1.48 6.86
N LYS A 56 -8.52 -2.23 7.95
CA LYS A 56 -7.36 -2.97 8.41
C LYS A 56 -7.55 -4.46 8.14
N LYS A 57 -8.67 -4.76 7.48
CA LYS A 57 -8.98 -6.14 7.15
C LYS A 57 -9.06 -6.28 5.62
N ILE A 58 -9.16 -5.15 4.96
CA ILE A 58 -9.23 -5.13 3.50
C ILE A 58 -7.83 -4.98 2.93
N ILE A 59 -6.92 -4.56 3.78
CA ILE A 59 -5.53 -4.38 3.36
C ILE A 59 -4.73 -5.64 3.69
N GLU A 60 -4.77 -6.00 4.96
CA GLU A 60 -4.05 -7.18 5.43
C GLU A 60 -4.42 -8.39 4.57
N LYS A 61 -5.62 -8.32 3.99
CA LYS A 61 -6.10 -9.40 3.15
C LYS A 61 -5.65 -9.17 1.71
N MET A 62 -5.50 -7.90 1.36
CA MET A 62 -5.07 -7.53 0.03
C MET A 62 -3.76 -8.22 -0.34
N LEU A 63 -2.89 -8.32 0.64
CA LEU A 63 -1.59 -8.95 0.43
C LEU A 63 -1.80 -10.45 0.20
N LYS A 64 -3.00 -10.91 0.53
CA LYS A 64 -3.33 -12.31 0.36
C LYS A 64 -4.23 -12.47 -0.87
N ASN A 65 -5.06 -11.45 -1.10
CA ASN A 65 -5.97 -11.47 -2.23
C ASN A 65 -6.94 -12.64 -2.07
N GLY A 66 -6.44 -13.83 -2.41
CA GLY A 66 -7.25 -15.04 -2.32
C GLY A 66 -6.48 -16.24 -2.83
N LYS A 67 -7.21 -17.32 -3.06
CA LYS A 67 -6.62 -18.55 -3.57
C LYS A 67 -7.01 -18.74 -5.03
N SER A 68 -6.32 -19.69 -5.67
CA SER A 68 -6.59 -19.97 -7.08
C SER A 68 -5.87 -21.26 -7.48
N ASN A 69 -6.55 -22.38 -7.25
CA ASN A 69 -5.99 -23.67 -7.60
C ASN A 69 -5.65 -23.70 -9.09
N THR B 1 -3.99 -12.73 -22.61
CA THR B 1 -3.77 -12.26 -21.25
C THR B 1 -2.45 -12.79 -20.71
N GLU B 2 -1.36 -12.33 -21.31
CA GLU B 2 -0.04 -12.75 -20.90
C GLU B 2 0.67 -11.61 -20.18
N LEU B 3 0.29 -11.41 -18.92
CA LEU B 3 0.89 -10.36 -18.12
C LEU B 3 1.81 -10.99 -17.06
N ARG B 4 2.59 -10.13 -16.43
CA ARG B 4 3.51 -10.59 -15.40
C ARG B 4 3.45 -9.67 -14.18
N CYS B 5 4.60 -9.50 -13.55
CA CYS B 5 4.68 -8.65 -12.37
C CYS B 5 5.34 -7.33 -12.78
N GLN B 6 4.90 -6.26 -12.13
CA GLN B 6 5.43 -4.94 -12.42
C GLN B 6 6.83 -4.80 -11.82
N CYS B 7 7.25 -5.84 -11.13
CA CYS B 7 8.56 -5.84 -10.49
C CYS B 7 9.17 -7.23 -10.65
N LEU B 8 10.40 -7.25 -11.14
CA LEU B 8 11.10 -8.52 -11.35
C LEU B 8 12.01 -8.79 -10.14
N GLN B 9 12.23 -7.73 -9.36
CA GLN B 9 13.08 -7.84 -8.19
C GLN B 9 12.41 -7.18 -6.98
N THR B 10 12.99 -7.41 -5.82
CA THR B 10 12.46 -6.83 -4.60
C THR B 10 13.58 -6.71 -3.54
N LEU B 11 13.28 -5.92 -2.51
CA LEU B 11 14.23 -5.71 -1.45
C LEU B 11 13.97 -6.71 -0.32
N GLN B 12 14.87 -6.70 0.66
CA GLN B 12 14.75 -7.60 1.79
C GLN B 12 14.43 -6.82 3.07
N GLY B 13 14.63 -5.51 2.97
CA GLY B 13 14.37 -4.63 4.11
C GLY B 13 15.20 -3.35 4.00
N ILE B 14 14.54 -2.31 3.53
CA ILE B 14 15.19 -1.01 3.37
C ILE B 14 14.74 -0.09 4.50
N HIS B 15 15.53 0.96 4.71
CA HIS B 15 15.22 1.94 5.75
C HIS B 15 13.83 2.51 5.52
N LEU B 16 13.04 2.51 6.59
CA LEU B 16 11.68 3.02 6.53
C LEU B 16 11.70 4.52 6.79
N LYS B 17 12.89 5.10 6.70
CA LYS B 17 13.05 6.53 6.93
C LYS B 17 13.02 7.26 5.59
N ASN B 18 13.36 6.54 4.54
CA ASN B 18 13.37 7.10 3.21
C ASN B 18 12.01 6.88 2.55
N ILE B 19 11.39 5.75 2.90
CA ILE B 19 10.09 5.40 2.36
C ILE B 19 9.11 6.54 2.66
N GLN B 20 8.32 6.88 1.65
CA GLN B 20 7.34 7.93 1.79
C GLN B 20 5.93 7.36 1.68
N SER B 21 5.83 6.23 1.01
CA SER B 21 4.55 5.56 0.84
C SER B 21 4.76 4.08 0.55
N VAL B 22 3.69 3.31 0.72
CA VAL B 22 3.74 1.88 0.49
C VAL B 22 2.65 1.49 -0.51
N LYS B 23 3.07 0.75 -1.52
CA LYS B 23 2.14 0.30 -2.55
C LYS B 23 2.19 -1.23 -2.64
N VAL B 24 1.02 -1.84 -2.44
CA VAL B 24 0.92 -3.29 -2.50
C VAL B 24 0.02 -3.68 -3.67
N LYS B 25 0.56 -4.52 -4.54
CA LYS B 25 -0.18 -4.98 -5.70
C LYS B 25 -0.28 -6.51 -5.66
N SER B 26 -1.34 -6.99 -5.03
CA SER B 26 -1.55 -8.42 -4.91
C SER B 26 -1.45 -9.08 -6.30
N PRO B 27 -1.65 -10.43 -6.31
CA PRO B 27 -1.57 -11.18 -7.54
C PRO B 27 -2.83 -10.95 -8.40
N GLY B 28 -2.88 -11.68 -9.50
CA GLY B 28 -4.02 -11.57 -10.41
C GLY B 28 -4.09 -12.78 -11.35
N PRO B 29 -4.78 -12.57 -12.50
CA PRO B 29 -4.92 -13.62 -13.49
C PRO B 29 -3.62 -13.83 -14.26
N HIS B 30 -2.61 -13.06 -13.88
CA HIS B 30 -1.31 -13.16 -14.52
C HIS B 30 -0.25 -13.54 -13.49
N CYS B 31 -0.11 -12.68 -12.49
CA CYS B 31 0.86 -12.91 -11.44
C CYS B 31 0.13 -13.55 -10.25
N ALA B 32 0.53 -14.77 -9.93
CA ALA B 32 -0.07 -15.49 -8.82
C ALA B 32 0.79 -15.30 -7.57
N GLN B 33 1.52 -14.19 -7.56
CA GLN B 33 2.38 -13.88 -6.44
C GLN B 33 1.94 -12.57 -5.78
N THR B 34 2.92 -11.68 -5.60
CA THR B 34 2.65 -10.39 -5.00
C THR B 34 3.65 -9.34 -5.51
N GLU B 35 3.26 -8.09 -5.34
CA GLU B 35 4.11 -6.99 -5.78
C GLU B 35 4.03 -5.84 -4.78
N VAL B 36 5.07 -5.74 -3.96
CA VAL B 36 5.13 -4.68 -2.95
C VAL B 36 6.12 -3.60 -3.41
N ILE B 37 5.58 -2.41 -3.64
CA ILE B 37 6.40 -1.30 -4.07
C ILE B 37 6.19 -0.12 -3.13
N ALA B 38 7.31 0.38 -2.60
CA ALA B 38 7.26 1.51 -1.69
C ALA B 38 7.89 2.74 -2.36
N THR B 39 7.22 3.87 -2.19
CA THR B 39 7.69 5.11 -2.78
C THR B 39 8.72 5.77 -1.85
N LEU B 40 9.75 6.34 -2.47
CA LEU B 40 10.79 7.00 -1.73
C LEU B 40 10.42 8.47 -1.52
N LYS B 41 10.90 9.03 -0.42
CA LYS B 41 10.62 10.42 -0.09
C LYS B 41 11.44 11.32 -1.00
N ASN B 42 12.29 10.69 -1.81
CA ASN B 42 13.14 11.42 -2.73
C ASN B 42 12.51 11.39 -4.13
N GLY B 43 11.48 10.57 -4.26
CA GLY B 43 10.78 10.45 -5.53
C GLY B 43 11.05 9.08 -6.16
N GLN B 44 11.98 8.35 -5.54
CA GLN B 44 12.34 7.03 -6.04
C GLN B 44 11.37 5.98 -5.50
N LYS B 45 11.70 4.73 -5.77
CA LYS B 45 10.87 3.62 -5.32
C LYS B 45 11.75 2.42 -5.00
N ALA B 46 11.34 1.68 -3.98
CA ALA B 46 12.09 0.50 -3.55
C ALA B 46 11.14 -0.68 -3.43
N CYS B 47 11.29 -1.62 -4.34
CA CYS B 47 10.45 -2.81 -4.34
C CYS B 47 10.82 -3.67 -3.12
N LEU B 48 9.80 -4.18 -2.46
CA LEU B 48 10.01 -5.00 -1.29
C LEU B 48 9.61 -6.46 -1.61
N ASN B 49 10.05 -7.36 -0.75
CA ASN B 49 9.74 -8.76 -0.94
C ASN B 49 8.64 -9.18 0.05
N PRO B 50 7.49 -9.59 -0.54
CA PRO B 50 6.35 -10.01 0.26
C PRO B 50 6.59 -11.40 0.86
N ALA B 51 7.76 -11.95 0.56
CA ALA B 51 8.12 -13.27 1.06
C ALA B 51 9.10 -13.12 2.22
N SER B 52 9.22 -11.88 2.70
CA SER B 52 10.12 -11.60 3.80
C SER B 52 9.32 -11.09 5.00
N PRO B 53 9.80 -11.49 6.21
CA PRO B 53 9.15 -11.08 7.44
C PRO B 53 9.44 -9.61 7.76
N MET B 54 10.59 -9.15 7.29
CA MET B 54 11.00 -7.79 7.52
C MET B 54 10.22 -6.82 6.63
N VAL B 55 9.69 -7.36 5.54
CA VAL B 55 8.92 -6.57 4.61
C VAL B 55 7.50 -6.40 5.13
N LYS B 56 7.18 -7.18 6.17
CA LYS B 56 5.86 -7.12 6.77
C LYS B 56 5.92 -6.26 8.04
N LYS B 57 7.09 -5.71 8.28
CA LYS B 57 7.29 -4.86 9.44
C LYS B 57 7.65 -3.45 9.00
N ILE B 58 8.02 -3.34 7.72
CA ILE B 58 8.38 -2.04 7.16
C ILE B 58 7.13 -1.39 6.57
N ILE B 59 6.12 -2.21 6.34
CA ILE B 59 4.87 -1.72 5.78
C ILE B 59 3.92 -1.35 6.92
N GLU B 60 3.64 -2.34 7.76
CA GLU B 60 2.74 -2.13 8.89
C GLU B 60 3.19 -0.92 9.70
N LYS B 61 4.49 -0.75 9.79
CA LYS B 61 5.05 0.37 10.54
C LYS B 61 4.78 1.67 9.79
N MET B 62 4.86 1.59 8.46
CA MET B 62 4.62 2.75 7.62
C MET B 62 3.24 3.34 7.89
N LEU B 63 2.27 2.45 8.05
CA LEU B 63 0.90 2.87 8.31
C LEU B 63 0.83 3.55 9.68
N LYS B 64 1.89 3.33 10.47
CA LYS B 64 1.96 3.92 11.79
C LYS B 64 2.87 5.15 11.76
N ASN B 65 3.75 5.15 10.78
CA ASN B 65 4.69 6.25 10.62
C ASN B 65 5.58 6.33 11.86
N GLY B 66 5.02 6.90 12.92
CA GLY B 66 5.75 7.04 14.16
C GLY B 66 5.41 5.91 15.14
N LYS B 67 6.33 5.68 16.06
CA LYS B 67 6.14 4.63 17.06
C LYS B 67 5.16 5.11 18.12
N SER B 68 5.04 4.31 19.18
CA SER B 68 4.15 4.65 20.28
C SER B 68 4.33 3.65 21.41
N ASN B 69 4.08 2.38 21.10
CA ASN B 69 4.21 1.33 22.08
C ASN B 69 5.67 1.22 22.54
#